data_2MQ9
#
_entry.id   2MQ9
#
_entity_poly.entity_id   1
_entity_poly.type   'polypeptide(L)'
_entity_poly.pdbx_seq_one_letter_code
;MADDPSAADRNVEIWKIKKLIKSLEAARGNGTSMISLIIPPKDQISRVAKMLADQFGTASNIKSRVNRLSVLGAITSVQQ
RLKLYNKVPPNGLVVYCGTIVTEEGKEKKVNIDFEPFKPINTSLYLCDNKFHTEALTALLSD
;
_entity_poly.pdbx_strand_id   A
#
# COMPACT_ATOMS: atom_id res chain seq x y z
N MET A 1 -19.57 -27.34 1.71
CA MET A 1 -20.92 -27.82 1.50
C MET A 1 -21.89 -27.19 2.50
N ALA A 2 -21.63 -27.43 3.79
CA ALA A 2 -22.47 -26.88 4.85
C ALA A 2 -21.63 -26.39 6.02
N ASP A 3 -20.81 -27.28 6.56
CA ASP A 3 -19.94 -26.95 7.69
C ASP A 3 -18.51 -27.38 7.42
N ASP A 4 -18.08 -27.28 6.17
CA ASP A 4 -16.73 -27.66 5.78
C ASP A 4 -15.71 -26.68 6.36
N PRO A 5 -14.44 -27.12 6.43
CA PRO A 5 -13.35 -26.30 6.96
C PRO A 5 -13.00 -25.14 6.03
N SER A 6 -13.13 -25.37 4.72
CA SER A 6 -12.82 -24.34 3.74
C SER A 6 -13.67 -23.10 3.96
N ALA A 7 -14.92 -23.32 4.36
CA ALA A 7 -15.85 -22.21 4.62
C ALA A 7 -15.24 -21.21 5.59
N ALA A 8 -14.86 -21.70 6.77
CA ALA A 8 -14.27 -20.85 7.80
C ALA A 8 -13.05 -20.11 7.26
N ASP A 9 -12.14 -20.86 6.63
CA ASP A 9 -10.93 -20.26 6.07
C ASP A 9 -11.26 -19.09 5.16
N ARG A 10 -12.41 -19.18 4.48
CA ARG A 10 -12.84 -18.12 3.57
C ARG A 10 -13.28 -16.88 4.34
N ASN A 11 -14.02 -17.09 5.43
CA ASN A 11 -14.50 -15.98 6.25
C ASN A 11 -13.33 -15.18 6.81
N VAL A 12 -12.38 -15.88 7.45
CA VAL A 12 -11.22 -15.22 8.02
C VAL A 12 -10.42 -14.49 6.96
N GLU A 13 -10.32 -15.08 5.78
CA GLU A 13 -9.59 -14.49 4.67
C GLU A 13 -10.19 -13.15 4.27
N ILE A 14 -11.50 -13.14 4.07
CA ILE A 14 -12.20 -11.92 3.68
C ILE A 14 -12.22 -10.90 4.83
N TRP A 15 -12.34 -11.41 6.05
CA TRP A 15 -12.36 -10.55 7.22
C TRP A 15 -11.04 -9.80 7.39
N LYS A 16 -9.94 -10.53 7.21
CA LYS A 16 -8.61 -9.93 7.34
C LYS A 16 -8.40 -8.84 6.29
N ILE A 17 -8.47 -9.23 5.02
CA ILE A 17 -8.28 -8.29 3.92
C ILE A 17 -9.23 -7.10 4.05
N LYS A 18 -10.42 -7.37 4.58
CA LYS A 18 -11.43 -6.32 4.77
C LYS A 18 -10.96 -5.30 5.81
N LYS A 19 -10.25 -5.78 6.82
CA LYS A 19 -9.74 -4.91 7.88
C LYS A 19 -8.68 -3.96 7.34
N LEU A 20 -7.81 -4.48 6.48
CA LEU A 20 -6.73 -3.68 5.90
C LEU A 20 -7.31 -2.63 4.94
N ILE A 21 -8.46 -2.93 4.36
CA ILE A 21 -9.10 -2.01 3.44
C ILE A 21 -9.79 -0.87 4.18
N LYS A 22 -10.67 -1.22 5.12
CA LYS A 22 -11.38 -0.22 5.90
C LYS A 22 -10.42 0.78 6.51
N SER A 23 -9.26 0.30 6.96
CA SER A 23 -8.25 1.16 7.57
C SER A 23 -7.63 2.08 6.53
N LEU A 24 -7.17 1.50 5.42
CA LEU A 24 -6.55 2.27 4.35
C LEU A 24 -7.42 3.44 3.94
N GLU A 25 -8.65 3.15 3.52
CA GLU A 25 -9.59 4.18 3.10
C GLU A 25 -9.83 5.19 4.23
N ALA A 26 -9.75 4.70 5.47
CA ALA A 26 -9.96 5.55 6.63
C ALA A 26 -8.64 6.16 7.11
N ALA A 27 -7.59 6.01 6.30
CA ALA A 27 -6.28 6.54 6.64
C ALA A 27 -6.02 7.86 5.94
N ARG A 28 -6.10 8.95 6.70
CA ARG A 28 -5.88 10.29 6.15
C ARG A 28 -4.98 11.11 7.07
N GLY A 29 -4.24 12.04 6.48
CA GLY A 29 -3.35 12.88 7.27
C GLY A 29 -3.34 14.32 6.78
N ASN A 30 -2.20 14.98 6.94
CA ASN A 30 -2.07 16.37 6.52
C ASN A 30 -0.85 16.55 5.60
N GLY A 31 0.22 15.82 5.90
CA GLY A 31 1.41 15.91 5.10
C GLY A 31 1.42 14.93 3.94
N THR A 32 1.68 15.44 2.74
CA THR A 32 1.70 14.60 1.55
C THR A 32 2.77 13.52 1.66
N SER A 33 2.37 12.34 2.14
CA SER A 33 3.29 11.23 2.30
C SER A 33 2.54 9.90 2.24
N MET A 34 1.44 9.87 1.50
CA MET A 34 0.64 8.66 1.36
C MET A 34 1.00 7.91 0.08
N ILE A 35 2.05 7.10 0.14
CA ILE A 35 2.50 6.34 -1.02
C ILE A 35 1.77 5.00 -1.09
N SER A 36 0.98 4.82 -2.15
CA SER A 36 0.24 3.57 -2.34
C SER A 36 0.15 3.22 -3.82
N LEU A 37 0.73 2.08 -4.18
CA LEU A 37 0.71 1.62 -5.56
C LEU A 37 0.48 0.11 -5.63
N ILE A 38 -0.01 -0.35 -6.78
CA ILE A 38 -0.27 -1.77 -6.98
C ILE A 38 0.59 -2.35 -8.10
N ILE A 39 1.26 -3.46 -7.82
CA ILE A 39 2.11 -4.11 -8.80
C ILE A 39 1.54 -5.46 -9.23
N PRO A 40 0.78 -5.46 -10.32
CA PRO A 40 0.16 -6.67 -10.86
C PRO A 40 1.18 -7.63 -11.46
N PRO A 41 0.74 -8.86 -11.75
CA PRO A 41 1.61 -9.90 -12.32
C PRO A 41 2.00 -9.59 -13.77
N LYS A 42 2.93 -8.66 -13.94
CA LYS A 42 3.40 -8.27 -15.26
C LYS A 42 4.47 -7.20 -15.17
N ASP A 43 4.35 -6.33 -14.17
CA ASP A 43 5.32 -5.26 -13.97
C ASP A 43 6.48 -5.73 -13.10
N GLN A 44 7.69 -5.66 -13.64
CA GLN A 44 8.89 -6.08 -12.91
C GLN A 44 9.14 -5.16 -11.71
N ILE A 45 9.14 -5.76 -10.52
CA ILE A 45 9.38 -5.00 -9.29
C ILE A 45 10.66 -4.18 -9.39
N SER A 46 11.67 -4.73 -10.07
CA SER A 46 12.94 -4.04 -10.23
C SER A 46 12.73 -2.64 -10.78
N ARG A 47 11.93 -2.54 -11.84
CA ARG A 47 11.66 -1.25 -12.46
C ARG A 47 11.11 -0.25 -11.45
N VAL A 48 10.49 -0.77 -10.39
CA VAL A 48 9.94 0.07 -9.35
C VAL A 48 11.03 0.56 -8.39
N ALA A 49 11.96 -0.32 -8.07
CA ALA A 49 13.06 0.03 -7.17
C ALA A 49 13.76 1.30 -7.63
N LYS A 50 14.14 1.34 -8.90
CA LYS A 50 14.81 2.51 -9.47
C LYS A 50 13.84 3.67 -9.65
N MET A 51 12.65 3.36 -10.15
CA MET A 51 11.63 4.39 -10.36
C MET A 51 11.36 5.17 -9.08
N LEU A 52 11.27 4.47 -7.97
CA LEU A 52 11.02 5.09 -6.68
C LEU A 52 12.23 5.90 -6.23
N ALA A 53 13.42 5.37 -6.47
CA ALA A 53 14.66 6.04 -6.10
C ALA A 53 14.70 7.46 -6.64
N ASP A 54 14.15 7.65 -7.84
CA ASP A 54 14.12 8.96 -8.47
C ASP A 54 13.07 9.86 -7.83
N GLN A 55 11.95 9.25 -7.43
CA GLN A 55 10.87 9.99 -6.80
C GLN A 55 11.39 10.83 -5.64
N PHE A 56 12.45 10.35 -4.99
CA PHE A 56 13.03 11.06 -3.86
C PHE A 56 13.26 12.53 -4.19
N GLY A 57 13.62 12.80 -5.44
CA GLY A 57 13.85 14.17 -5.87
C GLY A 57 12.66 15.07 -5.62
N THR A 58 11.46 14.53 -5.83
CA THR A 58 10.24 15.29 -5.63
C THR A 58 10.21 15.94 -4.25
N ALA A 59 10.61 15.18 -3.24
CA ALA A 59 10.64 15.68 -1.87
C ALA A 59 11.58 16.88 -1.74
N SER A 60 12.74 16.79 -2.38
CA SER A 60 13.73 17.86 -2.33
C SER A 60 13.10 19.19 -2.77
N ASN A 61 12.11 19.12 -3.64
CA ASN A 61 11.43 20.31 -4.13
C ASN A 61 10.42 20.81 -3.11
N ILE A 62 9.89 19.89 -2.32
CA ILE A 62 8.90 20.25 -1.30
C ILE A 62 9.49 21.19 -0.26
N LYS A 63 9.06 22.44 -0.29
CA LYS A 63 9.55 23.44 0.66
C LYS A 63 9.35 22.98 2.10
N SER A 64 8.15 22.47 2.39
CA SER A 64 7.84 22.00 3.73
C SER A 64 8.71 20.81 4.10
N ARG A 65 9.74 21.07 4.91
CA ARG A 65 10.66 20.02 5.35
C ARG A 65 9.89 18.84 5.95
N VAL A 66 8.91 19.15 6.79
CA VAL A 66 8.10 18.12 7.42
C VAL A 66 7.55 17.13 6.40
N ASN A 67 7.06 17.67 5.28
CA ASN A 67 6.51 16.84 4.22
C ASN A 67 7.61 16.16 3.42
N ARG A 68 8.63 16.93 3.06
CA ARG A 68 9.76 16.39 2.29
C ARG A 68 10.33 15.16 2.96
N LEU A 69 10.73 15.29 4.23
CA LEU A 69 11.29 14.18 4.98
C LEU A 69 10.30 13.02 5.07
N SER A 70 9.03 13.36 5.31
CA SER A 70 7.99 12.34 5.43
C SER A 70 7.88 11.53 4.13
N VAL A 71 7.91 12.23 3.00
CA VAL A 71 7.80 11.58 1.71
C VAL A 71 8.90 10.55 1.52
N LEU A 72 10.11 10.90 1.95
CA LEU A 72 11.26 9.99 1.83
C LEU A 72 11.02 8.71 2.62
N GLY A 73 10.48 8.85 3.83
CA GLY A 73 10.22 7.70 4.66
C GLY A 73 9.30 6.70 3.99
N ALA A 74 8.26 7.20 3.34
CA ALA A 74 7.30 6.34 2.65
C ALA A 74 7.97 5.55 1.54
N ILE A 75 8.51 6.25 0.56
CA ILE A 75 9.19 5.61 -0.56
C ILE A 75 10.22 4.59 -0.07
N THR A 76 10.80 4.86 1.08
CA THR A 76 11.81 3.97 1.67
C THR A 76 11.19 2.64 2.04
N SER A 77 10.04 2.68 2.72
CA SER A 77 9.35 1.46 3.15
C SER A 77 9.01 0.60 1.94
N VAL A 78 8.20 1.14 1.04
CA VAL A 78 7.79 0.41 -0.16
C VAL A 78 9.00 -0.15 -0.90
N GLN A 79 10.12 0.57 -0.83
CA GLN A 79 11.34 0.14 -1.50
C GLN A 79 11.93 -1.09 -0.81
N GLN A 80 11.78 -1.16 0.51
CA GLN A 80 12.29 -2.27 1.28
C GLN A 80 11.60 -3.58 0.91
N ARG A 81 10.28 -3.60 1.09
CA ARG A 81 9.49 -4.78 0.77
C ARG A 81 9.76 -5.25 -0.66
N LEU A 82 9.99 -4.29 -1.55
CA LEU A 82 10.26 -4.59 -2.95
C LEU A 82 11.46 -5.53 -3.09
N LYS A 83 12.59 -5.10 -2.56
CA LYS A 83 13.82 -5.89 -2.61
C LYS A 83 13.69 -7.14 -1.74
N LEU A 84 12.89 -7.04 -0.69
CA LEU A 84 12.69 -8.16 0.23
C LEU A 84 12.41 -9.45 -0.54
N TYR A 85 11.25 -9.49 -1.21
CA TYR A 85 10.87 -10.67 -1.98
C TYR A 85 11.69 -10.77 -3.26
N ASN A 86 11.99 -9.63 -3.87
CA ASN A 86 12.77 -9.59 -5.09
C ASN A 86 12.24 -10.60 -6.11
N LYS A 87 10.91 -10.66 -6.23
CA LYS A 87 10.28 -11.58 -7.16
C LYS A 87 8.92 -11.04 -7.61
N VAL A 88 8.51 -11.43 -8.81
CA VAL A 88 7.23 -10.98 -9.37
C VAL A 88 6.23 -12.12 -9.42
N PRO A 89 5.54 -12.35 -8.29
CA PRO A 89 4.53 -13.41 -8.18
C PRO A 89 3.29 -13.13 -9.01
N PRO A 90 2.46 -14.16 -9.22
CA PRO A 90 1.22 -14.03 -10.00
C PRO A 90 0.16 -13.20 -9.28
N ASN A 91 0.14 -13.30 -7.95
CA ASN A 91 -0.82 -12.56 -7.14
C ASN A 91 -0.46 -11.08 -7.10
N GLY A 92 0.81 -10.77 -7.33
CA GLY A 92 1.26 -9.39 -7.31
C GLY A 92 1.73 -8.95 -5.94
N LEU A 93 2.40 -7.80 -5.89
CA LEU A 93 2.91 -7.28 -4.63
C LEU A 93 2.46 -5.83 -4.42
N VAL A 94 1.51 -5.64 -3.51
CA VAL A 94 0.99 -4.30 -3.21
C VAL A 94 1.59 -3.76 -1.92
N VAL A 95 1.76 -2.44 -1.86
CA VAL A 95 2.31 -1.80 -0.67
C VAL A 95 1.42 -0.65 -0.21
N TYR A 96 1.35 -0.46 1.11
CA TYR A 96 0.54 0.61 1.68
C TYR A 96 1.27 1.31 2.81
N CYS A 97 1.61 2.58 2.59
CA CYS A 97 2.31 3.36 3.60
C CYS A 97 1.86 4.81 3.58
N GLY A 98 1.26 5.26 4.67
CA GLY A 98 0.78 6.63 4.75
C GLY A 98 0.90 7.21 6.16
N THR A 99 0.80 8.53 6.26
CA THR A 99 0.91 9.20 7.55
C THR A 99 -0.43 9.77 7.98
N ILE A 100 -0.96 9.27 9.10
CA ILE A 100 -2.24 9.73 9.61
C ILE A 100 -2.07 10.44 10.96
N VAL A 101 -2.58 11.66 11.04
CA VAL A 101 -2.48 12.45 12.26
C VAL A 101 -3.73 12.25 13.14
N THR A 102 -3.50 12.05 14.44
CA THR A 102 -4.59 11.84 15.37
C THR A 102 -5.12 13.18 15.89
N GLU A 103 -5.99 13.11 16.90
CA GLU A 103 -6.58 14.31 17.48
C GLU A 103 -5.49 15.28 17.94
N GLU A 104 -4.53 14.76 18.71
CA GLU A 104 -3.44 15.58 19.21
C GLU A 104 -2.58 16.12 18.06
N GLY A 105 -2.67 15.46 16.90
CA GLY A 105 -1.91 15.89 15.75
C GLY A 105 -0.64 15.07 15.56
N LYS A 106 -0.67 13.82 16.01
CA LYS A 106 0.48 12.94 15.89
C LYS A 106 0.34 12.02 14.68
N GLU A 107 1.25 12.15 13.73
CA GLU A 107 1.22 11.33 12.52
C GLU A 107 1.59 9.89 12.84
N LYS A 108 1.01 8.96 12.09
CA LYS A 108 1.28 7.54 12.28
C LYS A 108 1.64 6.86 10.97
N LYS A 109 2.89 6.44 10.84
CA LYS A 109 3.36 5.77 9.64
C LYS A 109 3.02 4.28 9.67
N VAL A 110 2.22 3.84 8.71
CA VAL A 110 1.82 2.44 8.63
C VAL A 110 2.60 1.72 7.54
N ASN A 111 3.72 1.12 7.91
CA ASN A 111 4.56 0.39 6.97
C ASN A 111 4.08 -1.05 6.82
N ILE A 112 3.27 -1.29 5.79
CA ILE A 112 2.75 -2.62 5.53
C ILE A 112 2.88 -2.99 4.06
N ASP A 113 3.41 -4.19 3.80
CA ASP A 113 3.59 -4.66 2.42
C ASP A 113 3.63 -6.18 2.38
N PHE A 114 3.18 -6.75 1.26
CA PHE A 114 3.16 -8.19 1.10
C PHE A 114 2.46 -8.59 -0.20
N GLU A 115 2.52 -9.86 -0.55
CA GLU A 115 1.89 -10.37 -1.76
C GLU A 115 0.69 -11.24 -1.42
N PRO A 116 -0.47 -10.58 -1.23
CA PRO A 116 -1.72 -11.27 -0.90
C PRO A 116 -2.26 -12.08 -2.07
N PHE A 117 -3.41 -12.72 -1.87
CA PHE A 117 -4.03 -13.53 -2.92
C PHE A 117 -5.01 -12.70 -3.74
N LYS A 118 -4.68 -11.42 -3.93
CA LYS A 118 -5.53 -10.51 -4.69
C LYS A 118 -4.83 -10.05 -5.95
N PRO A 119 -4.87 -10.90 -6.99
CA PRO A 119 -4.25 -10.60 -8.30
C PRO A 119 -4.97 -9.49 -9.04
N ILE A 120 -4.22 -8.47 -9.43
CA ILE A 120 -4.79 -7.34 -10.16
C ILE A 120 -4.44 -7.41 -11.64
N ASN A 121 -5.12 -6.59 -12.44
CA ASN A 121 -4.88 -6.56 -13.88
C ASN A 121 -4.55 -5.15 -14.35
N THR A 122 -3.86 -4.40 -13.51
CA THR A 122 -3.46 -3.03 -13.83
C THR A 122 -2.74 -2.37 -12.67
N SER A 123 -1.56 -1.84 -12.94
CA SER A 123 -0.75 -1.18 -11.92
C SER A 123 -1.26 0.23 -11.66
N LEU A 124 -1.21 0.65 -10.40
CA LEU A 124 -1.67 1.98 -10.01
C LEU A 124 -0.64 2.67 -9.10
N TYR A 125 -0.55 3.99 -9.22
CA TYR A 125 0.39 4.77 -8.42
C TYR A 125 -0.15 6.16 -8.16
N LEU A 126 -0.54 6.43 -6.91
CA LEU A 126 -1.08 7.72 -6.53
C LEU A 126 -0.69 8.07 -5.09
N CYS A 127 -0.17 9.27 -4.89
CA CYS A 127 0.23 9.72 -3.56
C CYS A 127 -0.12 11.19 -3.36
N ASP A 128 -1.16 11.44 -2.58
CA ASP A 128 -1.59 12.81 -2.30
C ASP A 128 -2.17 12.92 -0.89
N ASN A 129 -1.43 12.44 0.09
CA ASN A 129 -1.86 12.48 1.48
C ASN A 129 -3.14 11.68 1.67
N LYS A 130 -3.34 10.67 0.82
CA LYS A 130 -4.51 9.82 0.89
C LYS A 130 -4.52 8.79 -0.23
N PHE A 131 -4.71 7.52 0.13
CA PHE A 131 -4.73 6.45 -0.86
C PHE A 131 -6.06 5.70 -0.81
N HIS A 132 -6.30 4.86 -1.81
CA HIS A 132 -7.53 4.09 -1.89
C HIS A 132 -7.35 2.87 -2.79
N THR A 133 -7.16 1.70 -2.19
CA THR A 133 -6.97 0.47 -2.93
C THR A 133 -8.17 0.20 -3.85
N GLU A 134 -8.03 0.55 -5.13
CA GLU A 134 -9.09 0.35 -6.10
C GLU A 134 -9.28 -1.14 -6.39
N ALA A 135 -8.16 -1.83 -6.60
CA ALA A 135 -8.20 -3.26 -6.89
C ALA A 135 -9.04 -4.02 -5.87
N LEU A 136 -8.66 -3.88 -4.60
CA LEU A 136 -9.38 -4.55 -3.52
C LEU A 136 -10.86 -4.13 -3.50
N THR A 137 -11.10 -2.85 -3.74
CA THR A 137 -12.47 -2.33 -3.74
C THR A 137 -13.30 -2.99 -4.85
N ALA A 138 -12.89 -2.79 -6.09
CA ALA A 138 -13.59 -3.37 -7.23
C ALA A 138 -13.67 -4.88 -7.11
N LEU A 139 -12.57 -5.51 -6.70
CA LEU A 139 -12.53 -6.95 -6.55
C LEU A 139 -13.53 -7.43 -5.51
N LEU A 140 -13.70 -6.64 -4.45
CA LEU A 140 -14.64 -6.97 -3.38
C LEU A 140 -16.07 -7.09 -3.93
N SER A 141 -16.54 -6.03 -4.57
CA SER A 141 -17.88 -6.01 -5.13
C SER A 141 -18.10 -7.21 -6.04
N ASP A 142 -17.25 -7.35 -7.05
CA ASP A 142 -17.34 -8.46 -8.00
C ASP A 142 -18.71 -8.48 -8.66
N MET A 1 -24.30 -25.35 6.70
CA MET A 1 -23.59 -25.77 7.90
C MET A 1 -22.19 -25.17 7.95
N ALA A 2 -21.43 -25.37 6.88
CA ALA A 2 -20.07 -24.84 6.81
C ALA A 2 -19.18 -25.46 7.87
N ASP A 3 -18.84 -26.73 7.69
CA ASP A 3 -17.99 -27.45 8.63
C ASP A 3 -16.72 -27.95 7.96
N ASP A 4 -16.21 -27.17 7.00
CA ASP A 4 -15.01 -27.54 6.28
C ASP A 4 -13.89 -26.54 6.54
N PRO A 5 -12.63 -26.99 6.35
CA PRO A 5 -11.45 -26.15 6.57
C PRO A 5 -11.32 -25.05 5.51
N SER A 6 -11.69 -25.37 4.28
CA SER A 6 -11.60 -24.42 3.19
C SER A 6 -12.67 -23.34 3.33
N ALA A 7 -13.88 -23.76 3.69
CA ALA A 7 -14.99 -22.84 3.86
C ALA A 7 -14.64 -21.73 4.85
N ALA A 8 -14.15 -22.12 6.01
CA ALA A 8 -13.76 -21.16 7.05
C ALA A 8 -12.62 -20.27 6.57
N ASP A 9 -11.57 -20.89 6.05
CA ASP A 9 -10.42 -20.15 5.55
C ASP A 9 -10.84 -19.06 4.57
N ARG A 10 -11.90 -19.33 3.81
CA ARG A 10 -12.41 -18.37 2.84
C ARG A 10 -13.01 -17.15 3.54
N ASN A 11 -13.93 -17.39 4.46
CA ASN A 11 -14.58 -16.32 5.20
C ASN A 11 -13.55 -15.48 5.95
N VAL A 12 -12.51 -16.14 6.45
CA VAL A 12 -11.46 -15.45 7.20
C VAL A 12 -10.55 -14.67 6.26
N GLU A 13 -10.33 -15.22 5.07
CA GLU A 13 -9.48 -14.57 4.07
C GLU A 13 -9.97 -13.16 3.76
N ILE A 14 -11.23 -13.07 3.34
CA ILE A 14 -11.82 -11.78 3.01
C ILE A 14 -11.94 -10.90 4.25
N TRP A 15 -12.27 -11.52 5.38
CA TRP A 15 -12.42 -10.79 6.63
C TRP A 15 -11.10 -10.11 7.01
N LYS A 16 -10.02 -10.88 7.01
CA LYS A 16 -8.71 -10.35 7.36
C LYS A 16 -8.37 -9.12 6.53
N ILE A 17 -8.30 -9.30 5.21
CA ILE A 17 -8.00 -8.20 4.30
C ILE A 17 -9.00 -7.06 4.46
N LYS A 18 -10.27 -7.42 4.63
CA LYS A 18 -11.32 -6.43 4.80
C LYS A 18 -10.95 -5.39 5.84
N LYS A 19 -10.33 -5.85 6.93
CA LYS A 19 -9.91 -4.97 8.01
C LYS A 19 -8.66 -4.19 7.61
N LEU A 20 -7.79 -4.82 6.84
CA LEU A 20 -6.55 -4.18 6.39
C LEU A 20 -6.86 -2.93 5.58
N ILE A 21 -7.48 -3.11 4.43
CA ILE A 21 -7.83 -1.98 3.58
C ILE A 21 -8.71 -0.97 4.30
N LYS A 22 -9.70 -1.49 5.03
CA LYS A 22 -10.61 -0.63 5.79
C LYS A 22 -9.84 0.34 6.67
N SER A 23 -8.80 -0.17 7.33
CA SER A 23 -7.98 0.66 8.21
C SER A 23 -7.34 1.81 7.44
N LEU A 24 -6.73 1.49 6.31
CA LEU A 24 -6.09 2.50 5.48
C LEU A 24 -7.07 3.60 5.09
N GLU A 25 -8.22 3.20 4.57
CA GLU A 25 -9.24 4.15 4.16
C GLU A 25 -9.59 5.11 5.30
N ALA A 26 -9.50 4.61 6.53
CA ALA A 26 -9.80 5.42 7.70
C ALA A 26 -8.58 6.24 8.13
N ALA A 27 -7.40 5.68 7.91
CA ALA A 27 -6.16 6.36 8.27
C ALA A 27 -5.91 7.57 7.37
N ARG A 28 -5.67 8.72 7.98
CA ARG A 28 -5.43 9.94 7.24
C ARG A 28 -4.17 10.65 7.75
N GLY A 29 -3.38 11.19 6.82
CA GLY A 29 -2.16 11.87 7.21
C GLY A 29 -2.23 13.36 6.94
N ASN A 30 -1.12 14.06 7.16
CA ASN A 30 -1.06 15.50 6.96
C ASN A 30 -0.17 15.85 5.77
N GLY A 31 0.96 15.15 5.67
CA GLY A 31 1.89 15.39 4.58
C GLY A 31 1.86 14.31 3.53
N THR A 32 2.58 14.52 2.44
CA THR A 32 2.63 13.54 1.35
C THR A 32 3.48 12.34 1.73
N SER A 33 2.97 11.52 2.65
CA SER A 33 3.69 10.34 3.11
C SER A 33 2.90 9.07 2.80
N MET A 34 1.58 9.21 2.74
CA MET A 34 0.71 8.08 2.46
C MET A 34 1.00 7.50 1.09
N ILE A 35 1.84 6.47 1.04
CA ILE A 35 2.21 5.82 -0.21
C ILE A 35 1.67 4.40 -0.27
N SER A 36 0.76 4.15 -1.21
CA SER A 36 0.17 2.84 -1.38
C SER A 36 -0.10 2.54 -2.85
N LEU A 37 0.52 1.48 -3.35
CA LEU A 37 0.35 1.08 -4.75
C LEU A 37 0.24 -0.43 -4.88
N ILE A 38 -0.35 -0.89 -5.98
CA ILE A 38 -0.52 -2.31 -6.22
C ILE A 38 0.30 -2.77 -7.42
N ILE A 39 0.84 -3.98 -7.33
CA ILE A 39 1.65 -4.53 -8.41
C ILE A 39 1.17 -5.92 -8.80
N PRO A 40 0.44 -6.00 -9.92
CA PRO A 40 -0.09 -7.27 -10.43
C PRO A 40 1.01 -8.20 -10.95
N PRO A 41 0.64 -9.46 -11.20
CA PRO A 41 1.58 -10.47 -11.71
C PRO A 41 1.98 -10.20 -13.15
N LYS A 42 2.65 -9.07 -13.38
CA LYS A 42 3.10 -8.71 -14.72
C LYS A 42 3.79 -7.35 -14.71
N ASP A 43 4.49 -7.07 -13.62
CA ASP A 43 5.21 -5.80 -13.47
C ASP A 43 6.64 -6.04 -12.98
N GLN A 44 7.61 -5.78 -13.83
CA GLN A 44 9.02 -5.96 -13.48
C GLN A 44 9.37 -5.14 -12.24
N ILE A 45 9.90 -5.81 -11.23
CA ILE A 45 10.29 -5.15 -9.99
C ILE A 45 11.25 -4.00 -10.26
N SER A 46 12.19 -4.23 -11.18
CA SER A 46 13.18 -3.21 -11.53
C SER A 46 12.49 -1.93 -12.02
N ARG A 47 11.36 -2.10 -12.71
CA ARG A 47 10.62 -0.97 -13.23
C ARG A 47 10.09 -0.09 -12.09
N VAL A 48 9.67 -0.74 -11.00
CA VAL A 48 9.14 -0.02 -9.85
C VAL A 48 10.25 0.72 -9.11
N ALA A 49 11.38 0.06 -8.92
CA ALA A 49 12.52 0.66 -8.24
C ALA A 49 12.86 2.02 -8.84
N LYS A 50 13.04 2.04 -10.15
CA LYS A 50 13.38 3.27 -10.86
C LYS A 50 12.22 4.27 -10.80
N MET A 51 11.00 3.76 -10.86
CA MET A 51 9.82 4.61 -10.80
C MET A 51 9.83 5.47 -9.54
N LEU A 52 9.91 4.81 -8.39
CA LEU A 52 9.92 5.51 -7.11
C LEU A 52 11.13 6.43 -7.00
N ALA A 53 12.25 5.99 -7.58
CA ALA A 53 13.48 6.77 -7.55
C ALA A 53 13.23 8.20 -8.04
N ASP A 54 12.54 8.32 -9.16
CA ASP A 54 12.23 9.63 -9.73
C ASP A 54 11.31 10.43 -8.81
N GLN A 55 10.35 9.74 -8.20
CA GLN A 55 9.40 10.37 -7.29
C GLN A 55 10.13 11.19 -6.23
N PHE A 56 11.29 10.70 -5.81
CA PHE A 56 12.09 11.37 -4.79
C PHE A 56 12.31 12.83 -5.16
N GLY A 57 12.89 13.06 -6.34
CA GLY A 57 13.15 14.41 -6.78
C GLY A 57 11.92 15.29 -6.72
N THR A 58 10.76 14.72 -7.06
CA THR A 58 9.51 15.45 -7.04
C THR A 58 9.24 16.05 -5.67
N ALA A 59 9.53 15.28 -4.62
CA ALA A 59 9.32 15.75 -3.26
C ALA A 59 10.24 16.92 -2.93
N SER A 60 11.45 16.89 -3.47
CA SER A 60 12.42 17.95 -3.22
C SER A 60 11.87 19.30 -3.66
N ASN A 61 10.92 19.28 -4.58
CA ASN A 61 10.30 20.49 -5.09
C ASN A 61 9.02 20.82 -4.33
N ILE A 62 8.99 20.47 -3.05
CA ILE A 62 7.83 20.72 -2.21
C ILE A 62 8.06 21.91 -1.29
N LYS A 63 7.09 22.81 -1.25
CA LYS A 63 7.17 23.99 -0.41
C LYS A 63 7.36 23.62 1.06
N SER A 64 6.39 22.91 1.60
CA SER A 64 6.45 22.48 3.00
C SER A 64 7.62 21.53 3.23
N ARG A 65 8.62 22.01 3.97
CA ARG A 65 9.80 21.22 4.27
C ARG A 65 9.41 19.90 4.96
N VAL A 66 8.47 19.98 5.89
CA VAL A 66 8.02 18.81 6.63
C VAL A 66 7.40 17.77 5.68
N ASN A 67 6.76 18.26 4.62
CA ASN A 67 6.13 17.38 3.63
C ASN A 67 7.19 16.60 2.85
N ARG A 68 8.16 17.33 2.30
CA ARG A 68 9.22 16.71 1.53
C ARG A 68 9.87 15.57 2.30
N LEU A 69 10.34 15.88 3.51
CA LEU A 69 10.98 14.89 4.36
C LEU A 69 10.11 13.64 4.49
N SER A 70 8.83 13.85 4.74
CA SER A 70 7.89 12.73 4.89
C SER A 70 7.83 11.90 3.62
N VAL A 71 7.83 12.57 2.47
CA VAL A 71 7.78 11.89 1.19
C VAL A 71 8.92 10.90 1.04
N LEU A 72 10.09 11.27 1.55
CA LEU A 72 11.27 10.41 1.48
C LEU A 72 11.09 9.17 2.34
N GLY A 73 10.62 9.36 3.56
CA GLY A 73 10.41 8.25 4.47
C GLY A 73 9.58 7.14 3.84
N ALA A 74 8.49 7.52 3.19
CA ALA A 74 7.61 6.56 2.54
C ALA A 74 8.31 5.88 1.37
N ILE A 75 8.69 6.67 0.38
CA ILE A 75 9.38 6.14 -0.79
C ILE A 75 10.52 5.21 -0.40
N THR A 76 11.15 5.51 0.73
CA THR A 76 12.26 4.70 1.22
C THR A 76 11.79 3.29 1.57
N SER A 77 10.77 3.21 2.42
CA SER A 77 10.23 1.92 2.84
C SER A 77 9.87 1.06 1.64
N VAL A 78 8.95 1.55 0.81
CA VAL A 78 8.52 0.83 -0.38
C VAL A 78 9.71 0.39 -1.20
N GLN A 79 10.68 1.29 -1.39
CA GLN A 79 11.86 0.99 -2.17
C GLN A 79 12.52 -0.31 -1.69
N GLN A 80 12.57 -0.50 -0.39
CA GLN A 80 13.16 -1.70 0.20
C GLN A 80 12.34 -2.94 -0.16
N ARG A 81 11.02 -2.76 -0.26
CA ARG A 81 10.13 -3.86 -0.60
C ARG A 81 10.46 -4.44 -1.97
N LEU A 82 10.67 -3.56 -2.94
CA LEU A 82 10.99 -3.99 -4.30
C LEU A 82 12.28 -4.82 -4.31
N LYS A 83 13.35 -4.25 -3.78
CA LYS A 83 14.63 -4.93 -3.72
C LYS A 83 14.57 -6.15 -2.82
N LEU A 84 13.67 -6.10 -1.84
CA LEU A 84 13.50 -7.21 -0.91
C LEU A 84 13.20 -8.51 -1.64
N TYR A 85 12.02 -8.58 -2.26
CA TYR A 85 11.62 -9.78 -3.00
C TYR A 85 12.27 -9.80 -4.38
N ASN A 86 12.22 -8.66 -5.06
CA ASN A 86 12.80 -8.56 -6.41
C ASN A 86 12.25 -9.64 -7.33
N LYS A 87 11.04 -10.09 -7.04
CA LYS A 87 10.40 -11.13 -7.84
C LYS A 87 8.96 -10.75 -8.18
N VAL A 88 8.47 -11.24 -9.31
CA VAL A 88 7.11 -10.95 -9.74
C VAL A 88 6.23 -12.18 -9.65
N PRO A 89 5.70 -12.45 -8.44
CA PRO A 89 4.84 -13.60 -8.19
C PRO A 89 3.48 -13.46 -8.85
N PRO A 90 2.71 -14.56 -8.88
CA PRO A 90 1.37 -14.58 -9.49
C PRO A 90 0.35 -13.79 -8.67
N ASN A 91 0.49 -13.86 -7.35
CA ASN A 91 -0.42 -13.14 -6.46
C ASN A 91 -0.15 -11.64 -6.50
N GLY A 92 1.08 -11.27 -6.85
CA GLY A 92 1.45 -9.87 -6.91
C GLY A 92 2.01 -9.35 -5.60
N LEU A 93 2.41 -8.09 -5.59
CA LEU A 93 2.97 -7.47 -4.40
C LEU A 93 2.34 -6.10 -4.13
N VAL A 94 1.96 -5.86 -2.88
CA VAL A 94 1.35 -4.60 -2.50
C VAL A 94 2.07 -3.98 -1.31
N VAL A 95 2.12 -2.65 -1.28
CA VAL A 95 2.78 -1.93 -0.19
C VAL A 95 1.81 -0.99 0.51
N TYR A 96 1.95 -0.88 1.82
CA TYR A 96 1.08 -0.02 2.62
C TYR A 96 1.88 0.73 3.69
N CYS A 97 2.25 1.96 3.38
CA CYS A 97 3.02 2.78 4.30
C CYS A 97 2.58 4.24 4.24
N GLY A 98 2.07 4.75 5.35
CA GLY A 98 1.61 6.13 5.40
C GLY A 98 1.84 6.77 6.74
N THR A 99 1.83 8.10 6.78
CA THR A 99 2.03 8.83 8.02
C THR A 99 0.70 9.31 8.61
N ILE A 100 0.36 8.78 9.78
CA ILE A 100 -0.88 9.15 10.45
C ILE A 100 -0.61 9.80 11.81
N VAL A 101 -1.17 10.98 12.02
CA VAL A 101 -1.00 11.70 13.28
C VAL A 101 -2.08 11.34 14.28
N THR A 102 -1.67 11.07 15.52
CA THR A 102 -2.61 10.71 16.57
C THR A 102 -3.36 11.93 17.08
N GLU A 103 -4.28 11.71 18.01
CA GLU A 103 -5.05 12.81 18.59
C GLU A 103 -4.14 13.89 19.18
N GLU A 104 -2.94 13.48 19.57
CA GLU A 104 -1.97 14.40 20.14
C GLU A 104 -1.15 15.07 19.04
N GLY A 105 -1.11 14.46 17.87
CA GLY A 105 -0.36 15.01 16.76
C GLY A 105 0.94 14.27 16.52
N LYS A 106 0.96 12.97 16.81
CA LYS A 106 2.14 12.15 16.63
C LYS A 106 2.01 11.27 15.38
N GLU A 107 2.86 11.52 14.39
CA GLU A 107 2.85 10.75 13.15
C GLU A 107 3.28 9.31 13.40
N LYS A 108 2.66 8.38 12.69
CA LYS A 108 2.98 6.96 12.83
C LYS A 108 3.07 6.29 11.46
N LYS A 109 4.27 5.87 11.09
CA LYS A 109 4.50 5.21 9.81
C LYS A 109 4.18 3.73 9.91
N VAL A 110 3.18 3.29 9.14
CA VAL A 110 2.78 1.89 9.14
C VAL A 110 3.56 1.10 8.10
N ASN A 111 4.68 0.51 8.52
CA ASN A 111 5.51 -0.27 7.62
C ASN A 111 4.87 -1.63 7.33
N ILE A 112 4.15 -1.71 6.21
CA ILE A 112 3.50 -2.95 5.83
C ILE A 112 3.76 -3.28 4.35
N ASP A 113 4.34 -4.45 4.10
CA ASP A 113 4.64 -4.87 2.74
C ASP A 113 4.75 -6.38 2.67
N PHE A 114 4.21 -6.96 1.59
CA PHE A 114 4.24 -8.41 1.40
C PHE A 114 3.45 -8.81 0.16
N GLU A 115 3.58 -10.07 -0.23
CA GLU A 115 2.87 -10.59 -1.39
C GLU A 115 1.76 -11.55 -0.98
N PRO A 116 0.60 -10.99 -0.61
CA PRO A 116 -0.56 -11.77 -0.19
C PRO A 116 -1.18 -12.56 -1.35
N PHE A 117 -2.25 -13.29 -1.05
CA PHE A 117 -2.94 -14.07 -2.06
C PHE A 117 -4.09 -13.29 -2.67
N LYS A 118 -3.90 -11.98 -2.82
CA LYS A 118 -4.93 -11.11 -3.39
C LYS A 118 -4.41 -10.43 -4.65
N PRO A 119 -4.54 -11.12 -5.80
CA PRO A 119 -4.10 -10.59 -7.09
C PRO A 119 -4.98 -9.44 -7.57
N ILE A 120 -4.33 -8.36 -8.02
CA ILE A 120 -5.05 -7.18 -8.50
C ILE A 120 -5.20 -7.24 -10.02
N ASN A 121 -6.18 -6.48 -10.53
CA ASN A 121 -6.44 -6.44 -11.96
C ASN A 121 -5.35 -5.66 -12.69
N THR A 122 -4.81 -4.65 -12.03
CA THR A 122 -3.75 -3.82 -12.60
C THR A 122 -3.00 -3.06 -11.52
N SER A 123 -1.88 -2.44 -11.91
CA SER A 123 -1.06 -1.68 -10.98
C SER A 123 -1.51 -0.22 -10.93
N LEU A 124 -1.25 0.43 -9.80
CA LEU A 124 -1.62 1.82 -9.61
C LEU A 124 -0.91 2.43 -8.41
N TYR A 125 -0.37 3.63 -8.59
CA TYR A 125 0.34 4.32 -7.52
C TYR A 125 -0.41 5.58 -7.08
N LEU A 126 -0.95 5.54 -5.87
CA LEU A 126 -1.70 6.67 -5.33
C LEU A 126 -0.92 7.32 -4.18
N CYS A 127 -0.61 8.60 -4.35
CA CYS A 127 0.11 9.35 -3.34
C CYS A 127 -0.42 10.78 -3.21
N ASP A 128 -1.06 11.07 -2.08
CA ASP A 128 -1.63 12.39 -1.83
C ASP A 128 -2.04 12.55 -0.38
N ASN A 129 -1.09 12.30 0.52
CA ASN A 129 -1.36 12.42 1.96
C ASN A 129 -2.72 11.82 2.31
N LYS A 130 -3.04 10.69 1.68
CA LYS A 130 -4.31 10.02 1.93
C LYS A 130 -4.29 8.61 1.34
N PHE A 131 -4.67 7.64 2.17
CA PHE A 131 -4.70 6.24 1.74
C PHE A 131 -5.83 6.01 0.74
N HIS A 132 -5.77 4.87 0.05
CA HIS A 132 -6.78 4.53 -0.94
C HIS A 132 -6.48 3.18 -1.58
N THR A 133 -7.53 2.43 -1.91
CA THR A 133 -7.37 1.12 -2.53
C THR A 133 -8.34 0.94 -3.69
N GLU A 134 -7.90 1.32 -4.89
CA GLU A 134 -8.72 1.20 -6.08
C GLU A 134 -8.81 -0.25 -6.55
N ALA A 135 -7.65 -0.90 -6.65
CA ALA A 135 -7.60 -2.29 -7.08
C ALA A 135 -8.52 -3.17 -6.24
N LEU A 136 -8.36 -3.10 -4.92
CA LEU A 136 -9.18 -3.88 -4.01
C LEU A 136 -10.66 -3.58 -4.21
N THR A 137 -11.02 -2.30 -4.06
CA THR A 137 -12.40 -1.87 -4.22
C THR A 137 -12.98 -2.36 -5.55
N ALA A 138 -12.40 -1.91 -6.66
CA ALA A 138 -12.85 -2.31 -7.98
C ALA A 138 -12.93 -3.84 -8.10
N LEU A 139 -11.92 -4.51 -7.58
CA LEU A 139 -11.88 -5.97 -7.62
C LEU A 139 -13.17 -6.57 -7.06
N LEU A 140 -13.64 -6.02 -5.96
CA LEU A 140 -14.86 -6.50 -5.32
C LEU A 140 -16.07 -6.23 -6.21
N SER A 141 -16.16 -5.03 -6.73
CA SER A 141 -17.27 -4.64 -7.60
C SER A 141 -17.38 -5.60 -8.79
N ASP A 142 -16.25 -5.90 -9.40
CA ASP A 142 -16.22 -6.81 -10.55
C ASP A 142 -17.12 -6.29 -11.67
N MET A 1 -23.69 -31.71 0.99
CA MET A 1 -22.53 -30.85 1.22
C MET A 1 -22.46 -30.43 2.69
N ALA A 2 -21.23 -30.22 3.17
CA ALA A 2 -21.03 -29.81 4.55
C ALA A 2 -20.36 -28.44 4.62
N ASP A 3 -19.99 -28.02 5.83
CA ASP A 3 -19.34 -26.73 6.03
C ASP A 3 -17.87 -26.79 5.64
N ASP A 4 -17.17 -27.79 6.18
CA ASP A 4 -15.75 -27.96 5.87
C ASP A 4 -14.94 -26.76 6.36
N PRO A 5 -13.62 -26.95 6.52
CA PRO A 5 -12.72 -25.90 6.98
C PRO A 5 -12.53 -24.80 5.93
N SER A 6 -12.54 -25.18 4.66
CA SER A 6 -12.37 -24.23 3.57
C SER A 6 -13.38 -23.09 3.69
N ALA A 7 -14.63 -23.43 3.95
CA ALA A 7 -15.68 -22.43 4.09
C ALA A 7 -15.31 -21.37 5.12
N ALA A 8 -14.96 -21.82 6.32
CA ALA A 8 -14.58 -20.90 7.39
C ALA A 8 -13.45 -19.98 6.94
N ASP A 9 -12.37 -20.57 6.45
CA ASP A 9 -11.22 -19.81 5.98
C ASP A 9 -11.65 -18.74 4.98
N ARG A 10 -12.68 -19.05 4.21
CA ARG A 10 -13.20 -18.11 3.21
C ARG A 10 -13.75 -16.85 3.87
N ASN A 11 -14.75 -17.03 4.71
CA ASN A 11 -15.37 -15.90 5.41
C ASN A 11 -14.34 -15.15 6.24
N VAL A 12 -13.49 -15.88 6.94
CA VAL A 12 -12.44 -15.28 7.77
C VAL A 12 -11.56 -14.34 6.95
N GLU A 13 -11.13 -14.81 5.78
CA GLU A 13 -10.28 -14.02 4.92
C GLU A 13 -10.96 -12.70 4.54
N ILE A 14 -12.19 -12.80 4.03
CA ILE A 14 -12.95 -11.63 3.64
C ILE A 14 -13.02 -10.61 4.77
N TRP A 15 -13.15 -11.10 5.99
CA TRP A 15 -13.22 -10.23 7.16
C TRP A 15 -11.89 -9.55 7.42
N LYS A 16 -10.81 -10.32 7.40
CA LYS A 16 -9.47 -9.79 7.63
C LYS A 16 -9.20 -8.60 6.71
N ILE A 17 -9.28 -8.84 5.41
CA ILE A 17 -9.05 -7.79 4.42
C ILE A 17 -9.97 -6.59 4.67
N LYS A 18 -11.22 -6.87 5.02
CA LYS A 18 -12.19 -5.83 5.27
C LYS A 18 -11.73 -4.92 6.41
N LYS A 19 -10.90 -5.46 7.29
CA LYS A 19 -10.38 -4.70 8.42
C LYS A 19 -9.20 -3.82 7.99
N LEU A 20 -8.16 -4.46 7.45
CA LEU A 20 -6.98 -3.74 7.00
C LEU A 20 -7.34 -2.72 5.92
N ILE A 21 -8.27 -3.10 5.05
CA ILE A 21 -8.70 -2.23 3.96
C ILE A 21 -9.49 -1.04 4.50
N LYS A 22 -10.63 -1.33 5.12
CA LYS A 22 -11.48 -0.29 5.69
C LYS A 22 -10.68 0.63 6.61
N SER A 23 -9.74 0.04 7.35
CA SER A 23 -8.90 0.82 8.26
C SER A 23 -8.12 1.89 7.52
N LEU A 24 -7.48 1.50 6.42
CA LEU A 24 -6.70 2.43 5.61
C LEU A 24 -7.54 3.62 5.19
N GLU A 25 -8.71 3.33 4.62
CA GLU A 25 -9.61 4.39 4.16
C GLU A 25 -9.94 5.35 5.31
N ALA A 26 -10.00 4.83 6.52
CA ALA A 26 -10.30 5.65 7.69
C ALA A 26 -9.07 6.42 8.15
N ALA A 27 -7.90 5.82 7.97
CA ALA A 27 -6.65 6.45 8.37
C ALA A 27 -6.40 7.72 7.57
N ARG A 28 -6.29 8.84 8.27
CA ARG A 28 -6.05 10.13 7.62
C ARG A 28 -4.98 10.92 8.35
N GLY A 29 -4.34 11.86 7.65
CA GLY A 29 -3.30 12.67 8.26
C GLY A 29 -3.19 14.04 7.63
N ASN A 30 -2.07 14.71 7.84
CA ASN A 30 -1.84 16.04 7.29
C ASN A 30 -0.46 16.13 6.64
N GLY A 31 -0.41 15.77 5.36
CA GLY A 31 0.86 15.82 4.63
C GLY A 31 0.94 14.78 3.54
N THR A 32 1.57 15.15 2.43
CA THR A 32 1.72 14.23 1.30
C THR A 32 2.75 13.14 1.60
N SER A 33 2.37 12.18 2.43
CA SER A 33 3.27 11.10 2.80
C SER A 33 2.51 9.77 2.89
N MET A 34 1.44 9.66 2.10
CA MET A 34 0.63 8.45 2.09
C MET A 34 0.84 7.66 0.80
N ILE A 35 1.90 6.87 0.76
CA ILE A 35 2.20 6.06 -0.42
C ILE A 35 1.39 4.78 -0.44
N SER A 36 0.58 4.61 -1.47
CA SER A 36 -0.26 3.43 -1.61
C SER A 36 -0.42 3.04 -3.07
N LEU A 37 0.27 1.98 -3.47
CA LEU A 37 0.21 1.51 -4.85
C LEU A 37 0.17 -0.02 -4.90
N ILE A 38 -0.20 -0.56 -6.06
CA ILE A 38 -0.27 -2.00 -6.24
C ILE A 38 0.35 -2.42 -7.56
N ILE A 39 1.27 -3.39 -7.50
CA ILE A 39 1.94 -3.88 -8.68
C ILE A 39 1.37 -5.22 -9.12
N PRO A 40 0.73 -5.25 -10.29
CA PRO A 40 0.12 -6.47 -10.84
C PRO A 40 1.17 -7.47 -11.30
N PRO A 41 0.72 -8.71 -11.59
CA PRO A 41 1.61 -9.79 -12.04
C PRO A 41 2.14 -9.55 -13.44
N LYS A 42 1.39 -8.80 -14.24
CA LYS A 42 1.78 -8.49 -15.61
C LYS A 42 3.13 -7.77 -15.63
N ASP A 43 3.37 -6.94 -14.63
CA ASP A 43 4.62 -6.19 -14.54
C ASP A 43 5.61 -6.89 -13.62
N GLN A 44 6.76 -6.26 -13.39
CA GLN A 44 7.78 -6.83 -12.54
C GLN A 44 8.21 -5.84 -11.46
N ILE A 45 8.51 -6.36 -10.27
CA ILE A 45 8.93 -5.51 -9.16
C ILE A 45 10.11 -4.63 -9.55
N SER A 46 10.98 -5.16 -10.39
CA SER A 46 12.15 -4.42 -10.85
C SER A 46 11.76 -3.05 -11.41
N ARG A 47 10.74 -3.04 -12.25
CA ARG A 47 10.25 -1.81 -12.86
C ARG A 47 9.87 -0.79 -11.78
N VAL A 48 9.41 -1.30 -10.65
CA VAL A 48 9.01 -0.43 -9.54
C VAL A 48 10.21 0.20 -8.87
N ALA A 49 11.28 -0.59 -8.69
CA ALA A 49 12.50 -0.12 -8.06
C ALA A 49 13.01 1.15 -8.74
N LYS A 50 13.14 1.08 -10.07
CA LYS A 50 13.61 2.23 -10.84
C LYS A 50 12.58 3.34 -10.87
N MET A 51 11.32 2.98 -11.11
CA MET A 51 10.23 3.95 -11.15
C MET A 51 10.21 4.79 -9.89
N LEU A 52 10.14 4.13 -8.74
CA LEU A 52 10.10 4.81 -7.45
C LEU A 52 11.38 5.60 -7.23
N ALA A 53 12.50 5.04 -7.69
CA ALA A 53 13.80 5.69 -7.54
C ALA A 53 13.75 7.15 -8.01
N ASP A 54 13.11 7.37 -9.16
CA ASP A 54 12.99 8.71 -9.71
C ASP A 54 12.01 9.55 -8.90
N GLN A 55 10.97 8.91 -8.39
CA GLN A 55 9.96 9.60 -7.59
C GLN A 55 10.60 10.32 -6.40
N PHE A 56 11.70 9.77 -5.91
CA PHE A 56 12.41 10.37 -4.79
C PHE A 56 12.62 11.86 -5.00
N GLY A 57 12.97 12.23 -6.22
CA GLY A 57 13.20 13.64 -6.54
C GLY A 57 12.04 14.51 -6.11
N THR A 58 10.82 14.00 -6.23
CA THR A 58 9.63 14.75 -5.86
C THR A 58 9.69 15.19 -4.41
N ALA A 59 10.15 14.30 -3.54
CA ALA A 59 10.27 14.59 -2.11
C ALA A 59 11.14 15.83 -1.88
N SER A 60 12.37 15.78 -2.38
CA SER A 60 13.30 16.89 -2.24
C SER A 60 12.71 18.18 -2.80
N ASN A 61 11.76 18.04 -3.70
CA ASN A 61 11.11 19.19 -4.32
C ASN A 61 10.07 19.81 -3.38
N ILE A 62 9.51 18.98 -2.51
CA ILE A 62 8.51 19.43 -1.55
C ILE A 62 9.10 20.47 -0.60
N LYS A 63 8.58 21.70 -0.66
CA LYS A 63 9.05 22.77 0.19
C LYS A 63 8.97 22.38 1.66
N SER A 64 7.75 22.09 2.12
CA SER A 64 7.53 21.70 3.51
C SER A 64 8.46 20.56 3.91
N ARG A 65 9.50 20.90 4.67
CA ARG A 65 10.47 19.90 5.12
C ARG A 65 9.77 18.75 5.84
N VAL A 66 8.78 19.09 6.67
CA VAL A 66 8.05 18.08 7.42
C VAL A 66 7.52 16.99 6.50
N ASN A 67 7.00 17.39 5.34
CA ASN A 67 6.46 16.44 4.37
C ASN A 67 7.60 15.70 3.66
N ARG A 68 8.62 16.43 3.26
CA ARG A 68 9.76 15.83 2.57
C ARG A 68 10.32 14.64 3.36
N LEU A 69 10.31 14.76 4.68
CA LEU A 69 10.79 13.70 5.54
C LEU A 69 9.82 12.52 5.58
N SER A 70 8.55 12.84 5.79
CA SER A 70 7.50 11.81 5.85
C SER A 70 7.43 11.03 4.54
N VAL A 71 7.24 11.76 3.45
CA VAL A 71 7.15 11.13 2.12
C VAL A 71 8.37 10.27 1.85
N LEU A 72 9.54 10.73 2.28
CA LEU A 72 10.78 9.99 2.08
C LEU A 72 10.68 8.59 2.67
N GLY A 73 10.18 8.50 3.90
CA GLY A 73 10.04 7.21 4.56
C GLY A 73 9.19 6.25 3.77
N ALA A 74 8.05 6.73 3.28
CA ALA A 74 7.14 5.90 2.50
C ALA A 74 7.87 5.21 1.35
N ILE A 75 8.45 6.00 0.46
CA ILE A 75 9.18 5.46 -0.68
C ILE A 75 10.21 4.43 -0.24
N THR A 76 10.76 4.63 0.96
CA THR A 76 11.75 3.73 1.51
C THR A 76 11.16 2.36 1.82
N SER A 77 9.89 2.36 2.23
CA SER A 77 9.20 1.12 2.57
C SER A 77 9.00 0.26 1.33
N VAL A 78 8.35 0.82 0.32
CA VAL A 78 8.09 0.10 -0.93
C VAL A 78 9.38 -0.47 -1.50
N GLN A 79 10.47 0.25 -1.32
CA GLN A 79 11.77 -0.19 -1.82
C GLN A 79 12.28 -1.40 -1.03
N GLN A 80 11.96 -1.43 0.25
CA GLN A 80 12.38 -2.54 1.11
C GLN A 80 11.75 -3.85 0.67
N ARG A 81 10.42 -3.92 0.73
CA ARG A 81 9.70 -5.12 0.33
C ARG A 81 10.14 -5.58 -1.07
N LEU A 82 10.45 -4.62 -1.93
CA LEU A 82 10.88 -4.93 -3.29
C LEU A 82 12.10 -5.84 -3.29
N LYS A 83 13.16 -5.40 -2.62
CA LYS A 83 14.39 -6.18 -2.53
C LYS A 83 14.19 -7.40 -1.65
N LEU A 84 13.31 -7.29 -0.67
CA LEU A 84 13.03 -8.39 0.26
C LEU A 84 12.77 -9.67 -0.51
N TYR A 85 11.65 -9.71 -1.24
CA TYR A 85 11.28 -10.88 -2.02
C TYR A 85 12.01 -10.90 -3.36
N ASN A 86 12.28 -9.71 -3.89
CA ASN A 86 12.97 -9.58 -5.17
C ASN A 86 12.33 -10.49 -6.22
N LYS A 87 11.01 -10.65 -6.15
CA LYS A 87 10.29 -11.49 -7.10
C LYS A 87 8.95 -10.86 -7.46
N VAL A 88 8.29 -11.42 -8.47
CA VAL A 88 7.01 -10.92 -8.93
C VAL A 88 5.98 -12.05 -9.05
N PRO A 89 5.24 -12.32 -7.97
CA PRO A 89 4.23 -13.36 -7.94
C PRO A 89 3.02 -13.02 -8.79
N PRO A 90 2.15 -14.03 -9.02
CA PRO A 90 0.94 -13.85 -9.82
C PRO A 90 -0.10 -12.98 -9.12
N ASN A 91 -0.09 -13.00 -7.80
CA ASN A 91 -1.04 -12.21 -7.02
C ASN A 91 -0.62 -10.74 -6.98
N GLY A 92 0.68 -10.50 -7.13
CA GLY A 92 1.20 -9.14 -7.11
C GLY A 92 1.70 -8.73 -5.75
N LEU A 93 2.09 -7.47 -5.62
CA LEU A 93 2.61 -6.95 -4.35
C LEU A 93 1.95 -5.62 -4.00
N VAL A 94 1.32 -5.57 -2.83
CA VAL A 94 0.66 -4.35 -2.37
C VAL A 94 1.38 -3.74 -1.18
N VAL A 95 1.53 -2.43 -1.20
CA VAL A 95 2.20 -1.72 -0.12
C VAL A 95 1.26 -0.74 0.57
N TYR A 96 1.37 -0.64 1.89
CA TYR A 96 0.52 0.25 2.67
C TYR A 96 1.35 1.01 3.70
N CYS A 97 1.67 2.27 3.38
CA CYS A 97 2.45 3.12 4.28
C CYS A 97 2.00 4.57 4.18
N GLY A 98 1.45 5.08 5.28
CA GLY A 98 0.99 6.46 5.29
C GLY A 98 1.13 7.10 6.67
N THR A 99 1.06 8.42 6.71
CA THR A 99 1.18 9.16 7.96
C THR A 99 -0.16 9.75 8.38
N ILE A 100 -0.71 9.24 9.48
CA ILE A 100 -1.98 9.72 9.99
C ILE A 100 -1.78 10.75 11.11
N VAL A 101 -2.79 11.59 11.32
CA VAL A 101 -2.72 12.62 12.35
C VAL A 101 -3.94 12.56 13.26
N THR A 102 -3.71 12.55 14.57
CA THR A 102 -4.79 12.50 15.54
C THR A 102 -5.24 13.90 15.94
N GLU A 103 -6.08 13.98 16.97
CA GLU A 103 -6.59 15.27 17.44
C GLU A 103 -5.46 16.11 18.03
N GLU A 104 -4.50 15.45 18.67
CA GLU A 104 -3.38 16.15 19.27
C GLU A 104 -2.28 16.40 18.25
N GLY A 105 -2.30 15.62 17.17
CA GLY A 105 -1.30 15.78 16.13
C GLY A 105 -0.29 14.64 16.12
N LYS A 106 -0.68 13.51 16.69
CA LYS A 106 0.20 12.34 16.75
C LYS A 106 0.36 11.71 15.37
N GLU A 107 1.61 11.55 14.93
CA GLU A 107 1.89 10.96 13.63
C GLU A 107 2.17 9.47 13.76
N LYS A 108 1.41 8.66 13.03
CA LYS A 108 1.58 7.22 13.06
C LYS A 108 1.83 6.66 11.66
N LYS A 109 3.04 6.17 11.44
CA LYS A 109 3.41 5.61 10.14
C LYS A 109 3.22 4.09 10.13
N VAL A 110 2.25 3.64 9.34
CA VAL A 110 1.97 2.21 9.23
C VAL A 110 2.82 1.56 8.15
N ASN A 111 4.00 1.07 8.55
CA ASN A 111 4.91 0.42 7.61
C ASN A 111 4.55 -1.06 7.44
N ILE A 112 3.80 -1.36 6.38
CA ILE A 112 3.41 -2.74 6.11
C ILE A 112 3.48 -3.05 4.62
N ASP A 113 3.96 -4.25 4.29
CA ASP A 113 4.08 -4.67 2.90
C ASP A 113 4.02 -6.19 2.79
N PHE A 114 3.38 -6.68 1.72
CA PHE A 114 3.26 -8.11 1.50
C PHE A 114 2.52 -8.39 0.19
N GLU A 115 2.60 -9.63 -0.27
CA GLU A 115 1.94 -10.03 -1.51
C GLU A 115 0.72 -10.90 -1.22
N PRO A 116 -0.45 -10.26 -1.08
CA PRO A 116 -1.71 -10.96 -0.80
C PRO A 116 -2.18 -11.79 -2.00
N PHE A 117 -3.34 -12.44 -1.82
CA PHE A 117 -3.90 -13.26 -2.89
C PHE A 117 -4.90 -12.46 -3.73
N LYS A 118 -4.64 -11.17 -3.87
CA LYS A 118 -5.52 -10.30 -4.65
C LYS A 118 -4.83 -9.86 -5.94
N PRO A 119 -4.87 -10.74 -6.95
CA PRO A 119 -4.27 -10.46 -8.26
C PRO A 119 -5.02 -9.39 -9.03
N ILE A 120 -4.28 -8.51 -9.69
CA ILE A 120 -4.87 -7.43 -10.46
C ILE A 120 -4.44 -7.50 -11.93
N ASN A 121 -5.03 -6.63 -12.75
CA ASN A 121 -4.70 -6.60 -14.17
C ASN A 121 -4.09 -5.26 -14.56
N THR A 122 -3.87 -4.40 -13.56
CA THR A 122 -3.30 -3.08 -13.79
C THR A 122 -2.68 -2.53 -12.53
N SER A 123 -1.68 -1.66 -12.69
CA SER A 123 -0.99 -1.05 -11.55
C SER A 123 -1.55 0.33 -11.26
N LEU A 124 -1.49 0.74 -9.99
CA LEU A 124 -2.00 2.04 -9.57
C LEU A 124 -1.14 2.61 -8.44
N TYR A 125 -0.92 3.92 -8.48
CA TYR A 125 -0.13 4.58 -7.45
C TYR A 125 -0.61 6.02 -7.23
N LEU A 126 -1.10 6.30 -6.03
CA LEU A 126 -1.59 7.63 -5.70
C LEU A 126 -1.36 7.94 -4.22
N CYS A 127 -0.83 9.13 -3.95
CA CYS A 127 -0.56 9.55 -2.58
C CYS A 127 -1.07 10.97 -2.33
N ASP A 128 -2.19 11.07 -1.61
CA ASP A 128 -2.78 12.36 -1.31
C ASP A 128 -3.14 12.47 0.17
N ASN A 129 -2.16 12.26 1.02
CA ASN A 129 -2.37 12.32 2.47
C ASN A 129 -3.59 11.51 2.87
N LYS A 130 -3.81 10.40 2.16
CA LYS A 130 -4.94 9.53 2.45
C LYS A 130 -4.82 8.22 1.69
N PHE A 131 -4.97 7.10 2.40
CA PHE A 131 -4.88 5.78 1.79
C PHE A 131 -5.96 5.60 0.73
N HIS A 132 -5.86 4.50 -0.01
CA HIS A 132 -6.83 4.20 -1.06
C HIS A 132 -6.57 2.84 -1.68
N THR A 133 -7.63 2.06 -1.89
CA THR A 133 -7.51 0.74 -2.48
C THR A 133 -8.36 0.60 -3.74
N GLU A 134 -7.76 0.91 -4.88
CA GLU A 134 -8.46 0.82 -6.16
C GLU A 134 -8.60 -0.63 -6.60
N ALA A 135 -7.48 -1.34 -6.65
CA ALA A 135 -7.47 -2.73 -7.07
C ALA A 135 -8.49 -3.54 -6.27
N LEU A 136 -8.43 -3.42 -4.95
CA LEU A 136 -9.35 -4.14 -4.07
C LEU A 136 -10.79 -3.80 -4.39
N THR A 137 -11.11 -2.51 -4.34
CA THR A 137 -12.46 -2.04 -4.63
C THR A 137 -12.97 -2.58 -5.95
N ALA A 138 -12.29 -2.22 -7.03
CA ALA A 138 -12.67 -2.67 -8.37
C ALA A 138 -12.77 -4.20 -8.42
N LEU A 139 -11.82 -4.87 -7.77
CA LEU A 139 -11.80 -6.33 -7.74
C LEU A 139 -13.13 -6.88 -7.24
N LEU A 140 -13.60 -6.32 -6.12
CA LEU A 140 -14.86 -6.76 -5.53
C LEU A 140 -16.01 -6.61 -6.52
N SER A 141 -16.10 -5.44 -7.14
CA SER A 141 -17.15 -5.16 -8.11
C SER A 141 -17.20 -6.25 -9.18
N ASP A 142 -16.05 -6.51 -9.80
CA ASP A 142 -15.97 -7.52 -10.85
C ASP A 142 -15.22 -8.75 -10.35
N MET A 1 -21.89 -28.52 7.11
CA MET A 1 -22.40 -29.87 7.27
C MET A 1 -21.98 -30.44 8.62
N ALA A 2 -20.72 -30.25 8.97
CA ALA A 2 -20.20 -30.76 10.24
C ALA A 2 -19.09 -29.85 10.77
N ASP A 3 -18.01 -29.73 10.01
CA ASP A 3 -16.89 -28.89 10.41
C ASP A 3 -16.71 -27.73 9.44
N ASP A 4 -16.56 -28.04 8.16
CA ASP A 4 -16.39 -27.01 7.15
C ASP A 4 -15.19 -26.12 7.47
N PRO A 5 -13.98 -26.69 7.35
CA PRO A 5 -12.73 -25.95 7.64
C PRO A 5 -12.45 -24.88 6.59
N SER A 6 -12.80 -25.17 5.34
CA SER A 6 -12.57 -24.23 4.25
C SER A 6 -13.57 -23.08 4.30
N ALA A 7 -14.81 -23.39 4.66
CA ALA A 7 -15.86 -22.38 4.76
C ALA A 7 -15.47 -21.26 5.72
N ALA A 8 -14.97 -21.66 6.89
CA ALA A 8 -14.56 -20.68 7.90
C ALA A 8 -13.38 -19.85 7.41
N ASP A 9 -12.31 -20.52 7.00
CA ASP A 9 -11.12 -19.84 6.51
C ASP A 9 -11.47 -18.90 5.36
N ARG A 10 -12.49 -19.27 4.59
CA ARG A 10 -12.93 -18.46 3.46
C ARG A 10 -13.51 -17.12 3.94
N ASN A 11 -14.45 -17.21 4.88
CA ASN A 11 -15.09 -16.02 5.42
C ASN A 11 -14.11 -15.20 6.24
N VAL A 12 -13.25 -15.88 6.99
CA VAL A 12 -12.26 -15.21 7.83
C VAL A 12 -11.26 -14.43 6.98
N GLU A 13 -10.96 -14.97 5.80
CA GLU A 13 -10.01 -14.32 4.89
C GLU A 13 -10.63 -13.07 4.28
N ILE A 14 -11.78 -13.22 3.64
CA ILE A 14 -12.47 -12.11 3.01
C ILE A 14 -12.73 -10.99 4.02
N TRP A 15 -13.06 -11.37 5.25
CA TRP A 15 -13.34 -10.40 6.31
C TRP A 15 -12.07 -9.65 6.70
N LYS A 16 -10.98 -10.39 6.85
CA LYS A 16 -9.69 -9.79 7.22
C LYS A 16 -9.37 -8.60 6.30
N ILE A 17 -9.22 -8.88 5.02
CA ILE A 17 -8.90 -7.85 4.04
C ILE A 17 -9.93 -6.73 4.07
N LYS A 18 -11.19 -7.10 4.29
CA LYS A 18 -12.27 -6.11 4.35
C LYS A 18 -12.00 -5.08 5.45
N LYS A 19 -11.29 -5.50 6.48
CA LYS A 19 -10.95 -4.60 7.59
C LYS A 19 -9.81 -3.67 7.22
N LEU A 20 -8.72 -4.24 6.72
CA LEU A 20 -7.56 -3.46 6.31
C LEU A 20 -7.91 -2.49 5.20
N ILE A 21 -8.80 -2.90 4.31
CA ILE A 21 -9.23 -2.07 3.20
C ILE A 21 -10.05 -0.88 3.70
N LYS A 22 -11.22 -1.16 4.26
CA LYS A 22 -12.09 -0.12 4.79
C LYS A 22 -11.33 0.79 5.75
N SER A 23 -10.42 0.21 6.52
CA SER A 23 -9.64 0.97 7.48
C SER A 23 -8.82 2.06 6.79
N LEU A 24 -8.11 1.66 5.73
CA LEU A 24 -7.29 2.61 4.98
C LEU A 24 -8.13 3.76 4.46
N GLU A 25 -9.23 3.44 3.80
CA GLU A 25 -10.12 4.46 3.25
C GLU A 25 -10.53 5.46 4.32
N ALA A 26 -10.64 4.98 5.56
CA ALA A 26 -11.02 5.84 6.68
C ALA A 26 -9.81 6.58 7.23
N ALA A 27 -8.64 5.96 7.16
CA ALA A 27 -7.42 6.57 7.65
C ALA A 27 -7.02 7.76 6.79
N ARG A 28 -6.86 8.92 7.43
CA ARG A 28 -6.48 10.13 6.72
C ARG A 28 -5.38 10.88 7.46
N GLY A 29 -4.49 11.52 6.71
CA GLY A 29 -3.39 12.25 7.31
C GLY A 29 -3.40 13.72 6.93
N ASN A 30 -2.23 14.34 6.94
CA ASN A 30 -2.11 15.75 6.60
C ASN A 30 -1.11 15.96 5.47
N GLY A 31 0.17 15.85 5.80
CA GLY A 31 1.22 16.02 4.80
C GLY A 31 1.19 14.94 3.74
N THR A 32 1.72 15.24 2.56
CA THR A 32 1.76 14.29 1.45
C THR A 32 2.79 13.20 1.72
N SER A 33 2.46 12.28 2.61
CA SER A 33 3.37 11.18 2.95
C SER A 33 2.73 9.84 2.64
N MET A 34 1.41 9.83 2.53
CA MET A 34 0.67 8.60 2.23
C MET A 34 1.11 8.01 0.90
N ILE A 35 1.36 6.70 0.89
CA ILE A 35 1.77 6.02 -0.33
C ILE A 35 1.13 4.64 -0.44
N SER A 36 0.61 4.33 -1.63
CA SER A 36 -0.03 3.04 -1.86
C SER A 36 0.30 2.51 -3.25
N LEU A 37 1.17 1.51 -3.28
CA LEU A 37 1.58 0.90 -4.55
C LEU A 37 1.10 -0.54 -4.65
N ILE A 38 0.45 -0.87 -5.76
CA ILE A 38 -0.06 -2.22 -5.97
C ILE A 38 0.55 -2.84 -7.23
N ILE A 39 1.34 -3.89 -7.03
CA ILE A 39 1.98 -4.58 -8.14
C ILE A 39 1.24 -5.88 -8.48
N PRO A 40 0.59 -5.89 -9.65
CA PRO A 40 -0.17 -7.06 -10.12
C PRO A 40 0.75 -8.22 -10.50
N PRO A 41 0.16 -9.41 -10.67
CA PRO A 41 0.90 -10.62 -11.05
C PRO A 41 1.41 -10.56 -12.48
N LYS A 42 2.15 -9.51 -12.81
CA LYS A 42 2.70 -9.34 -14.14
C LYS A 42 3.43 -8.00 -14.26
N ASP A 43 4.05 -7.57 -13.17
CA ASP A 43 4.79 -6.31 -13.16
C ASP A 43 6.14 -6.47 -12.45
N GLN A 44 7.21 -6.27 -13.21
CA GLN A 44 8.56 -6.40 -12.66
C GLN A 44 8.74 -5.48 -11.46
N ILE A 45 8.66 -6.06 -10.26
CA ILE A 45 8.81 -5.30 -9.03
C ILE A 45 10.07 -4.44 -9.08
N SER A 46 11.11 -4.96 -9.71
CA SER A 46 12.38 -4.24 -9.82
C SER A 46 12.15 -2.84 -10.38
N ARG A 47 11.33 -2.74 -11.42
CA ARG A 47 11.03 -1.46 -12.05
C ARG A 47 10.45 -0.48 -11.04
N VAL A 48 9.81 -1.02 -10.00
CA VAL A 48 9.20 -0.20 -8.96
C VAL A 48 10.26 0.39 -8.04
N ALA A 49 11.21 -0.44 -7.63
CA ALA A 49 12.29 0.00 -6.75
C ALA A 49 12.97 1.25 -7.29
N LYS A 50 13.31 1.23 -8.57
CA LYS A 50 13.97 2.35 -9.21
C LYS A 50 12.98 3.50 -9.42
N MET A 51 11.79 3.17 -9.91
CA MET A 51 10.77 4.17 -10.15
C MET A 51 10.52 5.02 -8.91
N LEU A 52 10.41 4.36 -7.75
CA LEU A 52 10.17 5.04 -6.50
C LEU A 52 11.39 5.84 -6.07
N ALA A 53 12.58 5.31 -6.36
CA ALA A 53 13.83 5.97 -6.02
C ALA A 53 13.87 7.38 -6.59
N ASP A 54 13.33 7.55 -7.79
CA ASP A 54 13.31 8.84 -8.45
C ASP A 54 12.25 9.76 -7.83
N GLN A 55 11.15 9.17 -7.39
CA GLN A 55 10.08 9.93 -6.78
C GLN A 55 10.60 10.78 -5.63
N PHE A 56 11.68 10.33 -5.00
CA PHE A 56 12.28 11.05 -3.89
C PHE A 56 12.45 12.53 -4.22
N GLY A 57 12.74 12.81 -5.49
CA GLY A 57 12.93 14.18 -5.92
C GLY A 57 11.73 15.06 -5.59
N THR A 58 10.54 14.51 -5.74
CA THR A 58 9.32 15.24 -5.47
C THR A 58 9.34 15.84 -4.06
N ALA A 59 9.80 15.04 -3.10
CA ALA A 59 9.87 15.49 -1.71
C ALA A 59 10.82 16.68 -1.57
N SER A 60 11.93 16.64 -2.29
CA SER A 60 12.91 17.70 -2.25
C SER A 60 12.27 19.05 -2.54
N ASN A 61 11.22 19.04 -3.35
CA ASN A 61 10.50 20.26 -3.71
C ASN A 61 9.56 20.69 -2.59
N ILE A 62 9.09 19.71 -1.82
CA ILE A 62 8.19 20.00 -0.71
C ILE A 62 8.85 20.88 0.34
N LYS A 63 8.38 22.12 0.44
CA LYS A 63 8.94 23.07 1.41
C LYS A 63 8.87 22.50 2.82
N SER A 64 7.68 22.07 3.23
CA SER A 64 7.48 21.51 4.57
C SER A 64 8.49 20.40 4.84
N ARG A 65 9.46 20.70 5.68
CA ARG A 65 10.50 19.72 6.03
C ARG A 65 9.87 18.43 6.54
N VAL A 66 9.00 18.54 7.54
CA VAL A 66 8.34 17.38 8.11
C VAL A 66 7.67 16.54 7.03
N ASN A 67 7.19 17.19 5.99
CA ASN A 67 6.53 16.51 4.89
C ASN A 67 7.55 15.75 4.04
N ARG A 68 8.53 16.48 3.50
CA ARG A 68 9.56 15.89 2.67
C ARG A 68 10.19 14.67 3.36
N LEU A 69 10.76 14.89 4.54
CA LEU A 69 11.39 13.83 5.30
C LEU A 69 10.45 12.64 5.45
N SER A 70 9.19 12.92 5.79
CA SER A 70 8.19 11.87 5.97
C SER A 70 7.98 11.10 4.68
N VAL A 71 7.92 11.82 3.56
CA VAL A 71 7.72 11.20 2.26
C VAL A 71 8.76 10.12 2.00
N LEU A 72 10.00 10.38 2.40
CA LEU A 72 11.09 9.43 2.22
C LEU A 72 10.86 8.17 3.06
N GLY A 73 10.48 8.37 4.32
CA GLY A 73 10.24 7.25 5.20
C GLY A 73 9.31 6.23 4.60
N ALA A 74 8.21 6.70 4.01
CA ALA A 74 7.24 5.81 3.39
C ALA A 74 7.86 5.04 2.23
N ILE A 75 8.31 5.76 1.21
CA ILE A 75 8.93 5.14 0.04
C ILE A 75 10.05 4.19 0.45
N THR A 76 10.69 4.49 1.58
CA THR A 76 11.78 3.66 2.09
C THR A 76 11.27 2.28 2.51
N SER A 77 10.12 2.28 3.18
CA SER A 77 9.52 1.03 3.64
C SER A 77 9.17 0.11 2.48
N VAL A 78 8.39 0.64 1.53
CA VAL A 78 7.98 -0.12 0.36
C VAL A 78 9.19 -0.65 -0.40
N GLN A 79 10.31 0.08 -0.31
CA GLN A 79 11.53 -0.30 -0.99
C GLN A 79 12.17 -1.52 -0.33
N GLN A 80 12.02 -1.60 0.99
CA GLN A 80 12.59 -2.72 1.73
C GLN A 80 11.91 -4.03 1.36
N ARG A 81 10.59 -4.09 1.53
CA ARG A 81 9.83 -5.28 1.21
C ARG A 81 10.05 -5.69 -0.25
N LEU A 82 10.21 -4.71 -1.12
CA LEU A 82 10.43 -4.97 -2.54
C LEU A 82 11.63 -5.89 -2.73
N LYS A 83 12.78 -5.48 -2.22
CA LYS A 83 14.01 -6.27 -2.34
C LYS A 83 13.90 -7.55 -1.51
N LEU A 84 13.12 -7.49 -0.43
CA LEU A 84 12.94 -8.64 0.44
C LEU A 84 12.61 -9.89 -0.36
N TYR A 85 11.41 -9.92 -0.94
CA TYR A 85 10.97 -11.05 -1.73
C TYR A 85 11.68 -11.08 -3.09
N ASN A 86 11.83 -9.91 -3.69
CA ASN A 86 12.49 -9.80 -4.99
C ASN A 86 11.91 -10.79 -5.98
N LYS A 87 10.59 -10.91 -5.98
CA LYS A 87 9.89 -11.82 -6.89
C LYS A 87 8.50 -11.31 -7.23
N VAL A 88 7.99 -11.71 -8.40
CA VAL A 88 6.68 -11.29 -8.84
C VAL A 88 5.70 -12.46 -8.88
N PRO A 89 5.25 -12.89 -7.69
CA PRO A 89 4.31 -14.01 -7.56
C PRO A 89 2.92 -13.66 -8.09
N PRO A 90 2.07 -14.69 -8.24
CA PRO A 90 0.69 -14.52 -8.73
C PRO A 90 -0.19 -13.80 -7.72
N ASN A 91 0.07 -14.00 -6.44
CA ASN A 91 -0.70 -13.36 -5.39
C ASN A 91 -0.55 -11.85 -5.44
N GLY A 92 0.53 -11.39 -6.07
CA GLY A 92 0.78 -9.97 -6.18
C GLY A 92 1.31 -9.37 -4.89
N LEU A 93 2.06 -8.28 -5.01
CA LEU A 93 2.64 -7.61 -3.85
C LEU A 93 2.18 -6.16 -3.76
N VAL A 94 1.61 -5.79 -2.62
CA VAL A 94 1.12 -4.43 -2.41
C VAL A 94 1.69 -3.84 -1.13
N VAL A 95 1.92 -2.53 -1.14
CA VAL A 95 2.47 -1.84 0.02
C VAL A 95 1.46 -0.85 0.60
N TYR A 96 1.50 -0.67 1.91
CA TYR A 96 0.59 0.24 2.59
C TYR A 96 1.31 1.01 3.70
N CYS A 97 1.68 2.25 3.41
CA CYS A 97 2.37 3.09 4.38
C CYS A 97 1.90 4.54 4.28
N GLY A 98 1.25 5.01 5.34
CA GLY A 98 0.76 6.38 5.35
C GLY A 98 0.77 6.99 6.74
N THR A 99 1.04 8.29 6.80
CA THR A 99 1.07 9.00 8.09
C THR A 99 -0.26 9.67 8.38
N ILE A 100 -0.85 9.31 9.52
CA ILE A 100 -2.13 9.88 9.92
C ILE A 100 -2.05 10.48 11.33
N VAL A 101 -2.43 11.74 11.45
CA VAL A 101 -2.41 12.42 12.74
C VAL A 101 -3.60 12.02 13.61
N THR A 102 -3.30 11.59 14.83
CA THR A 102 -4.35 11.16 15.76
C THR A 102 -5.03 12.36 16.42
N GLU A 103 -5.91 12.09 17.37
CA GLU A 103 -6.62 13.15 18.07
C GLU A 103 -5.65 14.18 18.63
N GLU A 104 -4.64 13.70 19.35
CA GLU A 104 -3.64 14.58 19.95
C GLU A 104 -2.88 15.34 18.87
N GLY A 105 -2.89 14.81 17.65
CA GLY A 105 -2.19 15.45 16.55
C GLY A 105 -0.86 14.79 16.24
N LYS A 106 -0.76 13.51 16.56
CA LYS A 106 0.47 12.76 16.32
C LYS A 106 0.33 11.87 15.08
N GLU A 107 1.21 12.08 14.10
CA GLU A 107 1.19 11.30 12.88
C GLU A 107 1.55 9.84 13.14
N LYS A 108 0.90 8.93 12.44
CA LYS A 108 1.16 7.50 12.60
C LYS A 108 1.43 6.84 11.25
N LYS A 109 2.67 6.41 11.04
CA LYS A 109 3.05 5.75 9.80
C LYS A 109 2.92 4.24 9.91
N VAL A 110 1.93 3.68 9.21
CA VAL A 110 1.70 2.24 9.23
C VAL A 110 2.57 1.53 8.21
N ASN A 111 3.75 1.10 8.64
CA ASN A 111 4.68 0.41 7.75
C ASN A 111 4.31 -1.07 7.63
N ILE A 112 3.57 -1.41 6.58
CA ILE A 112 3.16 -2.79 6.36
C ILE A 112 3.25 -3.15 4.88
N ASP A 113 3.72 -4.36 4.59
CA ASP A 113 3.84 -4.83 3.22
C ASP A 113 3.81 -6.36 3.17
N PHE A 114 3.22 -6.89 2.10
CA PHE A 114 3.11 -8.34 1.93
C PHE A 114 2.42 -8.68 0.61
N GLU A 115 2.42 -9.96 0.27
CA GLU A 115 1.80 -10.43 -0.96
C GLU A 115 0.48 -11.15 -0.67
N PRO A 116 -0.62 -10.38 -0.62
CA PRO A 116 -1.95 -10.93 -0.36
C PRO A 116 -2.47 -11.78 -1.50
N PHE A 117 -3.67 -12.32 -1.34
CA PHE A 117 -4.30 -13.15 -2.37
C PHE A 117 -5.31 -12.36 -3.18
N LYS A 118 -5.04 -11.06 -3.35
CA LYS A 118 -5.93 -10.20 -4.11
C LYS A 118 -5.22 -9.64 -5.34
N PRO A 119 -5.04 -10.50 -6.36
CA PRO A 119 -4.38 -10.12 -7.61
C PRO A 119 -5.23 -9.17 -8.44
N ILE A 120 -4.56 -8.31 -9.22
CA ILE A 120 -5.27 -7.35 -10.07
C ILE A 120 -4.80 -7.45 -11.51
N ASN A 121 -5.39 -6.65 -12.37
CA ASN A 121 -5.03 -6.65 -13.79
C ASN A 121 -4.34 -5.34 -14.18
N THR A 122 -3.78 -4.65 -13.18
CA THR A 122 -3.09 -3.39 -13.41
C THR A 122 -2.43 -2.89 -12.14
N SER A 123 -1.53 -1.93 -12.29
CA SER A 123 -0.82 -1.36 -11.15
C SER A 123 -1.53 -0.12 -10.63
N LEU A 124 -1.47 0.09 -9.32
CA LEU A 124 -2.11 1.23 -8.69
C LEU A 124 -1.10 2.05 -7.88
N TYR A 125 -1.14 3.36 -8.04
CA TYR A 125 -0.23 4.24 -7.32
C TYR A 125 -0.89 5.59 -7.02
N LEU A 126 -1.21 5.82 -5.76
CA LEU A 126 -1.84 7.07 -5.34
C LEU A 126 -1.09 7.69 -4.17
N CYS A 127 -0.81 8.99 -4.29
CA CYS A 127 -0.10 9.71 -3.23
C CYS A 127 -0.68 11.11 -3.05
N ASP A 128 -1.45 11.30 -1.98
CA ASP A 128 -2.06 12.59 -1.69
C ASP A 128 -2.51 12.66 -0.24
N ASN A 129 -1.59 12.38 0.67
CA ASN A 129 -1.89 12.41 2.09
C ASN A 129 -3.25 11.80 2.38
N LYS A 130 -3.56 10.71 1.69
CA LYS A 130 -4.84 10.03 1.86
C LYS A 130 -4.84 8.68 1.15
N PHE A 131 -5.20 7.63 1.88
CA PHE A 131 -5.24 6.29 1.31
C PHE A 131 -6.32 6.19 0.22
N HIS A 132 -6.27 5.10 -0.55
CA HIS A 132 -7.24 4.89 -1.62
C HIS A 132 -6.96 3.57 -2.34
N THR A 133 -7.99 2.74 -2.45
CA THR A 133 -7.85 1.45 -3.12
C THR A 133 -9.05 1.17 -4.02
N GLU A 134 -8.95 1.59 -5.28
CA GLU A 134 -10.03 1.38 -6.24
C GLU A 134 -10.03 -0.06 -6.75
N ALA A 135 -8.85 -0.59 -7.04
CA ALA A 135 -8.71 -1.95 -7.54
C ALA A 135 -9.49 -2.92 -6.65
N LEU A 136 -9.23 -2.87 -5.35
CA LEU A 136 -9.90 -3.75 -4.41
C LEU A 136 -11.39 -3.44 -4.32
N THR A 137 -11.71 -2.15 -4.19
CA THR A 137 -13.10 -1.72 -4.09
C THR A 137 -13.93 -2.28 -5.24
N ALA A 138 -13.46 -2.09 -6.47
CA ALA A 138 -14.14 -2.58 -7.65
C ALA A 138 -14.03 -4.10 -7.76
N LEU A 139 -12.87 -4.62 -7.37
CA LEU A 139 -12.62 -6.06 -7.43
C LEU A 139 -13.75 -6.83 -6.74
N LEU A 140 -14.07 -6.44 -5.52
CA LEU A 140 -15.13 -7.09 -4.75
C LEU A 140 -16.49 -6.76 -5.33
N SER A 141 -16.69 -5.50 -5.71
CA SER A 141 -17.96 -5.05 -6.27
C SER A 141 -18.37 -5.95 -7.43
N ASP A 142 -17.50 -6.05 -8.44
CA ASP A 142 -17.79 -6.86 -9.62
C ASP A 142 -16.49 -7.25 -10.32
N MET A 1 -13.54 -31.44 11.70
CA MET A 1 -13.80 -31.72 10.29
C MET A 1 -12.94 -30.83 9.39
N ALA A 2 -12.81 -31.22 8.12
CA ALA A 2 -12.04 -30.45 7.17
C ALA A 2 -12.31 -30.92 5.74
N ASP A 3 -13.57 -31.24 5.46
CA ASP A 3 -13.96 -31.69 4.13
C ASP A 3 -13.98 -30.53 3.14
N ASP A 4 -14.48 -29.38 3.59
CA ASP A 4 -14.56 -28.19 2.75
C ASP A 4 -13.84 -27.02 3.40
N PRO A 5 -12.50 -27.07 3.41
CA PRO A 5 -11.68 -26.01 4.00
C PRO A 5 -11.72 -24.72 3.18
N SER A 6 -11.84 -24.86 1.87
CA SER A 6 -11.89 -23.70 0.97
C SER A 6 -12.97 -22.73 1.42
N ALA A 7 -14.08 -23.27 1.91
CA ALA A 7 -15.21 -22.45 2.35
C ALA A 7 -14.74 -21.39 3.34
N ALA A 8 -14.19 -21.83 4.47
CA ALA A 8 -13.70 -20.92 5.50
C ALA A 8 -12.70 -19.93 4.92
N ASP A 9 -11.73 -20.45 4.18
CA ASP A 9 -10.69 -19.61 3.57
C ASP A 9 -11.33 -18.48 2.76
N ARG A 10 -12.49 -18.76 2.18
CA ARG A 10 -13.20 -17.76 1.39
C ARG A 10 -13.73 -16.63 2.27
N ASN A 11 -14.50 -17.00 3.29
CA ASN A 11 -15.07 -16.02 4.20
C ASN A 11 -13.98 -15.19 4.88
N VAL A 12 -12.90 -15.87 5.28
CA VAL A 12 -11.79 -15.21 5.94
C VAL A 12 -11.02 -14.33 4.96
N GLU A 13 -10.93 -14.78 3.72
CA GLU A 13 -10.22 -14.03 2.69
C GLU A 13 -10.84 -12.65 2.49
N ILE A 14 -12.14 -12.62 2.23
CA ILE A 14 -12.85 -11.36 2.03
C ILE A 14 -12.87 -10.53 3.31
N TRP A 15 -13.30 -11.15 4.40
CA TRP A 15 -13.36 -10.48 5.70
C TRP A 15 -12.02 -9.86 6.05
N LYS A 16 -10.95 -10.59 5.79
CA LYS A 16 -9.60 -10.12 6.09
C LYS A 16 -9.34 -8.78 5.41
N ILE A 17 -9.39 -8.77 4.08
CA ILE A 17 -9.16 -7.55 3.31
C ILE A 17 -10.19 -6.49 3.64
N LYS A 18 -11.42 -6.91 3.92
CA LYS A 18 -12.50 -6.00 4.25
C LYS A 18 -12.07 -5.06 5.38
N LYS A 19 -11.41 -5.60 6.38
CA LYS A 19 -10.95 -4.82 7.52
C LYS A 19 -9.77 -3.93 7.13
N LEU A 20 -8.79 -4.52 6.44
CA LEU A 20 -7.62 -3.78 6.00
C LEU A 20 -8.01 -2.52 5.24
N ILE A 21 -8.81 -2.70 4.19
CA ILE A 21 -9.26 -1.58 3.38
C ILE A 21 -9.96 -0.52 4.24
N LYS A 22 -10.96 -0.94 4.99
CA LYS A 22 -11.70 -0.04 5.87
C LYS A 22 -10.75 0.77 6.75
N SER A 23 -9.78 0.08 7.34
CA SER A 23 -8.80 0.74 8.20
C SER A 23 -8.11 1.89 7.47
N LEU A 24 -7.56 1.59 6.30
CA LEU A 24 -6.87 2.60 5.51
C LEU A 24 -7.82 3.73 5.12
N GLU A 25 -9.01 3.35 4.66
CA GLU A 25 -10.02 4.33 4.25
C GLU A 25 -10.22 5.38 5.34
N ALA A 26 -10.06 4.98 6.59
CA ALA A 26 -10.23 5.88 7.72
C ALA A 26 -8.89 6.48 8.14
N ALA A 27 -7.82 5.73 7.92
CA ALA A 27 -6.48 6.19 8.28
C ALA A 27 -6.18 7.54 7.62
N ARG A 28 -5.87 8.54 8.45
CA ARG A 28 -5.56 9.87 7.96
C ARG A 28 -4.33 10.44 8.67
N GLY A 29 -3.74 11.47 8.08
CA GLY A 29 -2.56 12.09 8.66
C GLY A 29 -2.49 13.58 8.39
N ASN A 30 -1.42 14.22 8.84
CA ASN A 30 -1.23 15.65 8.65
C ASN A 30 -0.02 15.93 7.76
N GLY A 31 -0.26 16.00 6.45
CA GLY A 31 0.82 16.27 5.52
C GLY A 31 1.04 15.13 4.54
N THR A 32 1.66 15.43 3.41
CA THR A 32 1.91 14.42 2.38
C THR A 32 2.85 13.35 2.90
N SER A 33 2.28 12.29 3.46
CA SER A 33 3.07 11.18 3.99
C SER A 33 2.25 9.89 4.02
N MET A 34 1.41 9.72 3.01
CA MET A 34 0.58 8.52 2.90
C MET A 34 0.67 7.92 1.51
N ILE A 35 1.63 7.02 1.33
CA ILE A 35 1.82 6.37 0.03
C ILE A 35 1.06 5.04 -0.02
N SER A 36 0.36 4.82 -1.12
CA SER A 36 -0.41 3.59 -1.31
C SER A 36 -0.42 3.18 -2.77
N LEU A 37 0.17 2.01 -3.05
CA LEU A 37 0.23 1.50 -4.42
C LEU A 37 0.07 -0.02 -4.43
N ILE A 38 -0.53 -0.53 -5.49
CA ILE A 38 -0.74 -1.97 -5.64
C ILE A 38 -0.10 -2.50 -6.92
N ILE A 39 0.82 -3.44 -6.76
CA ILE A 39 1.51 -4.03 -7.91
C ILE A 39 0.72 -5.20 -8.47
N PRO A 40 0.51 -5.19 -9.80
CA PRO A 40 -0.24 -6.23 -10.50
C PRO A 40 0.53 -7.55 -10.54
N PRO A 41 -0.18 -8.63 -10.91
CA PRO A 41 0.42 -9.97 -11.01
C PRO A 41 1.40 -10.10 -12.16
N LYS A 42 2.45 -10.89 -11.96
CA LYS A 42 3.46 -11.09 -12.99
C LYS A 42 4.21 -9.79 -13.28
N ASP A 43 4.51 -9.05 -12.23
CA ASP A 43 5.23 -7.79 -12.38
C ASP A 43 6.74 -8.01 -12.32
N GLN A 44 7.49 -6.92 -12.36
CA GLN A 44 8.94 -6.98 -12.31
C GLN A 44 9.49 -6.26 -11.09
N ILE A 45 9.99 -7.03 -10.13
CA ILE A 45 10.55 -6.46 -8.90
C ILE A 45 11.54 -5.35 -9.22
N SER A 46 12.49 -5.64 -10.12
CA SER A 46 13.49 -4.67 -10.49
C SER A 46 12.85 -3.39 -11.01
N ARG A 47 11.71 -3.53 -11.67
CA ARG A 47 10.99 -2.38 -12.21
C ARG A 47 10.41 -1.52 -11.09
N VAL A 48 9.93 -2.17 -10.04
CA VAL A 48 9.36 -1.47 -8.90
C VAL A 48 10.43 -0.68 -8.14
N ALA A 49 11.59 -1.31 -7.96
CA ALA A 49 12.70 -0.67 -7.25
C ALA A 49 13.08 0.65 -7.90
N LYS A 50 13.40 0.59 -9.19
CA LYS A 50 13.79 1.79 -9.93
C LYS A 50 12.65 2.80 -9.96
N MET A 51 11.43 2.31 -10.19
CA MET A 51 10.26 3.17 -10.25
C MET A 51 10.20 4.08 -9.02
N LEU A 52 10.14 3.47 -7.84
CA LEU A 52 10.07 4.22 -6.59
C LEU A 52 11.24 5.19 -6.47
N ALA A 53 12.40 4.78 -6.99
CA ALA A 53 13.59 5.61 -6.95
C ALA A 53 13.35 6.96 -7.61
N ASP A 54 12.60 6.94 -8.71
CA ASP A 54 12.28 8.17 -9.44
C ASP A 54 11.23 8.99 -8.70
N GLN A 55 10.31 8.29 -8.04
CA GLN A 55 9.24 8.96 -7.29
C GLN A 55 9.82 10.02 -6.35
N PHE A 56 11.03 9.76 -5.86
CA PHE A 56 11.69 10.69 -4.95
C PHE A 56 11.64 12.12 -5.48
N GLY A 57 11.84 12.26 -6.80
CA GLY A 57 11.82 13.57 -7.41
C GLY A 57 10.57 14.35 -7.07
N THR A 58 9.42 13.71 -7.20
CA THR A 58 8.14 14.34 -6.90
C THR A 58 8.13 14.94 -5.50
N ALA A 59 8.59 14.16 -4.52
CA ALA A 59 8.64 14.61 -3.15
C ALA A 59 9.60 15.79 -2.98
N SER A 60 10.76 15.69 -3.64
CA SER A 60 11.76 16.75 -3.57
C SER A 60 11.20 18.07 -4.09
N ASN A 61 10.15 17.98 -4.90
CA ASN A 61 9.52 19.17 -5.46
C ASN A 61 8.33 19.61 -4.61
N ILE A 62 8.42 19.38 -3.31
CA ILE A 62 7.35 19.74 -2.39
C ILE A 62 7.69 21.01 -1.62
N LYS A 63 6.71 21.88 -1.43
CA LYS A 63 6.90 23.12 -0.70
C LYS A 63 7.33 22.85 0.74
N SER A 64 6.47 22.18 1.49
CA SER A 64 6.75 21.85 2.88
C SER A 64 7.74 20.69 2.98
N ARG A 65 8.95 20.99 3.45
CA ARG A 65 9.98 19.97 3.59
C ARG A 65 9.48 18.80 4.45
N VAL A 66 8.72 19.13 5.49
CA VAL A 66 8.18 18.11 6.37
C VAL A 66 7.47 17.02 5.60
N ASN A 67 6.67 17.41 4.61
CA ASN A 67 5.93 16.45 3.80
C ASN A 67 6.89 15.68 2.89
N ARG A 68 7.92 16.36 2.40
CA ARG A 68 8.90 15.74 1.52
C ARG A 68 9.65 14.62 2.24
N LEU A 69 10.24 14.95 3.37
CA LEU A 69 11.00 13.98 4.16
C LEU A 69 10.16 12.72 4.41
N SER A 70 8.93 12.92 4.89
CA SER A 70 8.04 11.80 5.18
C SER A 70 7.92 10.89 3.96
N VAL A 71 7.78 11.49 2.79
CA VAL A 71 7.66 10.73 1.56
C VAL A 71 8.87 9.83 1.34
N LEU A 72 10.04 10.31 1.72
CA LEU A 72 11.28 9.54 1.57
C LEU A 72 11.23 8.27 2.41
N GLY A 73 10.78 8.40 3.66
CA GLY A 73 10.70 7.26 4.54
C GLY A 73 9.86 6.14 3.96
N ALA A 74 8.65 6.48 3.52
CA ALA A 74 7.75 5.49 2.93
C ALA A 74 8.44 4.71 1.82
N ILE A 75 8.88 5.42 0.79
CA ILE A 75 9.55 4.81 -0.33
C ILE A 75 10.63 3.84 0.13
N THR A 76 11.28 4.17 1.25
CA THR A 76 12.33 3.33 1.81
C THR A 76 11.78 1.97 2.23
N SER A 77 10.63 1.99 2.89
CA SER A 77 9.99 0.75 3.35
C SER A 77 9.70 -0.18 2.18
N VAL A 78 8.88 0.28 1.25
CA VAL A 78 8.51 -0.51 0.08
C VAL A 78 9.75 -1.02 -0.63
N GLN A 79 10.75 -0.16 -0.79
CA GLN A 79 12.00 -0.53 -1.46
C GLN A 79 12.57 -1.81 -0.87
N GLN A 80 12.55 -1.90 0.46
CA GLN A 80 13.08 -3.08 1.14
C GLN A 80 12.24 -4.31 0.83
N ARG A 81 10.93 -4.11 0.66
CA ARG A 81 10.02 -5.19 0.36
C ARG A 81 10.32 -5.80 -1.00
N LEU A 82 10.47 -4.95 -2.00
CA LEU A 82 10.77 -5.40 -3.36
C LEU A 82 12.01 -6.26 -3.39
N LYS A 83 13.09 -5.77 -2.77
CA LYS A 83 14.35 -6.51 -2.72
C LYS A 83 14.23 -7.71 -1.80
N LEU A 84 13.42 -7.59 -0.75
CA LEU A 84 13.22 -8.67 0.20
C LEU A 84 12.92 -9.98 -0.52
N TYR A 85 11.75 -10.04 -1.15
CA TYR A 85 11.33 -11.23 -1.88
C TYR A 85 12.15 -11.41 -3.15
N ASN A 86 12.42 -10.30 -3.84
CA ASN A 86 13.19 -10.33 -5.07
C ASN A 86 12.62 -11.36 -6.04
N LYS A 87 11.32 -11.63 -5.93
CA LYS A 87 10.65 -12.59 -6.80
C LYS A 87 9.26 -12.09 -7.19
N VAL A 88 8.94 -12.22 -8.47
CA VAL A 88 7.64 -11.78 -8.98
C VAL A 88 6.51 -12.49 -8.24
N PRO A 89 5.60 -11.70 -7.65
CA PRO A 89 4.45 -12.23 -6.90
C PRO A 89 3.42 -12.87 -7.82
N PRO A 90 2.65 -13.81 -7.27
CA PRO A 90 1.61 -14.53 -8.01
C PRO A 90 0.43 -13.64 -8.38
N ASN A 91 -0.11 -12.95 -7.37
CA ASN A 91 -1.25 -12.06 -7.60
C ASN A 91 -0.85 -10.61 -7.37
N GLY A 92 0.45 -10.33 -7.52
CA GLY A 92 0.94 -8.98 -7.34
C GLY A 92 1.38 -8.71 -5.92
N LEU A 93 1.86 -7.49 -5.67
CA LEU A 93 2.33 -7.12 -4.34
C LEU A 93 1.68 -5.82 -3.87
N VAL A 94 1.07 -5.87 -2.69
CA VAL A 94 0.40 -4.70 -2.13
C VAL A 94 1.22 -4.08 -1.01
N VAL A 95 1.36 -2.75 -1.05
CA VAL A 95 2.13 -2.03 -0.03
C VAL A 95 1.37 -0.82 0.46
N TYR A 96 1.33 -0.64 1.78
CA TYR A 96 0.64 0.49 2.38
C TYR A 96 1.41 1.02 3.60
N CYS A 97 1.89 2.25 3.48
CA CYS A 97 2.64 2.87 4.57
C CYS A 97 2.40 4.38 4.60
N GLY A 98 1.77 4.84 5.69
CA GLY A 98 1.49 6.27 5.82
C GLY A 98 1.52 6.72 7.26
N THR A 99 1.94 7.96 7.48
CA THR A 99 2.03 8.53 8.82
C THR A 99 0.65 8.88 9.35
N ILE A 100 0.18 8.11 10.32
CA ILE A 100 -1.14 8.34 10.92
C ILE A 100 -1.04 9.29 12.11
N VAL A 101 -1.91 10.30 12.14
CA VAL A 101 -1.92 11.26 13.22
C VAL A 101 -3.13 11.06 14.14
N THR A 102 -2.87 11.00 15.44
CA THR A 102 -3.93 10.80 16.42
C THR A 102 -4.46 12.13 16.94
N GLU A 103 -5.28 12.08 17.98
CA GLU A 103 -5.85 13.29 18.57
C GLU A 103 -4.76 14.18 19.17
N GLU A 104 -3.76 13.54 19.78
CA GLU A 104 -2.66 14.27 20.40
C GLU A 104 -1.64 14.69 19.35
N GLY A 105 -1.65 14.01 18.20
CA GLY A 105 -0.72 14.34 17.13
C GLY A 105 0.39 13.31 17.01
N LYS A 106 0.13 12.10 17.49
CA LYS A 106 1.12 11.03 17.42
C LYS A 106 1.25 10.49 16.01
N GLU A 107 2.48 10.51 15.48
CA GLU A 107 2.74 10.02 14.14
C GLU A 107 3.19 8.57 14.16
N LYS A 108 2.58 7.75 13.31
CA LYS A 108 2.91 6.33 13.23
C LYS A 108 2.74 5.81 11.81
N LYS A 109 3.84 5.39 11.20
CA LYS A 109 3.82 4.86 9.84
C LYS A 109 3.49 3.37 9.84
N VAL A 110 2.35 3.02 9.25
CA VAL A 110 1.92 1.63 9.19
C VAL A 110 2.70 0.87 8.12
N ASN A 111 3.82 0.27 8.51
CA ASN A 111 4.65 -0.48 7.58
C ASN A 111 4.03 -1.83 7.28
N ILE A 112 3.31 -1.91 6.17
CA ILE A 112 2.66 -3.16 5.76
C ILE A 112 2.86 -3.42 4.27
N ASP A 113 3.52 -4.53 3.96
CA ASP A 113 3.78 -4.90 2.56
C ASP A 113 3.89 -6.41 2.42
N PHE A 114 3.38 -6.92 1.30
CA PHE A 114 3.42 -8.36 1.04
C PHE A 114 2.76 -8.69 -0.30
N GLU A 115 2.79 -9.96 -0.68
CA GLU A 115 2.20 -10.40 -1.93
C GLU A 115 0.89 -11.17 -1.68
N PRO A 116 -0.22 -10.42 -1.59
CA PRO A 116 -1.54 -11.00 -1.36
C PRO A 116 -2.05 -11.79 -2.56
N PHE A 117 -3.27 -12.32 -2.43
CA PHE A 117 -3.87 -13.10 -3.52
C PHE A 117 -4.94 -12.28 -4.24
N LYS A 118 -4.67 -10.99 -4.41
CA LYS A 118 -5.60 -10.11 -5.09
C LYS A 118 -4.96 -9.47 -6.32
N PRO A 119 -5.00 -10.19 -7.45
CA PRO A 119 -4.43 -9.71 -8.71
C PRO A 119 -5.22 -8.55 -9.31
N ILE A 120 -4.52 -7.48 -9.65
CA ILE A 120 -5.15 -6.30 -10.23
C ILE A 120 -4.95 -6.26 -11.74
N ASN A 121 -5.71 -5.39 -12.40
CA ASN A 121 -5.60 -5.24 -13.85
C ASN A 121 -4.58 -4.17 -14.22
N THR A 122 -4.10 -3.45 -13.22
CA THR A 122 -3.12 -2.39 -13.43
C THR A 122 -2.45 -1.97 -12.13
N SER A 123 -1.33 -1.29 -12.24
CA SER A 123 -0.58 -0.83 -11.07
C SER A 123 -1.07 0.55 -10.62
N LEU A 124 -1.62 0.61 -9.41
CA LEU A 124 -2.12 1.86 -8.86
C LEU A 124 -1.07 2.54 -7.98
N TYR A 125 -0.94 3.85 -8.12
CA TYR A 125 0.03 4.61 -7.34
C TYR A 125 -0.46 6.04 -7.10
N LEU A 126 -0.84 6.32 -5.86
CA LEU A 126 -1.33 7.65 -5.49
C LEU A 126 -0.95 8.00 -4.06
N CYS A 127 -0.62 9.26 -3.83
CA CYS A 127 -0.23 9.72 -2.51
C CYS A 127 -0.79 11.11 -2.22
N ASP A 128 -1.74 11.20 -1.29
CA ASP A 128 -2.35 12.48 -0.94
C ASP A 128 -2.66 12.53 0.55
N ASN A 129 -1.62 12.37 1.37
CA ASN A 129 -1.77 12.40 2.82
C ASN A 129 -3.04 11.65 3.25
N LYS A 130 -3.32 10.55 2.57
CA LYS A 130 -4.49 9.74 2.88
C LYS A 130 -4.51 8.46 2.05
N PHE A 131 -4.80 7.34 2.71
CA PHE A 131 -4.85 6.05 2.04
C PHE A 131 -6.07 5.96 1.12
N HIS A 132 -6.09 4.94 0.28
CA HIS A 132 -7.19 4.74 -0.65
C HIS A 132 -7.03 3.42 -1.41
N THR A 133 -8.16 2.85 -1.85
CA THR A 133 -8.15 1.60 -2.58
C THR A 133 -9.11 1.64 -3.77
N GLU A 134 -8.61 2.07 -4.92
CA GLU A 134 -9.42 2.16 -6.12
C GLU A 134 -9.62 0.79 -6.75
N ALA A 135 -8.52 0.09 -6.99
CA ALA A 135 -8.58 -1.24 -7.59
C ALA A 135 -9.50 -2.16 -6.79
N LEU A 136 -9.28 -2.22 -5.48
CA LEU A 136 -10.09 -3.06 -4.61
C LEU A 136 -11.56 -2.68 -4.70
N THR A 137 -11.85 -1.40 -4.51
CA THR A 137 -13.21 -0.90 -4.57
C THR A 137 -13.86 -1.22 -5.91
N ALA A 138 -13.30 -0.68 -6.98
CA ALA A 138 -13.81 -0.91 -8.32
C ALA A 138 -13.97 -2.40 -8.59
N LEU A 139 -12.99 -3.19 -8.15
CA LEU A 139 -13.02 -4.63 -8.35
C LEU A 139 -14.34 -5.21 -7.88
N LEU A 140 -14.60 -5.11 -6.58
CA LEU A 140 -15.83 -5.63 -6.01
C LEU A 140 -17.05 -5.04 -6.69
N SER A 141 -16.96 -3.77 -7.06
CA SER A 141 -18.05 -3.07 -7.73
C SER A 141 -18.44 -3.78 -9.03
N ASP A 142 -17.49 -3.83 -9.96
CA ASP A 142 -17.72 -4.48 -11.25
C ASP A 142 -16.44 -4.52 -12.08
N MET A 1 -10.44 -33.67 -0.04
CA MET A 1 -11.40 -32.59 -0.15
C MET A 1 -11.63 -31.91 1.20
N ALA A 2 -12.10 -30.67 1.17
CA ALA A 2 -12.36 -29.92 2.39
C ALA A 2 -13.51 -28.94 2.20
N ASP A 3 -14.57 -29.13 2.98
CA ASP A 3 -15.75 -28.27 2.89
C ASP A 3 -16.02 -27.59 4.24
N ASP A 4 -15.85 -28.35 5.32
CA ASP A 4 -16.09 -27.84 6.65
C ASP A 4 -15.15 -26.67 6.96
N PRO A 5 -13.83 -26.93 6.91
CA PRO A 5 -12.81 -25.92 7.17
C PRO A 5 -12.74 -24.87 6.07
N SER A 6 -12.91 -25.31 4.83
CA SER A 6 -12.85 -24.42 3.68
C SER A 6 -13.86 -23.28 3.82
N ALA A 7 -15.06 -23.64 4.29
CA ALA A 7 -16.12 -22.65 4.47
C ALA A 7 -15.68 -21.54 5.42
N ALA A 8 -15.31 -21.93 6.64
CA ALA A 8 -14.87 -20.96 7.64
C ALA A 8 -13.73 -20.11 7.11
N ASP A 9 -12.67 -20.75 6.65
CA ASP A 9 -11.50 -20.06 6.11
C ASP A 9 -11.92 -19.03 5.06
N ARG A 10 -12.96 -19.38 4.30
CA ARG A 10 -13.46 -18.48 3.25
C ARG A 10 -13.92 -17.15 3.85
N ASN A 11 -14.91 -17.22 4.73
CA ASN A 11 -15.45 -16.02 5.37
C ASN A 11 -14.34 -15.26 6.10
N VAL A 12 -13.45 -15.99 6.75
CA VAL A 12 -12.35 -15.39 7.49
C VAL A 12 -11.57 -14.41 6.62
N GLU A 13 -11.34 -14.80 5.36
CA GLU A 13 -10.61 -13.95 4.43
C GLU A 13 -11.46 -12.75 4.00
N ILE A 14 -12.76 -12.97 3.87
CA ILE A 14 -13.68 -11.91 3.47
C ILE A 14 -13.51 -10.68 4.36
N TRP A 15 -13.84 -10.84 5.63
CA TRP A 15 -13.72 -9.74 6.59
C TRP A 15 -12.28 -9.28 6.71
N LYS A 16 -11.35 -10.22 6.58
CA LYS A 16 -9.93 -9.91 6.68
C LYS A 16 -9.53 -8.81 5.70
N ILE A 17 -9.70 -9.09 4.41
CA ILE A 17 -9.37 -8.12 3.37
C ILE A 17 -10.24 -6.87 3.48
N LYS A 18 -11.48 -7.06 3.91
CA LYS A 18 -12.42 -5.96 4.07
C LYS A 18 -11.94 -4.99 5.14
N LYS A 19 -11.38 -5.53 6.22
CA LYS A 19 -10.89 -4.72 7.31
C LYS A 19 -9.68 -3.89 6.87
N LEU A 20 -8.83 -4.49 6.06
CA LEU A 20 -7.64 -3.80 5.57
C LEU A 20 -8.02 -2.59 4.72
N ILE A 21 -8.99 -2.77 3.84
CA ILE A 21 -9.46 -1.69 2.98
C ILE A 21 -10.03 -0.54 3.79
N LYS A 22 -10.76 -0.88 4.85
CA LYS A 22 -11.37 0.12 5.72
C LYS A 22 -10.31 0.90 6.48
N SER A 23 -9.26 0.20 6.92
CA SER A 23 -8.18 0.82 7.66
C SER A 23 -7.55 1.95 6.85
N LEU A 24 -7.11 1.64 5.64
CA LEU A 24 -6.49 2.62 4.76
C LEU A 24 -7.38 3.84 4.58
N GLU A 25 -8.64 3.60 4.20
CA GLU A 25 -9.60 4.68 4.01
C GLU A 25 -9.78 5.49 5.28
N ALA A 26 -9.64 4.82 6.43
CA ALA A 26 -9.80 5.47 7.73
C ALA A 26 -8.55 6.28 8.07
N ALA A 27 -7.40 5.81 7.61
CA ALA A 27 -6.14 6.50 7.87
C ALA A 27 -6.07 7.82 7.13
N ARG A 28 -5.81 8.90 7.86
CA ARG A 28 -5.71 10.22 7.26
C ARG A 28 -4.52 10.99 7.82
N GLY A 29 -3.63 11.41 6.93
CA GLY A 29 -2.45 12.16 7.36
C GLY A 29 -2.57 13.65 7.08
N ASN A 30 -1.54 14.40 7.46
CA ASN A 30 -1.53 15.84 7.25
C ASN A 30 -1.10 16.19 5.83
N GLY A 31 0.21 16.08 5.59
CA GLY A 31 0.74 16.40 4.26
C GLY A 31 0.97 15.15 3.43
N THR A 32 1.24 15.35 2.15
CA THR A 32 1.49 14.22 1.24
C THR A 32 2.67 13.39 1.72
N SER A 33 2.37 12.33 2.46
CA SER A 33 3.40 11.44 2.99
C SER A 33 3.07 9.98 2.67
N MET A 34 1.79 9.65 2.73
CA MET A 34 1.34 8.29 2.45
C MET A 34 1.69 7.88 1.02
N ILE A 35 2.04 6.62 0.84
CA ILE A 35 2.39 6.10 -0.47
C ILE A 35 1.73 4.75 -0.73
N SER A 36 0.75 4.75 -1.64
CA SER A 36 0.03 3.53 -1.98
C SER A 36 0.42 3.04 -3.37
N LEU A 37 1.09 1.90 -3.42
CA LEU A 37 1.52 1.32 -4.70
C LEU A 37 0.93 -0.07 -4.89
N ILE A 38 0.45 -0.35 -6.09
CA ILE A 38 -0.14 -1.64 -6.41
C ILE A 38 0.58 -2.29 -7.60
N ILE A 39 1.21 -3.42 -7.35
CA ILE A 39 1.93 -4.14 -8.40
C ILE A 39 1.13 -5.36 -8.85
N PRO A 40 0.39 -5.21 -9.95
CA PRO A 40 -0.43 -6.28 -10.52
C PRO A 40 0.42 -7.39 -11.15
N PRO A 41 -0.22 -8.52 -11.47
CA PRO A 41 0.47 -9.67 -12.07
C PRO A 41 0.90 -9.40 -13.51
N LYS A 42 1.67 -8.32 -13.69
CA LYS A 42 2.15 -7.95 -15.02
C LYS A 42 3.44 -7.14 -14.91
N ASP A 43 3.49 -6.23 -13.94
CA ASP A 43 4.67 -5.40 -13.73
C ASP A 43 5.84 -6.22 -13.19
N GLN A 44 7.04 -5.71 -13.37
CA GLN A 44 8.25 -6.40 -12.90
C GLN A 44 8.76 -5.77 -11.61
N ILE A 45 9.10 -6.62 -10.64
CA ILE A 45 9.61 -6.14 -9.36
C ILE A 45 10.77 -5.17 -9.55
N SER A 46 11.79 -5.61 -10.28
CA SER A 46 12.96 -4.78 -10.54
C SER A 46 12.55 -3.47 -11.22
N ARG A 47 11.53 -3.53 -12.05
CA ARG A 47 11.04 -2.35 -12.75
C ARG A 47 10.48 -1.32 -11.77
N VAL A 48 9.78 -1.80 -10.75
CA VAL A 48 9.20 -0.91 -9.74
C VAL A 48 10.27 -0.43 -8.76
N ALA A 49 11.23 -1.30 -8.45
CA ALA A 49 12.30 -0.96 -7.53
C ALA A 49 12.99 0.33 -7.94
N LYS A 50 13.44 0.39 -9.19
CA LYS A 50 14.11 1.58 -9.71
C LYS A 50 13.14 2.74 -9.85
N MET A 51 11.94 2.45 -10.35
CA MET A 51 10.93 3.47 -10.53
C MET A 51 10.72 4.27 -9.25
N LEU A 52 10.48 3.57 -8.15
CA LEU A 52 10.28 4.22 -6.86
C LEU A 52 11.53 4.97 -6.42
N ALA A 53 12.69 4.41 -6.73
CA ALA A 53 13.96 5.01 -6.37
C ALA A 53 14.04 6.45 -6.87
N ASP A 54 13.51 6.69 -8.06
CA ASP A 54 13.52 8.02 -8.66
C ASP A 54 12.49 8.93 -7.98
N GLN A 55 11.38 8.34 -7.56
CA GLN A 55 10.32 9.09 -6.90
C GLN A 55 10.88 9.92 -5.75
N PHE A 56 11.96 9.43 -5.15
CA PHE A 56 12.59 10.14 -4.03
C PHE A 56 12.76 11.62 -4.34
N GLY A 57 13.15 11.91 -5.59
CA GLY A 57 13.34 13.29 -5.98
C GLY A 57 12.14 14.16 -5.67
N THR A 58 10.96 13.71 -6.05
CA THR A 58 9.73 14.45 -5.80
C THR A 58 9.62 14.85 -4.33
N ALA A 59 9.88 13.91 -3.44
CA ALA A 59 9.81 14.16 -2.01
C ALA A 59 10.66 15.37 -1.63
N SER A 60 11.93 15.33 -2.02
CA SER A 60 12.86 16.42 -1.70
C SER A 60 12.33 17.75 -2.25
N ASN A 61 11.46 17.66 -3.25
CA ASN A 61 10.89 18.86 -3.86
C ASN A 61 9.55 19.21 -3.21
N ILE A 62 9.43 18.92 -1.92
CA ILE A 62 8.21 19.21 -1.18
C ILE A 62 8.38 20.44 -0.30
N LYS A 63 7.41 21.35 -0.38
CA LYS A 63 7.44 22.57 0.41
C LYS A 63 7.57 22.25 1.90
N SER A 64 6.58 21.54 2.43
CA SER A 64 6.59 21.18 3.85
C SER A 64 7.71 20.18 4.15
N ARG A 65 8.78 20.69 4.76
CA ARG A 65 9.93 19.85 5.09
C ARG A 65 9.49 18.64 5.92
N VAL A 66 8.61 18.87 6.88
CA VAL A 66 8.10 17.80 7.73
C VAL A 66 7.58 16.63 6.91
N ASN A 67 6.85 16.94 5.85
CA ASN A 67 6.29 15.92 4.98
C ASN A 67 7.38 15.32 4.09
N ARG A 68 8.34 16.15 3.68
CA ARG A 68 9.43 15.69 2.83
C ARG A 68 10.17 14.52 3.48
N LEU A 69 10.41 14.62 4.78
CA LEU A 69 11.10 13.56 5.51
C LEU A 69 10.20 12.35 5.70
N SER A 70 8.93 12.61 6.03
CA SER A 70 7.97 11.53 6.24
C SER A 70 7.80 10.69 4.98
N VAL A 71 7.52 11.36 3.87
CA VAL A 71 7.34 10.67 2.60
C VAL A 71 8.60 9.93 2.18
N LEU A 72 9.75 10.50 2.53
CA LEU A 72 11.03 9.88 2.20
C LEU A 72 11.15 8.49 2.80
N GLY A 73 11.02 8.41 4.12
CA GLY A 73 11.12 7.12 4.79
C GLY A 73 10.17 6.09 4.21
N ALA A 74 8.95 6.52 3.91
CA ALA A 74 7.94 5.63 3.34
C ALA A 74 8.47 4.91 2.11
N ILE A 75 8.82 5.69 1.08
CA ILE A 75 9.35 5.13 -0.16
C ILE A 75 10.51 4.17 0.12
N THR A 76 11.24 4.44 1.19
CA THR A 76 12.37 3.61 1.58
C THR A 76 11.92 2.22 2.03
N SER A 77 10.98 2.19 2.97
CA SER A 77 10.45 0.94 3.48
C SER A 77 10.00 0.03 2.36
N VAL A 78 9.04 0.51 1.57
CA VAL A 78 8.52 -0.26 0.44
C VAL A 78 9.64 -0.78 -0.45
N GLN A 79 10.65 0.07 -0.65
CA GLN A 79 11.79 -0.30 -1.48
C GLN A 79 12.38 -1.64 -1.05
N GLN A 80 12.59 -1.79 0.26
CA GLN A 80 13.14 -3.03 0.79
C GLN A 80 12.22 -4.20 0.53
N ARG A 81 10.91 -3.95 0.62
CA ARG A 81 9.91 -5.00 0.39
C ARG A 81 9.94 -5.47 -1.05
N LEU A 82 10.03 -4.52 -1.98
CA LEU A 82 10.07 -4.83 -3.40
C LEU A 82 11.20 -5.81 -3.71
N LYS A 83 12.41 -5.44 -3.36
CA LYS A 83 13.58 -6.28 -3.60
C LYS A 83 13.54 -7.54 -2.72
N LEU A 84 12.93 -7.40 -1.55
CA LEU A 84 12.81 -8.52 -0.62
C LEU A 84 12.28 -9.76 -1.32
N TYR A 85 11.04 -9.68 -1.81
CA TYR A 85 10.43 -10.81 -2.50
C TYR A 85 11.08 -11.02 -3.87
N ASN A 86 11.02 -10.00 -4.72
CA ASN A 86 11.60 -10.08 -6.05
C ASN A 86 10.88 -11.12 -6.89
N LYS A 87 9.58 -11.28 -6.64
CA LYS A 87 8.77 -12.24 -7.39
C LYS A 87 7.53 -11.56 -7.97
N VAL A 88 7.07 -12.06 -9.11
CA VAL A 88 5.89 -11.50 -9.77
C VAL A 88 4.74 -12.50 -9.76
N PRO A 89 4.10 -12.66 -8.59
CA PRO A 89 2.98 -13.58 -8.43
C PRO A 89 1.72 -13.11 -9.17
N PRO A 90 0.76 -14.02 -9.35
CA PRO A 90 -0.50 -13.73 -10.04
C PRO A 90 -1.39 -12.80 -9.24
N ASN A 91 -1.29 -12.88 -7.91
CA ASN A 91 -2.09 -12.04 -7.03
C ASN A 91 -1.48 -10.65 -6.90
N GLY A 92 -0.17 -10.56 -7.09
CA GLY A 92 0.51 -9.28 -6.99
C GLY A 92 0.84 -8.92 -5.55
N LEU A 93 1.60 -7.83 -5.38
CA LEU A 93 1.98 -7.39 -4.06
C LEU A 93 1.72 -5.89 -3.89
N VAL A 94 0.84 -5.55 -2.95
CA VAL A 94 0.51 -4.15 -2.69
C VAL A 94 1.17 -3.65 -1.42
N VAL A 95 1.52 -2.37 -1.41
CA VAL A 95 2.17 -1.76 -0.25
C VAL A 95 1.62 -0.38 0.03
N TYR A 96 1.42 -0.06 1.30
CA TYR A 96 0.90 1.24 1.70
C TYR A 96 1.48 1.69 3.03
N CYS A 97 2.06 2.88 3.06
CA CYS A 97 2.65 3.42 4.27
C CYS A 97 2.46 4.94 4.34
N GLY A 98 1.76 5.39 5.37
CA GLY A 98 1.52 6.81 5.54
C GLY A 98 1.49 7.23 7.00
N THR A 99 1.62 8.53 7.25
CA THR A 99 1.62 9.05 8.61
C THR A 99 0.25 9.61 8.97
N ILE A 100 -0.36 9.06 10.01
CA ILE A 100 -1.67 9.51 10.47
C ILE A 100 -1.59 10.16 11.84
N VAL A 101 -2.09 11.38 11.94
CA VAL A 101 -2.08 12.12 13.20
C VAL A 101 -3.36 11.88 13.99
N THR A 102 -3.22 11.81 15.31
CA THR A 102 -4.36 11.57 16.19
C THR A 102 -4.86 12.88 16.80
N GLU A 103 -5.77 12.77 17.76
CA GLU A 103 -6.33 13.94 18.41
C GLU A 103 -5.24 14.78 19.07
N GLU A 104 -4.30 14.11 19.74
CA GLU A 104 -3.21 14.79 20.41
C GLU A 104 -2.29 15.47 19.39
N GLY A 105 -2.34 14.99 18.15
CA GLY A 105 -1.51 15.56 17.11
C GLY A 105 -0.23 14.78 16.89
N LYS A 106 -0.29 13.47 17.11
CA LYS A 106 0.86 12.60 16.94
C LYS A 106 0.71 11.72 15.70
N GLU A 107 1.63 11.86 14.76
CA GLU A 107 1.58 11.07 13.53
C GLU A 107 1.98 9.62 13.79
N LYS A 108 1.50 8.72 12.95
CA LYS A 108 1.80 7.30 13.09
C LYS A 108 2.01 6.65 11.72
N LYS A 109 3.24 6.22 11.46
CA LYS A 109 3.56 5.58 10.19
C LYS A 109 3.11 4.12 10.19
N VAL A 110 2.15 3.80 9.34
CA VAL A 110 1.63 2.44 9.24
C VAL A 110 2.30 1.68 8.09
N ASN A 111 3.38 0.99 8.41
CA ASN A 111 4.11 0.22 7.40
C ASN A 111 3.52 -1.17 7.24
N ILE A 112 2.65 -1.33 6.24
CA ILE A 112 2.02 -2.60 5.97
C ILE A 112 2.15 -3.00 4.51
N ASP A 113 2.87 -4.10 4.26
CA ASP A 113 3.07 -4.59 2.91
C ASP A 113 3.02 -6.11 2.86
N PHE A 114 2.59 -6.65 1.72
CA PHE A 114 2.49 -8.09 1.55
C PHE A 114 1.83 -8.44 0.22
N GLU A 115 1.86 -9.72 -0.14
CA GLU A 115 1.27 -10.18 -1.39
C GLU A 115 -0.01 -10.97 -1.12
N PRO A 116 -1.14 -10.25 -1.02
CA PRO A 116 -2.44 -10.87 -0.77
C PRO A 116 -2.94 -11.67 -1.97
N PHE A 117 -4.13 -12.25 -1.83
CA PHE A 117 -4.72 -13.05 -2.90
C PHE A 117 -5.70 -12.22 -3.72
N LYS A 118 -5.42 -10.92 -3.84
CA LYS A 118 -6.28 -10.02 -4.60
C LYS A 118 -5.55 -9.48 -5.82
N PRO A 119 -5.64 -10.22 -6.94
CA PRO A 119 -5.00 -9.83 -8.20
C PRO A 119 -5.67 -8.63 -8.84
N ILE A 120 -4.85 -7.65 -9.23
CA ILE A 120 -5.36 -6.44 -9.86
C ILE A 120 -5.22 -6.51 -11.38
N ASN A 121 -5.91 -5.60 -12.07
CA ASN A 121 -5.88 -5.56 -13.53
C ASN A 121 -4.89 -4.50 -14.01
N THR A 122 -4.61 -3.53 -13.16
CA THR A 122 -3.69 -2.45 -13.49
C THR A 122 -2.96 -1.94 -12.25
N SER A 123 -1.81 -1.30 -12.47
CA SER A 123 -1.02 -0.76 -11.37
C SER A 123 -1.61 0.56 -10.87
N LEU A 124 -1.46 0.81 -9.57
CA LEU A 124 -1.97 2.04 -8.97
C LEU A 124 -0.92 2.69 -8.09
N TYR A 125 -0.69 3.98 -8.29
CA TYR A 125 0.30 4.72 -7.52
C TYR A 125 -0.12 6.18 -7.35
N LEU A 126 -0.52 6.53 -6.14
CA LEU A 126 -0.95 7.90 -5.84
C LEU A 126 -0.60 8.28 -4.41
N CYS A 127 -0.31 9.57 -4.19
CA CYS A 127 0.04 10.06 -2.87
C CYS A 127 -0.56 11.43 -2.62
N ASP A 128 -1.44 11.53 -1.63
CA ASP A 128 -2.09 12.79 -1.29
C ASP A 128 -2.67 12.74 0.12
N ASN A 129 -1.84 12.35 1.08
CA ASN A 129 -2.27 12.26 2.47
C ASN A 129 -3.68 11.68 2.57
N LYS A 130 -3.93 10.61 1.82
CA LYS A 130 -5.24 9.96 1.82
C LYS A 130 -5.21 8.67 1.01
N PHE A 131 -5.66 7.58 1.62
CA PHE A 131 -5.69 6.29 0.95
C PHE A 131 -6.97 6.12 0.15
N HIS A 132 -6.98 5.14 -0.75
CA HIS A 132 -8.14 4.88 -1.59
C HIS A 132 -7.88 3.70 -2.53
N THR A 133 -8.35 2.52 -2.15
CA THR A 133 -8.17 1.32 -2.96
C THR A 133 -9.32 1.14 -3.95
N GLU A 134 -9.16 1.71 -5.13
CA GLU A 134 -10.19 1.62 -6.16
C GLU A 134 -10.21 0.22 -6.77
N ALA A 135 -9.04 -0.30 -7.09
CA ALA A 135 -8.92 -1.63 -7.68
C ALA A 135 -9.29 -2.71 -6.66
N LEU A 136 -8.61 -2.69 -5.52
CA LEU A 136 -8.85 -3.67 -4.46
C LEU A 136 -10.34 -3.75 -4.13
N THR A 137 -11.00 -2.60 -4.12
CA THR A 137 -12.43 -2.54 -3.82
C THR A 137 -13.26 -2.96 -5.02
N ALA A 138 -13.05 -2.30 -6.16
CA ALA A 138 -13.78 -2.61 -7.37
C ALA A 138 -13.73 -4.10 -7.68
N LEU A 139 -12.59 -4.73 -7.39
CA LEU A 139 -12.42 -6.16 -7.63
C LEU A 139 -12.97 -6.98 -6.47
N LEU A 140 -12.85 -6.43 -5.26
CA LEU A 140 -13.34 -7.10 -4.07
C LEU A 140 -14.79 -7.54 -4.24
N SER A 141 -15.63 -6.60 -4.66
CA SER A 141 -17.05 -6.89 -4.86
C SER A 141 -17.28 -7.53 -6.23
N ASP A 142 -16.67 -6.96 -7.26
CA ASP A 142 -16.81 -7.48 -8.61
C ASP A 142 -15.53 -8.16 -9.07
N MET A 1 -13.47 -33.81 1.14
CA MET A 1 -13.96 -32.56 0.59
C MET A 1 -13.64 -31.39 1.52
N ALA A 2 -14.01 -30.19 1.10
CA ALA A 2 -13.77 -29.00 1.91
C ALA A 2 -14.93 -28.01 1.79
N ASP A 3 -15.96 -28.23 2.62
CA ASP A 3 -17.13 -27.36 2.61
C ASP A 3 -17.34 -26.74 3.99
N ASP A 4 -17.07 -27.52 5.04
CA ASP A 4 -17.23 -27.05 6.40
C ASP A 4 -16.12 -26.08 6.78
N PRO A 5 -14.87 -26.55 6.71
CA PRO A 5 -13.69 -25.75 7.04
C PRO A 5 -13.43 -24.64 6.02
N SER A 6 -13.69 -24.94 4.76
CA SER A 6 -13.49 -23.97 3.69
C SER A 6 -14.38 -22.75 3.88
N ALA A 7 -15.62 -22.99 4.27
CA ALA A 7 -16.57 -21.90 4.51
C ALA A 7 -16.00 -20.87 5.47
N ALA A 8 -15.44 -21.34 6.58
CA ALA A 8 -14.86 -20.46 7.58
C ALA A 8 -13.68 -19.67 6.99
N ASP A 9 -12.82 -20.35 6.27
CA ASP A 9 -11.66 -19.72 5.66
C ASP A 9 -12.08 -18.58 4.74
N ARG A 10 -13.25 -18.72 4.12
CA ARG A 10 -13.76 -17.71 3.22
C ARG A 10 -14.25 -16.48 4.00
N ASN A 11 -14.86 -16.74 5.15
CA ASN A 11 -15.37 -15.65 5.99
C ASN A 11 -14.23 -14.81 6.56
N VAL A 12 -13.20 -15.49 7.06
CA VAL A 12 -12.05 -14.80 7.63
C VAL A 12 -11.29 -14.03 6.56
N GLU A 13 -11.23 -14.58 5.36
CA GLU A 13 -10.55 -13.94 4.24
C GLU A 13 -11.17 -12.57 3.93
N ILE A 14 -12.47 -12.56 3.72
CA ILE A 14 -13.19 -11.32 3.41
C ILE A 14 -13.14 -10.36 4.60
N TRP A 15 -13.29 -10.90 5.80
CA TRP A 15 -13.26 -10.09 7.01
C TRP A 15 -11.95 -9.31 7.12
N LYS A 16 -10.84 -9.99 6.90
CA LYS A 16 -9.53 -9.36 6.97
C LYS A 16 -9.42 -8.21 5.98
N ILE A 17 -9.55 -8.52 4.69
CA ILE A 17 -9.48 -7.50 3.66
C ILE A 17 -10.48 -6.38 3.92
N LYS A 18 -11.64 -6.73 4.45
CA LYS A 18 -12.69 -5.76 4.75
C LYS A 18 -12.14 -4.64 5.64
N LYS A 19 -11.41 -5.03 6.68
CA LYS A 19 -10.84 -4.07 7.61
C LYS A 19 -9.62 -3.38 7.00
N LEU A 20 -8.92 -4.10 6.14
CA LEU A 20 -7.73 -3.55 5.48
C LEU A 20 -8.09 -2.31 4.68
N ILE A 21 -8.89 -2.49 3.63
CA ILE A 21 -9.31 -1.38 2.78
C ILE A 21 -10.06 -0.32 3.58
N LYS A 22 -11.00 -0.78 4.41
CA LYS A 22 -11.79 0.12 5.23
C LYS A 22 -10.91 0.97 6.13
N SER A 23 -9.81 0.38 6.60
CA SER A 23 -8.87 1.08 7.47
C SER A 23 -8.25 2.27 6.75
N LEU A 24 -7.73 2.03 5.56
CA LEU A 24 -7.09 3.08 4.77
C LEU A 24 -8.07 4.22 4.52
N GLU A 25 -9.27 3.88 4.04
CA GLU A 25 -10.30 4.88 3.76
C GLU A 25 -10.56 5.74 5.00
N ALA A 26 -10.42 5.15 6.17
CA ALA A 26 -10.65 5.86 7.42
C ALA A 26 -9.40 6.65 7.83
N ALA A 27 -8.23 6.12 7.50
CA ALA A 27 -6.98 6.78 7.83
C ALA A 27 -6.68 7.92 6.85
N ARG A 28 -6.45 9.11 7.39
CA ARG A 28 -6.15 10.28 6.56
C ARG A 28 -4.99 11.07 7.14
N GLY A 29 -4.15 11.62 6.26
CA GLY A 29 -3.01 12.39 6.70
C GLY A 29 -3.13 13.86 6.35
N ASN A 30 -2.18 14.66 6.81
CA ASN A 30 -2.18 16.09 6.55
C ASN A 30 -1.29 16.43 5.36
N GLY A 31 0.02 16.41 5.58
CA GLY A 31 0.96 16.72 4.51
C GLY A 31 1.20 15.54 3.59
N THR A 32 1.70 15.82 2.40
CA THR A 32 1.97 14.77 1.42
C THR A 32 2.91 13.71 1.99
N SER A 33 2.33 12.63 2.51
CA SER A 33 3.10 11.54 3.09
C SER A 33 2.50 10.19 2.74
N MET A 34 1.17 10.12 2.75
CA MET A 34 0.47 8.88 2.43
C MET A 34 0.77 8.43 1.00
N ILE A 35 1.48 7.32 0.87
CA ILE A 35 1.84 6.79 -0.43
C ILE A 35 1.21 5.43 -0.66
N SER A 36 0.65 5.23 -1.85
CA SER A 36 0.00 3.97 -2.20
C SER A 36 0.67 3.34 -3.41
N LEU A 37 1.16 2.11 -3.25
CA LEU A 37 1.82 1.40 -4.34
C LEU A 37 1.25 -0.02 -4.48
N ILE A 38 0.74 -0.30 -5.67
CA ILE A 38 0.16 -1.62 -5.94
C ILE A 38 0.89 -2.32 -7.09
N ILE A 39 1.49 -3.46 -6.79
CA ILE A 39 2.22 -4.22 -7.80
C ILE A 39 1.48 -5.50 -8.17
N PRO A 40 0.78 -5.47 -9.32
CA PRO A 40 0.02 -6.63 -9.81
C PRO A 40 0.92 -7.77 -10.26
N PRO A 41 0.31 -8.94 -10.50
CA PRO A 41 1.05 -10.13 -10.95
C PRO A 41 1.57 -10.00 -12.38
N LYS A 42 2.33 -8.94 -12.62
CA LYS A 42 2.90 -8.70 -13.94
C LYS A 42 3.79 -7.46 -13.94
N ASP A 43 4.44 -7.22 -12.81
CA ASP A 43 5.34 -6.07 -12.67
C ASP A 43 6.65 -6.49 -12.02
N GLN A 44 7.74 -6.37 -12.78
CA GLN A 44 9.06 -6.73 -12.29
C GLN A 44 9.41 -5.94 -11.03
N ILE A 45 9.86 -6.63 -9.99
CA ILE A 45 10.23 -5.99 -8.74
C ILE A 45 11.30 -4.93 -8.97
N SER A 46 12.35 -5.30 -9.66
CA SER A 46 13.45 -4.37 -9.95
C SER A 46 12.93 -3.13 -10.68
N ARG A 47 11.87 -3.30 -11.45
CA ARG A 47 11.29 -2.20 -12.20
C ARG A 47 10.81 -1.10 -11.26
N VAL A 48 10.29 -1.50 -10.10
CA VAL A 48 9.80 -0.55 -9.11
C VAL A 48 10.95 0.14 -8.39
N ALA A 49 11.94 -0.64 -7.97
CA ALA A 49 13.10 -0.10 -7.28
C ALA A 49 13.65 1.12 -8.01
N LYS A 50 13.93 0.96 -9.29
CA LYS A 50 14.47 2.05 -10.11
C LYS A 50 13.41 3.12 -10.35
N MET A 51 12.18 2.68 -10.63
CA MET A 51 11.08 3.59 -10.89
C MET A 51 10.92 4.58 -9.74
N LEU A 52 10.66 4.07 -8.55
CA LEU A 52 10.48 4.91 -7.36
C LEU A 52 11.72 5.77 -7.12
N ALA A 53 12.89 5.20 -7.40
CA ALA A 53 14.15 5.92 -7.22
C ALA A 53 14.14 7.25 -7.96
N ASP A 54 13.56 7.24 -9.16
CA ASP A 54 13.49 8.45 -9.97
C ASP A 54 12.45 9.42 -9.41
N GLN A 55 11.20 8.97 -9.33
CA GLN A 55 10.12 9.80 -8.81
C GLN A 55 10.49 10.40 -7.46
N PHE A 56 11.20 9.62 -6.65
CA PHE A 56 11.62 10.08 -5.33
C PHE A 56 12.33 11.42 -5.42
N GLY A 57 13.18 11.58 -6.44
CA GLY A 57 13.91 12.82 -6.62
C GLY A 57 13.01 14.04 -6.53
N THR A 58 11.77 13.90 -7.03
CA THR A 58 10.82 14.99 -7.01
C THR A 58 10.56 15.48 -5.59
N ALA A 59 10.51 14.55 -4.65
CA ALA A 59 10.27 14.88 -3.25
C ALA A 59 11.27 15.92 -2.75
N SER A 60 12.55 15.70 -3.06
CA SER A 60 13.60 16.62 -2.66
C SER A 60 13.45 17.96 -3.34
N ASN A 61 12.73 17.97 -4.45
CA ASN A 61 12.51 19.19 -5.22
C ASN A 61 11.43 20.06 -4.57
N ILE A 62 10.51 19.42 -3.86
CA ILE A 62 9.44 20.13 -3.18
C ILE A 62 9.98 21.08 -2.12
N LYS A 63 9.31 22.22 -1.96
CA LYS A 63 9.73 23.21 -0.98
C LYS A 63 9.31 22.80 0.43
N SER A 64 8.15 22.17 0.54
CA SER A 64 7.64 21.72 1.83
C SER A 64 8.50 20.61 2.40
N ARG A 65 9.53 20.99 3.15
CA ARG A 65 10.44 20.03 3.76
C ARG A 65 9.67 19.01 4.59
N VAL A 66 8.63 19.47 5.27
CA VAL A 66 7.81 18.59 6.11
C VAL A 66 7.35 17.37 5.32
N ASN A 67 6.89 17.59 4.10
CA ASN A 67 6.41 16.50 3.25
C ASN A 67 7.58 15.72 2.66
N ARG A 68 8.63 16.44 2.27
CA ARG A 68 9.81 15.81 1.69
C ARG A 68 10.40 14.78 2.65
N LEU A 69 10.33 15.07 3.94
CA LEU A 69 10.86 14.17 4.97
C LEU A 69 9.96 12.95 5.12
N SER A 70 8.67 13.18 5.29
CA SER A 70 7.71 12.10 5.46
C SER A 70 7.74 11.15 4.26
N VAL A 71 7.54 11.71 3.07
CA VAL A 71 7.54 10.92 1.85
C VAL A 71 8.81 10.08 1.74
N LEU A 72 9.93 10.65 2.18
CA LEU A 72 11.21 9.96 2.13
C LEU A 72 11.14 8.62 2.86
N GLY A 73 10.73 8.66 4.13
CA GLY A 73 10.62 7.44 4.91
C GLY A 73 9.81 6.37 4.20
N ALA A 74 8.73 6.79 3.55
CA ALA A 74 7.88 5.84 2.82
C ALA A 74 8.66 5.11 1.74
N ILE A 75 9.20 5.86 0.80
CA ILE A 75 9.97 5.29 -0.29
C ILE A 75 11.05 4.34 0.24
N THR A 76 11.56 4.64 1.43
CA THR A 76 12.59 3.83 2.05
C THR A 76 12.04 2.46 2.46
N SER A 77 10.78 2.44 2.91
CA SER A 77 10.14 1.21 3.34
C SER A 77 9.87 0.30 2.15
N VAL A 78 9.17 0.82 1.15
CA VAL A 78 8.85 0.05 -0.05
C VAL A 78 10.09 -0.60 -0.64
N GLN A 79 11.21 0.13 -0.58
CA GLN A 79 12.47 -0.38 -1.11
C GLN A 79 12.98 -1.55 -0.28
N GLN A 80 12.84 -1.43 1.04
CA GLN A 80 13.29 -2.48 1.95
C GLN A 80 12.68 -3.83 1.58
N ARG A 81 11.35 -3.90 1.61
CA ARG A 81 10.65 -5.13 1.28
C ARG A 81 10.93 -5.54 -0.17
N LEU A 82 11.16 -4.56 -1.02
CA LEU A 82 11.44 -4.81 -2.43
C LEU A 82 12.54 -5.86 -2.58
N LYS A 83 13.71 -5.58 -2.00
CA LYS A 83 14.84 -6.50 -2.07
C LYS A 83 14.54 -7.79 -1.31
N LEU A 84 13.81 -7.66 -0.21
CA LEU A 84 13.45 -8.83 0.60
C LEU A 84 12.74 -9.88 -0.24
N TYR A 85 11.52 -9.57 -0.67
CA TYR A 85 10.74 -10.49 -1.49
C TYR A 85 11.39 -10.70 -2.85
N ASN A 86 11.41 -9.64 -3.65
CA ASN A 86 12.00 -9.69 -4.98
C ASN A 86 11.34 -10.79 -5.81
N LYS A 87 10.03 -10.95 -5.66
CA LYS A 87 9.29 -11.96 -6.39
C LYS A 87 8.00 -11.38 -6.95
N VAL A 88 7.59 -11.89 -8.11
CA VAL A 88 6.37 -11.43 -8.76
C VAL A 88 5.31 -12.52 -8.77
N PRO A 89 4.69 -12.76 -7.61
CA PRO A 89 3.65 -13.78 -7.46
C PRO A 89 2.35 -13.39 -8.17
N PRO A 90 1.44 -14.37 -8.31
CA PRO A 90 0.15 -14.16 -8.97
C PRO A 90 -0.78 -13.26 -8.14
N ASN A 91 -0.61 -13.28 -6.83
CA ASN A 91 -1.43 -12.48 -5.94
C ASN A 91 -0.93 -11.04 -5.90
N GLY A 92 0.35 -10.85 -6.18
CA GLY A 92 0.93 -9.51 -6.17
C GLY A 92 1.16 -9.00 -4.76
N LEU A 93 1.91 -7.90 -4.66
CA LEU A 93 2.21 -7.30 -3.36
C LEU A 93 1.78 -5.84 -3.33
N VAL A 94 1.35 -5.38 -2.15
CA VAL A 94 0.92 -4.00 -1.98
C VAL A 94 1.51 -3.39 -0.71
N VAL A 95 1.79 -2.10 -0.76
CA VAL A 95 2.35 -1.39 0.38
C VAL A 95 1.64 -0.06 0.62
N TYR A 96 1.35 0.24 1.88
CA TYR A 96 0.67 1.47 2.25
C TYR A 96 1.33 2.13 3.45
N CYS A 97 1.76 3.37 3.28
CA CYS A 97 2.41 4.11 4.36
C CYS A 97 1.96 5.56 4.37
N GLY A 98 1.27 5.95 5.44
CA GLY A 98 0.78 7.32 5.56
C GLY A 98 0.77 7.81 6.99
N THR A 99 1.01 9.10 7.18
CA THR A 99 1.02 9.69 8.51
C THR A 99 -0.34 10.25 8.89
N ILE A 100 -0.90 9.75 9.98
CA ILE A 100 -2.21 10.21 10.44
C ILE A 100 -2.10 10.90 11.80
N VAL A 101 -2.65 12.11 11.87
CA VAL A 101 -2.62 12.88 13.12
C VAL A 101 -3.75 12.46 14.05
N THR A 102 -3.47 12.45 15.35
CA THR A 102 -4.46 12.07 16.35
C THR A 102 -5.11 13.30 16.97
N GLU A 103 -6.02 13.07 17.91
CA GLU A 103 -6.72 14.16 18.58
C GLU A 103 -5.72 15.13 19.22
N GLU A 104 -4.57 14.61 19.61
CA GLU A 104 -3.53 15.43 20.23
C GLU A 104 -2.74 16.20 19.18
N GLY A 105 -2.78 15.72 17.94
CA GLY A 105 -2.07 16.37 16.86
C GLY A 105 -0.75 15.70 16.56
N LYS A 106 -0.68 14.39 16.78
CA LYS A 106 0.53 13.63 16.53
C LYS A 106 0.34 12.68 15.34
N GLU A 107 1.18 12.86 14.31
CA GLU A 107 1.10 12.03 13.12
C GLU A 107 1.58 10.61 13.43
N LYS A 108 1.07 9.64 12.66
CA LYS A 108 1.44 8.25 12.85
C LYS A 108 1.60 7.55 11.50
N LYS A 109 2.84 7.17 11.17
CA LYS A 109 3.12 6.48 9.91
C LYS A 109 2.86 4.99 10.04
N VAL A 110 1.99 4.47 9.19
CA VAL A 110 1.66 3.04 9.20
C VAL A 110 2.38 2.31 8.07
N ASN A 111 3.57 1.79 8.37
CA ASN A 111 4.36 1.07 7.39
C ASN A 111 3.92 -0.40 7.31
N ILE A 112 3.06 -0.70 6.34
CA ILE A 112 2.56 -2.05 6.16
C ILE A 112 2.82 -2.54 4.74
N ASP A 113 3.62 -3.59 4.61
CA ASP A 113 3.94 -4.16 3.30
C ASP A 113 3.89 -5.69 3.36
N PHE A 114 3.26 -6.28 2.34
CA PHE A 114 3.13 -7.73 2.26
C PHE A 114 2.42 -8.14 0.98
N GLU A 115 2.54 -9.42 0.63
CA GLU A 115 1.91 -9.95 -0.58
C GLU A 115 0.71 -10.81 -0.23
N PRO A 116 -0.48 -10.18 -0.14
CA PRO A 116 -1.72 -10.86 0.18
C PRO A 116 -2.19 -11.78 -0.94
N PHE A 117 -3.34 -12.42 -0.74
CA PHE A 117 -3.89 -13.33 -1.74
C PHE A 117 -5.00 -12.65 -2.54
N LYS A 118 -4.83 -11.35 -2.77
CA LYS A 118 -5.81 -10.58 -3.53
C LYS A 118 -5.14 -9.79 -4.65
N PRO A 119 -5.12 -10.38 -5.85
CA PRO A 119 -4.50 -9.75 -7.03
C PRO A 119 -5.30 -8.55 -7.52
N ILE A 120 -4.59 -7.50 -7.91
CA ILE A 120 -5.24 -6.28 -8.40
C ILE A 120 -5.35 -6.29 -9.92
N ASN A 121 -6.29 -5.52 -10.45
CA ASN A 121 -6.50 -5.44 -11.89
C ASN A 121 -5.29 -4.79 -12.57
N THR A 122 -4.67 -3.84 -11.90
CA THR A 122 -3.51 -3.14 -12.44
C THR A 122 -2.72 -2.45 -11.34
N SER A 123 -1.55 -1.93 -11.69
CA SER A 123 -0.70 -1.24 -10.73
C SER A 123 -1.19 0.19 -10.48
N LEU A 124 -0.95 0.68 -9.28
CA LEU A 124 -1.37 2.04 -8.92
C LEU A 124 -0.30 2.75 -8.11
N TYR A 125 -0.10 4.03 -8.39
CA TYR A 125 0.91 4.81 -7.69
C TYR A 125 0.47 6.28 -7.58
N LEU A 126 0.09 6.69 -6.36
CA LEU A 126 -0.35 8.06 -6.13
C LEU A 126 0.01 8.50 -4.71
N CYS A 127 0.23 9.79 -4.54
CA CYS A 127 0.57 10.35 -3.24
C CYS A 127 -0.10 11.71 -3.03
N ASP A 128 -1.03 11.77 -2.09
CA ASP A 128 -1.74 13.00 -1.79
C ASP A 128 -2.23 13.01 -0.35
N ASN A 129 -1.35 12.65 0.58
CA ASN A 129 -1.70 12.62 2.00
C ASN A 129 -3.09 12.02 2.20
N LYS A 130 -3.42 11.02 1.39
CA LYS A 130 -4.72 10.36 1.49
C LYS A 130 -4.78 9.15 0.57
N PHE A 131 -5.19 8.01 1.12
CA PHE A 131 -5.30 6.78 0.35
C PHE A 131 -6.38 6.90 -0.72
N HIS A 132 -6.52 5.85 -1.52
CA HIS A 132 -7.52 5.83 -2.59
C HIS A 132 -7.55 4.49 -3.29
N THR A 133 -8.29 3.54 -2.73
CA THR A 133 -8.40 2.20 -3.30
C THR A 133 -9.59 2.10 -4.24
N GLU A 134 -9.37 2.43 -5.52
CA GLU A 134 -10.43 2.37 -6.51
C GLU A 134 -10.65 0.94 -7.00
N ALA A 135 -9.58 0.30 -7.43
CA ALA A 135 -9.65 -1.08 -7.91
C ALA A 135 -9.97 -2.05 -6.78
N LEU A 136 -9.31 -1.87 -5.65
CA LEU A 136 -9.53 -2.72 -4.49
C LEU A 136 -10.98 -2.64 -4.01
N THR A 137 -11.45 -1.41 -3.78
CA THR A 137 -12.82 -1.19 -3.32
C THR A 137 -13.82 -1.69 -4.34
N ALA A 138 -13.74 -1.15 -5.56
CA ALA A 138 -14.64 -1.54 -6.63
C ALA A 138 -14.65 -3.06 -6.82
N LEU A 139 -13.49 -3.68 -6.63
CA LEU A 139 -13.37 -5.12 -6.78
C LEU A 139 -14.34 -5.85 -5.85
N LEU A 140 -14.20 -5.60 -4.55
CA LEU A 140 -15.06 -6.23 -3.57
C LEU A 140 -16.54 -6.03 -3.91
N SER A 141 -16.85 -4.86 -4.47
CA SER A 141 -18.23 -4.55 -4.84
C SER A 141 -18.75 -5.56 -5.87
N ASP A 142 -18.11 -5.60 -7.02
CA ASP A 142 -18.51 -6.52 -8.08
C ASP A 142 -20.00 -6.37 -8.39
N MET A 1 -23.51 -25.61 8.81
CA MET A 1 -23.48 -25.22 7.40
C MET A 1 -22.10 -24.72 6.99
N ALA A 2 -21.47 -25.44 6.07
CA ALA A 2 -20.14 -25.06 5.60
C ALA A 2 -19.11 -25.13 6.72
N ASP A 3 -18.92 -26.33 7.27
CA ASP A 3 -17.97 -26.53 8.35
C ASP A 3 -16.66 -27.12 7.82
N ASP A 4 -16.28 -26.71 6.62
CA ASP A 4 -15.05 -27.20 6.01
C ASP A 4 -13.85 -26.37 6.45
N PRO A 5 -12.65 -26.96 6.37
CA PRO A 5 -11.41 -26.30 6.75
C PRO A 5 -11.03 -25.18 5.79
N SER A 6 -11.28 -25.41 4.50
CA SER A 6 -10.96 -24.42 3.48
C SER A 6 -12.04 -23.35 3.39
N ALA A 7 -13.30 -23.78 3.46
CA ALA A 7 -14.43 -22.86 3.39
C ALA A 7 -14.28 -21.74 4.42
N ALA A 8 -14.03 -22.11 5.66
CA ALA A 8 -13.86 -21.14 6.73
C ALA A 8 -12.76 -20.15 6.41
N ASP A 9 -11.56 -20.66 6.15
CA ASP A 9 -10.42 -19.81 5.82
C ASP A 9 -10.76 -18.88 4.66
N ARG A 10 -11.60 -19.35 3.75
CA ARG A 10 -11.99 -18.55 2.59
C ARG A 10 -12.71 -17.28 3.03
N ASN A 11 -13.79 -17.44 3.81
CA ASN A 11 -14.56 -16.30 4.28
C ASN A 11 -13.72 -15.43 5.23
N VAL A 12 -13.01 -16.09 6.14
CA VAL A 12 -12.17 -15.39 7.09
C VAL A 12 -11.20 -14.44 6.40
N GLU A 13 -10.55 -14.94 5.35
CA GLU A 13 -9.59 -14.15 4.60
C GLU A 13 -10.27 -12.93 3.99
N ILE A 14 -11.36 -13.16 3.25
CA ILE A 14 -12.10 -12.07 2.62
C ILE A 14 -12.59 -11.06 3.65
N TRP A 15 -13.02 -11.57 4.80
CA TRP A 15 -13.51 -10.72 5.88
C TRP A 15 -12.38 -9.87 6.47
N LYS A 16 -11.25 -10.51 6.74
CA LYS A 16 -10.10 -9.83 7.31
C LYS A 16 -9.52 -8.82 6.31
N ILE A 17 -9.08 -9.31 5.17
CA ILE A 17 -8.51 -8.46 4.14
C ILE A 17 -9.44 -7.28 3.83
N LYS A 18 -10.74 -7.50 3.97
CA LYS A 18 -11.72 -6.46 3.72
C LYS A 18 -11.60 -5.33 4.74
N LYS A 19 -11.67 -5.69 6.02
CA LYS A 19 -11.56 -4.70 7.09
C LYS A 19 -10.32 -3.83 6.91
N LEU A 20 -9.27 -4.41 6.34
CA LEU A 20 -8.03 -3.70 6.11
C LEU A 20 -8.20 -2.63 5.02
N ILE A 21 -8.87 -3.00 3.94
CA ILE A 21 -9.11 -2.08 2.84
C ILE A 21 -9.93 -0.89 3.29
N LYS A 22 -11.14 -1.14 3.73
CA LYS A 22 -12.03 -0.08 4.20
C LYS A 22 -11.33 0.79 5.23
N SER A 23 -10.50 0.18 6.07
CA SER A 23 -9.77 0.90 7.10
C SER A 23 -8.93 2.02 6.49
N LEU A 24 -8.19 1.70 5.44
CA LEU A 24 -7.34 2.68 4.77
C LEU A 24 -8.19 3.84 4.23
N GLU A 25 -9.27 3.50 3.53
CA GLU A 25 -10.14 4.51 2.95
C GLU A 25 -10.62 5.49 4.02
N ALA A 26 -10.72 5.00 5.26
CA ALA A 26 -11.16 5.82 6.38
C ALA A 26 -9.98 6.58 7.00
N ALA A 27 -8.81 5.96 6.97
CA ALA A 27 -7.61 6.57 7.54
C ALA A 27 -7.22 7.81 6.76
N ARG A 28 -6.85 8.87 7.49
CA ARG A 28 -6.46 10.13 6.87
C ARG A 28 -5.20 10.68 7.53
N GLY A 29 -4.42 11.44 6.76
CA GLY A 29 -3.20 12.02 7.29
C GLY A 29 -3.09 13.50 6.99
N ASN A 30 -2.05 14.14 7.54
CA ASN A 30 -1.83 15.56 7.32
C ASN A 30 -0.49 15.81 6.66
N GLY A 31 -0.49 15.86 5.33
CA GLY A 31 0.73 16.10 4.58
C GLY A 31 1.10 14.93 3.70
N THR A 32 1.35 15.21 2.42
CA THR A 32 1.72 14.18 1.47
C THR A 32 2.90 13.35 1.96
N SER A 33 2.60 12.20 2.57
CA SER A 33 3.64 11.32 3.09
C SER A 33 3.27 9.86 2.87
N MET A 34 2.00 9.54 3.08
CA MET A 34 1.51 8.17 2.90
C MET A 34 1.71 7.71 1.47
N ILE A 35 2.03 6.44 1.29
CA ILE A 35 2.24 5.87 -0.03
C ILE A 35 1.56 4.51 -0.16
N SER A 36 0.86 4.31 -1.27
CA SER A 36 0.14 3.07 -1.53
C SER A 36 0.14 2.73 -3.01
N LEU A 37 1.05 1.86 -3.42
CA LEU A 37 1.16 1.45 -4.80
C LEU A 37 0.76 -0.01 -4.98
N ILE A 38 0.27 -0.36 -6.17
CA ILE A 38 -0.15 -1.72 -6.46
C ILE A 38 0.78 -2.36 -7.49
N ILE A 39 1.27 -3.55 -7.16
CA ILE A 39 2.16 -4.28 -8.05
C ILE A 39 1.50 -5.55 -8.58
N PRO A 40 0.75 -5.42 -9.68
CA PRO A 40 0.06 -6.54 -10.30
C PRO A 40 1.02 -7.54 -10.95
N PRO A 41 0.49 -8.71 -11.33
CA PRO A 41 1.29 -9.76 -11.97
C PRO A 41 1.71 -9.39 -13.39
N LYS A 42 2.60 -8.40 -13.50
CA LYS A 42 3.08 -7.95 -14.80
C LYS A 42 4.28 -7.03 -14.63
N ASP A 43 4.22 -6.16 -13.63
CA ASP A 43 5.32 -5.22 -13.37
C ASP A 43 6.48 -5.93 -12.68
N GLN A 44 7.60 -6.03 -13.38
CA GLN A 44 8.78 -6.68 -12.84
C GLN A 44 9.26 -5.98 -11.59
N ILE A 45 9.67 -6.77 -10.59
CA ILE A 45 10.15 -6.21 -9.33
C ILE A 45 11.23 -5.16 -9.57
N SER A 46 12.19 -5.49 -10.43
CA SER A 46 13.28 -4.57 -10.75
C SER A 46 12.74 -3.26 -11.32
N ARG A 47 11.67 -3.36 -12.10
CA ARG A 47 11.05 -2.19 -12.72
C ARG A 47 10.56 -1.22 -11.65
N VAL A 48 10.05 -1.77 -10.55
CA VAL A 48 9.53 -0.95 -9.45
C VAL A 48 10.67 -0.27 -8.70
N ALA A 49 11.80 -0.95 -8.59
CA ALA A 49 12.95 -0.41 -7.90
C ALA A 49 13.40 0.92 -8.52
N LYS A 50 13.63 0.91 -9.83
CA LYS A 50 14.05 2.10 -10.55
C LYS A 50 12.96 3.16 -10.52
N MET A 51 11.71 2.73 -10.60
CA MET A 51 10.58 3.65 -10.58
C MET A 51 10.55 4.45 -9.28
N LEU A 52 10.91 3.79 -8.18
CA LEU A 52 10.92 4.44 -6.88
C LEU A 52 12.11 5.39 -6.75
N ALA A 53 13.23 5.00 -7.35
CA ALA A 53 14.44 5.81 -7.31
C ALA A 53 14.18 7.21 -7.88
N ASP A 54 13.43 7.26 -8.97
CA ASP A 54 13.10 8.53 -9.62
C ASP A 54 12.02 9.27 -8.84
N GLN A 55 11.11 8.52 -8.23
CA GLN A 55 10.03 9.10 -7.45
C GLN A 55 10.56 10.13 -6.47
N PHE A 56 11.77 9.89 -5.97
CA PHE A 56 12.39 10.80 -5.01
C PHE A 56 12.33 12.24 -5.50
N GLY A 57 12.55 12.43 -6.79
CA GLY A 57 12.51 13.77 -7.36
C GLY A 57 11.24 14.52 -7.01
N THR A 58 10.13 13.79 -6.93
CA THR A 58 8.85 14.39 -6.60
C THR A 58 8.91 15.13 -5.27
N ALA A 59 9.58 14.52 -4.30
CA ALA A 59 9.71 15.12 -2.97
C ALA A 59 10.43 16.45 -3.06
N SER A 60 11.53 16.50 -3.81
CA SER A 60 12.31 17.72 -3.96
C SER A 60 11.43 18.87 -4.44
N ASN A 61 10.37 18.54 -5.16
CA ASN A 61 9.45 19.54 -5.68
C ASN A 61 8.49 20.01 -4.59
N ILE A 62 8.21 19.12 -3.64
CA ILE A 62 7.31 19.44 -2.55
C ILE A 62 7.84 20.58 -1.70
N LYS A 63 7.14 21.71 -1.71
CA LYS A 63 7.55 22.88 -0.95
C LYS A 63 7.71 22.53 0.52
N SER A 64 6.63 22.09 1.15
CA SER A 64 6.64 21.73 2.57
C SER A 64 7.70 20.65 2.83
N ARG A 65 8.79 21.04 3.45
CA ARG A 65 9.87 20.11 3.76
C ARG A 65 9.35 18.92 4.54
N VAL A 66 8.43 19.17 5.47
CA VAL A 66 7.84 18.12 6.29
C VAL A 66 7.33 16.97 5.41
N ASN A 67 6.64 17.32 4.34
CA ASN A 67 6.09 16.32 3.42
C ASN A 67 7.20 15.70 2.58
N ARG A 68 8.11 16.53 2.11
CA ARG A 68 9.22 16.05 1.29
C ARG A 68 9.98 14.93 1.99
N LEU A 69 10.50 15.24 3.18
CA LEU A 69 11.25 14.25 3.96
C LEU A 69 10.41 13.00 4.19
N SER A 70 9.16 13.18 4.57
CA SER A 70 8.26 12.08 4.83
C SER A 70 8.17 11.15 3.62
N VAL A 71 8.06 11.74 2.44
CA VAL A 71 7.97 10.98 1.20
C VAL A 71 9.18 10.08 1.02
N LEU A 72 10.36 10.60 1.36
CA LEU A 72 11.60 9.83 1.25
C LEU A 72 11.53 8.55 2.08
N GLY A 73 11.10 8.69 3.33
CA GLY A 73 10.99 7.54 4.20
C GLY A 73 10.13 6.44 3.61
N ALA A 74 8.99 6.81 3.06
CA ALA A 74 8.08 5.85 2.46
C ALA A 74 8.79 4.99 1.41
N ILE A 75 9.31 5.64 0.38
CA ILE A 75 10.02 4.93 -0.69
C ILE A 75 11.07 3.99 -0.10
N THR A 76 11.63 4.36 1.04
CA THR A 76 12.65 3.55 1.69
C THR A 76 12.08 2.22 2.16
N SER A 77 10.87 2.27 2.70
CA SER A 77 10.21 1.05 3.20
C SER A 77 9.90 0.10 2.05
N VAL A 78 9.14 0.58 1.07
CA VAL A 78 8.78 -0.24 -0.08
C VAL A 78 10.01 -0.88 -0.72
N GLN A 79 11.14 -0.18 -0.65
CA GLN A 79 12.39 -0.67 -1.21
C GLN A 79 12.84 -1.94 -0.49
N GLN A 80 12.88 -1.88 0.83
CA GLN A 80 13.30 -3.02 1.64
C GLN A 80 12.48 -4.27 1.28
N ARG A 81 11.19 -4.08 1.08
CA ARG A 81 10.29 -5.18 0.73
C ARG A 81 10.50 -5.60 -0.72
N LEU A 82 10.57 -4.62 -1.61
CA LEU A 82 10.76 -4.89 -3.03
C LEU A 82 11.91 -5.88 -3.25
N LYS A 83 12.98 -5.71 -2.49
CA LYS A 83 14.14 -6.58 -2.59
C LYS A 83 13.92 -7.89 -1.83
N LEU A 84 13.16 -7.81 -0.74
CA LEU A 84 12.87 -8.97 0.06
C LEU A 84 12.41 -10.14 -0.80
N TYR A 85 11.24 -10.00 -1.42
CA TYR A 85 10.69 -11.03 -2.27
C TYR A 85 11.46 -11.11 -3.60
N ASN A 86 11.68 -9.96 -4.22
CA ASN A 86 12.39 -9.89 -5.48
C ASN A 86 11.80 -10.86 -6.49
N LYS A 87 10.52 -11.18 -6.32
CA LYS A 87 9.83 -12.09 -7.21
C LYS A 87 8.53 -11.47 -7.75
N VAL A 88 8.11 -11.90 -8.93
CA VAL A 88 6.89 -11.39 -9.54
C VAL A 88 5.78 -12.45 -9.54
N PRO A 89 5.12 -12.61 -8.38
CA PRO A 89 4.04 -13.59 -8.23
C PRO A 89 2.78 -13.18 -9.00
N PRO A 90 1.87 -14.14 -9.16
CA PRO A 90 0.61 -13.91 -9.88
C PRO A 90 -0.34 -12.98 -9.12
N ASN A 91 -0.24 -13.01 -7.79
CA ASN A 91 -1.08 -12.16 -6.95
C ASN A 91 -0.52 -10.75 -6.85
N GLY A 92 0.79 -10.62 -7.05
CA GLY A 92 1.42 -9.32 -6.97
C GLY A 92 1.76 -8.92 -5.55
N LEU A 93 2.27 -7.70 -5.40
CA LEU A 93 2.63 -7.20 -4.07
C LEU A 93 2.13 -5.77 -3.87
N VAL A 94 1.60 -5.50 -2.69
CA VAL A 94 1.08 -4.16 -2.36
C VAL A 94 1.69 -3.63 -1.07
N VAL A 95 1.88 -2.32 -1.01
CA VAL A 95 2.45 -1.69 0.17
C VAL A 95 1.50 -0.64 0.75
N TYR A 96 1.47 -0.54 2.07
CA TYR A 96 0.60 0.41 2.75
C TYR A 96 1.33 1.08 3.91
N CYS A 97 1.68 2.35 3.73
CA CYS A 97 2.39 3.10 4.76
C CYS A 97 1.97 4.57 4.74
N GLY A 98 1.30 5.01 5.80
CA GLY A 98 0.87 6.40 5.87
C GLY A 98 0.83 6.91 7.30
N THR A 99 0.77 8.23 7.44
CA THR A 99 0.74 8.85 8.75
C THR A 99 -0.65 9.41 9.07
N ILE A 100 -1.27 8.87 10.11
CA ILE A 100 -2.60 9.32 10.51
C ILE A 100 -2.57 9.99 11.88
N VAL A 101 -3.10 11.21 11.95
CA VAL A 101 -3.14 11.96 13.20
C VAL A 101 -4.41 11.66 13.98
N THR A 102 -4.26 11.43 15.28
CA THR A 102 -5.39 11.12 16.14
C THR A 102 -6.02 12.41 16.68
N GLU A 103 -6.96 12.25 17.61
CA GLU A 103 -7.64 13.40 18.21
C GLU A 103 -6.64 14.39 18.78
N GLU A 104 -5.70 13.89 19.59
CA GLU A 104 -4.68 14.73 20.20
C GLU A 104 -3.79 15.36 19.14
N GLY A 105 -3.76 14.74 17.96
CA GLY A 105 -2.94 15.26 16.88
C GLY A 105 -1.64 14.51 16.73
N LYS A 106 -1.64 13.23 17.13
CA LYS A 106 -0.45 12.40 17.04
C LYS A 106 -0.49 11.52 15.79
N GLU A 107 0.47 11.72 14.90
CA GLU A 107 0.53 10.95 13.66
C GLU A 107 0.99 9.52 13.94
N LYS A 108 0.49 8.58 13.14
CA LYS A 108 0.84 7.18 13.30
C LYS A 108 1.43 6.60 12.00
N LYS A 109 2.72 6.31 12.02
CA LYS A 109 3.39 5.76 10.85
C LYS A 109 3.06 4.28 10.68
N VAL A 110 2.32 3.96 9.63
CA VAL A 110 1.93 2.58 9.35
C VAL A 110 2.98 1.88 8.49
N ASN A 111 3.36 0.67 8.88
CA ASN A 111 4.35 -0.09 8.15
C ASN A 111 3.87 -1.52 7.90
N ILE A 112 3.28 -1.76 6.73
CA ILE A 112 2.77 -3.08 6.39
C ILE A 112 2.88 -3.33 4.89
N ASP A 113 3.45 -4.46 4.52
CA ASP A 113 3.61 -4.82 3.12
C ASP A 113 3.67 -6.34 2.95
N PHE A 114 3.20 -6.82 1.80
CA PHE A 114 3.19 -8.25 1.52
C PHE A 114 2.48 -8.55 0.21
N GLU A 115 2.57 -9.79 -0.25
CA GLU A 115 1.92 -10.20 -1.50
C GLU A 115 0.71 -11.07 -1.21
N PRO A 116 -0.44 -10.44 -0.99
CA PRO A 116 -1.71 -11.13 -0.71
C PRO A 116 -2.24 -11.88 -1.93
N PHE A 117 -3.40 -12.51 -1.77
CA PHE A 117 -4.01 -13.25 -2.86
C PHE A 117 -5.00 -12.38 -3.64
N LYS A 118 -4.74 -11.07 -3.63
CA LYS A 118 -5.60 -10.13 -4.34
C LYS A 118 -4.86 -9.49 -5.51
N PRO A 119 -4.87 -10.17 -6.66
CA PRO A 119 -4.21 -9.70 -7.88
C PRO A 119 -4.92 -8.48 -8.48
N ILE A 120 -4.15 -7.45 -8.79
CA ILE A 120 -4.70 -6.23 -9.37
C ILE A 120 -4.71 -6.31 -10.89
N ASN A 121 -5.50 -5.44 -11.52
CA ASN A 121 -5.61 -5.41 -12.97
C ASN A 121 -4.52 -4.53 -13.59
N THR A 122 -4.14 -3.48 -12.86
CA THR A 122 -3.11 -2.56 -13.33
C THR A 122 -2.35 -1.95 -12.15
N SER A 123 -1.12 -1.52 -12.42
CA SER A 123 -0.29 -0.92 -11.38
C SER A 123 -0.58 0.57 -11.25
N LEU A 124 -0.20 1.14 -10.11
CA LEU A 124 -0.42 2.56 -9.86
C LEU A 124 0.15 2.97 -8.50
N TYR A 125 0.44 4.26 -8.36
CA TYR A 125 0.98 4.78 -7.11
C TYR A 125 0.04 5.79 -6.48
N LEU A 126 -0.29 5.57 -5.21
CA LEU A 126 -1.19 6.46 -4.48
C LEU A 126 -0.42 7.33 -3.49
N CYS A 127 -0.38 8.63 -3.75
CA CYS A 127 0.32 9.57 -2.88
C CYS A 127 -0.45 10.88 -2.75
N ASP A 128 -1.11 11.05 -1.62
CA ASP A 128 -1.89 12.26 -1.37
C ASP A 128 -2.41 12.29 0.07
N ASN A 129 -1.54 11.93 1.01
CA ASN A 129 -1.89 11.91 2.42
C ASN A 129 -3.31 11.35 2.62
N LYS A 130 -3.64 10.32 1.84
CA LYS A 130 -4.95 9.69 1.93
C LYS A 130 -4.96 8.35 1.18
N PHE A 131 -5.43 7.31 1.85
CA PHE A 131 -5.50 5.99 1.26
C PHE A 131 -6.82 5.79 0.51
N HIS A 132 -6.72 5.32 -0.74
CA HIS A 132 -7.90 5.09 -1.56
C HIS A 132 -7.63 4.01 -2.60
N THR A 133 -7.67 2.75 -2.17
CA THR A 133 -7.42 1.63 -3.06
C THR A 133 -8.47 1.55 -4.15
N GLU A 134 -8.18 2.17 -5.30
CA GLU A 134 -9.11 2.17 -6.43
C GLU A 134 -9.29 0.77 -6.99
N ALA A 135 -8.17 0.06 -7.15
CA ALA A 135 -8.21 -1.30 -7.69
C ALA A 135 -9.26 -2.14 -6.98
N LEU A 136 -9.15 -2.23 -5.65
CA LEU A 136 -10.09 -3.01 -4.85
C LEU A 136 -11.53 -2.54 -5.10
N THR A 137 -11.77 -1.25 -4.90
CA THR A 137 -13.10 -0.68 -5.11
C THR A 137 -13.66 -1.08 -6.46
N ALA A 138 -12.94 -0.75 -7.52
CA ALA A 138 -13.37 -1.08 -8.87
C ALA A 138 -13.57 -2.58 -9.04
N LEU A 139 -12.67 -3.36 -8.44
CA LEU A 139 -12.74 -4.81 -8.52
C LEU A 139 -14.12 -5.31 -8.14
N LEU A 140 -14.66 -4.78 -7.05
CA LEU A 140 -15.99 -5.17 -6.58
C LEU A 140 -17.07 -4.64 -7.51
N SER A 141 -16.95 -3.37 -7.89
CA SER A 141 -17.92 -2.74 -8.78
C SER A 141 -18.08 -3.54 -10.06
N ASP A 142 -16.98 -4.08 -10.56
CA ASP A 142 -17.00 -4.87 -11.78
C ASP A 142 -15.62 -5.44 -12.09
N MET A 1 -22.78 -21.76 9.70
CA MET A 1 -21.84 -20.67 9.42
C MET A 1 -20.46 -21.22 9.09
N ALA A 2 -20.02 -22.20 9.88
CA ALA A 2 -18.71 -22.81 9.67
C ALA A 2 -18.68 -24.25 10.17
N ASP A 3 -18.53 -25.18 9.24
CA ASP A 3 -18.50 -26.60 9.58
C ASP A 3 -17.21 -27.24 9.08
N ASP A 4 -16.85 -26.94 7.83
CA ASP A 4 -15.64 -27.50 7.23
C ASP A 4 -14.45 -26.58 7.47
N PRO A 5 -13.23 -27.13 7.34
CA PRO A 5 -11.98 -26.38 7.54
C PRO A 5 -11.75 -25.35 6.44
N SER A 6 -12.17 -25.69 5.22
CA SER A 6 -12.00 -24.80 4.08
C SER A 6 -13.03 -23.68 4.10
N ALA A 7 -14.26 -24.03 4.44
CA ALA A 7 -15.35 -23.05 4.51
C ALA A 7 -14.98 -21.89 5.42
N ALA A 8 -14.53 -22.21 6.63
CA ALA A 8 -14.15 -21.19 7.60
C ALA A 8 -13.03 -20.31 7.05
N ASP A 9 -11.97 -20.95 6.55
CA ASP A 9 -10.83 -20.23 6.00
C ASP A 9 -11.27 -19.29 4.88
N ARG A 10 -12.31 -19.69 4.16
CA ARG A 10 -12.83 -18.89 3.06
C ARG A 10 -13.39 -17.56 3.58
N ASN A 11 -14.26 -17.64 4.56
CA ASN A 11 -14.87 -16.45 5.14
C ASN A 11 -13.84 -15.62 5.89
N VAL A 12 -12.95 -16.29 6.61
CA VAL A 12 -11.91 -15.62 7.37
C VAL A 12 -10.98 -14.83 6.45
N GLU A 13 -10.72 -15.38 5.27
CA GLU A 13 -9.85 -14.73 4.30
C GLU A 13 -10.48 -13.44 3.77
N ILE A 14 -11.70 -13.55 3.27
CA ILE A 14 -12.41 -12.39 2.74
C ILE A 14 -12.64 -11.35 3.83
N TRP A 15 -12.94 -11.82 5.03
CA TRP A 15 -13.19 -10.93 6.16
C TRP A 15 -11.94 -10.14 6.52
N LYS A 16 -10.82 -10.85 6.70
CA LYS A 16 -9.56 -10.22 7.05
C LYS A 16 -9.18 -9.15 6.01
N ILE A 17 -9.10 -9.56 4.75
CA ILE A 17 -8.75 -8.64 3.68
C ILE A 17 -9.76 -7.50 3.58
N LYS A 18 -11.02 -7.79 3.91
CA LYS A 18 -12.08 -6.80 3.87
C LYS A 18 -11.78 -5.65 4.83
N LYS A 19 -11.18 -5.98 5.97
CA LYS A 19 -10.85 -4.98 6.97
C LYS A 19 -9.65 -4.15 6.53
N LEU A 20 -8.67 -4.80 5.92
CA LEU A 20 -7.47 -4.11 5.45
C LEU A 20 -7.83 -2.91 4.59
N ILE A 21 -8.60 -3.16 3.53
CA ILE A 21 -9.01 -2.10 2.62
C ILE A 21 -9.93 -1.10 3.32
N LYS A 22 -10.87 -1.63 4.12
CA LYS A 22 -11.80 -0.79 4.85
C LYS A 22 -11.06 0.25 5.70
N SER A 23 -9.99 -0.19 6.35
CA SER A 23 -9.20 0.70 7.19
C SER A 23 -8.57 1.82 6.36
N LEU A 24 -7.98 1.45 5.23
CA LEU A 24 -7.35 2.41 4.34
C LEU A 24 -8.31 3.55 3.99
N GLU A 25 -9.51 3.18 3.55
CA GLU A 25 -10.52 4.17 3.18
C GLU A 25 -10.90 5.03 4.38
N ALA A 26 -10.85 4.44 5.57
CA ALA A 26 -11.19 5.15 6.79
C ALA A 26 -9.96 5.85 7.38
N ALA A 27 -8.88 5.88 6.61
CA ALA A 27 -7.65 6.52 7.05
C ALA A 27 -7.25 7.65 6.11
N ARG A 28 -7.09 8.85 6.66
CA ARG A 28 -6.72 10.01 5.87
C ARG A 28 -5.62 10.81 6.58
N GLY A 29 -4.59 11.20 5.82
CA GLY A 29 -3.50 11.97 6.38
C GLY A 29 -3.48 13.40 5.91
N ASN A 30 -2.49 14.17 6.35
CA ASN A 30 -2.37 15.57 5.96
C ASN A 30 -1.30 15.74 4.89
N GLY A 31 -0.04 15.68 5.31
CA GLY A 31 1.06 15.84 4.36
C GLY A 31 1.21 14.64 3.45
N THR A 32 1.90 14.83 2.33
CA THR A 32 2.11 13.76 1.37
C THR A 32 2.95 12.64 1.96
N SER A 33 2.29 11.67 2.58
CA SER A 33 2.98 10.55 3.20
C SER A 33 2.30 9.22 2.83
N MET A 34 0.98 9.24 2.79
CA MET A 34 0.21 8.04 2.44
C MET A 34 0.56 7.57 1.04
N ILE A 35 1.48 6.60 0.96
CA ILE A 35 1.89 6.06 -0.33
C ILE A 35 1.28 4.68 -0.56
N SER A 36 0.70 4.49 -1.74
CA SER A 36 0.07 3.23 -2.10
C SER A 36 0.71 2.64 -3.35
N LEU A 37 1.37 1.49 -3.20
CA LEU A 37 2.02 0.82 -4.32
C LEU A 37 1.49 -0.59 -4.50
N ILE A 38 1.18 -0.95 -5.73
CA ILE A 38 0.66 -2.29 -6.04
C ILE A 38 1.31 -2.86 -7.28
N ILE A 39 2.02 -3.97 -7.12
CA ILE A 39 2.70 -4.62 -8.23
C ILE A 39 1.98 -5.90 -8.64
N PRO A 40 1.08 -5.80 -9.63
CA PRO A 40 0.30 -6.93 -10.13
C PRO A 40 1.17 -7.93 -10.90
N PRO A 41 0.62 -9.11 -11.17
CA PRO A 41 1.32 -10.17 -11.90
C PRO A 41 1.53 -9.81 -13.38
N LYS A 42 2.44 -8.88 -13.63
CA LYS A 42 2.73 -8.45 -14.99
C LYS A 42 3.95 -7.53 -15.01
N ASP A 43 4.06 -6.67 -14.01
CA ASP A 43 5.18 -5.74 -13.91
C ASP A 43 6.45 -6.47 -13.50
N GLN A 44 7.52 -5.70 -13.32
CA GLN A 44 8.80 -6.27 -12.92
C GLN A 44 9.40 -5.51 -11.74
N ILE A 45 10.00 -6.24 -10.81
CA ILE A 45 10.61 -5.63 -9.62
C ILE A 45 11.59 -4.53 -10.02
N SER A 46 12.32 -4.76 -11.09
CA SER A 46 13.30 -3.79 -11.58
C SER A 46 12.63 -2.47 -11.91
N ARG A 47 11.48 -2.55 -12.58
CA ARG A 47 10.74 -1.35 -12.97
C ARG A 47 10.51 -0.44 -11.77
N VAL A 48 10.31 -1.03 -10.60
CA VAL A 48 10.08 -0.28 -9.38
C VAL A 48 11.39 0.30 -8.85
N ALA A 49 12.48 -0.44 -9.02
CA ALA A 49 13.79 -0.01 -8.56
C ALA A 49 14.12 1.38 -9.10
N LYS A 50 14.08 1.52 -10.42
CA LYS A 50 14.38 2.80 -11.06
C LYS A 50 13.27 3.81 -10.80
N MET A 51 12.03 3.32 -10.78
CA MET A 51 10.88 4.19 -10.54
C MET A 51 11.00 4.90 -9.19
N LEU A 52 11.05 4.11 -8.12
CA LEU A 52 11.16 4.66 -6.78
C LEU A 52 12.40 5.54 -6.65
N ALA A 53 13.46 5.15 -7.35
CA ALA A 53 14.70 5.91 -7.31
C ALA A 53 14.46 7.39 -7.61
N ASP A 54 13.83 7.66 -8.75
CA ASP A 54 13.54 9.03 -9.14
C ASP A 54 12.53 9.67 -8.20
N GLN A 55 11.56 8.88 -7.75
CA GLN A 55 10.54 9.37 -6.83
C GLN A 55 11.17 10.06 -5.63
N PHE A 56 12.32 9.55 -5.19
CA PHE A 56 13.02 10.12 -4.05
C PHE A 56 13.33 11.60 -4.28
N GLY A 57 14.07 11.88 -5.35
CA GLY A 57 14.42 13.26 -5.66
C GLY A 57 13.21 14.17 -5.69
N THR A 58 12.07 13.63 -6.11
CA THR A 58 10.84 14.41 -6.18
C THR A 58 10.57 15.14 -4.87
N ALA A 59 10.91 14.49 -3.76
CA ALA A 59 10.71 15.09 -2.44
C ALA A 59 11.57 16.33 -2.25
N SER A 60 12.78 16.29 -2.82
CA SER A 60 13.70 17.41 -2.72
C SER A 60 13.06 18.70 -3.20
N ASN A 61 12.09 18.56 -4.10
CA ASN A 61 11.39 19.71 -4.66
C ASN A 61 10.35 20.24 -3.67
N ILE A 62 9.84 19.35 -2.83
CA ILE A 62 8.84 19.72 -1.84
C ILE A 62 9.39 20.76 -0.86
N LYS A 63 8.69 21.88 -0.73
CA LYS A 63 9.10 22.95 0.17
C LYS A 63 8.89 22.54 1.62
N SER A 64 7.64 22.25 1.97
CA SER A 64 7.30 21.85 3.33
C SER A 64 8.18 20.69 3.79
N ARG A 65 9.08 20.96 4.74
CA ARG A 65 9.98 19.94 5.26
C ARG A 65 9.19 18.70 5.71
N VAL A 66 8.09 18.94 6.42
CA VAL A 66 7.25 17.85 6.92
C VAL A 66 6.89 16.89 5.79
N ASN A 67 6.53 17.45 4.64
CA ASN A 67 6.14 16.64 3.48
C ASN A 67 7.38 16.07 2.79
N ARG A 68 8.31 16.96 2.43
CA ARG A 68 9.54 16.55 1.75
C ARG A 68 10.18 15.37 2.48
N LEU A 69 10.42 15.54 3.78
CA LEU A 69 11.03 14.49 4.59
C LEU A 69 10.14 13.26 4.66
N SER A 70 8.84 13.49 4.76
CA SER A 70 7.87 12.39 4.83
C SER A 70 7.95 11.51 3.58
N VAL A 71 8.03 12.15 2.41
CA VAL A 71 8.11 11.44 1.15
C VAL A 71 9.35 10.55 1.10
N LEU A 72 10.47 11.10 1.55
CA LEU A 72 11.73 10.36 1.55
C LEU A 72 11.57 9.03 2.29
N GLY A 73 11.03 9.10 3.50
CA GLY A 73 10.84 7.90 4.29
C GLY A 73 10.04 6.84 3.56
N ALA A 74 8.92 7.24 2.98
CA ALA A 74 8.06 6.31 2.24
C ALA A 74 8.88 5.53 1.21
N ILE A 75 9.45 6.24 0.25
CA ILE A 75 10.25 5.62 -0.79
C ILE A 75 11.25 4.64 -0.21
N THR A 76 11.74 4.93 1.00
CA THR A 76 12.70 4.07 1.67
C THR A 76 12.08 2.73 2.02
N SER A 77 10.85 2.76 2.54
CA SER A 77 10.15 1.54 2.92
C SER A 77 9.90 0.65 1.71
N VAL A 78 9.16 1.18 0.74
CA VAL A 78 8.85 0.44 -0.47
C VAL A 78 10.11 -0.12 -1.12
N GLN A 79 11.20 0.63 -1.00
CA GLN A 79 12.48 0.21 -1.58
C GLN A 79 13.01 -1.02 -0.87
N GLN A 80 12.77 -1.11 0.44
CA GLN A 80 13.24 -2.24 1.23
C GLN A 80 12.54 -3.53 0.79
N ARG A 81 11.22 -3.55 0.93
CA ARG A 81 10.43 -4.73 0.55
C ARG A 81 10.69 -5.10 -0.91
N LEU A 82 10.96 -4.10 -1.74
CA LEU A 82 11.22 -4.33 -3.15
C LEU A 82 12.40 -5.28 -3.34
N LYS A 83 13.54 -4.92 -2.78
CA LYS A 83 14.74 -5.74 -2.88
C LYS A 83 14.58 -7.03 -2.10
N LEU A 84 13.84 -6.97 -0.99
CA LEU A 84 13.61 -8.13 -0.15
C LEU A 84 13.15 -9.33 -0.99
N TYR A 85 11.96 -9.23 -1.55
CA TYR A 85 11.41 -10.29 -2.38
C TYR A 85 12.13 -10.38 -3.71
N ASN A 86 12.23 -9.25 -4.39
CA ASN A 86 12.90 -9.19 -5.69
C ASN A 86 12.34 -10.24 -6.64
N LYS A 87 11.06 -10.54 -6.48
CA LYS A 87 10.40 -11.54 -7.33
C LYS A 87 9.04 -11.02 -7.80
N VAL A 88 8.55 -11.57 -8.91
CA VAL A 88 7.27 -11.17 -9.47
C VAL A 88 6.24 -12.28 -9.32
N PRO A 89 5.64 -12.38 -8.12
CA PRO A 89 4.63 -13.39 -7.82
C PRO A 89 3.31 -13.15 -8.57
N PRO A 90 2.45 -14.17 -8.61
CA PRO A 90 1.15 -14.08 -9.28
C PRO A 90 0.17 -13.16 -8.55
N ASN A 91 0.22 -13.20 -7.23
CA ASN A 91 -0.66 -12.38 -6.40
C ASN A 91 -0.17 -10.94 -6.37
N GLY A 92 1.12 -10.75 -6.62
CA GLY A 92 1.70 -9.42 -6.60
C GLY A 92 2.01 -8.93 -5.20
N LEU A 93 2.55 -7.72 -5.10
CA LEU A 93 2.89 -7.15 -3.80
C LEU A 93 2.22 -5.79 -3.62
N VAL A 94 1.81 -5.48 -2.40
CA VAL A 94 1.17 -4.21 -2.09
C VAL A 94 1.64 -3.66 -0.75
N VAL A 95 1.88 -2.35 -0.72
CA VAL A 95 2.34 -1.70 0.51
C VAL A 95 1.48 -0.48 0.83
N TYR A 96 1.14 -0.34 2.11
CA TYR A 96 0.31 0.78 2.56
C TYR A 96 0.94 1.46 3.77
N CYS A 97 1.45 2.68 3.56
CA CYS A 97 2.07 3.45 4.63
C CYS A 97 1.65 4.90 4.57
N GLY A 98 0.94 5.34 5.61
CA GLY A 98 0.48 6.72 5.66
C GLY A 98 0.44 7.27 7.08
N THR A 99 0.37 8.59 7.20
CA THR A 99 0.33 9.24 8.50
C THR A 99 -1.01 9.92 8.73
N ILE A 100 -1.70 9.51 9.79
CA ILE A 100 -3.00 10.07 10.13
C ILE A 100 -2.96 10.77 11.49
N VAL A 101 -3.38 12.03 11.52
CA VAL A 101 -3.39 12.80 12.76
C VAL A 101 -4.68 12.54 13.55
N THR A 102 -4.53 11.96 14.73
CA THR A 102 -5.67 11.66 15.59
C THR A 102 -6.35 12.93 16.08
N GLU A 103 -7.36 12.77 16.92
CA GLU A 103 -8.10 13.92 17.46
C GLU A 103 -7.13 14.94 18.06
N GLU A 104 -6.24 14.47 18.91
CA GLU A 104 -5.26 15.34 19.56
C GLU A 104 -4.32 15.96 18.53
N GLY A 105 -4.23 15.33 17.36
CA GLY A 105 -3.36 15.84 16.31
C GLY A 105 -2.07 15.07 16.21
N LYS A 106 -2.09 13.82 16.63
CA LYS A 106 -0.90 12.96 16.58
C LYS A 106 -0.92 12.06 15.35
N GLU A 107 0.09 12.21 14.50
CA GLU A 107 0.18 11.42 13.29
C GLU A 107 0.45 9.95 13.63
N LYS A 108 -0.10 9.05 12.81
CA LYS A 108 0.09 7.62 13.01
C LYS A 108 0.58 6.94 11.74
N LYS A 109 1.81 6.46 11.78
CA LYS A 109 2.40 5.78 10.62
C LYS A 109 2.08 4.29 10.64
N VAL A 110 1.51 3.80 9.54
CA VAL A 110 1.15 2.39 9.44
C VAL A 110 2.01 1.69 8.40
N ASN A 111 3.12 1.11 8.84
CA ASN A 111 4.03 0.41 7.94
C ASN A 111 3.47 -0.96 7.57
N ILE A 112 2.82 -1.04 6.42
CA ILE A 112 2.25 -2.30 5.96
C ILE A 112 2.81 -2.69 4.59
N ASP A 113 3.31 -3.91 4.50
CA ASP A 113 3.87 -4.42 3.25
C ASP A 113 3.85 -5.94 3.22
N PHE A 114 3.49 -6.49 2.06
CA PHE A 114 3.42 -7.94 1.90
C PHE A 114 2.89 -8.31 0.52
N GLU A 115 3.01 -9.59 0.17
CA GLU A 115 2.54 -10.07 -1.12
C GLU A 115 1.52 -11.20 -0.96
N PRO A 116 0.40 -10.88 -0.31
CA PRO A 116 -0.68 -11.85 -0.07
C PRO A 116 -1.40 -12.25 -1.34
N PHE A 117 -2.42 -13.09 -1.21
CA PHE A 117 -3.20 -13.54 -2.35
C PHE A 117 -4.21 -12.48 -2.78
N LYS A 118 -3.78 -11.23 -2.76
CA LYS A 118 -4.64 -10.12 -3.14
C LYS A 118 -4.16 -9.47 -4.43
N PRO A 119 -4.39 -10.15 -5.56
CA PRO A 119 -3.99 -9.66 -6.88
C PRO A 119 -4.81 -8.45 -7.33
N ILE A 120 -4.12 -7.36 -7.66
CA ILE A 120 -4.79 -6.15 -8.10
C ILE A 120 -5.02 -6.17 -9.60
N ASN A 121 -6.10 -5.53 -10.04
CA ASN A 121 -6.43 -5.47 -11.46
C ASN A 121 -5.26 -4.92 -12.27
N THR A 122 -4.67 -3.83 -11.78
CA THR A 122 -3.54 -3.21 -12.46
C THR A 122 -2.58 -2.58 -11.45
N SER A 123 -1.49 -2.01 -11.96
CA SER A 123 -0.50 -1.38 -11.11
C SER A 123 -0.99 -0.01 -10.63
N LEU A 124 -0.82 0.24 -9.33
CA LEU A 124 -1.25 1.50 -8.74
C LEU A 124 -0.12 2.11 -7.91
N TYR A 125 0.24 3.35 -8.23
CA TYR A 125 1.30 4.05 -7.51
C TYR A 125 1.04 5.55 -7.48
N LEU A 126 0.64 6.05 -6.31
CA LEU A 126 0.36 7.47 -6.14
C LEU A 126 0.68 7.92 -4.72
N CYS A 127 0.92 9.23 -4.56
CA CYS A 127 1.24 9.78 -3.25
C CYS A 127 0.59 11.15 -3.08
N ASP A 128 -0.44 11.21 -2.24
CA ASP A 128 -1.14 12.46 -1.99
C ASP A 128 -1.94 12.38 -0.69
N ASN A 129 -1.25 12.02 0.40
CA ASN A 129 -1.89 11.91 1.71
C ASN A 129 -3.25 11.24 1.58
N LYS A 130 -3.34 10.25 0.70
CA LYS A 130 -4.58 9.52 0.48
C LYS A 130 -4.33 8.21 -0.24
N PHE A 131 -4.83 7.11 0.34
CA PHE A 131 -4.66 5.79 -0.25
C PHE A 131 -5.50 5.64 -1.52
N HIS A 132 -5.38 4.49 -2.18
CA HIS A 132 -6.13 4.22 -3.39
C HIS A 132 -6.33 2.72 -3.60
N THR A 133 -7.58 2.30 -3.68
CA THR A 133 -7.90 0.89 -3.86
C THR A 133 -8.81 0.69 -5.07
N GLU A 134 -8.21 0.45 -6.23
CA GLU A 134 -8.97 0.25 -7.46
C GLU A 134 -9.83 -1.00 -7.36
N ALA A 135 -9.21 -2.12 -7.00
CA ALA A 135 -9.92 -3.38 -6.86
C ALA A 135 -11.15 -3.23 -5.97
N LEU A 136 -10.95 -2.71 -4.77
CA LEU A 136 -12.03 -2.50 -3.82
C LEU A 136 -13.12 -1.62 -4.42
N THR A 137 -12.72 -0.43 -4.85
CA THR A 137 -13.66 0.52 -5.45
C THR A 137 -14.47 -0.14 -6.57
N ALA A 138 -13.78 -0.58 -7.62
CA ALA A 138 -14.44 -1.23 -8.74
C ALA A 138 -15.31 -2.38 -8.28
N LEU A 139 -14.80 -3.17 -7.33
CA LEU A 139 -15.54 -4.31 -6.81
C LEU A 139 -16.85 -3.87 -6.17
N LEU A 140 -16.75 -3.09 -5.10
CA LEU A 140 -17.92 -2.58 -4.40
C LEU A 140 -18.86 -1.86 -5.36
N SER A 141 -18.28 -1.16 -6.33
CA SER A 141 -19.07 -0.43 -7.31
C SER A 141 -19.97 -1.36 -8.10
N ASP A 142 -19.48 -2.56 -8.38
CA ASP A 142 -20.25 -3.56 -9.12
C ASP A 142 -20.34 -4.87 -8.34
N MET A 1 -24.54 -23.60 7.71
CA MET A 1 -23.79 -22.62 6.94
C MET A 1 -22.31 -22.98 6.90
N ALA A 2 -21.82 -23.33 5.72
CA ALA A 2 -20.42 -23.70 5.55
C ALA A 2 -20.08 -24.95 6.35
N ASP A 3 -19.98 -26.08 5.67
CA ASP A 3 -19.65 -27.34 6.33
C ASP A 3 -18.46 -28.02 5.66
N ASP A 4 -17.50 -27.20 5.20
CA ASP A 4 -16.32 -27.72 4.54
C ASP A 4 -15.06 -27.05 5.10
N PRO A 5 -13.90 -27.70 4.88
CA PRO A 5 -12.61 -27.20 5.36
C PRO A 5 -12.16 -25.95 4.60
N SER A 6 -12.42 -25.92 3.30
CA SER A 6 -12.04 -24.79 2.46
C SER A 6 -13.01 -23.63 2.65
N ALA A 7 -14.29 -23.96 2.83
CA ALA A 7 -15.31 -22.94 3.03
C ALA A 7 -14.94 -21.98 4.16
N ALA A 8 -14.44 -22.53 5.25
CA ALA A 8 -14.04 -21.73 6.40
C ALA A 8 -12.91 -20.77 6.03
N ASP A 9 -11.87 -21.31 5.40
CA ASP A 9 -10.73 -20.49 4.99
C ASP A 9 -11.18 -19.33 4.10
N ARG A 10 -12.23 -19.56 3.33
CA ARG A 10 -12.75 -18.55 2.42
C ARG A 10 -13.40 -17.41 3.22
N ASN A 11 -14.15 -17.77 4.24
CA ASN A 11 -14.83 -16.78 5.09
C ASN A 11 -13.81 -15.92 5.84
N VAL A 12 -12.85 -16.58 6.48
CA VAL A 12 -11.82 -15.88 7.23
C VAL A 12 -10.95 -15.02 6.31
N GLU A 13 -10.72 -15.52 5.10
CA GLU A 13 -9.91 -14.79 4.13
C GLU A 13 -10.52 -13.44 3.80
N ILE A 14 -11.81 -13.44 3.50
CA ILE A 14 -12.52 -12.21 3.17
C ILE A 14 -12.71 -11.33 4.41
N TRP A 15 -12.88 -11.98 5.56
CA TRP A 15 -13.08 -11.27 6.81
C TRP A 15 -11.81 -10.52 7.22
N LYS A 16 -10.70 -11.26 7.31
CA LYS A 16 -9.43 -10.67 7.68
C LYS A 16 -9.09 -9.48 6.80
N ILE A 17 -9.00 -9.73 5.49
CA ILE A 17 -8.69 -8.67 4.54
C ILE A 17 -9.63 -7.48 4.70
N LYS A 18 -10.89 -7.78 5.01
CA LYS A 18 -11.89 -6.74 5.19
C LYS A 18 -11.51 -5.80 6.34
N LYS A 19 -10.86 -6.36 7.35
CA LYS A 19 -10.43 -5.58 8.51
C LYS A 19 -9.20 -4.75 8.18
N LEU A 20 -8.26 -5.35 7.46
CA LEU A 20 -7.03 -4.66 7.07
C LEU A 20 -7.32 -3.55 6.07
N ILE A 21 -8.04 -3.90 5.00
CA ILE A 21 -8.39 -2.93 3.97
C ILE A 21 -9.20 -1.78 4.55
N LYS A 22 -10.21 -2.11 5.36
CA LYS A 22 -11.07 -1.11 5.98
C LYS A 22 -10.24 -0.14 6.82
N SER A 23 -9.19 -0.66 7.46
CA SER A 23 -8.32 0.16 8.30
C SER A 23 -7.66 1.26 7.48
N LEU A 24 -7.06 0.89 6.36
CA LEU A 24 -6.39 1.85 5.49
C LEU A 24 -7.33 2.98 5.11
N GLU A 25 -8.50 2.63 4.56
CA GLU A 25 -9.48 3.62 4.15
C GLU A 25 -9.93 4.46 5.35
N ALA A 26 -9.90 3.86 6.53
CA ALA A 26 -10.30 4.56 7.75
C ALA A 26 -9.20 5.51 8.23
N ALA A 27 -7.95 5.14 7.97
CA ALA A 27 -6.82 5.96 8.37
C ALA A 27 -6.68 7.18 7.48
N ARG A 28 -6.70 8.36 8.09
CA ARG A 28 -6.57 9.61 7.35
C ARG A 28 -5.59 10.56 8.04
N GLY A 29 -4.84 11.31 7.23
CA GLY A 29 -3.88 12.24 7.79
C GLY A 29 -3.91 13.59 7.09
N ASN A 30 -2.79 14.30 7.12
CA ASN A 30 -2.70 15.61 6.49
C ASN A 30 -1.49 15.70 5.57
N GLY A 31 -0.30 15.51 6.14
CA GLY A 31 0.91 15.57 5.36
C GLY A 31 0.92 14.57 4.22
N THR A 32 1.27 15.04 3.02
CA THR A 32 1.32 14.17 1.85
C THR A 32 2.46 13.17 1.94
N SER A 33 2.21 12.04 2.59
CA SER A 33 3.22 11.01 2.75
C SER A 33 2.59 9.63 2.72
N MET A 34 1.41 9.53 2.11
CA MET A 34 0.70 8.26 2.00
C MET A 34 1.10 7.52 0.73
N ILE A 35 2.21 6.80 0.80
CA ILE A 35 2.69 6.04 -0.34
C ILE A 35 2.11 4.63 -0.37
N SER A 36 1.22 4.37 -1.32
CA SER A 36 0.58 3.08 -1.45
C SER A 36 0.39 2.70 -2.92
N LEU A 37 0.83 1.49 -3.28
CA LEU A 37 0.70 1.02 -4.65
C LEU A 37 0.46 -0.49 -4.68
N ILE A 38 -0.08 -0.98 -5.79
CA ILE A 38 -0.36 -2.40 -5.94
C ILE A 38 0.44 -2.98 -7.12
N ILE A 39 0.94 -4.21 -6.92
CA ILE A 39 1.71 -4.88 -7.96
C ILE A 39 1.08 -6.21 -8.33
N PRO A 40 0.32 -6.24 -9.43
CA PRO A 40 -0.34 -7.45 -9.91
C PRO A 40 0.64 -8.48 -10.46
N PRO A 41 0.16 -9.69 -10.71
CA PRO A 41 0.98 -10.79 -11.25
C PRO A 41 1.39 -10.54 -12.69
N LYS A 42 2.10 -9.44 -12.93
CA LYS A 42 2.55 -9.10 -14.27
C LYS A 42 3.32 -7.77 -14.26
N ASP A 43 4.02 -7.51 -13.17
CA ASP A 43 4.79 -6.28 -13.05
C ASP A 43 6.20 -6.58 -12.54
N GLN A 44 7.19 -6.38 -13.41
CA GLN A 44 8.58 -6.62 -13.06
C GLN A 44 8.98 -5.84 -11.81
N ILE A 45 9.56 -6.52 -10.84
CA ILE A 45 9.99 -5.90 -9.60
C ILE A 45 10.99 -4.77 -9.87
N SER A 46 11.82 -4.96 -10.89
CA SER A 46 12.83 -3.97 -11.24
C SER A 46 12.17 -2.65 -11.63
N ARG A 47 11.04 -2.74 -12.32
CA ARG A 47 10.31 -1.55 -12.75
C ARG A 47 9.95 -0.67 -11.55
N VAL A 48 9.66 -1.30 -10.42
CA VAL A 48 9.30 -0.57 -9.21
C VAL A 48 10.53 0.06 -8.56
N ALA A 49 11.65 -0.66 -8.62
CA ALA A 49 12.89 -0.17 -8.04
C ALA A 49 13.23 1.23 -8.56
N LYS A 50 13.27 1.36 -9.87
CA LYS A 50 13.59 2.65 -10.49
C LYS A 50 12.44 3.64 -10.31
N MET A 51 11.21 3.15 -10.45
CA MET A 51 10.03 3.99 -10.29
C MET A 51 10.08 4.75 -8.96
N LEU A 52 10.21 4.01 -7.87
CA LEU A 52 10.27 4.62 -6.54
C LEU A 52 11.50 5.51 -6.41
N ALA A 53 12.60 5.12 -7.06
CA ALA A 53 13.83 5.87 -7.02
C ALA A 53 13.59 7.35 -7.35
N ASP A 54 12.80 7.58 -8.40
CA ASP A 54 12.48 8.94 -8.83
C ASP A 54 11.61 9.65 -7.80
N GLN A 55 10.69 8.90 -7.19
CA GLN A 55 9.79 9.45 -6.19
C GLN A 55 10.58 10.20 -5.11
N PHE A 56 11.78 9.71 -4.82
CA PHE A 56 12.63 10.31 -3.81
C PHE A 56 12.88 11.79 -4.11
N GLY A 57 13.44 12.06 -5.29
CA GLY A 57 13.71 13.43 -5.69
C GLY A 57 12.51 14.32 -5.55
N THR A 58 11.33 13.77 -5.82
CA THR A 58 10.09 14.53 -5.74
C THR A 58 9.97 15.25 -4.39
N ALA A 59 10.44 14.59 -3.34
CA ALA A 59 10.39 15.15 -2.00
C ALA A 59 11.22 16.44 -1.92
N SER A 60 12.40 16.42 -2.53
CA SER A 60 13.28 17.57 -2.53
C SER A 60 12.55 18.82 -3.01
N ASN A 61 11.55 18.62 -3.85
CA ASN A 61 10.77 19.73 -4.38
C ASN A 61 9.52 19.97 -3.54
N ILE A 62 9.63 19.74 -2.24
CA ILE A 62 8.52 19.93 -1.32
C ILE A 62 8.66 21.24 -0.56
N LYS A 63 7.54 21.94 -0.39
CA LYS A 63 7.54 23.20 0.33
C LYS A 63 7.67 22.98 1.84
N SER A 64 6.90 22.04 2.36
CA SER A 64 6.93 21.73 3.78
C SER A 64 7.89 20.58 4.07
N ARG A 65 9.01 20.89 4.72
CA ARG A 65 10.00 19.88 5.06
C ARG A 65 9.35 18.69 5.76
N VAL A 66 8.33 18.97 6.56
CA VAL A 66 7.63 17.92 7.30
C VAL A 66 7.22 16.79 6.37
N ASN A 67 6.70 17.14 5.20
CA ASN A 67 6.27 16.14 4.22
C ASN A 67 7.46 15.54 3.50
N ARG A 68 8.41 16.39 3.12
CA ARG A 68 9.61 15.93 2.41
C ARG A 68 10.25 14.76 3.15
N LEU A 69 10.28 14.84 4.47
CA LEU A 69 10.86 13.78 5.29
C LEU A 69 9.95 12.56 5.35
N SER A 70 8.68 12.80 5.60
CA SER A 70 7.69 11.73 5.69
C SER A 70 7.68 10.91 4.40
N VAL A 71 7.46 11.58 3.28
CA VAL A 71 7.43 10.92 1.99
C VAL A 71 8.74 10.19 1.70
N LEU A 72 9.84 10.78 2.13
CA LEU A 72 11.16 10.19 1.92
C LEU A 72 11.25 8.83 2.59
N GLY A 73 11.00 8.79 3.89
CA GLY A 73 11.05 7.54 4.63
C GLY A 73 10.24 6.45 3.98
N ALA A 74 9.06 6.82 3.45
CA ALA A 74 8.19 5.86 2.80
C ALA A 74 8.90 5.14 1.67
N ILE A 75 9.33 5.91 0.67
CA ILE A 75 10.03 5.34 -0.48
C ILE A 75 11.16 4.42 -0.04
N THR A 76 11.73 4.71 1.13
CA THR A 76 12.82 3.90 1.66
C THR A 76 12.33 2.52 2.08
N SER A 77 11.26 2.50 2.87
CA SER A 77 10.69 1.24 3.34
C SER A 77 10.35 0.32 2.17
N VAL A 78 9.49 0.80 1.27
CA VAL A 78 9.09 0.03 0.11
C VAL A 78 10.29 -0.56 -0.61
N GLN A 79 11.31 0.28 -0.84
CA GLN A 79 12.52 -0.15 -1.52
C GLN A 79 13.11 -1.40 -0.84
N GLN A 80 12.98 -1.46 0.47
CA GLN A 80 13.50 -2.60 1.24
C GLN A 80 12.79 -3.88 0.84
N ARG A 81 11.47 -3.88 0.90
CA ARG A 81 10.68 -5.04 0.54
C ARG A 81 10.84 -5.39 -0.93
N LEU A 82 11.09 -4.37 -1.75
CA LEU A 82 11.27 -4.57 -3.18
C LEU A 82 12.38 -5.57 -3.46
N LYS A 83 13.58 -5.30 -2.93
CA LYS A 83 14.72 -6.18 -3.12
C LYS A 83 14.56 -7.46 -2.31
N LEU A 84 13.82 -7.37 -1.21
CA LEU A 84 13.58 -8.52 -0.35
C LEU A 84 13.16 -9.73 -1.16
N TYR A 85 11.97 -9.67 -1.75
CA TYR A 85 11.46 -10.77 -2.56
C TYR A 85 12.02 -10.71 -3.97
N ASN A 86 11.98 -9.54 -4.59
CA ASN A 86 12.49 -9.36 -5.93
C ASN A 86 11.84 -10.34 -6.90
N LYS A 87 10.62 -10.78 -6.57
CA LYS A 87 9.90 -11.72 -7.39
C LYS A 87 8.46 -11.24 -7.63
N VAL A 88 7.84 -11.74 -8.70
CA VAL A 88 6.48 -11.36 -9.03
C VAL A 88 5.54 -12.55 -8.90
N PRO A 89 4.93 -12.71 -7.71
CA PRO A 89 4.01 -13.81 -7.43
C PRO A 89 2.68 -13.65 -8.18
N PRO A 90 1.89 -14.72 -8.21
CA PRO A 90 0.58 -14.73 -8.88
C PRO A 90 -0.44 -13.85 -8.17
N ASN A 91 -0.35 -13.80 -6.84
CA ASN A 91 -1.27 -13.00 -6.04
C ASN A 91 -0.85 -11.54 -6.02
N GLY A 92 0.44 -11.30 -6.24
CA GLY A 92 0.96 -9.94 -6.24
C GLY A 92 1.36 -9.48 -4.86
N LEU A 93 1.74 -8.21 -4.74
CA LEU A 93 2.15 -7.64 -3.47
C LEU A 93 1.54 -6.26 -3.26
N VAL A 94 1.25 -5.93 -2.01
CA VAL A 94 0.66 -4.64 -1.68
C VAL A 94 1.47 -3.93 -0.59
N VAL A 95 1.64 -2.62 -0.74
CA VAL A 95 2.39 -1.83 0.22
C VAL A 95 1.71 -0.47 0.46
N TYR A 96 1.74 -0.01 1.71
CA TYR A 96 1.15 1.27 2.06
C TYR A 96 1.78 1.83 3.33
N CYS A 97 2.23 3.07 3.25
CA CYS A 97 2.86 3.74 4.39
C CYS A 97 2.55 5.23 4.39
N GLY A 98 1.76 5.66 5.38
CA GLY A 98 1.41 7.06 5.47
C GLY A 98 1.18 7.50 6.91
N THR A 99 1.18 8.81 7.13
CA THR A 99 0.97 9.36 8.46
C THR A 99 -0.47 9.81 8.66
N ILE A 100 -1.07 9.39 9.76
CA ILE A 100 -2.45 9.74 10.06
C ILE A 100 -2.59 10.27 11.49
N VAL A 101 -3.15 11.46 11.63
CA VAL A 101 -3.34 12.06 12.95
C VAL A 101 -4.66 11.61 13.58
N THR A 102 -4.59 11.21 14.84
CA THR A 102 -5.77 10.76 15.56
C THR A 102 -6.56 11.94 16.14
N GLU A 103 -7.53 11.63 16.99
CA GLU A 103 -8.35 12.67 17.61
C GLU A 103 -7.48 13.70 18.32
N GLU A 104 -6.57 13.22 19.17
CA GLU A 104 -5.68 14.10 19.91
C GLU A 104 -4.75 14.86 18.96
N GLY A 105 -4.59 14.34 17.75
CA GLY A 105 -3.74 14.97 16.77
C GLY A 105 -2.38 14.31 16.66
N LYS A 106 -2.31 13.05 17.06
CA LYS A 106 -1.06 12.30 17.01
C LYS A 106 -0.96 11.51 15.71
N GLU A 107 0.09 11.77 14.95
CA GLU A 107 0.31 11.08 13.68
C GLU A 107 0.81 9.65 13.91
N LYS A 108 0.27 8.72 13.14
CA LYS A 108 0.66 7.32 13.26
C LYS A 108 1.03 6.74 11.90
N LYS A 109 2.31 6.43 11.72
CA LYS A 109 2.79 5.88 10.46
C LYS A 109 2.55 4.37 10.41
N VAL A 110 1.82 3.93 9.39
CA VAL A 110 1.51 2.52 9.23
C VAL A 110 2.24 1.93 8.03
N ASN A 111 3.44 1.41 8.28
CA ASN A 111 4.25 0.81 7.23
C ASN A 111 4.13 -0.70 7.23
N ILE A 112 3.42 -1.23 6.24
CA ILE A 112 3.23 -2.67 6.13
C ILE A 112 3.39 -3.14 4.68
N ASP A 113 4.15 -4.22 4.50
CA ASP A 113 4.38 -4.76 3.17
C ASP A 113 4.29 -6.29 3.19
N PHE A 114 3.57 -6.84 2.20
CA PHE A 114 3.40 -8.29 2.11
C PHE A 114 2.66 -8.66 0.84
N GLU A 115 2.86 -9.89 0.37
CA GLU A 115 2.20 -10.37 -0.84
C GLU A 115 1.18 -11.44 -0.51
N PRO A 116 -0.01 -11.01 -0.05
CA PRO A 116 -1.10 -11.92 0.31
C PRO A 116 -1.71 -12.60 -0.91
N PHE A 117 -2.74 -13.41 -0.67
CA PHE A 117 -3.41 -14.12 -1.76
C PHE A 117 -4.59 -13.32 -2.29
N LYS A 118 -4.39 -12.01 -2.43
CA LYS A 118 -5.43 -11.12 -2.93
C LYS A 118 -4.96 -10.37 -4.17
N PRO A 119 -5.12 -11.00 -5.34
CA PRO A 119 -4.72 -10.40 -6.62
C PRO A 119 -5.60 -9.23 -7.02
N ILE A 120 -4.98 -8.17 -7.52
CA ILE A 120 -5.71 -6.99 -7.94
C ILE A 120 -5.90 -6.96 -9.45
N ASN A 121 -6.78 -6.08 -9.92
CA ASN A 121 -7.06 -5.96 -11.35
C ASN A 121 -5.81 -5.51 -12.10
N THR A 122 -5.10 -4.54 -11.54
CA THR A 122 -3.88 -4.02 -12.16
C THR A 122 -3.03 -3.25 -11.15
N SER A 123 -1.91 -2.72 -11.61
CA SER A 123 -1.01 -1.96 -10.75
C SER A 123 -1.44 -0.51 -10.67
N LEU A 124 -1.16 0.13 -9.53
CA LEU A 124 -1.51 1.52 -9.33
C LEU A 124 -0.62 2.16 -8.26
N TYR A 125 -0.43 3.47 -8.37
CA TYR A 125 0.40 4.20 -7.42
C TYR A 125 -0.12 5.63 -7.23
N LEU A 126 -0.58 5.92 -6.02
CA LEU A 126 -1.10 7.24 -5.70
C LEU A 126 -0.83 7.60 -4.25
N CYS A 127 -0.50 8.86 -4.00
CA CYS A 127 -0.22 9.34 -2.65
C CYS A 127 -0.79 10.73 -2.43
N ASP A 128 -1.90 10.80 -1.68
CA ASP A 128 -2.55 12.07 -1.40
C ASP A 128 -2.93 12.17 0.08
N ASN A 129 -1.93 12.04 0.95
CA ASN A 129 -2.16 12.11 2.39
C ASN A 129 -3.43 11.34 2.77
N LYS A 130 -3.65 10.21 2.11
CA LYS A 130 -4.81 9.38 2.38
C LYS A 130 -4.76 8.08 1.57
N PHE A 131 -5.03 6.97 2.23
CA PHE A 131 -5.02 5.66 1.57
C PHE A 131 -6.30 5.45 0.77
N HIS A 132 -6.34 4.37 0.01
CA HIS A 132 -7.50 4.04 -0.82
C HIS A 132 -7.28 2.74 -1.58
N THR A 133 -8.34 1.95 -1.71
CA THR A 133 -8.26 0.68 -2.42
C THR A 133 -9.11 0.70 -3.67
N GLU A 134 -8.52 1.11 -4.79
CA GLU A 134 -9.23 1.19 -6.07
C GLU A 134 -9.40 -0.21 -6.67
N ALA A 135 -8.29 -0.94 -6.77
CA ALA A 135 -8.31 -2.29 -7.34
C ALA A 135 -9.42 -3.12 -6.71
N LEU A 136 -9.48 -3.12 -5.39
CA LEU A 136 -10.51 -3.88 -4.67
C LEU A 136 -11.91 -3.36 -5.01
N THR A 137 -12.09 -2.05 -4.88
CA THR A 137 -13.37 -1.43 -5.16
C THR A 137 -13.90 -1.84 -6.54
N ALA A 138 -13.09 -1.58 -7.57
CA ALA A 138 -13.47 -1.93 -8.94
C ALA A 138 -13.60 -3.44 -9.10
N LEU A 139 -12.71 -4.17 -8.45
CA LEU A 139 -12.73 -5.63 -8.53
C LEU A 139 -14.12 -6.18 -8.20
N LEU A 140 -14.66 -5.77 -7.06
CA LEU A 140 -15.98 -6.21 -6.64
C LEU A 140 -17.06 -5.70 -7.59
N SER A 141 -16.94 -4.45 -8.00
CA SER A 141 -17.91 -3.84 -8.92
C SER A 141 -18.02 -4.67 -10.20
N ASP A 142 -16.89 -5.17 -10.68
CA ASP A 142 -16.85 -5.97 -11.90
C ASP A 142 -17.31 -5.15 -13.10
N MET A 1 -16.47 -33.62 11.07
CA MET A 1 -16.30 -34.44 9.87
C MET A 1 -16.87 -33.74 8.65
N ALA A 2 -15.99 -33.22 7.80
CA ALA A 2 -16.40 -32.53 6.59
C ALA A 2 -17.43 -31.45 6.90
N ASP A 3 -17.01 -30.43 7.63
CA ASP A 3 -17.90 -29.33 7.99
C ASP A 3 -17.61 -28.09 7.14
N ASP A 4 -17.25 -28.32 5.88
CA ASP A 4 -16.95 -27.22 4.96
C ASP A 4 -15.86 -26.33 5.54
N PRO A 5 -14.61 -26.82 5.54
CA PRO A 5 -13.46 -26.08 6.06
C PRO A 5 -13.09 -24.90 5.17
N SER A 6 -13.23 -25.08 3.87
CA SER A 6 -12.90 -24.04 2.90
C SER A 6 -13.84 -22.84 3.06
N ALA A 7 -15.10 -23.13 3.35
CA ALA A 7 -16.11 -22.08 3.53
C ALA A 7 -15.64 -21.04 4.54
N ALA A 8 -15.20 -21.51 5.70
CA ALA A 8 -14.73 -20.63 6.76
C ALA A 8 -13.53 -19.81 6.28
N ASP A 9 -12.52 -20.50 5.76
CA ASP A 9 -11.33 -19.84 5.26
C ASP A 9 -11.67 -18.72 4.29
N ARG A 10 -12.75 -18.92 3.54
CA ARG A 10 -13.20 -17.93 2.57
C ARG A 10 -13.73 -16.68 3.26
N ASN A 11 -14.55 -16.89 4.28
CA ASN A 11 -15.14 -15.78 5.04
C ASN A 11 -14.07 -15.03 5.81
N VAL A 12 -13.11 -15.77 6.35
CA VAL A 12 -12.02 -15.16 7.12
C VAL A 12 -11.11 -14.34 6.22
N GLU A 13 -10.72 -14.91 5.09
CA GLU A 13 -9.84 -14.22 4.15
C GLU A 13 -10.41 -12.86 3.78
N ILE A 14 -11.63 -12.85 3.27
CA ILE A 14 -12.29 -11.61 2.88
C ILE A 14 -12.35 -10.62 4.04
N TRP A 15 -12.80 -11.11 5.20
CA TRP A 15 -12.89 -10.26 6.39
C TRP A 15 -11.55 -9.63 6.72
N LYS A 16 -10.48 -10.41 6.59
CA LYS A 16 -9.14 -9.92 6.88
C LYS A 16 -8.83 -8.66 6.06
N ILE A 17 -8.84 -8.81 4.75
CA ILE A 17 -8.57 -7.69 3.85
C ILE A 17 -9.59 -6.58 4.04
N LYS A 18 -10.83 -6.97 4.30
CA LYS A 18 -11.91 -6.00 4.50
C LYS A 18 -11.56 -5.01 5.62
N LYS A 19 -10.86 -5.50 6.64
CA LYS A 19 -10.45 -4.66 7.76
C LYS A 19 -9.24 -3.81 7.40
N LEU A 20 -8.33 -4.39 6.62
CA LEU A 20 -7.12 -3.68 6.20
C LEU A 20 -7.48 -2.49 5.32
N ILE A 21 -8.32 -2.72 4.32
CA ILE A 21 -8.73 -1.67 3.41
C ILE A 21 -9.53 -0.59 4.14
N LYS A 22 -10.45 -1.03 5.01
CA LYS A 22 -11.28 -0.11 5.77
C LYS A 22 -10.42 0.86 6.58
N SER A 23 -9.27 0.38 7.03
CA SER A 23 -8.35 1.20 7.83
C SER A 23 -7.72 2.28 6.96
N LEU A 24 -7.21 1.88 5.80
CA LEU A 24 -6.56 2.82 4.88
C LEU A 24 -7.47 4.02 4.62
N GLU A 25 -8.65 3.76 4.06
CA GLU A 25 -9.60 4.82 3.76
C GLU A 25 -9.97 5.60 5.01
N ALA A 26 -9.91 4.92 6.16
CA ALA A 26 -10.24 5.54 7.44
C ALA A 26 -9.00 6.16 8.08
N ALA A 27 -7.92 6.24 7.31
CA ALA A 27 -6.68 6.80 7.81
C ALA A 27 -6.31 8.08 7.04
N ARG A 28 -5.95 9.12 7.79
CA ARG A 28 -5.58 10.39 7.17
C ARG A 28 -4.31 10.95 7.81
N GLY A 29 -3.50 11.63 7.00
CA GLY A 29 -2.26 12.20 7.49
C GLY A 29 -2.15 13.68 7.20
N ASN A 30 -1.06 14.30 7.67
CA ASN A 30 -0.84 15.72 7.46
C ASN A 30 0.34 15.96 6.52
N GLY A 31 0.04 16.06 5.23
CA GLY A 31 1.08 16.29 4.24
C GLY A 31 1.41 15.04 3.45
N THR A 32 1.76 15.22 2.18
CA THR A 32 2.10 14.09 1.32
C THR A 32 3.19 13.22 1.95
N SER A 33 2.77 12.16 2.62
CA SER A 33 3.70 11.24 3.26
C SER A 33 3.36 9.79 2.93
N MET A 34 2.06 9.49 2.87
CA MET A 34 1.62 8.13 2.57
C MET A 34 2.02 7.74 1.15
N ILE A 35 2.18 6.44 0.93
CA ILE A 35 2.56 5.93 -0.38
C ILE A 35 1.86 4.61 -0.68
N SER A 36 1.10 4.58 -1.76
CA SER A 36 0.37 3.38 -2.15
C SER A 36 0.89 2.85 -3.50
N LEU A 37 1.52 1.68 -3.46
CA LEU A 37 2.05 1.07 -4.67
C LEU A 37 1.40 -0.28 -4.93
N ILE A 38 1.08 -0.55 -6.19
CA ILE A 38 0.45 -1.80 -6.58
C ILE A 38 1.07 -2.35 -7.86
N ILE A 39 1.92 -3.36 -7.71
CA ILE A 39 2.58 -3.98 -8.85
C ILE A 39 1.86 -5.25 -9.27
N PRO A 40 1.15 -5.18 -10.41
CA PRO A 40 0.40 -6.32 -10.95
C PRO A 40 1.31 -7.42 -11.47
N PRO A 41 0.73 -8.59 -11.77
CA PRO A 41 1.47 -9.74 -12.29
C PRO A 41 1.98 -9.51 -13.71
N LYS A 42 1.55 -8.41 -14.32
CA LYS A 42 1.96 -8.08 -15.68
C LYS A 42 3.24 -7.25 -15.67
N ASP A 43 3.37 -6.39 -14.65
CA ASP A 43 4.54 -5.54 -14.53
C ASP A 43 5.71 -6.30 -13.91
N GLN A 44 6.81 -5.60 -13.67
CA GLN A 44 8.00 -6.20 -13.07
C GLN A 44 8.46 -5.42 -11.86
N ILE A 45 9.03 -6.12 -10.88
CA ILE A 45 9.51 -5.49 -9.67
C ILE A 45 10.56 -4.42 -9.98
N SER A 46 11.47 -4.74 -10.90
CA SER A 46 12.52 -3.81 -11.29
C SER A 46 11.92 -2.47 -11.71
N ARG A 47 10.76 -2.51 -12.34
CA ARG A 47 10.09 -1.31 -12.79
C ARG A 47 9.77 -0.38 -11.63
N VAL A 48 9.40 -0.98 -10.49
CA VAL A 48 9.08 -0.20 -9.29
C VAL A 48 10.33 0.41 -8.68
N ALA A 49 11.44 -0.32 -8.76
CA ALA A 49 12.71 0.15 -8.21
C ALA A 49 13.13 1.46 -8.86
N LYS A 50 13.24 1.45 -10.19
CA LYS A 50 13.64 2.64 -10.94
C LYS A 50 12.57 3.73 -10.83
N MET A 51 11.31 3.32 -10.93
CA MET A 51 10.20 4.27 -10.85
C MET A 51 10.32 5.13 -9.61
N LEU A 52 10.29 4.49 -8.44
CA LEU A 52 10.40 5.21 -7.17
C LEU A 52 11.66 6.06 -7.12
N ALA A 53 12.74 5.55 -7.71
CA ALA A 53 14.00 6.26 -7.75
C ALA A 53 13.82 7.69 -8.27
N ASP A 54 13.09 7.81 -9.37
CA ASP A 54 12.83 9.11 -9.98
C ASP A 54 11.74 9.86 -9.23
N GLN A 55 10.76 9.12 -8.74
CA GLN A 55 9.64 9.70 -8.00
C GLN A 55 10.15 10.61 -6.89
N PHE A 56 11.28 10.23 -6.29
CA PHE A 56 11.87 11.02 -5.22
C PHE A 56 11.99 12.48 -5.60
N GLY A 57 12.35 12.73 -6.86
CA GLY A 57 12.50 14.10 -7.34
C GLY A 57 11.29 14.95 -7.02
N THR A 58 10.11 14.33 -7.04
CA THR A 58 8.87 15.04 -6.76
C THR A 58 8.80 15.48 -5.30
N ALA A 59 9.17 14.58 -4.40
CA ALA A 59 9.16 14.88 -2.98
C ALA A 59 10.13 16.01 -2.64
N SER A 60 11.34 15.92 -3.18
CA SER A 60 12.36 16.94 -2.93
C SER A 60 11.88 18.32 -3.38
N ASN A 61 10.91 18.32 -4.29
CA ASN A 61 10.36 19.57 -4.81
C ASN A 61 9.11 19.98 -4.03
N ILE A 62 9.08 19.65 -2.74
CA ILE A 62 7.96 19.99 -1.88
C ILE A 62 8.27 21.18 -1.00
N LYS A 63 7.42 22.20 -1.05
CA LYS A 63 7.61 23.40 -0.25
C LYS A 63 7.72 23.05 1.23
N SER A 64 6.86 22.14 1.69
CA SER A 64 6.85 21.73 3.09
C SER A 64 8.01 20.77 3.37
N ARG A 65 9.02 21.27 4.10
CA ARG A 65 10.18 20.47 4.44
C ARG A 65 9.77 19.20 5.18
N VAL A 66 8.85 19.34 6.12
CA VAL A 66 8.36 18.20 6.89
C VAL A 66 7.73 17.15 6.00
N ASN A 67 7.09 17.60 4.92
CA ASN A 67 6.43 16.70 3.98
C ASN A 67 7.47 15.86 3.24
N ARG A 68 8.58 16.48 2.88
CA ARG A 68 9.64 15.78 2.16
C ARG A 68 10.19 14.63 2.99
N LEU A 69 10.61 14.93 4.21
CA LEU A 69 11.15 13.91 5.11
C LEU A 69 10.21 12.72 5.22
N SER A 70 8.94 13.00 5.46
CA SER A 70 7.93 11.94 5.58
C SER A 70 7.92 11.05 4.34
N VAL A 71 8.07 11.66 3.17
CA VAL A 71 8.08 10.92 1.92
C VAL A 71 9.23 9.92 1.88
N LEU A 72 10.36 10.31 2.46
CA LEU A 72 11.53 9.44 2.49
C LEU A 72 11.26 8.18 3.29
N GLY A 73 10.78 8.36 4.53
CA GLY A 73 10.48 7.22 5.38
C GLY A 73 9.59 6.20 4.68
N ALA A 74 8.55 6.68 4.00
CA ALA A 74 7.62 5.80 3.30
C ALA A 74 8.34 5.02 2.20
N ILE A 75 8.86 5.75 1.22
CA ILE A 75 9.57 5.12 0.11
C ILE A 75 10.63 4.14 0.61
N THR A 76 11.24 4.46 1.75
CA THR A 76 12.27 3.61 2.33
C THR A 76 11.72 2.24 2.66
N SER A 77 10.59 2.20 3.38
CA SER A 77 9.97 0.94 3.75
C SER A 77 9.65 0.10 2.52
N VAL A 78 8.81 0.64 1.64
CA VAL A 78 8.43 -0.06 0.43
C VAL A 78 9.66 -0.49 -0.37
N GLN A 79 10.70 0.33 -0.34
CA GLN A 79 11.93 0.03 -1.05
C GLN A 79 12.51 -1.31 -0.61
N GLN A 80 12.58 -1.52 0.70
CA GLN A 80 13.11 -2.76 1.24
C GLN A 80 12.29 -3.96 0.77
N ARG A 81 10.97 -3.84 0.84
CA ARG A 81 10.07 -4.90 0.42
C ARG A 81 10.29 -5.25 -1.06
N LEU A 82 10.40 -4.21 -1.88
CA LEU A 82 10.60 -4.39 -3.32
C LEU A 82 11.81 -5.28 -3.58
N LYS A 83 12.92 -4.97 -2.94
CA LYS A 83 14.15 -5.75 -3.12
C LYS A 83 14.04 -7.09 -2.39
N LEU A 84 13.30 -7.10 -1.29
CA LEU A 84 13.11 -8.32 -0.51
C LEU A 84 12.71 -9.49 -1.39
N TYR A 85 11.50 -9.39 -1.96
CA TYR A 85 10.99 -10.44 -2.84
C TYR A 85 11.64 -10.36 -4.22
N ASN A 86 11.61 -9.17 -4.82
CA ASN A 86 12.19 -8.96 -6.14
C ASN A 86 11.59 -9.94 -7.15
N LYS A 87 10.40 -10.45 -6.84
CA LYS A 87 9.73 -11.39 -7.73
C LYS A 87 8.38 -10.84 -8.17
N VAL A 88 7.92 -11.29 -9.34
CA VAL A 88 6.63 -10.85 -9.87
C VAL A 88 5.59 -11.96 -9.79
N PRO A 89 4.92 -12.05 -8.62
CA PRO A 89 3.89 -13.06 -8.38
C PRO A 89 2.62 -12.80 -9.20
N PRO A 90 1.73 -13.80 -9.25
CA PRO A 90 0.47 -13.71 -9.99
C PRO A 90 -0.50 -12.73 -9.36
N ASN A 91 -0.50 -12.68 -8.03
CA ASN A 91 -1.38 -11.78 -7.29
C ASN A 91 -0.81 -10.37 -7.23
N GLY A 92 0.52 -10.28 -7.31
CA GLY A 92 1.17 -8.99 -7.25
C GLY A 92 1.56 -8.58 -5.84
N LEU A 93 2.33 -7.51 -5.72
CA LEU A 93 2.77 -7.03 -4.42
C LEU A 93 2.14 -5.68 -4.09
N VAL A 94 1.65 -5.53 -2.87
CA VAL A 94 1.02 -4.28 -2.44
C VAL A 94 1.72 -3.72 -1.21
N VAL A 95 2.03 -2.44 -1.24
CA VAL A 95 2.70 -1.77 -0.12
C VAL A 95 1.96 -0.51 0.28
N TYR A 96 1.69 -0.37 1.58
CA TYR A 96 0.98 0.79 2.09
C TYR A 96 1.66 1.32 3.36
N CYS A 97 2.23 2.51 3.26
CA CYS A 97 2.91 3.14 4.39
C CYS A 97 2.62 4.64 4.44
N GLY A 98 1.92 5.06 5.49
CA GLY A 98 1.59 6.46 5.64
C GLY A 98 1.51 6.88 7.09
N THR A 99 1.68 8.18 7.34
CA THR A 99 1.63 8.71 8.70
C THR A 99 0.28 9.35 8.99
N ILE A 100 -0.36 8.89 10.06
CA ILE A 100 -1.66 9.41 10.44
C ILE A 100 -1.61 10.04 11.83
N VAL A 101 -2.08 11.29 11.93
CA VAL A 101 -2.08 12.00 13.19
C VAL A 101 -3.35 11.71 13.99
N THR A 102 -3.19 11.48 15.29
CA THR A 102 -4.32 11.18 16.15
C THR A 102 -4.87 12.46 16.80
N GLU A 103 -5.77 12.29 17.77
CA GLU A 103 -6.36 13.42 18.47
C GLU A 103 -5.28 14.35 19.01
N GLU A 104 -4.33 13.77 19.73
CA GLU A 104 -3.23 14.55 20.30
C GLU A 104 -2.39 15.21 19.22
N GLY A 105 -2.47 14.67 18.00
CA GLY A 105 -1.72 15.21 16.89
C GLY A 105 -0.43 14.46 16.65
N LYS A 106 -0.40 13.19 17.05
CA LYS A 106 0.79 12.36 16.88
C LYS A 106 0.66 11.48 15.65
N GLU A 107 1.57 11.65 14.69
CA GLU A 107 1.55 10.87 13.47
C GLU A 107 1.92 9.42 13.74
N LYS A 108 1.40 8.51 12.92
CA LYS A 108 1.67 7.09 13.08
C LYS A 108 1.94 6.44 11.72
N LYS A 109 3.17 6.00 11.52
CA LYS A 109 3.57 5.36 10.27
C LYS A 109 3.22 3.87 10.28
N VAL A 110 2.36 3.46 9.36
CA VAL A 110 1.95 2.07 9.27
C VAL A 110 2.67 1.35 8.13
N ASN A 111 3.81 0.75 8.44
CA ASN A 111 4.59 0.03 7.44
C ASN A 111 4.06 -1.39 7.24
N ILE A 112 3.23 -1.55 6.22
CA ILE A 112 2.65 -2.86 5.92
C ILE A 112 2.88 -3.24 4.47
N ASP A 113 3.63 -4.32 4.26
CA ASP A 113 3.92 -4.80 2.90
C ASP A 113 3.81 -6.32 2.83
N PHE A 114 3.23 -6.81 1.74
CA PHE A 114 3.05 -8.25 1.54
C PHE A 114 2.39 -8.53 0.20
N GLU A 115 2.46 -9.79 -0.23
CA GLU A 115 1.86 -10.20 -1.50
C GLU A 115 0.58 -10.99 -1.27
N PRO A 116 -0.56 -10.27 -1.22
CA PRO A 116 -1.87 -10.88 -1.00
C PRO A 116 -2.33 -11.70 -2.20
N PHE A 117 -3.53 -12.25 -2.11
CA PHE A 117 -4.09 -13.07 -3.18
C PHE A 117 -5.06 -12.26 -4.03
N LYS A 118 -4.74 -10.98 -4.24
CA LYS A 118 -5.58 -10.09 -5.03
C LYS A 118 -4.86 -9.62 -6.28
N PRO A 119 -4.93 -10.43 -7.36
CA PRO A 119 -4.29 -10.10 -8.64
C PRO A 119 -4.94 -8.93 -9.34
N ILE A 120 -4.14 -7.95 -9.73
CA ILE A 120 -4.65 -6.77 -10.42
C ILE A 120 -4.32 -6.81 -11.91
N ASN A 121 -4.92 -5.91 -12.67
CA ASN A 121 -4.70 -5.84 -14.11
C ASN A 121 -3.95 -4.57 -14.48
N THR A 122 -3.88 -3.64 -13.55
CA THR A 122 -3.20 -2.36 -13.78
C THR A 122 -2.46 -1.91 -12.54
N SER A 123 -1.34 -1.21 -12.73
CA SER A 123 -0.54 -0.72 -11.63
C SER A 123 -1.17 0.52 -11.01
N LEU A 124 -1.03 0.66 -9.70
CA LEU A 124 -1.59 1.80 -8.98
C LEU A 124 -0.52 2.51 -8.16
N TYR A 125 -0.39 3.82 -8.35
CA TYR A 125 0.59 4.61 -7.63
C TYR A 125 0.09 6.03 -7.39
N LEU A 126 -0.25 6.33 -6.14
CA LEU A 126 -0.74 7.65 -5.78
C LEU A 126 -0.32 8.02 -4.35
N CYS A 127 0.03 9.28 -4.15
CA CYS A 127 0.46 9.76 -2.85
C CYS A 127 -0.07 11.17 -2.59
N ASP A 128 -0.96 11.29 -1.62
CA ASP A 128 -1.54 12.59 -1.26
C ASP A 128 -2.13 12.55 0.14
N ASN A 129 -1.34 12.09 1.10
CA ASN A 129 -1.78 12.01 2.49
C ASN A 129 -3.21 11.48 2.57
N LYS A 130 -3.54 10.55 1.69
CA LYS A 130 -4.88 9.97 1.66
C LYS A 130 -4.86 8.61 0.97
N PHE A 131 -5.41 7.60 1.63
CA PHE A 131 -5.46 6.25 1.08
C PHE A 131 -6.74 6.04 0.26
N HIS A 132 -6.70 5.09 -0.65
CA HIS A 132 -7.85 4.79 -1.50
C HIS A 132 -7.58 3.58 -2.38
N THR A 133 -7.72 2.39 -1.82
CA THR A 133 -7.49 1.14 -2.56
C THR A 133 -8.49 0.99 -3.70
N GLU A 134 -8.12 1.51 -4.87
CA GLU A 134 -8.99 1.43 -6.04
C GLU A 134 -9.13 -0.02 -6.51
N ALA A 135 -8.01 -0.71 -6.62
CA ALA A 135 -8.01 -2.10 -7.06
C ALA A 135 -9.06 -2.91 -6.32
N LEU A 136 -8.99 -2.87 -4.99
CA LEU A 136 -9.94 -3.61 -4.16
C LEU A 136 -11.37 -3.22 -4.50
N THR A 137 -11.60 -1.92 -4.68
CA THR A 137 -12.93 -1.42 -5.01
C THR A 137 -13.40 -1.93 -6.36
N ALA A 138 -12.65 -1.60 -7.41
CA ALA A 138 -12.99 -2.03 -8.76
C ALA A 138 -13.26 -3.53 -8.80
N LEU A 139 -12.39 -4.31 -8.15
CA LEU A 139 -12.53 -5.76 -8.11
C LEU A 139 -13.71 -6.16 -7.23
N LEU A 140 -14.02 -5.33 -6.24
CA LEU A 140 -15.12 -5.61 -5.33
C LEU A 140 -16.47 -5.43 -6.04
N SER A 141 -16.64 -4.29 -6.68
CA SER A 141 -17.89 -4.00 -7.40
C SER A 141 -18.15 -5.04 -8.49
N ASP A 142 -17.15 -5.25 -9.35
CA ASP A 142 -17.27 -6.21 -10.43
C ASP A 142 -15.92 -6.83 -10.75
N MET A 1 -19.82 -26.18 -1.53
CA MET A 1 -19.94 -27.43 -0.80
C MET A 1 -19.13 -27.38 0.50
N ALA A 2 -17.82 -27.22 0.36
CA ALA A 2 -16.93 -27.16 1.53
C ALA A 2 -16.99 -28.45 2.33
N ASP A 3 -16.25 -28.48 3.44
CA ASP A 3 -16.21 -29.65 4.30
C ASP A 3 -16.58 -29.29 5.74
N ASP A 4 -15.81 -28.39 6.32
CA ASP A 4 -16.06 -27.95 7.69
C ASP A 4 -15.02 -26.91 8.13
N PRO A 5 -13.75 -27.31 8.12
CA PRO A 5 -12.64 -26.43 8.51
C PRO A 5 -12.39 -25.32 7.49
N SER A 6 -12.59 -25.64 6.22
CA SER A 6 -12.39 -24.68 5.15
C SER A 6 -13.36 -23.51 5.28
N ALA A 7 -14.58 -23.81 5.71
CA ALA A 7 -15.60 -22.78 5.89
C ALA A 7 -15.08 -21.62 6.74
N ALA A 8 -14.64 -21.93 7.95
CA ALA A 8 -14.12 -20.91 8.85
C ALA A 8 -13.02 -20.10 8.18
N ASP A 9 -12.05 -20.80 7.59
CA ASP A 9 -10.94 -20.14 6.92
C ASP A 9 -11.43 -19.19 5.84
N ARG A 10 -12.57 -19.53 5.24
CA ARG A 10 -13.15 -18.70 4.19
C ARG A 10 -13.68 -17.39 4.76
N ASN A 11 -14.43 -17.49 5.86
CA ASN A 11 -14.99 -16.31 6.50
C ASN A 11 -13.90 -15.41 7.06
N VAL A 12 -12.87 -16.03 7.63
CA VAL A 12 -11.75 -15.28 8.21
C VAL A 12 -10.91 -14.64 7.11
N GLU A 13 -10.80 -15.32 5.97
CA GLU A 13 -10.02 -14.81 4.84
C GLU A 13 -10.64 -13.54 4.29
N ILE A 14 -11.91 -13.62 3.91
CA ILE A 14 -12.62 -12.47 3.36
C ILE A 14 -12.59 -11.29 4.33
N TRP A 15 -12.73 -11.58 5.61
CA TRP A 15 -12.70 -10.55 6.64
C TRP A 15 -11.30 -9.98 6.81
N LYS A 16 -10.30 -10.86 6.74
CA LYS A 16 -8.91 -10.44 6.89
C LYS A 16 -8.52 -9.43 5.82
N ILE A 17 -8.79 -9.77 4.56
CA ILE A 17 -8.47 -8.89 3.45
C ILE A 17 -9.27 -7.59 3.53
N LYS A 18 -10.49 -7.68 4.04
CA LYS A 18 -11.35 -6.51 4.17
C LYS A 18 -10.80 -5.55 5.23
N LYS A 19 -10.36 -6.11 6.35
CA LYS A 19 -9.81 -5.31 7.44
C LYS A 19 -8.59 -4.53 6.97
N LEU A 20 -7.77 -5.16 6.14
CA LEU A 20 -6.56 -4.52 5.61
C LEU A 20 -6.92 -3.29 4.78
N ILE A 21 -7.64 -3.52 3.69
CA ILE A 21 -8.04 -2.42 2.80
C ILE A 21 -8.84 -1.37 3.56
N LYS A 22 -9.79 -1.83 4.37
CA LYS A 22 -10.63 -0.94 5.16
C LYS A 22 -9.78 -0.11 6.12
N SER A 23 -8.76 -0.73 6.69
CA SER A 23 -7.87 -0.06 7.63
C SER A 23 -7.26 1.19 7.01
N LEU A 24 -6.70 1.02 5.81
CA LEU A 24 -6.07 2.13 5.10
C LEU A 24 -7.07 3.25 4.84
N GLU A 25 -8.23 2.89 4.30
CA GLU A 25 -9.28 3.87 4.01
C GLU A 25 -9.59 4.70 5.25
N ALA A 26 -9.43 4.10 6.42
CA ALA A 26 -9.69 4.78 7.68
C ALA A 26 -8.46 5.54 8.17
N ALA A 27 -7.29 4.99 7.88
CA ALA A 27 -6.04 5.60 8.30
C ALA A 27 -5.77 6.87 7.51
N ARG A 28 -5.56 7.98 8.22
CA ARG A 28 -5.29 9.26 7.59
C ARG A 28 -4.13 9.98 8.27
N GLY A 29 -3.28 10.63 7.48
CA GLY A 29 -2.14 11.34 8.03
C GLY A 29 -2.17 12.81 7.69
N ASN A 30 -1.11 13.52 8.06
CA ASN A 30 -1.01 14.96 7.80
C ASN A 30 -0.25 15.21 6.50
N GLY A 31 1.07 15.04 6.55
CA GLY A 31 1.89 15.27 5.37
C GLY A 31 1.83 14.11 4.39
N THR A 32 2.37 14.32 3.20
CA THR A 32 2.37 13.28 2.18
C THR A 32 3.23 12.10 2.58
N SER A 33 2.64 11.17 3.31
CA SER A 33 3.36 9.98 3.77
C SER A 33 2.61 8.71 3.40
N MET A 34 1.29 8.79 3.39
CA MET A 34 0.45 7.65 3.06
C MET A 34 0.73 7.17 1.64
N ILE A 35 1.37 6.01 1.52
CA ILE A 35 1.70 5.45 0.21
C ILE A 35 1.12 4.05 0.06
N SER A 36 0.46 3.80 -1.06
CA SER A 36 -0.15 2.50 -1.33
C SER A 36 0.26 1.98 -2.71
N LEU A 37 1.23 1.07 -2.72
CA LEU A 37 1.72 0.49 -3.98
C LEU A 37 1.29 -0.97 -4.10
N ILE A 38 0.72 -1.31 -5.25
CA ILE A 38 0.28 -2.69 -5.50
C ILE A 38 0.74 -3.17 -6.87
N ILE A 39 1.64 -4.14 -6.88
CA ILE A 39 2.16 -4.70 -8.12
C ILE A 39 1.39 -5.94 -8.52
N PRO A 40 0.81 -5.92 -9.73
CA PRO A 40 0.03 -7.04 -10.27
C PRO A 40 0.91 -8.24 -10.61
N PRO A 41 0.29 -9.42 -10.73
CA PRO A 41 1.01 -10.66 -11.06
C PRO A 41 1.51 -10.66 -12.50
N LYS A 42 2.36 -9.70 -12.83
CA LYS A 42 2.92 -9.60 -14.17
C LYS A 42 3.97 -8.49 -14.24
N ASP A 43 3.58 -7.30 -13.79
CA ASP A 43 4.49 -6.15 -13.80
C ASP A 43 5.82 -6.52 -13.17
N GLN A 44 6.92 -6.10 -13.81
CA GLN A 44 8.26 -6.38 -13.31
C GLN A 44 8.59 -5.49 -12.11
N ILE A 45 9.11 -6.10 -11.05
CA ILE A 45 9.46 -5.36 -9.84
C ILE A 45 10.35 -4.17 -10.18
N SER A 46 11.29 -4.37 -11.08
CA SER A 46 12.21 -3.30 -11.49
C SER A 46 11.44 -2.07 -11.94
N ARG A 47 10.23 -2.29 -12.45
CA ARG A 47 9.39 -1.20 -12.93
C ARG A 47 9.07 -0.23 -11.79
N VAL A 48 8.80 -0.78 -10.61
CA VAL A 48 8.48 0.04 -9.45
C VAL A 48 9.72 0.72 -8.88
N ALA A 49 10.87 0.04 -9.00
CA ALA A 49 12.12 0.58 -8.51
C ALA A 49 12.44 1.91 -9.16
N LYS A 50 12.48 1.93 -10.48
CA LYS A 50 12.77 3.14 -11.23
C LYS A 50 11.64 4.16 -11.08
N MET A 51 10.41 3.67 -10.99
CA MET A 51 9.25 4.53 -10.84
C MET A 51 9.33 5.35 -9.55
N LEU A 52 9.66 4.66 -8.45
CA LEU A 52 9.77 5.32 -7.15
C LEU A 52 10.92 6.32 -7.15
N ALA A 53 11.98 5.99 -7.87
CA ALA A 53 13.15 6.86 -7.96
C ALA A 53 12.78 8.22 -8.56
N ASP A 54 11.94 8.19 -9.59
CA ASP A 54 11.51 9.41 -10.26
C ASP A 54 10.59 10.23 -9.35
N GLN A 55 9.77 9.53 -8.57
CA GLN A 55 8.85 10.20 -7.66
C GLN A 55 9.57 11.22 -6.79
N PHE A 56 10.83 10.94 -6.48
CA PHE A 56 11.64 11.82 -5.66
C PHE A 56 11.56 13.26 -6.16
N GLY A 57 11.67 13.42 -7.48
CA GLY A 57 11.62 14.73 -8.07
C GLY A 57 10.41 15.54 -7.60
N THR A 58 9.27 14.87 -7.44
CA THR A 58 8.06 15.53 -7.00
C THR A 58 8.20 16.02 -5.55
N ALA A 59 8.74 15.16 -4.70
CA ALA A 59 8.92 15.51 -3.29
C ALA A 59 9.84 16.72 -3.15
N SER A 60 10.98 16.67 -3.81
CA SER A 60 11.94 17.78 -3.75
C SER A 60 11.29 19.09 -4.17
N ASN A 61 10.24 18.99 -4.98
CA ASN A 61 9.52 20.17 -5.45
C ASN A 61 8.58 20.70 -4.38
N ILE A 62 8.11 19.81 -3.52
CA ILE A 62 7.21 20.20 -2.44
C ILE A 62 7.88 21.18 -1.48
N LYS A 63 7.42 22.42 -1.50
CA LYS A 63 7.97 23.45 -0.63
C LYS A 63 7.90 23.03 0.83
N SER A 64 6.76 22.50 1.24
CA SER A 64 6.57 22.06 2.61
C SER A 64 7.50 20.89 2.94
N ARG A 65 8.62 21.19 3.59
CA ARG A 65 9.58 20.16 3.96
C ARG A 65 8.91 19.02 4.71
N VAL A 66 7.89 19.35 5.49
CA VAL A 66 7.16 18.35 6.26
C VAL A 66 6.72 17.19 5.38
N ASN A 67 6.25 17.51 4.18
CA ASN A 67 5.79 16.49 3.23
C ASN A 67 6.98 15.74 2.63
N ARG A 68 7.96 16.49 2.17
CA ARG A 68 9.16 15.90 1.56
C ARG A 68 9.76 14.84 2.49
N LEU A 69 9.67 15.08 3.79
CA LEU A 69 10.21 14.15 4.78
C LEU A 69 9.36 12.89 4.85
N SER A 70 8.05 13.06 5.03
CA SER A 70 7.14 11.93 5.12
C SER A 70 7.29 11.01 3.92
N VAL A 71 7.16 11.58 2.73
CA VAL A 71 7.29 10.82 1.49
C VAL A 71 8.65 10.12 1.42
N LEU A 72 9.67 10.79 1.94
CA LEU A 72 11.02 10.23 1.93
C LEU A 72 11.05 8.85 2.59
N GLY A 73 10.61 8.78 3.84
CA GLY A 73 10.60 7.53 4.55
C GLY A 73 9.85 6.44 3.81
N ALA A 74 8.68 6.79 3.27
CA ALA A 74 7.87 5.84 2.52
C ALA A 74 8.65 5.23 1.37
N ILE A 75 9.12 6.08 0.46
CA ILE A 75 9.89 5.62 -0.69
C ILE A 75 11.01 4.68 -0.26
N THR A 76 11.52 4.88 0.95
CA THR A 76 12.59 4.05 1.48
C THR A 76 12.10 2.64 1.76
N SER A 77 11.01 2.54 2.51
CA SER A 77 10.44 1.25 2.86
C SER A 77 10.22 0.39 1.61
N VAL A 78 9.41 0.90 0.70
CA VAL A 78 9.13 0.18 -0.55
C VAL A 78 10.41 -0.27 -1.23
N GLN A 79 11.42 0.60 -1.23
CA GLN A 79 12.70 0.29 -1.85
C GLN A 79 13.22 -1.06 -1.36
N GLN A 80 13.14 -1.28 -0.05
CA GLN A 80 13.61 -2.52 0.54
C GLN A 80 12.77 -3.70 0.09
N ARG A 81 11.46 -3.45 -0.08
CA ARG A 81 10.53 -4.50 -0.51
C ARG A 81 10.91 -5.02 -1.89
N LEU A 82 11.21 -4.10 -2.80
CA LEU A 82 11.58 -4.47 -4.17
C LEU A 82 12.79 -5.39 -4.17
N LYS A 83 13.88 -4.92 -3.57
CA LYS A 83 15.11 -5.69 -3.51
C LYS A 83 14.91 -6.95 -2.67
N LEU A 84 14.01 -6.88 -1.70
CA LEU A 84 13.72 -8.02 -0.83
C LEU A 84 13.42 -9.26 -1.65
N TYR A 85 12.28 -9.27 -2.32
CA TYR A 85 11.87 -10.40 -3.14
C TYR A 85 12.34 -10.22 -4.58
N ASN A 86 12.00 -9.09 -5.18
CA ASN A 86 12.38 -8.81 -6.56
C ASN A 86 11.77 -9.83 -7.52
N LYS A 87 10.61 -10.36 -7.15
CA LYS A 87 9.92 -11.34 -7.98
C LYS A 87 8.47 -10.93 -8.22
N VAL A 88 7.91 -11.39 -9.32
CA VAL A 88 6.52 -11.08 -9.66
C VAL A 88 5.63 -12.31 -9.58
N PRO A 89 5.30 -12.72 -8.35
CA PRO A 89 4.45 -13.89 -8.11
C PRO A 89 3.00 -13.66 -8.53
N PRO A 90 2.22 -14.75 -8.62
CA PRO A 90 0.82 -14.69 -9.02
C PRO A 90 -0.05 -14.04 -7.95
N ASN A 91 0.30 -14.26 -6.69
CA ASN A 91 -0.46 -13.69 -5.57
C ASN A 91 -0.35 -12.17 -5.56
N GLY A 92 0.72 -11.65 -6.17
CA GLY A 92 0.92 -10.22 -6.23
C GLY A 92 1.59 -9.68 -4.97
N LEU A 93 2.26 -8.55 -5.10
CA LEU A 93 2.95 -7.94 -3.97
C LEU A 93 2.41 -6.53 -3.69
N VAL A 94 1.99 -6.30 -2.45
CA VAL A 94 1.46 -4.99 -2.06
C VAL A 94 2.15 -4.47 -0.81
N VAL A 95 2.40 -3.17 -0.79
CA VAL A 95 3.06 -2.53 0.36
C VAL A 95 2.25 -1.33 0.86
N TYR A 96 2.19 -1.19 2.18
CA TYR A 96 1.45 -0.10 2.78
C TYR A 96 2.26 0.56 3.89
N CYS A 97 2.56 1.85 3.72
CA CYS A 97 3.34 2.59 4.69
C CYS A 97 2.86 4.05 4.78
N GLY A 98 2.27 4.40 5.92
CA GLY A 98 1.78 5.75 6.10
C GLY A 98 1.80 6.19 7.55
N THR A 99 2.01 7.47 7.79
CA THR A 99 2.06 8.01 9.14
C THR A 99 0.69 8.53 9.57
N ILE A 100 0.21 8.04 10.70
CA ILE A 100 -1.09 8.45 11.23
C ILE A 100 -0.95 9.05 12.63
N VAL A 101 -1.49 10.25 12.81
CA VAL A 101 -1.44 10.92 14.10
C VAL A 101 -2.56 10.46 15.02
N THR A 102 -2.19 9.93 16.18
CA THR A 102 -3.16 9.44 17.15
C THR A 102 -3.85 10.59 17.86
N GLU A 103 -4.67 10.27 18.85
CA GLU A 103 -5.39 11.28 19.62
C GLU A 103 -4.43 12.35 20.15
N GLU A 104 -3.36 11.90 20.80
CA GLU A 104 -2.38 12.81 21.36
C GLU A 104 -1.71 13.62 20.26
N GLY A 105 -1.79 13.13 19.03
CA GLY A 105 -1.19 13.82 17.91
C GLY A 105 0.15 13.24 17.51
N LYS A 106 0.37 11.98 17.86
CA LYS A 106 1.63 11.31 17.55
C LYS A 106 1.49 10.47 16.28
N GLU A 107 2.33 10.78 15.28
CA GLU A 107 2.31 10.07 14.02
C GLU A 107 2.81 8.64 14.18
N LYS A 108 2.25 7.72 13.42
CA LYS A 108 2.64 6.32 13.48
C LYS A 108 2.78 5.73 12.08
N LYS A 109 4.00 5.38 11.70
CA LYS A 109 4.26 4.80 10.38
C LYS A 109 4.10 3.28 10.42
N VAL A 110 3.19 2.76 9.61
CA VAL A 110 2.94 1.33 9.55
C VAL A 110 3.69 0.69 8.39
N ASN A 111 4.91 0.23 8.65
CA ASN A 111 5.73 -0.40 7.62
C ASN A 111 5.36 -1.86 7.46
N ILE A 112 4.53 -2.15 6.47
CA ILE A 112 4.10 -3.52 6.20
C ILE A 112 4.17 -3.84 4.71
N ASP A 113 4.89 -4.91 4.38
CA ASP A 113 5.05 -5.33 2.98
C ASP A 113 5.06 -6.84 2.87
N PHE A 114 4.33 -7.37 1.89
CA PHE A 114 4.26 -8.81 1.68
C PHE A 114 3.40 -9.13 0.46
N GLU A 115 3.43 -10.38 0.03
CA GLU A 115 2.65 -10.83 -1.12
C GLU A 115 1.44 -11.64 -0.69
N PRO A 116 0.32 -10.95 -0.44
CA PRO A 116 -0.94 -11.59 -0.02
C PRO A 116 -1.57 -12.42 -1.12
N PHE A 117 -2.70 -13.04 -0.81
CA PHE A 117 -3.41 -13.87 -1.78
C PHE A 117 -4.43 -13.04 -2.56
N LYS A 118 -4.16 -11.76 -2.70
CA LYS A 118 -5.05 -10.85 -3.42
C LYS A 118 -4.28 -9.98 -4.41
N PRO A 119 -3.96 -10.55 -5.58
CA PRO A 119 -3.23 -9.85 -6.63
C PRO A 119 -4.05 -8.74 -7.28
N ILE A 120 -3.38 -7.66 -7.66
CA ILE A 120 -4.06 -6.53 -8.29
C ILE A 120 -4.07 -6.68 -9.81
N ASN A 121 -5.04 -6.03 -10.46
CA ASN A 121 -5.16 -6.10 -11.90
C ASN A 121 -4.06 -5.29 -12.59
N THR A 122 -3.76 -4.13 -12.01
CA THR A 122 -2.72 -3.26 -12.57
C THR A 122 -1.89 -2.62 -11.45
N SER A 123 -0.80 -1.97 -11.84
CA SER A 123 0.08 -1.32 -10.87
C SER A 123 -0.51 0.01 -10.40
N LEU A 124 -1.03 0.02 -9.17
CA LEU A 124 -1.63 1.21 -8.61
C LEU A 124 -0.67 1.88 -7.63
N TYR A 125 -0.68 3.22 -7.62
CA TYR A 125 0.19 3.98 -6.73
C TYR A 125 -0.47 5.29 -6.32
N LEU A 126 -0.88 5.38 -5.06
CA LEU A 126 -1.53 6.58 -4.54
C LEU A 126 -0.69 7.21 -3.45
N CYS A 127 -0.40 8.50 -3.61
CA CYS A 127 0.41 9.22 -2.63
C CYS A 127 -0.10 10.66 -2.47
N ASP A 128 -0.81 10.91 -1.37
CA ASP A 128 -1.35 12.24 -1.10
C ASP A 128 -1.77 12.36 0.36
N ASN A 129 -0.84 12.09 1.26
CA ASN A 129 -1.11 12.17 2.70
C ASN A 129 -2.47 11.56 3.02
N LYS A 130 -2.82 10.49 2.33
CA LYS A 130 -4.09 9.81 2.53
C LYS A 130 -4.16 8.53 1.71
N PHE A 131 -4.52 7.43 2.36
CA PHE A 131 -4.63 6.14 1.69
C PHE A 131 -5.81 6.14 0.71
N HIS A 132 -5.86 5.11 -0.14
CA HIS A 132 -6.93 4.99 -1.11
C HIS A 132 -6.73 3.76 -1.99
N THR A 133 -7.80 3.01 -2.20
CA THR A 133 -7.74 1.80 -3.01
C THR A 133 -8.88 1.77 -4.03
N GLU A 134 -8.63 2.33 -5.21
CA GLU A 134 -9.63 2.37 -6.27
C GLU A 134 -9.79 0.99 -6.91
N ALA A 135 -8.67 0.31 -7.15
CA ALA A 135 -8.69 -1.01 -7.75
C ALA A 135 -9.27 -2.04 -6.80
N LEU A 136 -8.70 -2.13 -5.60
CA LEU A 136 -9.18 -3.07 -4.60
C LEU A 136 -10.67 -2.92 -4.36
N THR A 137 -11.15 -1.67 -4.38
CA THR A 137 -12.56 -1.40 -4.17
C THR A 137 -13.37 -1.69 -5.42
N ALA A 138 -12.99 -1.07 -6.53
CA ALA A 138 -13.68 -1.27 -7.79
C ALA A 138 -13.86 -2.76 -8.10
N LEU A 139 -12.85 -3.55 -7.75
CA LEU A 139 -12.90 -4.99 -7.98
C LEU A 139 -13.63 -5.71 -6.85
N LEU A 140 -13.51 -5.17 -5.64
CA LEU A 140 -14.17 -5.76 -4.48
C LEU A 140 -15.65 -5.95 -4.73
N SER A 141 -16.32 -4.87 -5.12
CA SER A 141 -17.75 -4.92 -5.40
C SER A 141 -18.02 -5.46 -6.80
N ASP A 142 -17.19 -5.05 -7.76
CA ASP A 142 -17.34 -5.50 -9.14
C ASP A 142 -15.98 -5.93 -9.71
N MET A 1 -21.59 -31.28 10.19
CA MET A 1 -20.80 -30.07 10.35
C MET A 1 -19.32 -30.35 10.06
N ALA A 2 -18.54 -29.28 9.98
CA ALA A 2 -17.11 -29.40 9.70
C ALA A 2 -16.86 -30.10 8.37
N ASP A 3 -17.67 -29.75 7.36
CA ASP A 3 -17.54 -30.34 6.04
C ASP A 3 -17.63 -29.27 4.96
N ASP A 4 -17.10 -28.09 5.25
CA ASP A 4 -17.12 -26.98 4.30
C ASP A 4 -16.03 -25.97 4.62
N PRO A 5 -14.77 -26.35 4.34
CA PRO A 5 -13.61 -25.48 4.58
C PRO A 5 -13.58 -24.28 3.65
N SER A 6 -13.91 -24.50 2.39
CA SER A 6 -13.91 -23.43 1.39
C SER A 6 -14.76 -22.26 1.87
N ALA A 7 -15.94 -22.55 2.39
CA ALA A 7 -16.85 -21.52 2.89
C ALA A 7 -16.15 -20.61 3.88
N ALA A 8 -15.61 -21.18 4.94
CA ALA A 8 -14.91 -20.42 5.97
C ALA A 8 -13.83 -19.55 5.34
N ASP A 9 -13.01 -20.14 4.49
CA ASP A 9 -11.93 -19.41 3.82
C ASP A 9 -12.48 -18.19 3.08
N ARG A 10 -13.70 -18.32 2.57
CA ARG A 10 -14.33 -17.23 1.83
C ARG A 10 -14.70 -16.08 2.77
N ASN A 11 -15.09 -16.42 3.99
CA ASN A 11 -15.48 -15.41 4.97
C ASN A 11 -14.25 -14.62 5.44
N VAL A 12 -13.20 -15.35 5.82
CA VAL A 12 -11.97 -14.71 6.28
C VAL A 12 -11.36 -13.83 5.19
N GLU A 13 -11.46 -14.29 3.95
CA GLU A 13 -10.92 -13.54 2.83
C GLU A 13 -11.60 -12.18 2.69
N ILE A 14 -12.92 -12.19 2.65
CA ILE A 14 -13.70 -10.96 2.53
C ILE A 14 -13.60 -10.12 3.80
N TRP A 15 -13.54 -10.79 4.94
CA TRP A 15 -13.45 -10.11 6.22
C TRP A 15 -12.14 -9.31 6.32
N LYS A 16 -11.04 -9.97 5.98
CA LYS A 16 -9.73 -9.33 6.03
C LYS A 16 -9.71 -8.07 5.16
N ILE A 17 -10.10 -8.22 3.89
CA ILE A 17 -10.12 -7.09 2.97
C ILE A 17 -11.14 -6.04 3.41
N LYS A 18 -12.25 -6.50 3.98
CA LYS A 18 -13.30 -5.59 4.45
C LYS A 18 -12.74 -4.60 5.47
N LYS A 19 -12.12 -5.12 6.53
CA LYS A 19 -11.55 -4.30 7.57
C LYS A 19 -10.32 -3.55 7.06
N LEU A 20 -9.57 -4.20 6.16
CA LEU A 20 -8.37 -3.59 5.60
C LEU A 20 -8.70 -2.28 4.89
N ILE A 21 -9.48 -2.38 3.82
CA ILE A 21 -9.87 -1.21 3.05
C ILE A 21 -10.54 -0.17 3.95
N LYS A 22 -11.39 -0.62 4.85
CA LYS A 22 -12.10 0.26 5.77
C LYS A 22 -11.11 1.00 6.67
N SER A 23 -10.05 0.30 7.08
CA SER A 23 -9.04 0.90 7.95
C SER A 23 -8.40 2.11 7.28
N LEU A 24 -7.90 1.92 6.06
CA LEU A 24 -7.27 3.00 5.31
C LEU A 24 -8.22 4.16 5.12
N GLU A 25 -9.50 3.86 4.94
CA GLU A 25 -10.51 4.89 4.75
C GLU A 25 -10.75 5.67 6.04
N ALA A 26 -10.61 4.98 7.17
CA ALA A 26 -10.80 5.61 8.47
C ALA A 26 -9.51 6.21 9.00
N ALA A 27 -8.49 6.26 8.14
CA ALA A 27 -7.19 6.81 8.51
C ALA A 27 -6.77 7.92 7.55
N ARG A 28 -6.70 9.15 8.07
CA ARG A 28 -6.30 10.29 7.26
C ARG A 28 -5.28 11.15 7.99
N GLY A 29 -4.59 12.01 7.25
CA GLY A 29 -3.60 12.88 7.85
C GLY A 29 -3.66 14.30 7.31
N ASN A 30 -2.54 15.01 7.38
CA ASN A 30 -2.47 16.38 6.89
C ASN A 30 -1.12 16.67 6.25
N GLY A 31 -0.58 15.68 5.55
CA GLY A 31 0.70 15.84 4.90
C GLY A 31 0.89 14.89 3.74
N THR A 32 1.60 15.35 2.71
CA THR A 32 1.85 14.52 1.53
C THR A 32 2.90 13.45 1.81
N SER A 33 2.53 12.48 2.63
CA SER A 33 3.45 11.40 2.99
C SER A 33 2.73 10.06 3.01
N MET A 34 1.73 9.91 2.15
CA MET A 34 0.95 8.68 2.08
C MET A 34 1.20 7.95 0.75
N ILE A 35 2.09 6.96 0.79
CA ILE A 35 2.42 6.19 -0.41
C ILE A 35 1.63 4.90 -0.47
N SER A 36 0.89 4.69 -1.54
CA SER A 36 0.09 3.49 -1.71
C SER A 36 0.06 3.05 -3.18
N LEU A 37 0.68 1.91 -3.47
CA LEU A 37 0.72 1.39 -4.83
C LEU A 37 0.71 -0.13 -4.83
N ILE A 38 0.26 -0.72 -5.94
CA ILE A 38 0.19 -2.16 -6.06
C ILE A 38 0.94 -2.65 -7.31
N ILE A 39 1.72 -3.70 -7.16
CA ILE A 39 2.47 -4.26 -8.28
C ILE A 39 1.85 -5.56 -8.76
N PRO A 40 1.30 -5.52 -9.99
CA PRO A 40 0.66 -6.69 -10.60
C PRO A 40 1.68 -7.77 -10.98
N PRO A 41 1.17 -8.96 -11.32
CA PRO A 41 2.01 -10.11 -11.72
C PRO A 41 2.69 -9.88 -13.07
N LYS A 42 2.13 -8.98 -13.86
CA LYS A 42 2.68 -8.67 -15.18
C LYS A 42 3.87 -7.72 -15.07
N ASP A 43 3.80 -6.82 -14.09
CA ASP A 43 4.87 -5.85 -13.89
C ASP A 43 6.16 -6.55 -13.46
N GLN A 44 7.19 -5.76 -13.17
CA GLN A 44 8.48 -6.30 -12.75
C GLN A 44 8.99 -5.61 -11.49
N ILE A 45 9.48 -6.40 -10.55
CA ILE A 45 9.99 -5.85 -9.29
C ILE A 45 11.06 -4.80 -9.54
N SER A 46 12.01 -5.12 -10.41
CA SER A 46 13.09 -4.21 -10.73
C SER A 46 12.54 -2.89 -11.27
N ARG A 47 11.43 -2.97 -11.99
CA ARG A 47 10.80 -1.78 -12.56
C ARG A 47 10.29 -0.85 -11.46
N VAL A 48 9.76 -1.45 -10.40
CA VAL A 48 9.24 -0.67 -9.27
C VAL A 48 10.37 -0.01 -8.49
N ALA A 49 11.47 -0.73 -8.33
CA ALA A 49 12.63 -0.21 -7.62
C ALA A 49 13.09 1.12 -8.20
N LYS A 50 13.35 1.11 -9.50
CA LYS A 50 13.81 2.31 -10.19
C LYS A 50 12.73 3.39 -10.17
N MET A 51 11.50 3.00 -10.47
CA MET A 51 10.38 3.95 -10.48
C MET A 51 10.32 4.73 -9.17
N LEU A 52 10.20 4.01 -8.06
CA LEU A 52 10.14 4.63 -6.75
C LEU A 52 11.41 5.43 -6.46
N ALA A 53 12.53 4.94 -6.95
CA ALA A 53 13.82 5.62 -6.76
C ALA A 53 13.73 7.09 -7.15
N ASP A 54 13.12 7.35 -8.30
CA ASP A 54 12.97 8.72 -8.79
C ASP A 54 12.08 9.54 -7.85
N GLN A 55 11.02 8.90 -7.34
CA GLN A 55 10.10 9.57 -6.44
C GLN A 55 10.84 10.26 -5.30
N PHE A 56 11.94 9.64 -4.86
CA PHE A 56 12.74 10.20 -3.78
C PHE A 56 13.11 11.65 -4.05
N GLY A 57 13.63 11.90 -5.25
CA GLY A 57 14.01 13.26 -5.62
C GLY A 57 12.86 14.23 -5.51
N THR A 58 11.68 13.81 -5.98
CA THR A 58 10.50 14.66 -5.94
C THR A 58 10.28 15.24 -4.54
N ALA A 59 10.42 14.40 -3.53
CA ALA A 59 10.24 14.83 -2.15
C ALA A 59 11.16 15.99 -1.82
N SER A 60 12.44 15.84 -2.17
CA SER A 60 13.43 16.88 -1.91
C SER A 60 12.99 18.22 -2.50
N ASN A 61 12.15 18.15 -3.52
CA ASN A 61 11.67 19.36 -4.18
C ASN A 61 10.55 20.01 -3.37
N ILE A 62 9.83 19.20 -2.59
CA ILE A 62 8.75 19.70 -1.76
C ILE A 62 9.26 20.68 -0.72
N LYS A 63 8.83 21.94 -0.84
CA LYS A 63 9.24 22.98 0.09
C LYS A 63 8.92 22.59 1.53
N SER A 64 7.79 21.91 1.72
CA SER A 64 7.36 21.48 3.04
C SER A 64 8.34 20.44 3.61
N ARG A 65 9.34 20.93 4.34
CA ARG A 65 10.34 20.05 4.94
C ARG A 65 9.67 18.93 5.74
N VAL A 66 8.70 19.30 6.56
CA VAL A 66 7.98 18.33 7.38
C VAL A 66 7.47 17.17 6.53
N ASN A 67 6.90 17.50 5.37
CA ASN A 67 6.37 16.48 4.47
C ASN A 67 7.50 15.77 3.73
N ARG A 68 8.52 16.52 3.36
CA ARG A 68 9.67 15.96 2.64
C ARG A 68 10.32 14.84 3.44
N LEU A 69 10.39 15.03 4.76
CA LEU A 69 10.99 14.03 5.64
C LEU A 69 10.09 12.82 5.77
N SER A 70 8.82 13.06 6.07
CA SER A 70 7.85 11.98 6.23
C SER A 70 7.73 11.16 4.94
N VAL A 71 7.42 11.85 3.85
CA VAL A 71 7.27 11.19 2.55
C VAL A 71 8.53 10.42 2.17
N LEU A 72 9.68 10.94 2.60
CA LEU A 72 10.97 10.31 2.31
C LEU A 72 11.01 8.90 2.90
N GLY A 73 10.64 8.78 4.17
CA GLY A 73 10.66 7.48 4.83
C GLY A 73 9.74 6.48 4.15
N ALA A 74 8.57 6.94 3.72
CA ALA A 74 7.61 6.08 3.06
C ALA A 74 8.22 5.43 1.81
N ILE A 75 8.61 6.27 0.85
CA ILE A 75 9.20 5.78 -0.39
C ILE A 75 10.35 4.81 -0.10
N THR A 76 11.04 5.03 1.02
CA THR A 76 12.15 4.18 1.41
C THR A 76 11.68 2.80 1.81
N SER A 77 10.55 2.74 2.51
CA SER A 77 9.99 1.47 2.95
C SER A 77 9.63 0.58 1.76
N VAL A 78 8.75 1.09 0.90
CA VAL A 78 8.33 0.34 -0.29
C VAL A 78 9.53 -0.18 -1.06
N GLN A 79 10.53 0.68 -1.25
CA GLN A 79 11.74 0.29 -1.98
C GLN A 79 12.37 -0.96 -1.37
N GLN A 80 12.37 -1.03 -0.04
CA GLN A 80 12.94 -2.17 0.66
C GLN A 80 12.19 -3.46 0.32
N ARG A 81 10.89 -3.32 0.09
CA ARG A 81 10.06 -4.48 -0.25
C ARG A 81 10.48 -5.08 -1.58
N LEU A 82 10.56 -4.23 -2.60
CA LEU A 82 10.96 -4.68 -3.93
C LEU A 82 12.24 -5.49 -3.88
N LYS A 83 13.22 -4.98 -3.14
CA LYS A 83 14.50 -5.66 -3.00
C LYS A 83 14.40 -6.85 -2.05
N LEU A 84 13.44 -6.78 -1.13
CA LEU A 84 13.23 -7.84 -0.16
C LEU A 84 12.95 -9.17 -0.86
N TYR A 85 11.81 -9.26 -1.51
CA TYR A 85 11.41 -10.48 -2.22
C TYR A 85 12.06 -10.52 -3.60
N ASN A 86 12.14 -9.37 -4.25
CA ASN A 86 12.73 -9.28 -5.59
C ASN A 86 12.11 -10.30 -6.53
N LYS A 87 10.86 -10.64 -6.28
CA LYS A 87 10.15 -11.60 -7.11
C LYS A 87 8.78 -11.07 -7.53
N VAL A 88 8.31 -11.51 -8.69
CA VAL A 88 7.02 -11.07 -9.20
C VAL A 88 5.97 -12.17 -9.06
N PRO A 89 5.22 -12.14 -7.96
CA PRO A 89 4.17 -13.13 -7.69
C PRO A 89 2.97 -12.98 -8.62
N PRO A 90 2.18 -14.05 -8.74
CA PRO A 90 0.99 -14.06 -9.60
C PRO A 90 -0.13 -13.18 -9.05
N ASN A 91 -0.24 -13.12 -7.72
CA ASN A 91 -1.27 -12.31 -7.08
C ASN A 91 -0.82 -10.86 -6.97
N GLY A 92 0.49 -10.64 -6.97
CA GLY A 92 1.02 -9.30 -6.86
C GLY A 92 1.37 -8.92 -5.44
N LEU A 93 1.83 -7.69 -5.26
CA LEU A 93 2.21 -7.20 -3.93
C LEU A 93 1.61 -5.83 -3.67
N VAL A 94 1.09 -5.63 -2.46
CA VAL A 94 0.49 -4.36 -2.08
C VAL A 94 1.25 -3.71 -0.92
N VAL A 95 1.46 -2.40 -1.02
CA VAL A 95 2.17 -1.66 0.02
C VAL A 95 1.45 -0.37 0.38
N TYR A 96 1.12 -0.21 1.65
CA TYR A 96 0.42 0.98 2.11
C TYR A 96 1.12 1.58 3.33
N CYS A 97 1.60 2.82 3.17
CA CYS A 97 2.29 3.50 4.26
C CYS A 97 2.04 5.01 4.19
N GLY A 98 1.31 5.52 5.18
CA GLY A 98 1.01 6.94 5.22
C GLY A 98 0.87 7.46 6.63
N THR A 99 0.95 8.78 6.78
CA THR A 99 0.83 9.40 8.10
C THR A 99 -0.59 9.87 8.36
N ILE A 100 -1.22 9.30 9.39
CA ILE A 100 -2.59 9.66 9.75
C ILE A 100 -2.66 10.20 11.17
N VAL A 101 -3.24 11.38 11.33
CA VAL A 101 -3.38 12.01 12.63
C VAL A 101 -4.71 11.64 13.28
N THR A 102 -4.66 11.30 14.57
CA THR A 102 -5.87 10.93 15.30
C THR A 102 -6.55 12.16 15.87
N GLU A 103 -7.53 11.93 16.74
CA GLU A 103 -8.28 13.03 17.36
C GLU A 103 -7.33 14.00 18.04
N GLU A 104 -6.44 13.48 18.87
CA GLU A 104 -5.48 14.31 19.59
C GLU A 104 -4.53 15.00 18.61
N GLY A 105 -4.43 14.46 17.41
CA GLY A 105 -3.55 15.04 16.40
C GLY A 105 -2.22 14.32 16.31
N LYS A 106 -2.20 13.06 16.72
CA LYS A 106 -0.99 12.25 16.68
C LYS A 106 -0.91 11.45 15.38
N GLU A 107 0.13 11.69 14.61
CA GLU A 107 0.32 10.98 13.34
C GLU A 107 0.74 9.53 13.58
N LYS A 108 0.24 8.63 12.74
CA LYS A 108 0.57 7.21 12.86
C LYS A 108 0.90 6.62 11.50
N LYS A 109 2.16 6.24 11.33
CA LYS A 109 2.62 5.65 10.07
C LYS A 109 2.26 4.17 9.99
N VAL A 110 1.29 3.85 9.14
CA VAL A 110 0.86 2.47 8.98
C VAL A 110 1.74 1.72 8.00
N ASN A 111 2.79 1.09 8.52
CA ASN A 111 3.73 0.34 7.68
C ASN A 111 3.26 -1.10 7.52
N ILE A 112 2.58 -1.38 6.41
CA ILE A 112 2.09 -2.73 6.14
C ILE A 112 2.33 -3.11 4.68
N ASP A 113 3.15 -4.14 4.48
CA ASP A 113 3.46 -4.61 3.13
C ASP A 113 3.44 -6.14 3.07
N PHE A 114 2.96 -6.68 1.96
CA PHE A 114 2.89 -8.13 1.77
C PHE A 114 2.31 -8.47 0.40
N GLU A 115 2.37 -9.75 0.05
CA GLU A 115 1.85 -10.21 -1.23
C GLU A 115 0.53 -10.95 -1.06
N PRO A 116 -0.57 -10.20 -1.10
CA PRO A 116 -1.92 -10.76 -0.95
C PRO A 116 -2.33 -11.61 -2.15
N PHE A 117 -3.55 -12.15 -2.11
CA PHE A 117 -4.06 -12.98 -3.18
C PHE A 117 -4.99 -12.18 -4.10
N LYS A 118 -4.66 -10.92 -4.31
CA LYS A 118 -5.45 -10.05 -5.16
C LYS A 118 -4.72 -9.72 -6.46
N PRO A 119 -4.80 -10.64 -7.42
CA PRO A 119 -4.15 -10.47 -8.73
C PRO A 119 -4.80 -9.38 -9.57
N ILE A 120 -4.00 -8.41 -10.01
CA ILE A 120 -4.51 -7.33 -10.83
C ILE A 120 -3.87 -7.33 -12.21
N ASN A 121 -4.34 -6.42 -13.08
CA ASN A 121 -3.81 -6.32 -14.43
C ASN A 121 -3.35 -4.91 -14.73
N THR A 122 -3.01 -4.15 -13.68
CA THR A 122 -2.55 -2.79 -13.83
C THR A 122 -1.84 -2.30 -12.57
N SER A 123 -0.73 -1.60 -12.75
CA SER A 123 0.05 -1.09 -11.63
C SER A 123 -0.51 0.26 -11.16
N LEU A 124 -1.05 0.27 -9.95
CA LEU A 124 -1.62 1.49 -9.37
C LEU A 124 -0.61 2.18 -8.46
N TYR A 125 -0.46 3.48 -8.65
CA TYR A 125 0.47 4.27 -7.84
C TYR A 125 -0.03 5.70 -7.68
N LEU A 126 -0.45 6.04 -6.47
CA LEU A 126 -0.95 7.39 -6.17
C LEU A 126 -0.64 7.78 -4.73
N CYS A 127 -0.15 9.00 -4.55
CA CYS A 127 0.19 9.50 -3.23
C CYS A 127 -0.17 10.97 -3.09
N ASP A 128 -1.27 11.24 -2.38
CA ASP A 128 -1.73 12.62 -2.18
C ASP A 128 -2.30 12.79 -0.77
N ASN A 129 -1.64 12.17 0.21
CA ASN A 129 -2.09 12.27 1.60
C ASN A 129 -3.50 11.69 1.75
N LYS A 130 -3.69 10.48 1.22
CA LYS A 130 -4.98 9.82 1.31
C LYS A 130 -4.95 8.47 0.60
N PHE A 131 -5.38 7.42 1.30
CA PHE A 131 -5.39 6.08 0.72
C PHE A 131 -6.59 5.89 -0.20
N HIS A 132 -6.58 4.81 -0.96
CA HIS A 132 -7.66 4.50 -1.89
C HIS A 132 -7.43 3.18 -2.60
N THR A 133 -8.25 2.19 -2.29
CA THR A 133 -8.13 0.87 -2.90
C THR A 133 -9.11 0.71 -4.06
N GLU A 134 -8.66 1.06 -5.26
CA GLU A 134 -9.50 0.95 -6.45
C GLU A 134 -9.62 -0.50 -6.90
N ALA A 135 -8.49 -1.20 -6.94
CA ALA A 135 -8.46 -2.59 -7.35
C ALA A 135 -9.09 -3.49 -6.30
N LEU A 136 -8.62 -3.38 -5.06
CA LEU A 136 -9.14 -4.18 -3.96
C LEU A 136 -10.65 -4.03 -3.85
N THR A 137 -11.11 -2.80 -3.68
CA THR A 137 -12.54 -2.52 -3.56
C THR A 137 -13.30 -3.06 -4.75
N ALA A 138 -12.96 -2.58 -5.94
CA ALA A 138 -13.61 -3.03 -7.17
C ALA A 138 -13.65 -4.54 -7.26
N LEU A 139 -12.57 -5.18 -6.80
CA LEU A 139 -12.48 -6.64 -6.84
C LEU A 139 -13.39 -7.26 -5.78
N LEU A 140 -13.50 -6.60 -4.64
CA LEU A 140 -14.34 -7.09 -3.55
C LEU A 140 -15.78 -7.30 -4.04
N SER A 141 -16.31 -6.31 -4.73
CA SER A 141 -17.67 -6.38 -5.26
C SER A 141 -17.73 -7.26 -6.51
N ASP A 142 -16.70 -7.16 -7.34
CA ASP A 142 -16.63 -7.94 -8.57
C ASP A 142 -15.56 -9.03 -8.47
N MET A 1 -21.29 -22.94 10.98
CA MET A 1 -21.24 -22.43 9.61
C MET A 1 -20.17 -23.15 8.80
N ALA A 2 -19.00 -23.34 9.41
CA ALA A 2 -17.90 -24.03 8.73
C ALA A 2 -17.25 -25.06 9.66
N ASP A 3 -17.02 -26.25 9.12
CA ASP A 3 -16.40 -27.32 9.91
C ASP A 3 -15.31 -28.02 9.10
N ASP A 4 -14.60 -27.25 8.28
CA ASP A 4 -13.52 -27.79 7.46
C ASP A 4 -12.24 -26.95 7.62
N PRO A 5 -11.10 -27.55 7.25
CA PRO A 5 -9.80 -26.89 7.34
C PRO A 5 -9.66 -25.77 6.32
N SER A 6 -10.14 -26.00 5.11
CA SER A 6 -10.06 -25.01 4.04
C SER A 6 -11.14 -23.94 4.21
N ALA A 7 -12.33 -24.37 4.60
CA ALA A 7 -13.44 -23.45 4.80
C ALA A 7 -13.07 -22.34 5.77
N ALA A 8 -12.49 -22.71 6.90
CA ALA A 8 -12.07 -21.75 7.92
C ALA A 8 -11.07 -20.76 7.35
N ASP A 9 -9.99 -21.28 6.77
CA ASP A 9 -8.95 -20.44 6.18
C ASP A 9 -9.54 -19.48 5.15
N ARG A 10 -10.60 -19.93 4.47
CA ARG A 10 -11.25 -19.12 3.45
C ARG A 10 -11.82 -17.84 4.07
N ASN A 11 -12.69 -18.01 5.06
CA ASN A 11 -13.31 -16.86 5.73
C ASN A 11 -12.26 -16.00 6.42
N VAL A 12 -11.36 -16.66 7.16
CA VAL A 12 -10.30 -15.95 7.87
C VAL A 12 -9.54 -15.02 6.94
N GLU A 13 -9.07 -15.56 5.82
CA GLU A 13 -8.32 -14.77 4.85
C GLU A 13 -9.10 -13.53 4.43
N ILE A 14 -10.33 -13.75 3.97
CA ILE A 14 -11.19 -12.64 3.54
C ILE A 14 -11.40 -11.64 4.68
N TRP A 15 -11.52 -12.15 5.90
CA TRP A 15 -11.73 -11.30 7.07
C TRP A 15 -10.51 -10.42 7.32
N LYS A 16 -9.33 -11.03 7.31
CA LYS A 16 -8.09 -10.29 7.54
C LYS A 16 -8.00 -9.08 6.62
N ILE A 17 -7.97 -9.33 5.32
CA ILE A 17 -7.89 -8.27 4.33
C ILE A 17 -9.00 -7.24 4.54
N LYS A 18 -10.21 -7.73 4.76
CA LYS A 18 -11.37 -6.86 4.97
C LYS A 18 -11.07 -5.82 6.05
N LYS A 19 -10.23 -6.20 7.00
CA LYS A 19 -9.86 -5.30 8.10
C LYS A 19 -8.73 -4.36 7.67
N LEU A 20 -7.85 -4.85 6.80
CA LEU A 20 -6.72 -4.06 6.32
C LEU A 20 -7.20 -2.99 5.36
N ILE A 21 -8.18 -3.33 4.53
CA ILE A 21 -8.73 -2.38 3.57
C ILE A 21 -9.70 -1.40 4.23
N LYS A 22 -10.54 -1.92 5.11
CA LYS A 22 -11.51 -1.09 5.83
C LYS A 22 -10.81 0.04 6.57
N SER A 23 -9.72 -0.28 7.24
CA SER A 23 -8.96 0.71 7.99
C SER A 23 -8.27 1.70 7.05
N LEU A 24 -7.71 1.18 5.96
CA LEU A 24 -7.03 2.02 4.98
C LEU A 24 -7.91 3.18 4.54
N GLU A 25 -9.09 2.86 4.01
CA GLU A 25 -10.02 3.87 3.53
C GLU A 25 -10.49 4.74 4.70
N ALA A 26 -10.48 4.17 5.90
CA ALA A 26 -10.91 4.90 7.09
C ALA A 26 -9.72 5.55 7.79
N ALA A 27 -8.57 5.56 7.12
CA ALA A 27 -7.36 6.14 7.68
C ALA A 27 -6.98 7.43 6.95
N ARG A 28 -6.82 8.51 7.71
CA ARG A 28 -6.46 9.80 7.13
C ARG A 28 -5.37 10.47 7.96
N GLY A 29 -4.63 11.38 7.32
CA GLY A 29 -3.55 12.07 8.01
C GLY A 29 -3.53 13.55 7.68
N ASN A 30 -2.37 14.18 7.86
CA ASN A 30 -2.22 15.60 7.58
C ASN A 30 -1.09 15.84 6.58
N GLY A 31 0.15 15.68 7.04
CA GLY A 31 1.29 15.89 6.18
C GLY A 31 1.38 14.84 5.09
N THR A 32 1.81 15.25 3.89
CA THR A 32 1.94 14.33 2.77
C THR A 32 2.92 13.20 3.10
N SER A 33 2.39 12.07 3.56
CA SER A 33 3.21 10.93 3.92
C SER A 33 2.43 9.63 3.74
N MET A 34 1.54 9.61 2.75
CA MET A 34 0.73 8.42 2.48
C MET A 34 1.03 7.87 1.09
N ILE A 35 1.72 6.73 1.05
CA ILE A 35 2.08 6.11 -0.22
C ILE A 35 1.33 4.79 -0.40
N SER A 36 0.76 4.61 -1.60
CA SER A 36 0.01 3.39 -1.90
C SER A 36 0.18 3.01 -3.37
N LEU A 37 1.04 2.03 -3.63
CA LEU A 37 1.29 1.58 -4.99
C LEU A 37 0.94 0.10 -5.14
N ILE A 38 0.08 -0.22 -6.10
CA ILE A 38 -0.32 -1.59 -6.34
C ILE A 38 0.42 -2.18 -7.54
N ILE A 39 1.15 -3.26 -7.31
CA ILE A 39 1.90 -3.91 -8.37
C ILE A 39 1.21 -5.20 -8.81
N PRO A 40 0.47 -5.11 -9.93
CA PRO A 40 -0.25 -6.26 -10.49
C PRO A 40 0.69 -7.31 -11.08
N PRO A 41 0.12 -8.48 -11.41
CA PRO A 41 0.90 -9.59 -11.98
C PRO A 41 1.35 -9.30 -13.41
N LYS A 42 1.76 -8.06 -13.65
CA LYS A 42 2.22 -7.65 -14.98
C LYS A 42 3.19 -6.48 -14.88
N ASP A 43 3.84 -6.36 -13.73
CA ASP A 43 4.80 -5.28 -13.50
C ASP A 43 6.14 -5.84 -13.01
N GLN A 44 7.18 -5.66 -13.82
CA GLN A 44 8.51 -6.15 -13.45
C GLN A 44 9.06 -5.39 -12.26
N ILE A 45 9.67 -6.11 -11.33
CA ILE A 45 10.25 -5.51 -10.13
C ILE A 45 11.26 -4.43 -10.50
N SER A 46 12.06 -4.70 -11.52
CA SER A 46 13.06 -3.74 -11.97
C SER A 46 12.43 -2.41 -12.35
N ARG A 47 11.27 -2.48 -12.99
CA ARG A 47 10.56 -1.27 -13.40
C ARG A 47 10.18 -0.42 -12.19
N VAL A 48 9.82 -1.08 -11.09
CA VAL A 48 9.45 -0.39 -9.87
C VAL A 48 10.67 0.11 -9.12
N ALA A 49 11.74 -0.68 -9.15
CA ALA A 49 12.98 -0.32 -8.47
C ALA A 49 13.42 1.09 -8.85
N LYS A 50 13.59 1.32 -10.16
CA LYS A 50 14.01 2.62 -10.65
C LYS A 50 12.89 3.65 -10.48
N MET A 51 11.68 3.26 -10.84
CA MET A 51 10.53 4.15 -10.73
C MET A 51 10.45 4.77 -9.34
N LEU A 52 10.39 3.92 -8.32
CA LEU A 52 10.32 4.39 -6.94
C LEU A 52 11.53 5.24 -6.58
N ALA A 53 12.68 4.87 -7.11
CA ALA A 53 13.92 5.60 -6.86
C ALA A 53 13.78 7.06 -7.27
N ASP A 54 13.07 7.30 -8.37
CA ASP A 54 12.87 8.65 -8.87
C ASP A 54 11.89 9.41 -7.99
N GLN A 55 10.93 8.70 -7.42
CA GLN A 55 9.92 9.32 -6.55
C GLN A 55 10.60 10.16 -5.48
N PHE A 56 11.79 9.76 -5.06
CA PHE A 56 12.53 10.49 -4.04
C PHE A 56 12.56 11.99 -4.35
N GLY A 57 12.76 12.31 -5.63
CA GLY A 57 12.81 13.70 -6.03
C GLY A 57 11.62 14.49 -5.57
N THR A 58 10.44 13.87 -5.62
CA THR A 58 9.20 14.53 -5.19
C THR A 58 9.36 15.11 -3.79
N ALA A 59 9.98 14.35 -2.90
CA ALA A 59 10.18 14.80 -1.53
C ALA A 59 11.00 16.08 -1.48
N SER A 60 12.11 16.09 -2.21
CA SER A 60 13.00 17.24 -2.26
C SER A 60 12.22 18.50 -2.66
N ASN A 61 11.15 18.31 -3.42
CA ASN A 61 10.32 19.42 -3.88
C ASN A 61 9.40 19.90 -2.76
N ILE A 62 9.03 18.98 -1.87
CA ILE A 62 8.14 19.31 -0.76
C ILE A 62 8.77 20.33 0.17
N LYS A 63 8.18 21.52 0.21
CA LYS A 63 8.68 22.60 1.06
C LYS A 63 8.80 22.14 2.51
N SER A 64 7.66 21.77 3.10
CA SER A 64 7.62 21.31 4.48
C SER A 64 8.65 20.20 4.71
N ARG A 65 9.75 20.54 5.36
CA ARG A 65 10.80 19.56 5.64
C ARG A 65 10.24 18.35 6.38
N VAL A 66 9.34 18.61 7.33
CA VAL A 66 8.72 17.55 8.11
C VAL A 66 8.14 16.47 7.21
N ASN A 67 7.48 16.90 6.13
CA ASN A 67 6.87 15.98 5.18
C ASN A 67 7.94 15.33 4.29
N ARG A 68 8.79 16.16 3.71
CA ARG A 68 9.86 15.67 2.85
C ARG A 68 10.66 14.56 3.52
N LEU A 69 10.84 14.69 4.83
CA LEU A 69 11.59 13.70 5.60
C LEU A 69 10.78 12.41 5.75
N SER A 70 9.53 12.55 6.18
CA SER A 70 8.66 11.40 6.38
C SER A 70 8.44 10.66 5.06
N VAL A 71 7.97 11.37 4.05
CA VAL A 71 7.73 10.77 2.74
C VAL A 71 8.98 10.08 2.21
N LEU A 72 10.13 10.68 2.50
CA LEU A 72 11.40 10.12 2.04
C LEU A 72 11.60 8.70 2.57
N GLY A 73 11.45 8.53 3.88
CA GLY A 73 11.61 7.22 4.48
C GLY A 73 10.70 6.18 3.86
N ALA A 74 9.45 6.57 3.60
CA ALA A 74 8.48 5.67 3.00
C ALA A 74 9.03 5.05 1.71
N ILE A 75 9.29 5.90 0.73
CA ILE A 75 9.82 5.45 -0.56
C ILE A 75 11.02 4.52 -0.36
N THR A 76 11.80 4.79 0.68
CA THR A 76 12.97 3.97 0.98
C THR A 76 12.58 2.56 1.41
N SER A 77 11.58 2.48 2.28
CA SER A 77 11.12 1.19 2.77
C SER A 77 10.69 0.28 1.62
N VAL A 78 9.70 0.73 0.85
CA VAL A 78 9.21 -0.03 -0.29
C VAL A 78 10.36 -0.47 -1.19
N GLN A 79 11.32 0.42 -1.38
CA GLN A 79 12.48 0.13 -2.23
C GLN A 79 13.11 -1.21 -1.85
N GLN A 80 13.54 -1.32 -0.60
CA GLN A 80 14.16 -2.54 -0.11
C GLN A 80 13.26 -3.75 -0.36
N ARG A 81 11.95 -3.52 -0.27
CA ARG A 81 10.98 -4.59 -0.47
C ARG A 81 11.08 -5.15 -1.88
N LEU A 82 11.06 -4.27 -2.87
CA LEU A 82 11.16 -4.68 -4.27
C LEU A 82 12.35 -5.60 -4.49
N LYS A 83 13.53 -5.13 -4.09
CA LYS A 83 14.75 -5.92 -4.23
C LYS A 83 14.72 -7.14 -3.33
N LEU A 84 14.03 -7.02 -2.20
CA LEU A 84 13.92 -8.13 -1.25
C LEU A 84 13.49 -9.41 -1.96
N TYR A 85 12.26 -9.44 -2.44
CA TYR A 85 11.73 -10.61 -3.13
C TYR A 85 12.19 -10.63 -4.59
N ASN A 86 11.85 -9.58 -5.32
CA ASN A 86 12.23 -9.48 -6.72
C ASN A 86 11.52 -10.54 -7.56
N LYS A 87 10.22 -10.69 -7.32
CA LYS A 87 9.42 -11.67 -8.05
C LYS A 87 8.07 -11.07 -8.46
N VAL A 88 7.60 -11.45 -9.65
CA VAL A 88 6.34 -10.95 -10.16
C VAL A 88 5.30 -12.07 -10.24
N PRO A 89 4.75 -12.44 -9.08
CA PRO A 89 3.73 -13.51 -9.00
C PRO A 89 2.40 -13.09 -9.63
N PRO A 90 1.51 -14.08 -9.81
CA PRO A 90 0.18 -13.84 -10.40
C PRO A 90 -0.72 -13.05 -9.47
N ASN A 91 -0.50 -13.20 -8.17
CA ASN A 91 -1.31 -12.51 -7.18
C ASN A 91 -0.88 -11.05 -7.04
N GLY A 92 0.39 -10.78 -7.36
CA GLY A 92 0.91 -9.44 -7.27
C GLY A 92 1.13 -8.99 -5.83
N LEU A 93 1.89 -7.92 -5.65
CA LEU A 93 2.18 -7.41 -4.32
C LEU A 93 1.77 -5.94 -4.22
N VAL A 94 1.33 -5.53 -3.03
CA VAL A 94 0.91 -4.15 -2.80
C VAL A 94 1.49 -3.62 -1.49
N VAL A 95 1.77 -2.32 -1.46
CA VAL A 95 2.32 -1.69 -0.27
C VAL A 95 1.42 -0.55 0.22
N TYR A 96 1.02 -0.62 1.48
CA TYR A 96 0.17 0.40 2.06
C TYR A 96 0.81 1.01 3.30
N CYS A 97 1.17 2.29 3.21
CA CYS A 97 1.80 2.98 4.32
C CYS A 97 1.36 4.45 4.36
N GLY A 98 0.64 4.82 5.40
CA GLY A 98 0.17 6.19 5.54
C GLY A 98 0.10 6.64 6.98
N THR A 99 0.57 7.86 7.24
CA THR A 99 0.56 8.40 8.59
C THR A 99 -0.80 8.96 8.95
N ILE A 100 -1.37 8.50 10.07
CA ILE A 100 -2.67 8.96 10.52
C ILE A 100 -2.58 9.59 11.90
N VAL A 101 -3.09 10.81 12.03
CA VAL A 101 -3.07 11.52 13.30
C VAL A 101 -4.26 11.11 14.17
N THR A 102 -3.95 10.58 15.36
CA THR A 102 -4.99 10.15 16.29
C THR A 102 -5.68 11.34 16.94
N GLU A 103 -6.58 11.06 17.88
CA GLU A 103 -7.31 12.12 18.58
C GLU A 103 -6.35 13.14 19.17
N GLU A 104 -5.34 12.65 19.89
CA GLU A 104 -4.35 13.52 20.51
C GLU A 104 -3.57 14.30 19.46
N GLY A 105 -3.58 13.79 18.24
CA GLY A 105 -2.87 14.45 17.16
C GLY A 105 -1.54 13.80 16.86
N LYS A 106 -1.42 12.51 17.16
CA LYS A 106 -0.19 11.77 16.92
C LYS A 106 -0.27 10.97 15.63
N GLU A 107 0.64 11.27 14.70
CA GLU A 107 0.66 10.58 13.41
C GLU A 107 1.13 9.14 13.58
N LYS A 108 0.55 8.24 12.79
CA LYS A 108 0.89 6.82 12.86
C LYS A 108 0.92 6.20 11.46
N LYS A 109 2.11 5.81 11.01
CA LYS A 109 2.28 5.21 9.70
C LYS A 109 2.02 3.70 9.76
N VAL A 110 1.05 3.25 8.97
CA VAL A 110 0.72 1.83 8.93
C VAL A 110 1.63 1.07 7.96
N ASN A 111 2.74 0.56 8.49
CA ASN A 111 3.69 -0.18 7.68
C ASN A 111 3.19 -1.60 7.41
N ILE A 112 2.56 -1.79 6.26
CA ILE A 112 2.03 -3.09 5.88
C ILE A 112 2.25 -3.36 4.40
N ASP A 113 3.01 -4.39 4.09
CA ASP A 113 3.28 -4.76 2.71
C ASP A 113 3.46 -6.27 2.56
N PHE A 114 3.01 -6.80 1.43
CA PHE A 114 3.11 -8.24 1.17
C PHE A 114 2.40 -8.61 -0.13
N GLU A 115 2.55 -9.86 -0.55
CA GLU A 115 1.93 -10.34 -1.78
C GLU A 115 0.77 -11.27 -1.45
N PRO A 116 -0.43 -10.68 -1.28
CA PRO A 116 -1.64 -11.44 -0.97
C PRO A 116 -2.12 -12.26 -2.14
N PHE A 117 -3.24 -12.98 -1.96
CA PHE A 117 -3.80 -13.80 -3.01
C PHE A 117 -4.90 -13.06 -3.75
N LYS A 118 -4.82 -11.73 -3.77
CA LYS A 118 -5.80 -10.90 -4.45
C LYS A 118 -5.16 -10.13 -5.61
N PRO A 119 -5.16 -10.76 -6.79
CA PRO A 119 -4.59 -10.15 -8.00
C PRO A 119 -5.42 -8.98 -8.51
N ILE A 120 -4.73 -7.93 -8.96
CA ILE A 120 -5.40 -6.74 -9.47
C ILE A 120 -5.42 -6.73 -10.99
N ASN A 121 -6.29 -5.90 -11.56
CA ASN A 121 -6.39 -5.80 -13.02
C ASN A 121 -5.34 -4.82 -13.57
N THR A 122 -4.88 -3.91 -12.72
CA THR A 122 -3.89 -2.93 -13.12
C THR A 122 -3.18 -2.33 -11.92
N SER A 123 -2.16 -1.52 -12.17
CA SER A 123 -1.40 -0.89 -11.09
C SER A 123 -2.01 0.45 -10.71
N LEU A 124 -1.83 0.84 -9.45
CA LEU A 124 -2.36 2.11 -8.96
C LEU A 124 -1.40 2.76 -7.97
N TYR A 125 -0.81 3.88 -8.37
CA TYR A 125 0.14 4.59 -7.52
C TYR A 125 -0.32 6.03 -7.29
N LEU A 126 -0.66 6.34 -6.04
CA LEU A 126 -1.11 7.69 -5.69
C LEU A 126 -0.65 8.06 -4.28
N CYS A 127 -0.23 9.30 -4.11
CA CYS A 127 0.23 9.79 -2.81
C CYS A 127 -0.24 11.22 -2.57
N ASP A 128 -1.17 11.38 -1.63
CA ASP A 128 -1.70 12.70 -1.29
C ASP A 128 -2.21 12.74 0.14
N ASN A 129 -1.47 12.11 1.05
CA ASN A 129 -1.85 12.06 2.46
C ASN A 129 -3.19 11.36 2.64
N LYS A 130 -3.50 10.46 1.72
CA LYS A 130 -4.76 9.71 1.77
C LYS A 130 -4.85 8.71 0.61
N PHE A 131 -5.13 7.46 0.94
CA PHE A 131 -5.24 6.41 -0.06
C PHE A 131 -6.62 5.76 -0.02
N HIS A 132 -6.93 4.98 -1.05
CA HIS A 132 -8.22 4.30 -1.13
C HIS A 132 -8.17 3.15 -2.13
N THR A 133 -8.47 1.94 -1.65
CA THR A 133 -8.45 0.77 -2.50
C THR A 133 -9.56 0.82 -3.54
N GLU A 134 -9.27 1.43 -4.69
CA GLU A 134 -10.24 1.56 -5.77
C GLU A 134 -10.32 0.26 -6.57
N ALA A 135 -9.17 -0.21 -7.04
CA ALA A 135 -9.12 -1.43 -7.83
C ALA A 135 -9.40 -2.66 -6.95
N LEU A 136 -8.79 -2.69 -5.78
CA LEU A 136 -8.98 -3.81 -4.85
C LEU A 136 -10.46 -3.98 -4.50
N THR A 137 -11.10 -2.87 -4.13
CA THR A 137 -12.51 -2.89 -3.78
C THR A 137 -13.39 -3.18 -4.99
N ALA A 138 -13.21 -2.39 -6.04
CA ALA A 138 -13.99 -2.56 -7.26
C ALA A 138 -13.93 -4.00 -7.75
N LEU A 139 -12.76 -4.63 -7.61
CA LEU A 139 -12.58 -6.01 -8.03
C LEU A 139 -13.07 -6.98 -6.95
N LEU A 140 -13.02 -6.53 -5.71
CA LEU A 140 -13.45 -7.36 -4.58
C LEU A 140 -14.88 -7.86 -4.78
N SER A 141 -15.80 -6.93 -4.99
CA SER A 141 -17.21 -7.27 -5.19
C SER A 141 -17.46 -7.65 -6.65
N ASP A 142 -16.83 -6.90 -7.57
CA ASP A 142 -16.99 -7.16 -8.99
C ASP A 142 -15.75 -7.84 -9.57
N MET A 1 -21.94 -20.91 9.41
CA MET A 1 -21.17 -19.67 9.49
C MET A 1 -19.69 -19.97 9.71
N ALA A 2 -19.41 -20.93 10.58
CA ALA A 2 -18.04 -21.31 10.88
C ALA A 2 -17.99 -22.69 11.54
N ASP A 3 -18.05 -23.74 10.72
CA ASP A 3 -18.01 -25.10 11.22
C ASP A 3 -16.92 -25.91 10.52
N ASP A 4 -17.02 -26.00 9.20
CA ASP A 4 -16.04 -26.74 8.41
C ASP A 4 -14.69 -26.03 8.41
N PRO A 5 -13.63 -26.78 8.08
CA PRO A 5 -12.27 -26.25 8.03
C PRO A 5 -12.06 -25.26 6.88
N SER A 6 -12.64 -25.58 5.73
CA SER A 6 -12.54 -24.74 4.55
C SER A 6 -13.49 -23.56 4.63
N ALA A 7 -14.73 -23.84 5.02
CA ALA A 7 -15.75 -22.81 5.14
C ALA A 7 -15.28 -21.67 6.05
N ALA A 8 -14.71 -22.04 7.19
CA ALA A 8 -14.22 -21.05 8.15
C ALA A 8 -13.06 -20.25 7.56
N ASP A 9 -12.05 -20.95 7.06
CA ASP A 9 -10.89 -20.31 6.47
C ASP A 9 -11.30 -19.37 5.34
N ARG A 10 -12.37 -19.73 4.64
CA ARG A 10 -12.87 -18.93 3.54
C ARG A 10 -13.35 -17.56 4.02
N ASN A 11 -14.21 -17.57 5.04
CA ASN A 11 -14.74 -16.34 5.60
C ASN A 11 -13.64 -15.55 6.33
N VAL A 12 -12.81 -16.26 7.09
CA VAL A 12 -11.72 -15.63 7.82
C VAL A 12 -10.76 -14.92 6.88
N GLU A 13 -10.56 -15.50 5.70
CA GLU A 13 -9.65 -14.92 4.72
C GLU A 13 -10.23 -13.64 4.14
N ILE A 14 -11.45 -13.72 3.64
CA ILE A 14 -12.13 -12.56 3.06
C ILE A 14 -12.34 -11.47 4.11
N TRP A 15 -12.61 -11.88 5.33
CA TRP A 15 -12.85 -10.94 6.42
C TRP A 15 -11.54 -10.27 6.84
N LYS A 16 -10.47 -11.04 6.93
CA LYS A 16 -9.17 -10.53 7.31
C LYS A 16 -8.71 -9.44 6.34
N ILE A 17 -8.60 -9.80 5.06
CA ILE A 17 -8.17 -8.86 4.04
C ILE A 17 -9.13 -7.67 3.96
N LYS A 18 -10.41 -7.94 4.17
CA LYS A 18 -11.42 -6.89 4.12
C LYS A 18 -11.15 -5.82 5.17
N LYS A 19 -11.03 -6.24 6.43
CA LYS A 19 -10.76 -5.31 7.53
C LYS A 19 -9.54 -4.45 7.22
N LEU A 20 -8.52 -5.06 6.65
CA LEU A 20 -7.29 -4.35 6.31
C LEU A 20 -7.58 -3.18 5.37
N ILE A 21 -8.46 -3.42 4.39
CA ILE A 21 -8.83 -2.38 3.43
C ILE A 21 -9.63 -1.28 4.11
N LYS A 22 -10.69 -1.67 4.82
CA LYS A 22 -11.53 -0.70 5.52
C LYS A 22 -10.70 0.24 6.38
N SER A 23 -9.80 -0.33 7.18
CA SER A 23 -8.95 0.45 8.05
C SER A 23 -8.15 1.49 7.25
N LEU A 24 -7.56 1.03 6.15
CA LEU A 24 -6.77 1.92 5.30
C LEU A 24 -7.60 3.12 4.83
N GLU A 25 -8.79 2.84 4.32
CA GLU A 25 -9.69 3.89 3.86
C GLU A 25 -9.94 4.93 4.95
N ALA A 26 -9.96 4.47 6.19
CA ALA A 26 -10.19 5.36 7.33
C ALA A 26 -8.91 6.06 7.74
N ALA A 27 -7.77 5.39 7.56
CA ALA A 27 -6.48 5.95 7.90
C ALA A 27 -6.30 7.34 7.30
N ARG A 28 -6.33 8.36 8.16
CA ARG A 28 -6.17 9.74 7.71
C ARG A 28 -5.20 10.50 8.60
N GLY A 29 -4.40 11.37 7.99
CA GLY A 29 -3.43 12.14 8.75
C GLY A 29 -3.27 13.55 8.21
N ASN A 30 -2.22 14.23 8.65
CA ASN A 30 -1.95 15.60 8.22
C ASN A 30 -0.70 15.65 7.35
N GLY A 31 -0.87 15.52 6.04
CA GLY A 31 0.25 15.56 5.13
C GLY A 31 0.24 14.41 4.15
N THR A 32 0.93 14.59 3.02
CA THR A 32 1.00 13.56 2.00
C THR A 32 1.91 12.41 2.42
N SER A 33 1.40 11.58 3.34
CA SER A 33 2.17 10.44 3.84
C SER A 33 1.49 9.13 3.47
N MET A 34 0.20 9.19 3.22
CA MET A 34 -0.58 8.00 2.86
C MET A 34 -0.25 7.56 1.43
N ILE A 35 0.77 6.71 1.30
CA ILE A 35 1.18 6.21 0.00
C ILE A 35 0.81 4.74 -0.16
N SER A 36 0.34 4.38 -1.35
CA SER A 36 -0.06 3.01 -1.65
C SER A 36 0.25 2.65 -3.10
N LEU A 37 0.95 1.55 -3.30
CA LEU A 37 1.31 1.09 -4.64
C LEU A 37 1.11 -0.42 -4.77
N ILE A 38 0.52 -0.83 -5.89
CA ILE A 38 0.27 -2.24 -6.14
C ILE A 38 0.85 -2.67 -7.49
N ILE A 39 1.77 -3.63 -7.46
CA ILE A 39 2.40 -4.13 -8.66
C ILE A 39 1.73 -5.41 -9.15
N PRO A 40 0.94 -5.30 -10.23
CA PRO A 40 0.23 -6.43 -10.82
C PRO A 40 1.18 -7.43 -11.48
N PRO A 41 0.65 -8.62 -11.81
CA PRO A 41 1.42 -9.68 -12.46
C PRO A 41 1.80 -9.34 -13.89
N LYS A 42 2.63 -8.31 -14.06
CA LYS A 42 3.06 -7.89 -15.38
C LYS A 42 4.43 -7.22 -15.30
N ASP A 43 4.48 -6.03 -14.69
CA ASP A 43 5.72 -5.29 -14.56
C ASP A 43 6.61 -5.90 -13.47
N GLN A 44 7.81 -6.32 -13.85
CA GLN A 44 8.74 -6.92 -12.92
C GLN A 44 8.93 -6.04 -11.69
N ILE A 45 9.07 -6.66 -10.53
CA ILE A 45 9.27 -5.94 -9.28
C ILE A 45 10.43 -4.96 -9.39
N SER A 46 11.44 -5.35 -10.16
CA SER A 46 12.63 -4.51 -10.34
C SER A 46 12.28 -3.21 -11.05
N ARG A 47 11.20 -3.25 -11.85
CA ARG A 47 10.76 -2.08 -12.58
C ARG A 47 10.27 -1.00 -11.63
N VAL A 48 9.58 -1.41 -10.57
CA VAL A 48 9.06 -0.47 -9.59
C VAL A 48 10.13 -0.09 -8.56
N ALA A 49 11.01 -1.04 -8.27
CA ALA A 49 12.08 -0.81 -7.30
C ALA A 49 12.88 0.44 -7.65
N LYS A 50 13.31 0.53 -8.91
CA LYS A 50 14.08 1.67 -9.38
C LYS A 50 13.19 2.89 -9.58
N MET A 51 12.03 2.68 -10.20
CA MET A 51 11.09 3.76 -10.45
C MET A 51 10.81 4.53 -9.17
N LEU A 52 10.63 3.82 -8.06
CA LEU A 52 10.36 4.45 -6.78
C LEU A 52 11.59 5.19 -6.27
N ALA A 53 12.75 4.56 -6.42
CA ALA A 53 14.00 5.16 -5.97
C ALA A 53 14.15 6.59 -6.50
N ASP A 54 13.65 6.81 -7.72
CA ASP A 54 13.73 8.13 -8.34
C ASP A 54 12.70 9.07 -7.73
N GLN A 55 11.55 8.52 -7.35
CA GLN A 55 10.47 9.32 -6.77
C GLN A 55 10.98 10.13 -5.58
N PHE A 56 12.05 9.64 -4.96
CA PHE A 56 12.63 10.31 -3.80
C PHE A 56 12.80 11.80 -4.07
N GLY A 57 13.15 12.14 -5.31
CA GLY A 57 13.34 13.53 -5.67
C GLY A 57 12.12 14.38 -5.41
N THR A 58 10.94 13.81 -5.67
CA THR A 58 9.69 14.51 -5.46
C THR A 58 9.63 15.13 -4.06
N ALA A 59 10.04 14.35 -3.06
CA ALA A 59 10.04 14.82 -1.69
C ALA A 59 10.93 16.05 -1.52
N SER A 60 12.13 15.99 -2.10
CA SER A 60 13.07 17.10 -2.01
C SER A 60 12.43 18.40 -2.49
N ASN A 61 11.48 18.29 -3.41
CA ASN A 61 10.79 19.45 -3.95
C ASN A 61 9.72 19.95 -2.97
N ILE A 62 9.18 19.03 -2.17
CA ILE A 62 8.15 19.37 -1.20
C ILE A 62 8.68 20.36 -0.17
N LYS A 63 8.09 21.54 -0.13
CA LYS A 63 8.50 22.58 0.81
C LYS A 63 8.27 22.11 2.25
N SER A 64 7.02 21.83 2.59
CA SER A 64 6.67 21.38 3.93
C SER A 64 7.54 20.21 4.36
N ARG A 65 8.47 20.49 5.28
CA ARG A 65 9.38 19.46 5.78
C ARG A 65 8.61 18.25 6.27
N VAL A 66 7.52 18.50 6.99
CA VAL A 66 6.69 17.41 7.52
C VAL A 66 6.31 16.42 6.43
N ASN A 67 5.92 16.94 5.27
CA ASN A 67 5.54 16.10 4.15
C ASN A 67 6.77 15.55 3.43
N ARG A 68 7.73 16.43 3.16
CA ARG A 68 8.96 16.04 2.49
C ARG A 68 9.61 14.85 3.18
N LEU A 69 9.65 14.90 4.51
CA LEU A 69 10.25 13.82 5.29
C LEU A 69 9.38 12.57 5.27
N SER A 70 8.06 12.77 5.36
CA SER A 70 7.12 11.66 5.35
C SER A 70 7.23 10.87 4.04
N VAL A 71 7.23 11.60 2.92
CA VAL A 71 7.35 10.96 1.61
C VAL A 71 8.63 10.14 1.49
N LEU A 72 9.74 10.74 1.94
CA LEU A 72 11.03 10.06 1.88
C LEU A 72 10.96 8.68 2.52
N GLY A 73 10.65 8.65 3.81
CA GLY A 73 10.55 7.38 4.52
C GLY A 73 9.64 6.39 3.81
N ALA A 74 8.61 6.91 3.15
CA ALA A 74 7.67 6.06 2.43
C ALA A 74 8.36 5.28 1.32
N ILE A 75 8.93 5.99 0.36
CA ILE A 75 9.62 5.36 -0.76
C ILE A 75 10.70 4.40 -0.26
N THR A 76 11.23 4.67 0.93
CA THR A 76 12.26 3.83 1.52
C THR A 76 11.69 2.47 1.91
N SER A 77 10.52 2.48 2.53
CA SER A 77 9.87 1.24 2.96
C SER A 77 9.58 0.34 1.77
N VAL A 78 8.80 0.85 0.82
CA VAL A 78 8.44 0.09 -0.36
C VAL A 78 9.67 -0.54 -1.01
N GLN A 79 10.72 0.27 -1.17
CA GLN A 79 11.96 -0.20 -1.77
C GLN A 79 12.41 -1.52 -1.13
N GLN A 80 12.47 -1.54 0.19
CA GLN A 80 12.88 -2.73 0.93
C GLN A 80 12.02 -3.93 0.55
N ARG A 81 10.76 -3.66 0.24
CA ARG A 81 9.82 -4.72 -0.14
C ARG A 81 10.27 -5.40 -1.43
N LEU A 82 10.78 -4.61 -2.37
CA LEU A 82 11.24 -5.14 -3.65
C LEU A 82 12.42 -6.08 -3.45
N LYS A 83 13.43 -5.61 -2.73
CA LYS A 83 14.62 -6.41 -2.46
C LYS A 83 14.31 -7.55 -1.51
N LEU A 84 13.27 -7.38 -0.70
CA LEU A 84 12.86 -8.40 0.26
C LEU A 84 12.53 -9.71 -0.45
N TYR A 85 11.45 -9.70 -1.22
CA TYR A 85 11.03 -10.89 -1.95
C TYR A 85 11.82 -11.06 -3.24
N ASN A 86 12.19 -9.92 -3.85
CA ASN A 86 12.95 -9.93 -5.09
C ASN A 86 12.28 -10.82 -6.13
N LYS A 87 10.95 -10.84 -6.13
CA LYS A 87 10.20 -11.66 -7.07
C LYS A 87 8.83 -11.03 -7.36
N VAL A 88 8.25 -11.40 -8.49
CA VAL A 88 6.96 -10.87 -8.89
C VAL A 88 5.91 -11.99 -9.00
N PRO A 89 5.11 -12.17 -7.94
CA PRO A 89 4.08 -13.20 -7.89
C PRO A 89 2.92 -12.90 -8.85
N PRO A 90 2.05 -13.90 -9.07
CA PRO A 90 0.90 -13.76 -9.95
C PRO A 90 -0.17 -12.84 -9.36
N ASN A 91 -0.26 -12.82 -8.04
CA ASN A 91 -1.25 -11.99 -7.36
C ASN A 91 -0.75 -10.55 -7.24
N GLY A 92 0.57 -10.38 -7.30
CA GLY A 92 1.15 -9.05 -7.20
C GLY A 92 1.64 -8.73 -5.80
N LEU A 93 1.91 -7.46 -5.55
CA LEU A 93 2.39 -7.03 -4.24
C LEU A 93 1.74 -5.72 -3.83
N VAL A 94 1.15 -5.70 -2.64
CA VAL A 94 0.49 -4.50 -2.13
C VAL A 94 1.21 -3.97 -0.89
N VAL A 95 1.51 -2.68 -0.90
CA VAL A 95 2.19 -2.04 0.23
C VAL A 95 1.75 -0.60 0.39
N TYR A 96 1.62 -0.16 1.65
CA TYR A 96 1.21 1.19 1.95
C TYR A 96 1.69 1.62 3.33
N CYS A 97 2.17 2.87 3.42
CA CYS A 97 2.67 3.40 4.68
C CYS A 97 2.39 4.89 4.79
N GLY A 98 1.55 5.26 5.75
CA GLY A 98 1.21 6.66 5.93
C GLY A 98 0.96 7.00 7.39
N THR A 99 1.30 8.23 7.77
CA THR A 99 1.10 8.68 9.15
C THR A 99 -0.35 9.04 9.41
N ILE A 100 -1.00 8.29 10.29
CA ILE A 100 -2.39 8.53 10.63
C ILE A 100 -2.52 9.41 11.86
N VAL A 101 -3.28 10.49 11.74
CA VAL A 101 -3.48 11.42 12.86
C VAL A 101 -4.83 11.19 13.53
N THR A 102 -4.81 11.02 14.85
CA THR A 102 -6.03 10.79 15.62
C THR A 102 -6.55 12.09 16.23
N GLU A 103 -7.49 11.96 17.16
CA GLU A 103 -8.06 13.12 17.82
C GLU A 103 -6.99 13.91 18.58
N GLU A 104 -6.18 13.20 19.35
CA GLU A 104 -5.11 13.83 20.13
C GLU A 104 -4.04 14.38 19.21
N GLY A 105 -4.01 13.90 17.97
CA GLY A 105 -3.01 14.37 17.01
C GLY A 105 -1.80 13.46 16.95
N LYS A 106 -1.99 12.20 17.31
CA LYS A 106 -0.89 11.23 17.28
C LYS A 106 -0.72 10.64 15.89
N GLU A 107 0.51 10.70 15.39
CA GLU A 107 0.81 10.17 14.06
C GLU A 107 1.32 8.74 14.14
N LYS A 108 0.84 7.89 13.24
CA LYS A 108 1.24 6.49 13.21
C LYS A 108 1.42 6.00 11.78
N LYS A 109 2.65 5.68 11.41
CA LYS A 109 2.96 5.20 10.07
C LYS A 109 2.74 3.69 9.98
N VAL A 110 1.69 3.30 9.26
CA VAL A 110 1.37 1.89 9.09
C VAL A 110 2.22 1.26 7.99
N ASN A 111 3.39 0.76 8.36
CA ASN A 111 4.30 0.14 7.42
C ASN A 111 3.98 -1.34 7.24
N ILE A 112 3.23 -1.66 6.20
CA ILE A 112 2.84 -3.04 5.93
C ILE A 112 3.07 -3.39 4.46
N ASP A 113 3.72 -4.52 4.21
CA ASP A 113 3.99 -4.96 2.85
C ASP A 113 3.93 -6.49 2.76
N PHE A 114 3.34 -6.98 1.67
CA PHE A 114 3.20 -8.42 1.46
C PHE A 114 2.53 -8.71 0.13
N GLU A 115 2.60 -9.96 -0.31
CA GLU A 115 1.99 -10.38 -1.57
C GLU A 115 0.75 -11.22 -1.32
N PRO A 116 -0.41 -10.54 -1.24
CA PRO A 116 -1.70 -11.20 -1.01
C PRO A 116 -2.15 -12.03 -2.20
N PHE A 117 -3.32 -12.65 -2.08
CA PHE A 117 -3.87 -13.48 -3.15
C PHE A 117 -4.86 -12.68 -4.00
N LYS A 118 -4.65 -11.38 -4.08
CA LYS A 118 -5.51 -10.50 -4.85
C LYS A 118 -4.81 -10.01 -6.12
N PRO A 119 -4.92 -10.80 -7.20
CA PRO A 119 -4.30 -10.46 -8.48
C PRO A 119 -4.97 -9.27 -9.16
N ILE A 120 -4.17 -8.28 -9.52
CA ILE A 120 -4.69 -7.07 -10.18
C ILE A 120 -4.43 -7.12 -11.68
N ASN A 121 -5.04 -6.18 -12.41
CA ASN A 121 -4.87 -6.11 -13.86
C ASN A 121 -4.09 -4.87 -14.25
N THR A 122 -3.88 -3.97 -13.29
CA THR A 122 -3.15 -2.73 -13.53
C THR A 122 -2.54 -2.19 -12.25
N SER A 123 -1.46 -1.43 -12.39
CA SER A 123 -0.79 -0.85 -11.24
C SER A 123 -1.53 0.37 -10.72
N LEU A 124 -1.56 0.53 -9.40
CA LEU A 124 -2.25 1.67 -8.78
C LEU A 124 -1.33 2.39 -7.81
N TYR A 125 -0.95 3.61 -8.16
CA TYR A 125 -0.07 4.42 -7.33
C TYR A 125 -0.65 5.81 -7.09
N LEU A 126 -1.09 6.05 -5.86
CA LEU A 126 -1.68 7.33 -5.50
C LEU A 126 -1.32 7.71 -4.07
N CYS A 127 -0.91 8.96 -3.87
CA CYS A 127 -0.54 9.45 -2.55
C CYS A 127 -0.98 10.89 -2.37
N ASP A 128 -2.01 11.10 -1.56
CA ASP A 128 -2.52 12.44 -1.29
C ASP A 128 -3.13 12.52 0.10
N ASN A 129 -2.30 12.32 1.12
CA ASN A 129 -2.75 12.36 2.50
C ASN A 129 -4.00 11.52 2.70
N LYS A 130 -4.10 10.44 1.93
CA LYS A 130 -5.25 9.54 2.03
C LYS A 130 -5.04 8.31 1.15
N PHE A 131 -5.24 7.14 1.74
CA PHE A 131 -5.07 5.88 1.01
C PHE A 131 -6.18 5.70 -0.02
N HIS A 132 -6.12 4.61 -0.77
CA HIS A 132 -7.11 4.32 -1.80
C HIS A 132 -6.91 2.93 -2.38
N THR A 133 -7.93 2.08 -2.24
CA THR A 133 -7.87 0.72 -2.74
C THR A 133 -8.96 0.46 -3.78
N GLU A 134 -8.62 0.72 -5.05
CA GLU A 134 -9.57 0.52 -6.13
C GLU A 134 -9.69 -0.96 -6.48
N ALA A 135 -8.55 -1.60 -6.73
CA ALA A 135 -8.53 -3.02 -7.07
C ALA A 135 -9.17 -3.86 -5.97
N LEU A 136 -8.70 -3.66 -4.74
CA LEU A 136 -9.22 -4.40 -3.60
C LEU A 136 -10.73 -4.23 -3.48
N THR A 137 -11.17 -2.98 -3.43
CA THR A 137 -12.60 -2.67 -3.32
C THR A 137 -13.38 -3.27 -4.48
N ALA A 138 -13.05 -2.85 -5.70
CA ALA A 138 -13.72 -3.34 -6.89
C ALA A 138 -13.74 -4.86 -6.92
N LEU A 139 -12.66 -5.48 -6.47
CA LEU A 139 -12.56 -6.93 -6.43
C LEU A 139 -13.53 -7.52 -5.43
N LEU A 140 -13.72 -6.83 -4.30
CA LEU A 140 -14.63 -7.29 -3.27
C LEU A 140 -16.08 -7.19 -3.73
N SER A 141 -16.43 -6.07 -4.34
CA SER A 141 -17.79 -5.86 -4.84
C SER A 141 -18.06 -6.74 -6.04
N ASP A 142 -17.11 -6.82 -6.95
CA ASP A 142 -17.26 -7.64 -8.16
C ASP A 142 -15.89 -7.99 -8.75
N MET A 1 -22.00 -22.32 0.23
CA MET A 1 -21.64 -23.52 0.96
C MET A 1 -20.94 -23.19 2.27
N ALA A 2 -20.82 -24.19 3.14
CA ALA A 2 -20.17 -23.99 4.44
C ALA A 2 -19.88 -25.33 5.11
N ASP A 3 -19.06 -26.15 4.46
CA ASP A 3 -18.70 -27.45 5.01
C ASP A 3 -17.20 -27.69 4.91
N ASP A 4 -16.67 -27.70 3.69
CA ASP A 4 -15.26 -27.91 3.47
C ASP A 4 -14.43 -26.78 4.09
N PRO A 5 -13.14 -27.04 4.31
CA PRO A 5 -12.22 -26.06 4.89
C PRO A 5 -11.92 -24.90 3.95
N SER A 6 -11.69 -25.22 2.68
CA SER A 6 -11.39 -24.22 1.67
C SER A 6 -12.51 -23.19 1.58
N ALA A 7 -13.75 -23.67 1.49
CA ALA A 7 -14.91 -22.80 1.40
C ALA A 7 -14.91 -21.77 2.53
N ALA A 8 -14.92 -22.27 3.77
CA ALA A 8 -14.92 -21.39 4.93
C ALA A 8 -13.76 -20.40 4.89
N ASP A 9 -12.56 -20.94 4.72
CA ASP A 9 -11.36 -20.09 4.66
C ASP A 9 -11.53 -18.99 3.62
N ARG A 10 -12.27 -19.30 2.56
CA ARG A 10 -12.50 -18.32 1.49
C ARG A 10 -13.28 -17.12 2.01
N ASN A 11 -14.48 -17.38 2.54
CA ASN A 11 -15.33 -16.31 3.06
C ASN A 11 -14.64 -15.60 4.22
N VAL A 12 -13.99 -16.37 5.09
CA VAL A 12 -13.29 -15.82 6.25
C VAL A 12 -12.21 -14.84 5.80
N GLU A 13 -11.44 -15.22 4.79
CA GLU A 13 -10.38 -14.37 4.27
C GLU A 13 -10.92 -13.01 3.84
N ILE A 14 -11.98 -13.04 3.03
CA ILE A 14 -12.60 -11.82 2.54
C ILE A 14 -12.94 -10.87 3.69
N TRP A 15 -13.45 -11.43 4.78
CA TRP A 15 -13.81 -10.63 5.95
C TRP A 15 -12.59 -9.94 6.53
N LYS A 16 -11.52 -10.69 6.70
CA LYS A 16 -10.28 -10.15 7.25
C LYS A 16 -9.80 -8.94 6.45
N ILE A 17 -9.50 -9.17 5.17
CA ILE A 17 -9.05 -8.10 4.29
C ILE A 17 -10.04 -6.94 4.28
N LYS A 18 -11.32 -7.26 4.29
CA LYS A 18 -12.36 -6.23 4.29
C LYS A 18 -12.17 -5.26 5.45
N LYS A 19 -11.70 -5.78 6.57
CA LYS A 19 -11.47 -4.95 7.76
C LYS A 19 -10.21 -4.10 7.59
N LEU A 20 -9.21 -4.67 6.94
CA LEU A 20 -7.95 -3.97 6.70
C LEU A 20 -8.12 -2.85 5.69
N ILE A 21 -8.78 -3.17 4.58
CA ILE A 21 -9.02 -2.18 3.53
C ILE A 21 -9.84 -1.00 4.05
N LYS A 22 -10.98 -1.32 4.67
CA LYS A 22 -11.86 -0.29 5.21
C LYS A 22 -11.08 0.65 6.14
N SER A 23 -10.27 0.07 7.01
CA SER A 23 -9.48 0.86 7.95
C SER A 23 -8.70 1.95 7.22
N LEU A 24 -8.04 1.57 6.14
CA LEU A 24 -7.26 2.52 5.35
C LEU A 24 -8.13 3.67 4.84
N GLU A 25 -9.28 3.32 4.28
CA GLU A 25 -10.21 4.31 3.75
C GLU A 25 -10.52 5.39 4.81
N ALA A 26 -10.53 4.97 6.07
CA ALA A 26 -10.79 5.88 7.18
C ALA A 26 -9.54 6.64 7.58
N ALA A 27 -8.39 5.99 7.45
CA ALA A 27 -7.12 6.60 7.81
C ALA A 27 -6.88 7.87 7.00
N ARG A 28 -6.50 8.94 7.69
CA ARG A 28 -6.24 10.21 7.04
C ARG A 28 -4.95 10.85 7.56
N GLY A 29 -4.07 11.22 6.65
CA GLY A 29 -2.80 11.82 7.04
C GLY A 29 -2.78 13.32 6.80
N ASN A 30 -1.72 13.98 7.25
CA ASN A 30 -1.58 15.41 7.09
C ASN A 30 -0.23 15.77 6.45
N GLY A 31 -0.22 15.86 5.12
CA GLY A 31 1.00 16.18 4.43
C GLY A 31 1.47 15.07 3.52
N THR A 32 1.90 15.42 2.31
CA THR A 32 2.37 14.43 1.35
C THR A 32 3.49 13.59 1.93
N SER A 33 3.14 12.42 2.45
CA SER A 33 4.12 11.52 3.04
C SER A 33 3.72 10.06 2.83
N MET A 34 2.43 9.78 2.96
CA MET A 34 1.92 8.43 2.78
C MET A 34 2.17 7.94 1.36
N ILE A 35 2.36 6.63 1.22
CA ILE A 35 2.61 6.04 -0.10
C ILE A 35 1.84 4.73 -0.27
N SER A 36 0.94 4.70 -1.24
CA SER A 36 0.14 3.51 -1.50
C SER A 36 0.57 2.85 -2.81
N LEU A 37 1.39 1.81 -2.70
CA LEU A 37 1.87 1.09 -3.87
C LEU A 37 1.24 -0.30 -3.95
N ILE A 38 0.74 -0.66 -5.13
CA ILE A 38 0.12 -1.96 -5.34
C ILE A 38 0.78 -2.72 -6.48
N ILE A 39 1.32 -3.90 -6.18
CA ILE A 39 1.98 -4.71 -7.19
C ILE A 39 1.14 -5.94 -7.55
N PRO A 40 0.60 -5.95 -8.77
CA PRO A 40 -0.24 -7.05 -9.26
C PRO A 40 0.57 -8.32 -9.50
N PRO A 41 -0.13 -9.45 -9.66
CA PRO A 41 0.51 -10.75 -9.91
C PRO A 41 1.13 -10.84 -11.30
N LYS A 42 0.57 -10.08 -12.23
CA LYS A 42 1.08 -10.07 -13.60
C LYS A 42 2.39 -9.30 -13.70
N ASP A 43 2.51 -8.24 -12.90
CA ASP A 43 3.71 -7.42 -12.89
C ASP A 43 4.69 -7.89 -11.82
N GLN A 44 5.89 -7.33 -11.82
CA GLN A 44 6.92 -7.71 -10.86
C GLN A 44 7.29 -6.52 -9.97
N ILE A 45 7.75 -6.81 -8.76
CA ILE A 45 8.13 -5.77 -7.82
C ILE A 45 9.16 -4.82 -8.45
N SER A 46 9.95 -5.34 -9.38
CA SER A 46 10.96 -4.54 -10.05
C SER A 46 10.37 -3.23 -10.58
N ARG A 47 9.12 -3.30 -11.02
CA ARG A 47 8.43 -2.12 -11.54
C ARG A 47 8.45 -0.98 -10.52
N VAL A 48 8.34 -1.34 -9.24
CA VAL A 48 8.35 -0.36 -8.17
C VAL A 48 9.75 0.19 -7.93
N ALA A 49 10.74 -0.70 -7.95
CA ALA A 49 12.12 -0.30 -7.73
C ALA A 49 12.48 0.91 -8.59
N LYS A 50 12.35 0.76 -9.91
CA LYS A 50 12.67 1.84 -10.83
C LYS A 50 11.68 3.00 -10.68
N MET A 51 10.43 2.67 -10.40
CA MET A 51 9.39 3.67 -10.23
C MET A 51 9.77 4.66 -9.13
N LEU A 52 10.02 4.14 -7.93
CA LEU A 52 10.41 4.98 -6.81
C LEU A 52 11.67 5.78 -7.12
N ALA A 53 12.58 5.17 -7.85
CA ALA A 53 13.83 5.82 -8.22
C ALA A 53 13.58 7.20 -8.82
N ASP A 54 12.76 7.24 -9.86
CA ASP A 54 12.43 8.50 -10.52
C ASP A 54 11.37 9.27 -9.74
N GLN A 55 10.37 8.55 -9.24
CA GLN A 55 9.29 9.16 -8.47
C GLN A 55 9.85 10.03 -7.36
N PHE A 56 11.00 9.64 -6.82
CA PHE A 56 11.64 10.38 -5.74
C PHE A 56 11.75 11.87 -6.10
N GLY A 57 12.05 12.16 -7.36
CA GLY A 57 12.18 13.53 -7.80
C GLY A 57 10.99 14.38 -7.39
N THR A 58 9.80 13.77 -7.38
CA THR A 58 8.58 14.47 -7.00
C THR A 58 8.66 14.98 -5.57
N ALA A 59 9.20 14.17 -4.68
CA ALA A 59 9.33 14.54 -3.27
C ALA A 59 10.19 15.79 -3.12
N SER A 60 11.40 15.74 -3.68
CA SER A 60 12.31 16.88 -3.60
C SER A 60 11.70 18.12 -4.23
N ASN A 61 10.69 17.91 -5.07
CA ASN A 61 10.01 19.02 -5.74
C ASN A 61 9.03 19.72 -4.79
N ILE A 62 8.52 18.96 -3.82
CA ILE A 62 7.58 19.51 -2.85
C ILE A 62 8.23 20.63 -2.03
N LYS A 63 7.72 21.84 -2.19
CA LYS A 63 8.24 22.99 -1.47
C LYS A 63 8.21 22.75 0.04
N SER A 64 7.09 22.22 0.52
CA SER A 64 6.94 21.93 1.95
C SER A 64 8.03 21.00 2.44
N ARG A 65 9.07 21.57 3.05
CA ARG A 65 10.18 20.79 3.57
C ARG A 65 9.68 19.69 4.50
N VAL A 66 8.74 20.03 5.37
CA VAL A 66 8.18 19.07 6.32
C VAL A 66 7.73 17.80 5.61
N ASN A 67 7.07 17.97 4.47
CA ASN A 67 6.59 16.84 3.70
C ASN A 67 7.73 16.14 2.97
N ARG A 68 8.68 16.93 2.46
CA ARG A 68 9.82 16.39 1.75
C ARG A 68 10.54 15.33 2.58
N LEU A 69 10.63 15.58 3.88
CA LEU A 69 11.29 14.64 4.80
C LEU A 69 10.40 13.44 5.06
N SER A 70 9.13 13.69 5.36
CA SER A 70 8.18 12.61 5.64
C SER A 70 8.08 11.65 4.46
N VAL A 71 7.77 12.20 3.28
CA VAL A 71 7.65 11.39 2.08
C VAL A 71 8.91 10.57 1.83
N LEU A 72 10.06 11.18 2.09
CA LEU A 72 11.34 10.51 1.90
C LEU A 72 11.37 9.17 2.63
N GLY A 73 11.04 9.21 3.92
CA GLY A 73 11.04 8.00 4.71
C GLY A 73 10.19 6.90 4.10
N ALA A 74 9.00 7.27 3.65
CA ALA A 74 8.08 6.31 3.04
C ALA A 74 8.78 5.52 1.93
N ILE A 75 9.27 6.24 0.92
CA ILE A 75 9.96 5.60 -0.19
C ILE A 75 11.04 4.65 0.29
N THR A 76 11.63 4.97 1.45
CA THR A 76 12.68 4.13 2.01
C THR A 76 12.13 2.78 2.46
N SER A 77 10.91 2.79 2.99
CA SER A 77 10.26 1.57 3.46
C SER A 77 9.99 0.62 2.30
N VAL A 78 9.22 1.08 1.32
CA VAL A 78 8.88 0.28 0.15
C VAL A 78 10.14 -0.34 -0.46
N GLN A 79 11.22 0.43 -0.51
CA GLN A 79 12.47 -0.05 -1.07
C GLN A 79 12.93 -1.32 -0.36
N GLN A 80 13.00 -1.26 0.96
CA GLN A 80 13.43 -2.41 1.75
C GLN A 80 12.61 -3.64 1.42
N ARG A 81 11.34 -3.44 1.08
CA ARG A 81 10.44 -4.53 0.74
C ARG A 81 10.96 -5.29 -0.48
N LEU A 82 11.27 -4.56 -1.55
CA LEU A 82 11.78 -5.17 -2.76
C LEU A 82 13.03 -6.00 -2.48
N LYS A 83 13.92 -5.46 -1.68
CA LYS A 83 15.16 -6.15 -1.33
C LYS A 83 14.87 -7.33 -0.40
N LEU A 84 13.90 -7.17 0.48
CA LEU A 84 13.52 -8.22 1.41
C LEU A 84 13.28 -9.53 0.69
N TYR A 85 12.21 -9.56 -0.11
CA TYR A 85 11.86 -10.76 -0.86
C TYR A 85 12.60 -10.81 -2.20
N ASN A 86 12.44 -9.75 -2.99
CA ASN A 86 13.10 -9.67 -4.30
C ASN A 86 12.61 -10.78 -5.22
N LYS A 87 11.50 -11.40 -4.84
CA LYS A 87 10.92 -12.48 -5.64
C LYS A 87 9.50 -12.14 -6.07
N VAL A 88 9.27 -12.13 -7.38
CA VAL A 88 7.94 -11.82 -7.92
C VAL A 88 6.87 -12.67 -7.26
N PRO A 89 5.93 -12.01 -6.56
CA PRO A 89 4.83 -12.69 -5.87
C PRO A 89 3.83 -13.29 -6.84
N PRO A 90 3.17 -14.38 -6.41
CA PRO A 90 2.17 -15.07 -7.24
C PRO A 90 0.90 -14.26 -7.41
N ASN A 91 0.36 -13.76 -6.30
CA ASN A 91 -0.86 -12.97 -6.33
C ASN A 91 -0.53 -11.48 -6.39
N GLY A 92 0.67 -11.12 -5.95
CA GLY A 92 1.09 -9.73 -5.96
C GLY A 92 1.44 -9.21 -4.58
N LEU A 93 2.23 -8.15 -4.54
CA LEU A 93 2.64 -7.56 -3.27
C LEU A 93 1.98 -6.21 -3.05
N VAL A 94 1.70 -5.89 -1.79
CA VAL A 94 1.06 -4.62 -1.44
C VAL A 94 1.73 -3.99 -0.23
N VAL A 95 2.14 -2.72 -0.39
CA VAL A 95 2.79 -2.00 0.69
C VAL A 95 2.09 -0.68 0.97
N TYR A 96 1.65 -0.50 2.22
CA TYR A 96 0.97 0.72 2.62
C TYR A 96 1.61 1.33 3.86
N CYS A 97 2.08 2.57 3.73
CA CYS A 97 2.72 3.26 4.84
C CYS A 97 2.45 4.75 4.77
N GLY A 98 1.69 5.27 5.74
CA GLY A 98 1.38 6.69 5.77
C GLY A 98 1.22 7.21 7.18
N THR A 99 1.74 8.42 7.42
CA THR A 99 1.66 9.03 8.73
C THR A 99 0.31 9.71 8.95
N ILE A 100 -0.32 9.43 10.08
CA ILE A 100 -1.62 10.00 10.41
C ILE A 100 -1.62 10.62 11.80
N VAL A 101 -2.03 11.88 11.89
CA VAL A 101 -2.08 12.57 13.17
C VAL A 101 -3.37 12.25 13.91
N THR A 102 -3.23 11.56 15.04
CA THR A 102 -4.38 11.19 15.85
C THR A 102 -5.07 12.42 16.43
N GLU A 103 -6.03 12.20 17.31
CA GLU A 103 -6.77 13.29 17.94
C GLU A 103 -5.81 14.24 18.67
N GLU A 104 -4.92 13.67 19.47
CA GLU A 104 -3.96 14.46 20.23
C GLU A 104 -3.03 15.24 19.30
N GLY A 105 -2.95 14.79 18.04
CA GLY A 105 -2.11 15.46 17.08
C GLY A 105 -0.78 14.75 16.88
N LYS A 106 -0.74 13.47 17.20
CA LYS A 106 0.48 12.68 17.05
C LYS A 106 0.44 11.85 15.78
N GLU A 107 1.42 12.08 14.90
CA GLU A 107 1.51 11.35 13.64
C GLU A 107 1.89 9.89 13.88
N LYS A 108 1.25 8.99 13.13
CA LYS A 108 1.53 7.57 13.24
C LYS A 108 1.61 6.91 11.88
N LYS A 109 2.80 6.45 11.52
CA LYS A 109 3.01 5.79 10.24
C LYS A 109 2.72 4.29 10.33
N VAL A 110 1.78 3.82 9.52
CA VAL A 110 1.42 2.41 9.51
C VAL A 110 2.29 1.62 8.56
N ASN A 111 3.41 1.12 9.06
CA ASN A 111 4.34 0.34 8.25
C ASN A 111 3.88 -1.11 8.12
N ILE A 112 3.17 -1.41 7.04
CA ILE A 112 2.67 -2.76 6.80
C ILE A 112 2.93 -3.19 5.36
N ASP A 113 3.73 -4.24 5.19
CA ASP A 113 4.05 -4.76 3.88
C ASP A 113 3.92 -6.28 3.84
N PHE A 114 3.35 -6.80 2.76
CA PHE A 114 3.17 -8.23 2.60
C PHE A 114 2.52 -8.55 1.26
N GLU A 115 2.77 -9.77 0.78
CA GLU A 115 2.20 -10.20 -0.50
C GLU A 115 1.15 -11.28 -0.30
N PRO A 116 -0.07 -10.84 0.06
CA PRO A 116 -1.20 -11.75 0.30
C PRO A 116 -1.70 -12.40 -0.99
N PHE A 117 -2.73 -13.23 -0.87
CA PHE A 117 -3.30 -13.92 -2.02
C PHE A 117 -4.44 -13.10 -2.62
N LYS A 118 -4.35 -11.78 -2.51
CA LYS A 118 -5.36 -10.89 -3.04
C LYS A 118 -4.83 -10.14 -4.26
N PRO A 119 -4.88 -10.79 -5.44
CA PRO A 119 -4.40 -10.20 -6.69
C PRO A 119 -5.31 -9.07 -7.18
N ILE A 120 -4.71 -8.05 -7.78
CA ILE A 120 -5.47 -6.92 -8.30
C ILE A 120 -5.47 -6.91 -9.82
N ASN A 121 -6.30 -6.04 -10.40
CA ASN A 121 -6.40 -5.92 -11.85
C ASN A 121 -5.13 -5.27 -12.42
N THR A 122 -4.52 -4.39 -11.64
CA THR A 122 -3.33 -3.69 -12.07
C THR A 122 -2.61 -3.04 -10.89
N SER A 123 -1.50 -2.37 -11.18
CA SER A 123 -0.73 -1.70 -10.14
C SER A 123 -1.28 -0.31 -9.87
N LEU A 124 -1.11 0.17 -8.64
CA LEU A 124 -1.58 1.49 -8.24
C LEU A 124 -0.55 2.21 -7.38
N TYR A 125 -0.28 3.47 -7.71
CA TYR A 125 0.69 4.26 -6.97
C TYR A 125 0.23 5.72 -6.86
N LEU A 126 -0.19 6.12 -5.67
CA LEU A 126 -0.65 7.48 -5.43
C LEU A 126 -0.31 7.94 -4.01
N CYS A 127 -0.10 9.23 -3.84
CA CYS A 127 0.23 9.78 -2.54
C CYS A 127 -0.44 11.15 -2.34
N ASP A 128 -1.19 11.27 -1.25
CA ASP A 128 -1.89 12.51 -0.95
C ASP A 128 -2.36 12.54 0.50
N ASN A 129 -1.46 12.19 1.41
CA ASN A 129 -1.78 12.16 2.83
C ASN A 129 -3.17 11.57 3.07
N LYS A 130 -3.50 10.52 2.32
CA LYS A 130 -4.78 9.87 2.44
C LYS A 130 -4.78 8.52 1.73
N PHE A 131 -5.20 7.48 2.44
CA PHE A 131 -5.25 6.13 1.86
C PHE A 131 -6.56 5.91 1.12
N HIS A 132 -6.56 4.92 0.22
CA HIS A 132 -7.75 4.60 -0.56
C HIS A 132 -7.48 3.44 -1.51
N THR A 133 -8.48 2.58 -1.69
CA THR A 133 -8.35 1.43 -2.57
C THR A 133 -9.25 1.56 -3.79
N GLU A 134 -8.73 2.16 -4.85
CA GLU A 134 -9.48 2.35 -6.08
C GLU A 134 -9.72 1.02 -6.78
N ALA A 135 -8.66 0.27 -7.01
CA ALA A 135 -8.75 -1.03 -7.66
C ALA A 135 -9.69 -1.97 -6.90
N LEU A 136 -9.48 -2.05 -5.58
CA LEU A 136 -10.30 -2.91 -4.74
C LEU A 136 -11.78 -2.58 -4.91
N THR A 137 -12.09 -1.30 -5.06
CA THR A 137 -13.46 -0.85 -5.22
C THR A 137 -13.96 -1.13 -6.64
N ALA A 138 -13.23 -0.62 -7.63
CA ALA A 138 -13.59 -0.81 -9.03
C ALA A 138 -13.87 -2.28 -9.33
N LEU A 139 -13.09 -3.16 -8.72
CA LEU A 139 -13.25 -4.60 -8.91
C LEU A 139 -14.33 -5.15 -7.99
N LEU A 140 -14.45 -4.56 -6.81
CA LEU A 140 -15.45 -5.00 -5.84
C LEU A 140 -16.84 -5.02 -6.46
N SER A 141 -17.20 -3.93 -7.13
CA SER A 141 -18.51 -3.82 -7.77
C SER A 141 -18.51 -4.53 -9.12
N ASP A 142 -17.47 -4.28 -9.91
CA ASP A 142 -17.36 -4.89 -11.23
C ASP A 142 -15.90 -5.18 -11.56
N MET A 1 -18.13 -24.27 -3.42
CA MET A 1 -17.43 -25.53 -3.17
C MET A 1 -16.69 -25.48 -1.83
N ALA A 2 -17.26 -26.16 -0.83
CA ALA A 2 -16.65 -26.20 0.49
C ALA A 2 -16.84 -27.57 1.14
N ASP A 3 -15.92 -27.93 2.03
CA ASP A 3 -15.98 -29.21 2.72
C ASP A 3 -16.12 -29.01 4.23
N ASP A 4 -15.29 -28.14 4.78
CA ASP A 4 -15.32 -27.86 6.21
C ASP A 4 -14.26 -26.83 6.59
N PRO A 5 -12.98 -27.17 6.35
CA PRO A 5 -11.86 -26.29 6.65
C PRO A 5 -11.81 -25.07 5.73
N SER A 6 -12.22 -25.26 4.48
CA SER A 6 -12.23 -24.18 3.51
C SER A 6 -13.29 -23.15 3.84
N ALA A 7 -14.47 -23.62 4.25
CA ALA A 7 -15.57 -22.74 4.60
C ALA A 7 -15.13 -21.69 5.61
N ALA A 8 -14.67 -22.16 6.78
CA ALA A 8 -14.22 -21.26 7.83
C ALA A 8 -13.16 -20.30 7.32
N ASP A 9 -12.14 -20.84 6.66
CA ASP A 9 -11.06 -20.03 6.12
C ASP A 9 -11.61 -18.95 5.20
N ARG A 10 -12.70 -19.26 4.51
CA ARG A 10 -13.32 -18.31 3.58
C ARG A 10 -13.84 -17.10 4.33
N ASN A 11 -14.65 -17.33 5.37
CA ASN A 11 -15.21 -16.25 6.16
C ASN A 11 -14.12 -15.50 6.91
N VAL A 12 -13.18 -16.24 7.49
CA VAL A 12 -12.08 -15.65 8.23
C VAL A 12 -11.28 -14.69 7.36
N GLU A 13 -10.88 -15.17 6.18
CA GLU A 13 -10.10 -14.36 5.25
C GLU A 13 -10.82 -13.06 4.93
N ILE A 14 -12.11 -13.17 4.61
CA ILE A 14 -12.92 -12.01 4.28
C ILE A 14 -12.96 -11.01 5.45
N TRP A 15 -13.23 -11.53 6.64
CA TRP A 15 -13.29 -10.69 7.84
C TRP A 15 -12.00 -9.92 8.03
N LYS A 16 -10.87 -10.61 7.86
CA LYS A 16 -9.56 -9.99 8.02
C LYS A 16 -9.44 -8.75 7.14
N ILE A 17 -9.54 -8.94 5.83
CA ILE A 17 -9.44 -7.84 4.89
C ILE A 17 -10.53 -6.81 5.13
N LYS A 18 -11.71 -7.28 5.53
CA LYS A 18 -12.84 -6.40 5.80
C LYS A 18 -12.43 -5.28 6.75
N LYS A 19 -11.66 -5.63 7.76
CA LYS A 19 -11.20 -4.64 8.75
C LYS A 19 -10.04 -3.83 8.20
N LEU A 20 -9.19 -4.47 7.40
CA LEU A 20 -8.03 -3.81 6.80
C LEU A 20 -8.48 -2.70 5.85
N ILE A 21 -9.48 -2.99 5.04
CA ILE A 21 -10.00 -2.02 4.09
C ILE A 21 -10.70 -0.86 4.80
N LYS A 22 -11.66 -1.21 5.64
CA LYS A 22 -12.41 -0.21 6.39
C LYS A 22 -11.47 0.76 7.11
N SER A 23 -10.53 0.20 7.86
CA SER A 23 -9.57 1.02 8.60
C SER A 23 -8.82 1.95 7.65
N LEU A 24 -8.28 1.40 6.57
CA LEU A 24 -7.55 2.18 5.60
C LEU A 24 -8.41 3.31 5.04
N GLU A 25 -9.63 2.97 4.62
CA GLU A 25 -10.55 3.96 4.07
C GLU A 25 -10.70 5.15 5.02
N ALA A 26 -10.61 4.89 6.31
CA ALA A 26 -10.74 5.94 7.32
C ALA A 26 -9.40 6.61 7.59
N ALA A 27 -8.32 5.83 7.46
CA ALA A 27 -6.97 6.36 7.68
C ALA A 27 -6.75 7.64 6.90
N ARG A 28 -6.55 8.74 7.61
CA ARG A 28 -6.32 10.03 6.98
C ARG A 28 -5.17 10.77 7.64
N GLY A 29 -4.38 11.47 6.84
CA GLY A 29 -3.24 12.21 7.37
C GLY A 29 -3.35 13.69 7.11
N ASN A 30 -2.49 14.47 7.75
CA ASN A 30 -2.49 15.92 7.60
C ASN A 30 -1.22 16.40 6.89
N GLY A 31 -0.86 15.70 5.81
CA GLY A 31 0.33 16.07 5.06
C GLY A 31 0.82 14.94 4.17
N THR A 32 1.42 15.31 3.04
CA THR A 32 1.94 14.32 2.10
C THR A 32 3.00 13.44 2.74
N SER A 33 2.59 12.31 3.28
CA SER A 33 3.51 11.38 3.93
C SER A 33 2.98 9.95 3.88
N MET A 34 2.24 9.64 2.82
CA MET A 34 1.67 8.31 2.65
C MET A 34 2.02 7.74 1.27
N ILE A 35 2.09 6.43 1.18
CA ILE A 35 2.40 5.76 -0.09
C ILE A 35 1.65 4.44 -0.21
N SER A 36 0.74 4.38 -1.18
CA SER A 36 -0.06 3.18 -1.41
C SER A 36 -0.15 2.87 -2.90
N LEU A 37 0.33 1.70 -3.29
CA LEU A 37 0.30 1.28 -4.69
C LEU A 37 0.11 -0.23 -4.81
N ILE A 38 -0.27 -0.68 -5.99
CA ILE A 38 -0.48 -2.11 -6.24
C ILE A 38 0.27 -2.57 -7.48
N ILE A 39 0.79 -3.78 -7.44
CA ILE A 39 1.52 -4.35 -8.57
C ILE A 39 0.92 -5.69 -9.00
N PRO A 40 0.18 -5.68 -10.12
CA PRO A 40 -0.45 -6.88 -10.65
C PRO A 40 0.57 -7.87 -11.22
N PRO A 41 0.11 -9.09 -11.50
CA PRO A 41 0.96 -10.16 -12.05
C PRO A 41 1.38 -9.87 -13.50
N LYS A 42 2.31 -8.95 -13.66
CA LYS A 42 2.80 -8.58 -14.99
C LYS A 42 3.92 -7.56 -14.90
N ASP A 43 3.82 -6.66 -13.92
CA ASP A 43 4.82 -5.63 -13.72
C ASP A 43 5.99 -6.16 -12.90
N GLN A 44 7.20 -6.09 -13.46
CA GLN A 44 8.39 -6.56 -12.78
C GLN A 44 8.66 -5.75 -11.52
N ILE A 45 8.57 -6.41 -10.36
CA ILE A 45 8.80 -5.75 -9.09
C ILE A 45 10.13 -4.99 -9.10
N SER A 46 11.11 -5.52 -9.81
CA SER A 46 12.42 -4.90 -9.89
C SER A 46 12.32 -3.51 -10.50
N ARG A 47 11.59 -3.41 -11.62
CA ARG A 47 11.41 -2.13 -12.30
C ARG A 47 10.75 -1.10 -11.39
N VAL A 48 10.00 -1.60 -10.40
CA VAL A 48 9.32 -0.72 -9.45
C VAL A 48 10.28 -0.21 -8.39
N ALA A 49 11.15 -1.11 -7.91
CA ALA A 49 12.13 -0.74 -6.89
C ALA A 49 12.90 0.52 -7.28
N LYS A 50 13.45 0.51 -8.49
CA LYS A 50 14.21 1.64 -8.99
C LYS A 50 13.30 2.84 -9.23
N MET A 51 12.16 2.59 -9.87
CA MET A 51 11.21 3.66 -10.16
C MET A 51 10.90 4.47 -8.91
N LEU A 52 10.81 3.80 -7.78
CA LEU A 52 10.53 4.47 -6.51
C LEU A 52 11.71 5.32 -6.06
N ALA A 53 12.91 4.74 -6.16
CA ALA A 53 14.12 5.45 -5.76
C ALA A 53 14.22 6.81 -6.44
N ASP A 54 13.68 6.89 -7.66
CA ASP A 54 13.70 8.14 -8.41
C ASP A 54 12.67 9.13 -7.87
N GLN A 55 11.55 8.59 -7.36
CA GLN A 55 10.50 9.43 -6.80
C GLN A 55 11.06 10.42 -5.78
N PHE A 56 12.16 10.04 -5.14
CA PHE A 56 12.80 10.89 -4.14
C PHE A 56 12.94 12.32 -4.66
N GLY A 57 13.19 12.45 -5.96
CA GLY A 57 13.36 13.76 -6.56
C GLY A 57 12.11 14.61 -6.44
N THR A 58 10.95 13.99 -6.67
CA THR A 58 9.68 14.70 -6.59
C THR A 58 9.55 15.45 -5.27
N ALA A 59 9.88 14.78 -4.17
CA ALA A 59 9.79 15.38 -2.85
C ALA A 59 10.77 16.55 -2.72
N SER A 60 11.92 16.44 -3.38
CA SER A 60 12.94 17.47 -3.34
C SER A 60 12.43 18.75 -3.99
N ASN A 61 11.38 18.62 -4.79
CA ASN A 61 10.79 19.77 -5.48
C ASN A 61 9.90 20.56 -4.55
N ILE A 62 9.32 19.90 -3.56
CA ILE A 62 8.45 20.55 -2.59
C ILE A 62 9.23 21.50 -1.70
N LYS A 63 8.58 22.59 -1.29
CA LYS A 63 9.22 23.58 -0.43
C LYS A 63 9.19 23.14 1.03
N SER A 64 8.06 22.58 1.45
CA SER A 64 7.92 22.11 2.83
C SER A 64 8.66 20.80 3.04
N ARG A 65 9.85 20.88 3.58
CA ARG A 65 10.67 19.69 3.84
C ARG A 65 9.90 18.68 4.68
N VAL A 66 9.00 19.18 5.52
CA VAL A 66 8.19 18.31 6.38
C VAL A 66 7.62 17.14 5.59
N ASN A 67 7.01 17.44 4.46
CA ASN A 67 6.41 16.41 3.61
C ASN A 67 7.48 15.69 2.80
N ARG A 68 8.55 16.41 2.47
CA ARG A 68 9.65 15.84 1.70
C ARG A 68 10.30 14.68 2.45
N LEU A 69 10.78 14.96 3.66
CA LEU A 69 11.43 13.94 4.47
C LEU A 69 10.49 12.75 4.71
N SER A 70 9.25 13.04 5.09
CA SER A 70 8.27 12.00 5.34
C SER A 70 8.17 11.05 4.14
N VAL A 71 8.12 11.63 2.94
CA VAL A 71 8.02 10.83 1.73
C VAL A 71 9.18 9.85 1.62
N LEU A 72 10.38 10.30 2.00
CA LEU A 72 11.57 9.47 1.93
C LEU A 72 11.39 8.20 2.77
N GLY A 73 10.87 8.37 3.98
CA GLY A 73 10.64 7.24 4.86
C GLY A 73 9.75 6.18 4.23
N ALA A 74 8.67 6.62 3.60
CA ALA A 74 7.75 5.70 2.95
C ALA A 74 8.43 4.91 1.83
N ILE A 75 8.94 5.63 0.84
CA ILE A 75 9.62 5.00 -0.28
C ILE A 75 10.69 4.02 0.20
N THR A 76 11.26 4.31 1.37
CA THR A 76 12.30 3.46 1.94
C THR A 76 11.73 2.11 2.35
N SER A 77 10.57 2.12 2.99
CA SER A 77 9.92 0.90 3.44
C SER A 77 9.65 -0.04 2.27
N VAL A 78 8.87 0.44 1.31
CA VAL A 78 8.54 -0.36 0.13
C VAL A 78 9.79 -0.94 -0.51
N GLN A 79 10.85 -0.14 -0.57
CA GLN A 79 12.11 -0.57 -1.16
C GLN A 79 12.55 -1.91 -0.56
N GLN A 80 12.65 -1.96 0.76
CA GLN A 80 13.06 -3.17 1.45
C GLN A 80 12.19 -4.35 1.04
N ARG A 81 10.91 -4.09 0.78
CA ARG A 81 9.98 -5.14 0.38
C ARG A 81 10.36 -5.71 -0.98
N LEU A 82 10.72 -4.83 -1.91
CA LEU A 82 11.11 -5.25 -3.25
C LEU A 82 12.22 -6.29 -3.20
N LYS A 83 13.31 -5.94 -2.53
CA LYS A 83 14.46 -6.84 -2.40
C LYS A 83 14.13 -7.99 -1.45
N LEU A 84 13.22 -7.75 -0.52
CA LEU A 84 12.82 -8.77 0.44
C LEU A 84 12.47 -10.08 -0.26
N TYR A 85 11.37 -10.07 -1.01
CA TYR A 85 10.93 -11.26 -1.73
C TYR A 85 11.61 -11.34 -3.10
N ASN A 86 11.82 -10.19 -3.72
CA ASN A 86 12.46 -10.12 -5.03
C ASN A 86 11.83 -11.14 -5.99
N LYS A 87 10.51 -11.11 -6.08
CA LYS A 87 9.78 -12.03 -6.95
C LYS A 87 8.48 -11.40 -7.43
N VAL A 88 7.90 -11.98 -8.49
CA VAL A 88 6.65 -11.47 -9.04
C VAL A 88 5.56 -12.53 -8.98
N PRO A 89 4.84 -12.57 -7.85
CA PRO A 89 3.74 -13.53 -7.64
C PRO A 89 2.53 -13.24 -8.53
N PRO A 90 1.64 -14.23 -8.64
CA PRO A 90 0.43 -14.11 -9.46
C PRO A 90 -0.59 -13.15 -8.85
N ASN A 91 -0.58 -13.05 -7.52
CA ASN A 91 -1.50 -12.16 -6.82
C ASN A 91 -0.98 -10.73 -6.83
N GLY A 92 0.33 -10.58 -6.97
CA GLY A 92 0.93 -9.25 -6.99
C GLY A 92 1.39 -8.81 -5.62
N LEU A 93 1.95 -7.60 -5.56
CA LEU A 93 2.44 -7.05 -4.29
C LEU A 93 1.78 -5.71 -3.99
N VAL A 94 1.05 -5.65 -2.88
CA VAL A 94 0.37 -4.43 -2.47
C VAL A 94 0.87 -3.96 -1.11
N VAL A 95 0.90 -2.64 -0.93
CA VAL A 95 1.36 -2.05 0.33
C VAL A 95 0.56 -0.81 0.68
N TYR A 96 0.54 -0.46 1.96
CA TYR A 96 -0.20 0.72 2.41
C TYR A 96 0.53 1.38 3.58
N CYS A 97 0.87 2.66 3.40
CA CYS A 97 1.58 3.42 4.43
C CYS A 97 1.03 4.84 4.52
N GLY A 98 0.45 5.19 5.67
CA GLY A 98 -0.10 6.51 5.86
C GLY A 98 0.04 7.00 7.29
N THR A 99 0.29 8.29 7.45
CA THR A 99 0.45 8.88 8.78
C THR A 99 -0.87 9.46 9.27
N ILE A 100 -1.37 8.93 10.38
CA ILE A 100 -2.61 9.39 10.96
C ILE A 100 -2.38 10.04 12.32
N VAL A 101 -2.86 11.27 12.48
CA VAL A 101 -2.71 12.00 13.74
C VAL A 101 -3.82 11.64 14.71
N THR A 102 -3.47 11.53 15.99
CA THR A 102 -4.44 11.20 17.02
C THR A 102 -4.97 12.46 17.69
N GLU A 103 -5.85 12.28 18.69
CA GLU A 103 -6.43 13.40 19.40
C GLU A 103 -5.35 14.27 20.02
N GLU A 104 -4.22 13.66 20.36
CA GLU A 104 -3.11 14.39 20.97
C GLU A 104 -2.33 15.14 19.90
N GLY A 105 -2.46 14.71 18.65
CA GLY A 105 -1.74 15.36 17.57
C GLY A 105 -0.49 14.62 17.16
N LYS A 106 -0.50 13.31 17.35
CA LYS A 106 0.65 12.47 17.00
C LYS A 106 0.34 11.59 15.79
N GLU A 107 1.12 11.76 14.73
CA GLU A 107 0.92 10.98 13.51
C GLU A 107 1.37 9.54 13.72
N LYS A 108 0.81 8.63 12.92
CA LYS A 108 1.15 7.22 13.01
C LYS A 108 1.23 6.59 11.62
N LYS A 109 2.45 6.20 11.23
CA LYS A 109 2.66 5.59 9.93
C LYS A 109 2.48 4.08 10.00
N VAL A 110 1.56 3.55 9.20
CA VAL A 110 1.29 2.12 9.18
C VAL A 110 2.04 1.44 8.05
N ASN A 111 3.24 0.95 8.37
CA ASN A 111 4.07 0.27 7.38
C ASN A 111 3.57 -1.14 7.12
N ILE A 112 2.79 -1.30 6.06
CA ILE A 112 2.24 -2.60 5.70
C ILE A 112 2.71 -3.04 4.32
N ASP A 113 3.15 -4.29 4.22
CA ASP A 113 3.63 -4.83 2.94
C ASP A 113 3.52 -6.35 2.93
N PHE A 114 2.88 -6.88 1.90
CA PHE A 114 2.70 -8.32 1.76
C PHE A 114 1.96 -8.66 0.46
N GLU A 115 2.04 -9.93 0.06
CA GLU A 115 1.39 -10.38 -1.16
C GLU A 115 0.16 -11.23 -0.84
N PRO A 116 -0.99 -10.57 -0.71
CA PRO A 116 -2.26 -11.24 -0.40
C PRO A 116 -2.76 -12.10 -1.55
N PHE A 117 -3.92 -12.72 -1.38
CA PHE A 117 -4.51 -13.57 -2.41
C PHE A 117 -5.50 -12.78 -3.25
N LYS A 118 -5.21 -11.51 -3.48
CA LYS A 118 -6.08 -10.65 -4.27
C LYS A 118 -5.37 -10.18 -5.54
N PRO A 119 -5.41 -11.02 -6.58
CA PRO A 119 -4.78 -10.72 -7.87
C PRO A 119 -5.50 -9.60 -8.62
N ILE A 120 -4.74 -8.62 -9.10
CA ILE A 120 -5.30 -7.51 -9.83
C ILE A 120 -4.99 -7.61 -11.32
N ASN A 121 -5.57 -6.70 -12.11
CA ASN A 121 -5.35 -6.69 -13.55
C ASN A 121 -4.69 -5.39 -13.99
N THR A 122 -4.45 -4.50 -13.02
CA THR A 122 -3.83 -3.22 -13.31
C THR A 122 -3.15 -2.65 -12.08
N SER A 123 -2.05 -1.91 -12.29
CA SER A 123 -1.31 -1.32 -11.18
C SER A 123 -1.76 0.12 -10.95
N LEU A 124 -1.48 0.63 -9.74
CA LEU A 124 -1.85 1.98 -9.38
C LEU A 124 -0.94 2.52 -8.29
N TYR A 125 -0.67 3.83 -8.33
CA TYR A 125 0.17 4.47 -7.34
C TYR A 125 -0.24 5.93 -7.12
N LEU A 126 -0.66 6.23 -5.90
CA LEU A 126 -1.08 7.57 -5.55
C LEU A 126 -0.72 7.90 -4.11
N CYS A 127 -0.27 9.14 -3.88
CA CYS A 127 0.10 9.58 -2.53
C CYS A 127 -0.32 11.02 -2.30
N ASP A 128 -1.32 11.21 -1.45
CA ASP A 128 -1.83 12.54 -1.14
C ASP A 128 -2.46 12.58 0.25
N ASN A 129 -1.66 12.23 1.26
CA ASN A 129 -2.14 12.21 2.64
C ASN A 129 -3.49 11.49 2.75
N LYS A 130 -3.71 10.55 1.83
CA LYS A 130 -4.96 9.79 1.82
C LYS A 130 -4.94 8.75 0.70
N PHE A 131 -5.26 7.51 1.06
CA PHE A 131 -5.28 6.42 0.09
C PHE A 131 -6.65 5.77 0.04
N HIS A 132 -6.88 4.94 -0.99
CA HIS A 132 -8.15 4.25 -1.15
C HIS A 132 -7.97 2.95 -1.94
N THR A 133 -8.50 1.86 -1.40
CA THR A 133 -8.39 0.57 -2.05
C THR A 133 -9.37 0.46 -3.22
N GLU A 134 -8.91 0.83 -4.41
CA GLU A 134 -9.75 0.78 -5.60
C GLU A 134 -9.86 -0.65 -6.11
N ALA A 135 -8.72 -1.30 -6.31
CA ALA A 135 -8.69 -2.67 -6.80
C ALA A 135 -9.38 -3.61 -5.83
N LEU A 136 -9.02 -3.51 -4.55
CA LEU A 136 -9.60 -4.35 -3.52
C LEU A 136 -11.12 -4.20 -3.48
N THR A 137 -11.58 -2.96 -3.37
CA THR A 137 -13.01 -2.67 -3.32
C THR A 137 -13.70 -3.11 -4.61
N ALA A 138 -13.26 -2.55 -5.73
CA ALA A 138 -13.84 -2.89 -7.02
C ALA A 138 -13.86 -4.40 -7.23
N LEU A 139 -12.83 -5.09 -6.74
CA LEU A 139 -12.74 -6.53 -6.88
C LEU A 139 -13.94 -7.22 -6.26
N LEU A 140 -14.16 -7.00 -4.97
CA LEU A 140 -15.28 -7.58 -4.26
C LEU A 140 -16.61 -7.21 -4.93
N SER A 141 -16.71 -5.97 -5.36
CA SER A 141 -17.92 -5.49 -6.02
C SER A 141 -18.29 -6.38 -7.20
N ASP A 142 -17.33 -6.57 -8.11
CA ASP A 142 -17.55 -7.39 -9.29
C ASP A 142 -16.61 -8.59 -9.30
N MET A 1 -21.34 -27.04 -0.17
CA MET A 1 -20.49 -25.95 -0.64
C MET A 1 -19.11 -26.02 0.00
N ALA A 2 -19.06 -25.93 1.33
CA ALA A 2 -17.81 -25.98 2.05
C ALA A 2 -17.71 -27.26 2.88
N ASP A 3 -16.59 -27.43 3.57
CA ASP A 3 -16.36 -28.61 4.40
C ASP A 3 -16.52 -28.27 5.88
N ASP A 4 -15.68 -27.37 6.36
CA ASP A 4 -15.72 -26.96 7.77
C ASP A 4 -14.65 -25.92 8.06
N PRO A 5 -13.38 -26.30 7.87
CA PRO A 5 -12.24 -25.41 8.11
C PRO A 5 -12.16 -24.29 7.09
N SER A 6 -12.49 -24.60 5.83
CA SER A 6 -12.45 -23.61 4.76
C SER A 6 -13.48 -22.50 5.00
N ALA A 7 -14.67 -22.90 5.42
CA ALA A 7 -15.74 -21.94 5.69
C ALA A 7 -15.29 -20.89 6.70
N ALA A 8 -14.91 -21.34 7.90
CA ALA A 8 -14.46 -20.45 8.94
C ALA A 8 -13.26 -19.62 8.49
N ASP A 9 -12.29 -20.29 7.87
CA ASP A 9 -11.10 -19.61 7.38
C ASP A 9 -11.46 -18.46 6.45
N ARG A 10 -12.56 -18.62 5.72
CA ARG A 10 -13.02 -17.59 4.79
C ARG A 10 -13.53 -16.37 5.53
N ASN A 11 -14.36 -16.62 6.55
CA ASN A 11 -14.92 -15.52 7.34
C ASN A 11 -13.82 -14.66 7.95
N VAL A 12 -12.90 -15.30 8.66
CA VAL A 12 -11.79 -14.59 9.29
C VAL A 12 -10.94 -13.86 8.25
N GLU A 13 -10.78 -14.48 7.08
CA GLU A 13 -9.99 -13.88 6.01
C GLU A 13 -10.69 -12.63 5.46
N ILE A 14 -11.98 -12.75 5.18
CA ILE A 14 -12.75 -11.63 4.66
C ILE A 14 -12.87 -10.51 5.69
N TRP A 15 -12.96 -10.89 6.96
CA TRP A 15 -13.08 -9.92 8.04
C TRP A 15 -11.75 -9.19 8.26
N LYS A 16 -10.67 -9.95 8.33
CA LYS A 16 -9.34 -9.38 8.53
C LYS A 16 -9.01 -8.37 7.43
N ILE A 17 -9.00 -8.84 6.19
CA ILE A 17 -8.70 -7.98 5.05
C ILE A 17 -9.61 -6.76 5.02
N LYS A 18 -10.87 -6.97 5.42
CA LYS A 18 -11.85 -5.89 5.45
C LYS A 18 -11.44 -4.81 6.46
N LYS A 19 -10.82 -5.24 7.54
CA LYS A 19 -10.38 -4.31 8.59
C LYS A 19 -9.27 -3.40 8.07
N LEU A 20 -8.26 -4.00 7.46
CA LEU A 20 -7.13 -3.24 6.93
C LEU A 20 -7.60 -2.24 5.88
N ILE A 21 -8.69 -2.58 5.20
CA ILE A 21 -9.25 -1.70 4.17
C ILE A 21 -9.94 -0.50 4.79
N LYS A 22 -10.93 -0.76 5.63
CA LYS A 22 -11.67 0.31 6.29
C LYS A 22 -10.73 1.25 7.02
N SER A 23 -9.66 0.70 7.57
CA SER A 23 -8.67 1.51 8.29
C SER A 23 -7.95 2.46 7.35
N LEU A 24 -7.41 1.92 6.26
CA LEU A 24 -6.68 2.73 5.28
C LEU A 24 -7.56 3.87 4.77
N GLU A 25 -8.69 3.52 4.18
CA GLU A 25 -9.62 4.51 3.65
C GLU A 25 -9.96 5.56 4.71
N ALA A 26 -9.93 5.14 5.97
CA ALA A 26 -10.24 6.03 7.07
C ALA A 26 -9.04 6.87 7.46
N ALA A 27 -7.84 6.32 7.25
CA ALA A 27 -6.60 7.02 7.57
C ALA A 27 -6.42 8.23 6.67
N ARG A 28 -6.12 9.38 7.29
CA ARG A 28 -5.91 10.61 6.54
C ARG A 28 -4.68 11.36 7.05
N GLY A 29 -3.74 11.62 6.14
CA GLY A 29 -2.53 12.32 6.52
C GLY A 29 -2.63 13.82 6.32
N ASN A 30 -1.57 14.54 6.67
CA ASN A 30 -1.56 16.00 6.53
C ASN A 30 -0.71 16.41 5.33
N GLY A 31 0.44 15.77 5.17
CA GLY A 31 1.32 16.08 4.06
C GLY A 31 1.41 14.95 3.05
N THR A 32 2.15 15.20 1.97
CA THR A 32 2.32 14.19 0.93
C THR A 32 3.26 13.08 1.38
N SER A 33 2.78 12.22 2.26
CA SER A 33 3.59 11.12 2.77
C SER A 33 2.93 9.77 2.46
N MET A 34 1.61 9.78 2.36
CA MET A 34 0.87 8.57 2.07
C MET A 34 1.25 8.00 0.70
N ILE A 35 2.11 6.99 0.70
CA ILE A 35 2.55 6.37 -0.53
C ILE A 35 1.87 5.02 -0.75
N SER A 36 0.98 4.96 -1.73
CA SER A 36 0.26 3.73 -2.05
C SER A 36 0.56 3.27 -3.47
N LEU A 37 1.30 2.17 -3.58
CA LEU A 37 1.66 1.62 -4.89
C LEU A 37 1.34 0.13 -4.95
N ILE A 38 0.62 -0.27 -6.00
CA ILE A 38 0.26 -1.67 -6.18
C ILE A 38 0.85 -2.23 -7.48
N ILE A 39 1.57 -3.34 -7.36
CA ILE A 39 2.18 -3.97 -8.51
C ILE A 39 1.57 -5.35 -8.78
N PRO A 40 0.83 -5.45 -9.90
CA PRO A 40 0.18 -6.71 -10.30
C PRO A 40 1.17 -7.77 -10.74
N PRO A 41 0.70 -9.01 -10.87
CA PRO A 41 1.52 -10.14 -11.28
C PRO A 41 1.96 -10.04 -12.75
N LYS A 42 2.70 -8.98 -13.07
CA LYS A 42 3.17 -8.76 -14.43
C LYS A 42 3.97 -7.47 -14.52
N ASP A 43 4.67 -7.13 -13.45
CA ASP A 43 5.47 -5.91 -13.41
C ASP A 43 6.83 -6.19 -12.79
N GLN A 44 7.90 -5.98 -13.57
CA GLN A 44 9.25 -6.20 -13.09
C GLN A 44 9.52 -5.40 -11.82
N ILE A 45 10.00 -6.08 -10.78
CA ILE A 45 10.29 -5.42 -9.51
C ILE A 45 11.27 -4.26 -9.70
N SER A 46 12.24 -4.45 -10.60
CA SER A 46 13.24 -3.43 -10.87
C SER A 46 12.57 -2.14 -11.36
N ARG A 47 11.46 -2.28 -12.08
CA ARG A 47 10.73 -1.13 -12.59
C ARG A 47 10.28 -0.22 -11.45
N VAL A 48 9.85 -0.82 -10.35
CA VAL A 48 9.40 -0.06 -9.19
C VAL A 48 10.54 0.72 -8.56
N ALA A 49 11.65 0.04 -8.30
CA ALA A 49 12.82 0.68 -7.70
C ALA A 49 13.19 1.96 -8.45
N LYS A 50 13.44 1.83 -9.75
CA LYS A 50 13.80 2.97 -10.58
C LYS A 50 12.70 4.01 -10.58
N MET A 51 11.45 3.55 -10.68
CA MET A 51 10.30 4.44 -10.70
C MET A 51 10.32 5.37 -9.50
N LEU A 52 10.28 4.79 -8.31
CA LEU A 52 10.29 5.58 -7.08
C LEU A 52 11.53 6.48 -7.01
N ALA A 53 12.64 5.98 -7.55
CA ALA A 53 13.89 6.75 -7.56
C ALA A 53 13.66 8.15 -8.13
N ASP A 54 13.04 8.21 -9.29
CA ASP A 54 12.76 9.49 -9.94
C ASP A 54 11.85 10.36 -9.07
N GLN A 55 10.92 9.71 -8.38
CA GLN A 55 9.99 10.43 -7.52
C GLN A 55 10.71 11.11 -6.37
N PHE A 56 11.79 10.48 -5.91
CA PHE A 56 12.58 11.02 -4.81
C PHE A 56 12.93 12.48 -5.06
N GLY A 57 13.65 12.72 -6.15
CA GLY A 57 14.04 14.08 -6.49
C GLY A 57 12.86 15.03 -6.60
N THR A 58 11.78 14.55 -7.22
CA THR A 58 10.58 15.35 -7.39
C THR A 58 10.12 15.95 -6.06
N ALA A 59 10.10 15.12 -5.03
CA ALA A 59 9.68 15.56 -3.71
C ALA A 59 10.66 16.58 -3.13
N SER A 60 11.95 16.35 -3.37
CA SER A 60 12.98 17.26 -2.88
C SER A 60 12.88 18.63 -3.55
N ASN A 61 12.20 18.67 -4.68
CA ASN A 61 12.02 19.92 -5.42
C ASN A 61 10.70 20.60 -5.03
N ILE A 62 10.23 20.31 -3.83
CA ILE A 62 8.98 20.89 -3.34
C ILE A 62 9.25 22.00 -2.32
N LYS A 63 8.44 23.05 -2.37
CA LYS A 63 8.59 24.17 -1.45
C LYS A 63 8.39 23.72 0.00
N SER A 64 7.24 23.11 0.27
CA SER A 64 6.93 22.64 1.62
C SER A 64 7.85 21.48 2.01
N ARG A 65 9.00 21.82 2.57
CA ARG A 65 9.98 20.81 2.99
C ARG A 65 9.31 19.78 3.91
N VAL A 66 8.29 20.20 4.63
CA VAL A 66 7.57 19.32 5.54
C VAL A 66 7.21 18.00 4.85
N ASN A 67 6.71 18.11 3.63
CA ASN A 67 6.32 16.92 2.86
C ASN A 67 7.55 16.15 2.39
N ARG A 68 8.59 16.88 2.02
CA ARG A 68 9.83 16.26 1.55
C ARG A 68 10.36 15.26 2.57
N LEU A 69 10.26 15.61 3.85
CA LEU A 69 10.73 14.74 4.92
C LEU A 69 9.78 13.56 5.11
N SER A 70 8.48 13.85 5.15
CA SER A 70 7.47 12.81 5.33
C SER A 70 7.59 11.74 4.24
N VAL A 71 7.58 12.18 2.99
CA VAL A 71 7.69 11.25 1.86
C VAL A 71 9.02 10.52 1.88
N LEU A 72 10.05 11.19 2.36
CA LEU A 72 11.39 10.60 2.43
C LEU A 72 11.35 9.27 3.19
N GLY A 73 10.90 9.31 4.43
CA GLY A 73 10.82 8.11 5.23
C GLY A 73 9.92 7.05 4.61
N ALA A 74 8.79 7.49 4.06
CA ALA A 74 7.85 6.58 3.43
C ALA A 74 8.52 5.74 2.36
N ILE A 75 9.03 6.39 1.33
CA ILE A 75 9.70 5.70 0.24
C ILE A 75 10.76 4.73 0.77
N THR A 76 11.44 5.13 1.83
CA THR A 76 12.47 4.30 2.44
C THR A 76 11.95 2.90 2.72
N SER A 77 10.92 2.81 3.54
CA SER A 77 10.33 1.52 3.90
C SER A 77 9.93 0.75 2.65
N VAL A 78 9.33 1.44 1.69
CA VAL A 78 8.91 0.82 0.45
C VAL A 78 10.09 0.18 -0.28
N GLN A 79 11.25 0.82 -0.21
CA GLN A 79 12.45 0.30 -0.86
C GLN A 79 12.82 -1.06 -0.30
N GLN A 80 12.85 -1.17 1.02
CA GLN A 80 13.18 -2.43 1.68
C GLN A 80 12.36 -3.58 1.13
N ARG A 81 11.07 -3.32 0.91
CA ARG A 81 10.16 -4.33 0.40
C ARG A 81 10.62 -4.81 -0.98
N LEU A 82 10.93 -3.87 -1.86
CA LEU A 82 11.38 -4.20 -3.20
C LEU A 82 12.49 -5.24 -3.17
N LYS A 83 13.52 -4.98 -2.36
CA LYS A 83 14.64 -5.90 -2.23
C LYS A 83 14.24 -7.14 -1.43
N LEU A 84 13.28 -6.97 -0.53
CA LEU A 84 12.81 -8.08 0.31
C LEU A 84 12.47 -9.29 -0.55
N TYR A 85 11.40 -9.18 -1.33
CA TYR A 85 10.96 -10.27 -2.20
C TYR A 85 11.68 -10.22 -3.54
N ASN A 86 11.74 -9.02 -4.12
CA ASN A 86 12.40 -8.84 -5.41
C ASN A 86 11.89 -9.85 -6.43
N LYS A 87 10.64 -10.27 -6.28
CA LYS A 87 10.03 -11.23 -7.19
C LYS A 87 8.62 -10.78 -7.59
N VAL A 88 8.17 -11.26 -8.75
CA VAL A 88 6.84 -10.90 -9.25
C VAL A 88 5.91 -12.11 -9.20
N PRO A 89 5.35 -12.38 -8.01
CA PRO A 89 4.44 -13.49 -7.79
C PRO A 89 3.09 -13.27 -8.47
N PRO A 90 2.29 -14.35 -8.58
CA PRO A 90 0.97 -14.29 -9.21
C PRO A 90 -0.03 -13.51 -8.38
N ASN A 91 0.05 -13.67 -7.05
CA ASN A 91 -0.86 -12.98 -6.15
C ASN A 91 -0.62 -11.48 -6.18
N GLY A 92 0.59 -11.08 -6.58
CA GLY A 92 0.92 -9.68 -6.65
C GLY A 92 1.43 -9.13 -5.33
N LEU A 93 1.91 -7.89 -5.35
CA LEU A 93 2.44 -7.26 -4.14
C LEU A 93 1.78 -5.91 -3.90
N VAL A 94 1.41 -5.65 -2.65
CA VAL A 94 0.76 -4.39 -2.29
C VAL A 94 1.46 -3.74 -1.10
N VAL A 95 1.76 -2.44 -1.23
CA VAL A 95 2.41 -1.71 -0.16
C VAL A 95 1.65 -0.44 0.19
N TYR A 96 1.46 -0.20 1.48
CA TYR A 96 0.74 0.98 1.95
C TYR A 96 1.43 1.60 3.16
N CYS A 97 1.88 2.84 3.02
CA CYS A 97 2.56 3.55 4.10
C CYS A 97 2.22 5.03 4.07
N GLY A 98 1.53 5.50 5.10
CA GLY A 98 1.16 6.89 5.18
C GLY A 98 1.10 7.41 6.61
N THR A 99 1.57 8.64 6.81
CA THR A 99 1.58 9.24 8.13
C THR A 99 0.21 9.83 8.47
N ILE A 100 -0.39 9.34 9.55
CA ILE A 100 -1.69 9.82 9.99
C ILE A 100 -1.58 10.56 11.33
N VAL A 101 -2.10 11.79 11.36
CA VAL A 101 -2.07 12.60 12.58
C VAL A 101 -3.32 12.37 13.41
N THR A 102 -3.16 12.43 14.73
CA THR A 102 -4.28 12.23 15.65
C THR A 102 -4.75 13.55 16.22
N GLU A 103 -5.61 13.48 17.24
CA GLU A 103 -6.13 14.68 17.88
C GLU A 103 -5.01 15.51 18.50
N GLU A 104 -4.01 14.82 19.05
CA GLU A 104 -2.87 15.50 19.66
C GLU A 104 -1.98 16.14 18.61
N GLY A 105 -2.09 15.66 17.37
CA GLY A 105 -1.28 16.20 16.29
C GLY A 105 -0.04 15.38 16.04
N LYS A 106 -0.07 14.11 16.39
CA LYS A 106 1.06 13.22 16.20
C LYS A 106 0.84 12.31 15.00
N GLU A 107 1.71 12.43 14.00
CA GLU A 107 1.61 11.62 12.79
C GLU A 107 2.03 10.18 13.07
N LYS A 108 1.56 9.26 12.24
CA LYS A 108 1.88 7.84 12.40
C LYS A 108 1.93 7.14 11.04
N LYS A 109 3.11 6.69 10.65
CA LYS A 109 3.28 5.99 9.37
C LYS A 109 2.98 4.51 9.52
N VAL A 110 1.99 4.03 8.78
CA VAL A 110 1.60 2.63 8.82
C VAL A 110 2.37 1.81 7.80
N ASN A 111 3.51 1.28 8.23
CA ASN A 111 4.37 0.47 7.36
C ASN A 111 3.82 -0.95 7.24
N ILE A 112 3.05 -1.20 6.19
CA ILE A 112 2.47 -2.52 5.95
C ILE A 112 2.63 -2.94 4.49
N ASP A 113 3.30 -4.06 4.28
CA ASP A 113 3.53 -4.57 2.94
C ASP A 113 3.54 -6.10 2.93
N PHE A 114 3.09 -6.69 1.82
CA PHE A 114 3.05 -8.14 1.70
C PHE A 114 2.36 -8.55 0.40
N GLU A 115 2.41 -9.84 0.09
CA GLU A 115 1.79 -10.36 -1.12
C GLU A 115 0.56 -11.20 -0.79
N PRO A 116 -0.57 -10.52 -0.59
CA PRO A 116 -1.84 -11.17 -0.26
C PRO A 116 -2.41 -11.96 -1.43
N PHE A 117 -3.56 -12.60 -1.22
CA PHE A 117 -4.20 -13.39 -2.26
C PHE A 117 -5.15 -12.53 -3.09
N LYS A 118 -4.87 -11.23 -3.14
CA LYS A 118 -5.69 -10.30 -3.90
C LYS A 118 -4.93 -9.77 -5.11
N PRO A 119 -4.84 -10.59 -6.16
CA PRO A 119 -4.15 -10.23 -7.40
C PRO A 119 -4.90 -9.15 -8.19
N ILE A 120 -4.16 -8.16 -8.66
CA ILE A 120 -4.75 -7.07 -9.43
C ILE A 120 -4.37 -7.16 -10.90
N ASN A 121 -5.04 -6.37 -11.73
CA ASN A 121 -4.75 -6.36 -13.17
C ASN A 121 -4.46 -4.94 -13.66
N THR A 122 -3.74 -4.18 -12.83
CA THR A 122 -3.40 -2.80 -13.19
C THR A 122 -2.62 -2.13 -12.05
N SER A 123 -1.44 -1.63 -12.36
CA SER A 123 -0.61 -0.96 -11.37
C SER A 123 -1.09 0.46 -11.13
N LEU A 124 -0.94 0.93 -9.89
CA LEU A 124 -1.37 2.28 -9.52
C LEU A 124 -0.45 2.87 -8.45
N TYR A 125 0.02 4.08 -8.69
CA TYR A 125 0.91 4.75 -7.74
C TYR A 125 0.52 6.22 -7.58
N LEU A 126 -0.02 6.55 -6.42
CA LEU A 126 -0.43 7.92 -6.13
C LEU A 126 -0.27 8.25 -4.65
N CYS A 127 -0.05 9.51 -4.35
CA CYS A 127 0.12 9.96 -2.97
C CYS A 127 -0.54 11.31 -2.74
N ASP A 128 -1.55 11.33 -1.88
CA ASP A 128 -2.27 12.56 -1.58
C ASP A 128 -2.68 12.61 -0.11
N ASN A 129 -1.73 12.32 0.78
CA ASN A 129 -1.99 12.33 2.21
C ASN A 129 -3.26 11.56 2.54
N LYS A 130 -3.50 10.48 1.79
CA LYS A 130 -4.68 9.66 1.99
C LYS A 130 -4.57 8.34 1.23
N PHE A 131 -4.91 7.24 1.91
CA PHE A 131 -4.84 5.92 1.29
C PHE A 131 -5.93 5.76 0.23
N HIS A 132 -5.94 4.61 -0.43
CA HIS A 132 -6.91 4.33 -1.48
C HIS A 132 -6.77 2.90 -1.99
N THR A 133 -7.87 2.17 -1.99
CA THR A 133 -7.87 0.78 -2.46
C THR A 133 -8.98 0.55 -3.47
N GLU A 134 -8.65 0.74 -4.75
CA GLU A 134 -9.62 0.55 -5.82
C GLU A 134 -9.89 -0.94 -6.06
N ALA A 135 -8.82 -1.73 -6.04
CA ALA A 135 -8.93 -3.17 -6.24
C ALA A 135 -9.83 -3.81 -5.18
N LEU A 136 -9.50 -3.57 -3.92
CA LEU A 136 -10.27 -4.12 -2.80
C LEU A 136 -11.74 -3.72 -2.91
N THR A 137 -11.99 -2.41 -2.85
CA THR A 137 -13.35 -1.90 -2.95
C THR A 137 -14.08 -2.48 -4.15
N ALA A 138 -13.56 -2.21 -5.34
CA ALA A 138 -14.16 -2.71 -6.57
C ALA A 138 -14.41 -4.21 -6.49
N LEU A 139 -13.46 -4.94 -5.91
CA LEU A 139 -13.57 -6.39 -5.77
C LEU A 139 -14.73 -6.75 -4.85
N LEU A 140 -14.87 -6.00 -3.77
CA LEU A 140 -15.94 -6.25 -2.80
C LEU A 140 -17.31 -6.09 -3.46
N SER A 141 -17.42 -5.12 -4.36
CA SER A 141 -18.67 -4.86 -5.05
C SER A 141 -18.94 -5.95 -6.09
N ASP A 142 -17.93 -6.26 -6.88
CA ASP A 142 -18.06 -7.28 -7.92
C ASP A 142 -19.17 -6.92 -8.91
N MET A 1 -17.68 -23.17 15.47
CA MET A 1 -18.22 -22.51 14.29
C MET A 1 -17.82 -23.26 13.01
N ALA A 2 -18.66 -23.16 11.99
CA ALA A 2 -18.40 -23.83 10.72
C ALA A 2 -18.39 -25.34 10.88
N ASP A 3 -18.31 -26.05 9.77
CA ASP A 3 -18.30 -27.51 9.78
C ASP A 3 -17.04 -28.05 9.12
N ASP A 4 -16.60 -27.37 8.06
CA ASP A 4 -15.41 -27.79 7.33
C ASP A 4 -14.22 -26.90 7.69
N PRO A 5 -13.00 -27.40 7.41
CA PRO A 5 -11.77 -26.68 7.70
C PRO A 5 -11.57 -25.47 6.79
N SER A 6 -11.95 -25.62 5.53
CA SER A 6 -11.82 -24.54 4.56
C SER A 6 -12.89 -23.48 4.77
N ALA A 7 -14.08 -23.92 5.15
CA ALA A 7 -15.20 -23.01 5.40
C ALA A 7 -14.79 -21.90 6.35
N ALA A 8 -14.43 -22.27 7.57
CA ALA A 8 -14.02 -21.32 8.58
C ALA A 8 -12.91 -20.41 8.06
N ASP A 9 -11.82 -21.02 7.59
CA ASP A 9 -10.70 -20.26 7.05
C ASP A 9 -11.16 -19.24 6.02
N ARG A 10 -12.18 -19.61 5.24
CA ARG A 10 -12.71 -18.72 4.22
C ARG A 10 -13.22 -17.42 4.84
N ASN A 11 -14.19 -17.53 5.73
CA ASN A 11 -14.76 -16.36 6.39
C ASN A 11 -13.68 -15.57 7.12
N VAL A 12 -12.75 -16.29 7.75
CA VAL A 12 -11.67 -15.65 8.48
C VAL A 12 -10.97 -14.61 7.63
N GLU A 13 -10.72 -14.94 6.37
CA GLU A 13 -10.05 -14.02 5.45
C GLU A 13 -10.98 -12.88 5.07
N ILE A 14 -12.26 -13.18 4.93
CA ILE A 14 -13.25 -12.16 4.57
C ILE A 14 -13.15 -10.94 5.48
N TRP A 15 -13.48 -11.15 6.76
CA TRP A 15 -13.43 -10.07 7.73
C TRP A 15 -12.02 -9.49 7.83
N LYS A 16 -11.03 -10.35 7.66
CA LYS A 16 -9.63 -9.94 7.74
C LYS A 16 -9.32 -8.88 6.68
N ILE A 17 -9.46 -9.25 5.41
CA ILE A 17 -9.19 -8.33 4.31
C ILE A 17 -10.21 -7.19 4.29
N LYS A 18 -11.42 -7.48 4.75
CA LYS A 18 -12.48 -6.48 4.80
C LYS A 18 -12.07 -5.29 5.64
N LYS A 19 -11.71 -5.55 6.90
CA LYS A 19 -11.29 -4.48 7.81
C LYS A 19 -10.07 -3.75 7.27
N LEU A 20 -9.20 -4.49 6.59
CA LEU A 20 -7.99 -3.91 6.01
C LEU A 20 -8.32 -2.70 5.15
N ILE A 21 -9.23 -2.89 4.20
CA ILE A 21 -9.64 -1.82 3.30
C ILE A 21 -10.38 -0.71 4.07
N LYS A 22 -11.32 -1.12 4.90
CA LYS A 22 -12.10 -0.17 5.70
C LYS A 22 -11.17 0.78 6.46
N SER A 23 -10.16 0.23 7.10
CA SER A 23 -9.21 1.03 7.87
C SER A 23 -8.52 2.05 6.98
N LEU A 24 -8.11 1.61 5.80
CA LEU A 24 -7.43 2.49 4.84
C LEU A 24 -8.32 3.67 4.47
N GLU A 25 -9.63 3.42 4.41
CA GLU A 25 -10.58 4.47 4.06
C GLU A 25 -10.69 5.51 5.18
N ALA A 26 -10.52 5.05 6.41
CA ALA A 26 -10.59 5.94 7.57
C ALA A 26 -9.21 6.46 7.95
N ALA A 27 -8.24 6.23 7.08
CA ALA A 27 -6.87 6.67 7.33
C ALA A 27 -6.59 7.99 6.61
N ARG A 28 -6.71 9.09 7.35
CA ARG A 28 -6.46 10.41 6.78
C ARG A 28 -5.61 11.26 7.72
N GLY A 29 -4.60 11.91 7.16
CA GLY A 29 -3.72 12.74 7.96
C GLY A 29 -3.56 14.14 7.40
N ASN A 30 -2.34 14.64 7.39
CA ASN A 30 -2.07 15.98 6.87
C ASN A 30 -0.93 15.95 5.85
N GLY A 31 0.29 15.79 6.34
CA GLY A 31 1.44 15.75 5.47
C GLY A 31 1.27 14.76 4.32
N THR A 32 1.93 15.02 3.21
CA THR A 32 1.86 14.15 2.05
C THR A 32 2.66 12.88 2.26
N SER A 33 2.15 11.99 3.10
CA SER A 33 2.82 10.73 3.39
C SER A 33 1.97 9.54 2.94
N MET A 34 0.67 9.78 2.75
CA MET A 34 -0.25 8.73 2.33
C MET A 34 0.15 8.19 0.95
N ILE A 35 0.91 7.10 0.95
CA ILE A 35 1.36 6.49 -0.30
C ILE A 35 0.82 5.07 -0.43
N SER A 36 0.33 4.74 -1.62
CA SER A 36 -0.21 3.41 -1.89
C SER A 36 0.08 2.98 -3.32
N LEU A 37 0.85 1.90 -3.47
CA LEU A 37 1.21 1.38 -4.78
C LEU A 37 0.96 -0.13 -4.85
N ILE A 38 0.36 -0.57 -5.96
CA ILE A 38 0.08 -1.99 -6.15
C ILE A 38 0.73 -2.50 -7.43
N ILE A 39 1.64 -3.46 -7.28
CA ILE A 39 2.33 -4.05 -8.42
C ILE A 39 1.70 -5.38 -8.82
N PRO A 40 1.08 -5.40 -10.01
CA PRO A 40 0.42 -6.60 -10.53
C PRO A 40 1.43 -7.68 -10.94
N PRO A 41 0.92 -8.88 -11.23
CA PRO A 41 1.76 -10.02 -11.63
C PRO A 41 2.36 -9.83 -13.01
N LYS A 42 1.70 -9.02 -13.84
CA LYS A 42 2.17 -8.75 -15.19
C LYS A 42 3.44 -7.91 -15.17
N ASP A 43 3.52 -6.99 -14.21
CA ASP A 43 4.69 -6.12 -14.07
C ASP A 43 5.79 -6.81 -13.28
N GLN A 44 6.96 -6.18 -13.23
CA GLN A 44 8.10 -6.73 -12.49
C GLN A 44 8.47 -5.83 -11.32
N ILE A 45 8.69 -6.46 -10.16
CA ILE A 45 9.05 -5.71 -8.96
C ILE A 45 10.30 -4.86 -9.19
N SER A 46 11.20 -5.36 -10.04
CA SER A 46 12.43 -4.64 -10.35
C SER A 46 12.13 -3.21 -10.79
N ARG A 47 11.17 -3.06 -11.69
CA ARG A 47 10.79 -1.75 -12.19
C ARG A 47 10.34 -0.84 -11.05
N VAL A 48 9.81 -1.44 -9.99
CA VAL A 48 9.35 -0.69 -8.83
C VAL A 48 10.51 -0.15 -8.02
N ALA A 49 11.50 -1.00 -7.78
CA ALA A 49 12.68 -0.61 -7.02
C ALA A 49 13.30 0.66 -7.58
N LYS A 50 13.57 0.67 -8.88
CA LYS A 50 14.16 1.82 -9.54
C LYS A 50 13.17 2.98 -9.60
N MET A 51 11.92 2.67 -9.94
CA MET A 51 10.89 3.69 -10.03
C MET A 51 10.83 4.52 -8.75
N LEU A 52 10.71 3.85 -7.62
CA LEU A 52 10.64 4.53 -6.33
C LEU A 52 11.91 5.33 -6.08
N ALA A 53 13.06 4.77 -6.46
CA ALA A 53 14.34 5.44 -6.28
C ALA A 53 14.31 6.85 -6.85
N ASP A 54 13.64 7.02 -7.99
CA ASP A 54 13.53 8.32 -8.63
C ASP A 54 12.50 9.19 -7.93
N GLN A 55 11.44 8.57 -7.45
CA GLN A 55 10.37 9.30 -6.76
C GLN A 55 10.95 10.16 -5.64
N PHE A 56 12.05 9.71 -5.05
CA PHE A 56 12.70 10.44 -3.97
C PHE A 56 12.88 11.91 -4.35
N GLY A 57 13.17 12.17 -5.61
CA GLY A 57 13.37 13.52 -6.07
C GLY A 57 12.18 14.42 -5.76
N THR A 58 10.97 13.87 -5.89
CA THR A 58 9.76 14.62 -5.62
C THR A 58 9.81 15.28 -4.25
N ALA A 59 10.29 14.53 -3.26
CA ALA A 59 10.39 15.05 -1.90
C ALA A 59 11.34 16.25 -1.84
N SER A 60 12.47 16.15 -2.53
CA SER A 60 13.44 17.22 -2.55
C SER A 60 12.80 18.54 -2.98
N ASN A 61 11.77 18.44 -3.81
CA ASN A 61 11.07 19.62 -4.30
C ASN A 61 10.10 20.16 -3.25
N ILE A 62 9.60 19.26 -2.40
CA ILE A 62 8.67 19.64 -1.34
C ILE A 62 9.32 20.61 -0.37
N LYS A 63 8.84 21.85 -0.37
CA LYS A 63 9.37 22.88 0.52
C LYS A 63 9.27 22.44 1.98
N SER A 64 8.05 22.20 2.44
CA SER A 64 7.82 21.78 3.82
C SER A 64 8.70 20.58 4.16
N ARG A 65 9.73 20.82 4.96
CA ARG A 65 10.64 19.75 5.37
C ARG A 65 9.88 18.59 5.98
N VAL A 66 8.90 18.91 6.82
CA VAL A 66 8.09 17.88 7.47
C VAL A 66 7.53 16.89 6.46
N ASN A 67 7.03 17.42 5.34
CA ASN A 67 6.47 16.59 4.29
C ASN A 67 7.57 15.92 3.47
N ARG A 68 8.58 16.71 3.09
CA ARG A 68 9.69 16.20 2.30
C ARG A 68 10.29 14.95 2.95
N LEU A 69 10.52 15.02 4.25
CA LEU A 69 11.10 13.90 4.99
C LEU A 69 10.11 12.73 5.05
N SER A 70 8.84 13.05 5.31
CA SER A 70 7.80 12.03 5.38
C SER A 70 7.73 11.22 4.10
N VAL A 71 7.77 11.92 2.97
CA VAL A 71 7.71 11.26 1.66
C VAL A 71 8.90 10.33 1.46
N LEU A 72 10.08 10.78 1.86
CA LEU A 72 11.28 9.98 1.73
C LEU A 72 11.20 8.70 2.55
N GLY A 73 10.67 8.81 3.77
CA GLY A 73 10.54 7.66 4.63
C GLY A 73 9.65 6.59 4.03
N ALA A 74 8.57 7.01 3.38
CA ALA A 74 7.64 6.07 2.75
C ALA A 74 8.30 5.36 1.57
N ILE A 75 8.75 6.12 0.59
CA ILE A 75 9.39 5.56 -0.59
C ILE A 75 10.51 4.60 -0.20
N THR A 76 11.16 4.89 0.93
CA THR A 76 12.25 4.06 1.42
C THR A 76 11.73 2.71 1.91
N SER A 77 10.60 2.73 2.61
CA SER A 77 10.01 1.51 3.13
C SER A 77 9.66 0.55 2.00
N VAL A 78 8.82 1.00 1.09
CA VAL A 78 8.39 0.17 -0.04
C VAL A 78 9.60 -0.43 -0.76
N GLN A 79 10.62 0.40 -0.98
CA GLN A 79 11.83 -0.04 -1.65
C GLN A 79 12.40 -1.29 -0.98
N GLN A 80 12.45 -1.28 0.34
CA GLN A 80 12.97 -2.41 1.10
C GLN A 80 12.15 -3.66 0.84
N ARG A 81 10.84 -3.48 0.66
CA ARG A 81 9.95 -4.61 0.39
C ARG A 81 10.25 -5.24 -0.95
N LEU A 82 10.25 -4.42 -2.00
CA LEU A 82 10.52 -4.90 -3.35
C LEU A 82 11.76 -5.79 -3.37
N LYS A 83 12.79 -5.38 -2.64
CA LYS A 83 14.03 -6.14 -2.57
C LYS A 83 13.91 -7.30 -1.59
N LEU A 84 13.11 -7.11 -0.55
CA LEU A 84 12.90 -8.15 0.46
C LEU A 84 12.59 -9.49 -0.20
N TYR A 85 11.44 -9.56 -0.86
CA TYR A 85 11.02 -10.79 -1.54
C TYR A 85 11.76 -10.96 -2.86
N ASN A 86 12.07 -9.84 -3.51
CA ASN A 86 12.77 -9.86 -4.79
C ASN A 86 12.14 -10.88 -5.74
N LYS A 87 10.82 -11.01 -5.67
CA LYS A 87 10.09 -11.94 -6.51
C LYS A 87 8.79 -11.31 -7.02
N VAL A 88 8.27 -11.86 -8.11
CA VAL A 88 7.02 -11.36 -8.69
C VAL A 88 5.90 -12.37 -8.51
N PRO A 89 5.11 -12.21 -7.43
CA PRO A 89 3.98 -13.08 -7.14
C PRO A 89 2.83 -12.92 -8.13
N PRO A 90 1.95 -13.94 -8.19
CA PRO A 90 0.79 -13.92 -9.09
C PRO A 90 -0.26 -12.91 -8.66
N ASN A 91 -0.34 -12.65 -7.36
CA ASN A 91 -1.30 -11.70 -6.82
C ASN A 91 -0.73 -10.29 -6.79
N GLY A 92 0.60 -10.20 -6.77
CA GLY A 92 1.26 -8.91 -6.75
C GLY A 92 1.62 -8.47 -5.34
N LEU A 93 2.09 -7.23 -5.21
CA LEU A 93 2.47 -6.70 -3.91
C LEU A 93 1.85 -5.32 -3.68
N VAL A 94 1.32 -5.11 -2.49
CA VAL A 94 0.70 -3.83 -2.14
C VAL A 94 1.35 -3.24 -0.90
N VAL A 95 1.41 -1.90 -0.86
CA VAL A 95 2.00 -1.21 0.27
C VAL A 95 1.11 -0.04 0.72
N TYR A 96 0.86 0.02 2.02
CA TYR A 96 0.02 1.07 2.58
C TYR A 96 0.71 1.74 3.77
N CYS A 97 1.04 3.02 3.62
CA CYS A 97 1.70 3.77 4.67
C CYS A 97 1.27 5.24 4.65
N GLY A 98 0.59 5.67 5.69
CA GLY A 98 0.13 7.04 5.78
C GLY A 98 0.10 7.57 7.20
N THR A 99 0.75 8.71 7.42
CA THR A 99 0.80 9.31 8.75
C THR A 99 -0.51 10.00 9.09
N ILE A 100 -1.07 9.67 10.24
CA ILE A 100 -2.33 10.26 10.68
C ILE A 100 -2.22 10.79 12.11
N VAL A 101 -2.66 12.03 12.30
CA VAL A 101 -2.62 12.66 13.63
C VAL A 101 -3.85 12.29 14.44
N THR A 102 -3.62 11.81 15.67
CA THR A 102 -4.71 11.42 16.55
C THR A 102 -5.29 12.63 17.28
N GLU A 103 -6.17 12.37 18.23
CA GLU A 103 -6.81 13.45 19.00
C GLU A 103 -5.75 14.35 19.63
N GLU A 104 -4.80 13.73 20.33
CA GLU A 104 -3.73 14.48 20.99
C GLU A 104 -2.90 15.26 19.98
N GLY A 105 -2.98 14.85 18.72
CA GLY A 105 -2.23 15.52 17.66
C GLY A 105 -0.94 14.80 17.32
N LYS A 106 -0.91 13.49 17.60
CA LYS A 106 0.27 12.69 17.31
C LYS A 106 0.10 11.92 15.99
N GLU A 107 1.00 12.17 15.06
CA GLU A 107 0.94 11.51 13.76
C GLU A 107 1.50 10.09 13.85
N LYS A 108 1.00 9.21 12.98
CA LYS A 108 1.44 7.82 12.96
C LYS A 108 1.26 7.21 11.58
N LYS A 109 2.37 6.81 10.97
CA LYS A 109 2.33 6.20 9.64
C LYS A 109 2.10 4.70 9.73
N VAL A 110 0.90 4.27 9.33
CA VAL A 110 0.55 2.86 9.36
C VAL A 110 1.27 2.09 8.26
N ASN A 111 2.46 1.59 8.57
CA ASN A 111 3.25 0.84 7.61
C ASN A 111 2.75 -0.60 7.51
N ILE A 112 2.12 -0.93 6.38
CA ILE A 112 1.60 -2.27 6.16
C ILE A 112 1.78 -2.69 4.71
N ASP A 113 2.54 -3.77 4.50
CA ASP A 113 2.79 -4.29 3.16
C ASP A 113 2.84 -5.80 3.16
N PHE A 114 2.44 -6.41 2.05
CA PHE A 114 2.44 -7.85 1.92
C PHE A 114 1.85 -8.28 0.57
N GLU A 115 1.99 -9.57 0.25
CA GLU A 115 1.48 -10.10 -1.00
C GLU A 115 0.24 -10.96 -0.77
N PRO A 116 -0.93 -10.31 -0.70
CA PRO A 116 -2.20 -10.99 -0.49
C PRO A 116 -2.63 -11.84 -1.68
N PHE A 117 -3.81 -12.43 -1.59
CA PHE A 117 -4.33 -13.26 -2.68
C PHE A 117 -5.25 -12.46 -3.59
N LYS A 118 -4.99 -11.16 -3.68
CA LYS A 118 -5.80 -10.28 -4.52
C LYS A 118 -5.01 -9.83 -5.75
N PRO A 119 -5.03 -10.66 -6.80
CA PRO A 119 -4.33 -10.37 -8.05
C PRO A 119 -4.98 -9.20 -8.82
N ILE A 120 -4.15 -8.29 -9.31
CA ILE A 120 -4.63 -7.15 -10.07
C ILE A 120 -4.33 -7.30 -11.56
N ASN A 121 -4.92 -6.42 -12.36
CA ASN A 121 -4.71 -6.46 -13.80
C ASN A 121 -3.90 -5.26 -14.27
N THR A 122 -3.50 -4.41 -13.32
CA THR A 122 -2.71 -3.23 -13.63
C THR A 122 -2.14 -2.59 -12.36
N SER A 123 -1.18 -1.70 -12.54
CA SER A 123 -0.54 -1.04 -11.40
C SER A 123 -1.31 0.23 -11.03
N LEU A 124 -1.35 0.53 -9.73
CA LEU A 124 -2.04 1.71 -9.25
C LEU A 124 -1.18 2.46 -8.22
N TYR A 125 -0.74 3.65 -8.60
CA TYR A 125 0.08 4.48 -7.72
C TYR A 125 -0.51 5.87 -7.54
N LEU A 126 -1.01 6.13 -6.34
CA LEU A 126 -1.62 7.42 -6.03
C LEU A 126 -1.20 7.91 -4.65
N CYS A 127 -0.73 9.15 -4.58
CA CYS A 127 -0.30 9.73 -3.32
C CYS A 127 -0.69 11.20 -3.24
N ASP A 128 -1.46 11.54 -2.21
CA ASP A 128 -1.91 12.93 -2.02
C ASP A 128 -2.59 13.09 -0.66
N ASN A 129 -1.84 12.80 0.41
CA ASN A 129 -2.37 12.91 1.76
C ASN A 129 -3.64 12.07 1.93
N LYS A 130 -3.78 11.07 1.07
CA LYS A 130 -4.94 10.18 1.12
C LYS A 130 -4.83 9.07 0.07
N PHE A 131 -5.03 7.83 0.51
CA PHE A 131 -4.96 6.69 -0.40
C PHE A 131 -6.29 5.94 -0.43
N HIS A 132 -6.38 4.95 -1.32
CA HIS A 132 -7.59 4.15 -1.46
C HIS A 132 -7.30 2.86 -2.20
N THR A 133 -8.32 2.00 -2.29
CA THR A 133 -8.17 0.72 -2.98
C THR A 133 -8.99 0.70 -4.28
N GLU A 134 -8.35 1.10 -5.37
CA GLU A 134 -9.00 1.12 -6.67
C GLU A 134 -9.16 -0.29 -7.22
N ALA A 135 -8.04 -1.02 -7.30
CA ALA A 135 -8.06 -2.38 -7.80
C ALA A 135 -9.13 -3.21 -7.12
N LEU A 136 -9.28 -3.02 -5.81
CA LEU A 136 -10.28 -3.77 -5.05
C LEU A 136 -11.69 -3.38 -5.48
N THR A 137 -11.96 -2.08 -5.54
CA THR A 137 -13.27 -1.59 -5.93
C THR A 137 -13.72 -2.21 -7.25
N ALA A 138 -12.86 -2.13 -8.26
CA ALA A 138 -13.18 -2.70 -9.57
C ALA A 138 -13.17 -4.22 -9.53
N LEU A 139 -12.29 -4.78 -8.70
CA LEU A 139 -12.19 -6.23 -8.57
C LEU A 139 -13.55 -6.85 -8.29
N LEU A 140 -14.35 -6.18 -7.47
CA LEU A 140 -15.69 -6.67 -7.12
C LEU A 140 -16.71 -6.23 -8.18
N SER A 141 -16.57 -5.00 -8.65
CA SER A 141 -17.49 -4.46 -9.66
C SER A 141 -17.58 -5.39 -10.85
N ASP A 142 -16.43 -5.92 -11.27
CA ASP A 142 -16.38 -6.83 -12.42
C ASP A 142 -16.87 -6.15 -13.67
N MET A 1 -12.83 -33.45 -2.25
CA MET A 1 -13.19 -32.05 -2.39
C MET A 1 -13.22 -31.37 -1.02
N ALA A 2 -13.15 -30.04 -1.03
CA ALA A 2 -13.17 -29.27 0.21
C ALA A 2 -14.10 -28.07 0.10
N ASP A 3 -15.20 -28.12 0.85
CA ASP A 3 -16.18 -27.03 0.83
C ASP A 3 -16.57 -26.63 2.26
N ASP A 4 -16.77 -27.63 3.11
CA ASP A 4 -17.15 -27.39 4.50
C ASP A 4 -16.19 -26.41 5.16
N PRO A 5 -14.90 -26.79 5.22
CA PRO A 5 -13.86 -25.97 5.83
C PRO A 5 -13.55 -24.72 5.00
N SER A 6 -13.51 -24.88 3.69
CA SER A 6 -13.22 -23.77 2.78
C SER A 6 -14.21 -22.64 3.00
N ALA A 7 -15.46 -22.99 3.27
CA ALA A 7 -16.51 -21.99 3.50
C ALA A 7 -16.08 -20.98 4.55
N ALA A 8 -15.76 -21.47 5.75
CA ALA A 8 -15.34 -20.60 6.85
C ALA A 8 -14.17 -19.72 6.42
N ASP A 9 -13.13 -20.35 5.85
CA ASP A 9 -11.95 -19.62 5.41
C ASP A 9 -12.34 -18.51 4.44
N ARG A 10 -13.38 -18.75 3.65
CA ARG A 10 -13.85 -17.78 2.67
C ARG A 10 -14.37 -16.52 3.36
N ASN A 11 -15.26 -16.71 4.34
CA ASN A 11 -15.83 -15.59 5.07
C ASN A 11 -14.76 -14.88 5.90
N VAL A 12 -13.86 -15.65 6.49
CA VAL A 12 -12.79 -15.09 7.30
C VAL A 12 -11.90 -14.16 6.47
N GLU A 13 -11.46 -14.65 5.32
CA GLU A 13 -10.61 -13.87 4.43
C GLU A 13 -11.26 -12.54 4.08
N ILE A 14 -12.50 -12.60 3.60
CA ILE A 14 -13.23 -11.39 3.24
C ILE A 14 -13.24 -10.38 4.38
N TRP A 15 -13.35 -10.88 5.60
CA TRP A 15 -13.36 -10.02 6.78
C TRP A 15 -12.00 -9.35 6.98
N LYS A 16 -10.94 -10.09 6.69
CA LYS A 16 -9.58 -9.57 6.84
C LYS A 16 -9.30 -8.49 5.81
N ILE A 17 -9.38 -8.86 4.53
CA ILE A 17 -9.14 -7.91 3.45
C ILE A 17 -9.97 -6.65 3.61
N LYS A 18 -11.16 -6.80 4.17
CA LYS A 18 -12.06 -5.67 4.40
C LYS A 18 -11.44 -4.69 5.39
N LYS A 19 -11.07 -5.19 6.55
CA LYS A 19 -10.46 -4.36 7.59
C LYS A 19 -9.29 -3.56 7.04
N LEU A 20 -8.55 -4.16 6.11
CA LEU A 20 -7.41 -3.51 5.50
C LEU A 20 -7.83 -2.24 4.77
N ILE A 21 -8.73 -2.38 3.81
CA ILE A 21 -9.22 -1.24 3.05
C ILE A 21 -9.86 -0.20 3.95
N LYS A 22 -10.71 -0.67 4.87
CA LYS A 22 -11.39 0.22 5.80
C LYS A 22 -10.39 0.99 6.64
N SER A 23 -9.38 0.29 7.14
CA SER A 23 -8.35 0.90 7.97
C SER A 23 -7.68 2.06 7.24
N LEU A 24 -7.14 1.76 6.06
CA LEU A 24 -6.47 2.77 5.25
C LEU A 24 -7.37 3.97 5.00
N GLU A 25 -8.58 3.71 4.53
CA GLU A 25 -9.55 4.77 4.26
C GLU A 25 -9.82 5.60 5.52
N ALA A 26 -9.74 4.95 6.68
CA ALA A 26 -9.97 5.62 7.94
C ALA A 26 -8.68 6.21 8.49
N ALA A 27 -7.64 6.21 7.67
CA ALA A 27 -6.34 6.75 8.07
C ALA A 27 -5.94 7.93 7.19
N ARG A 28 -5.60 9.05 7.82
CA ARG A 28 -5.20 10.25 7.10
C ARG A 28 -3.97 10.88 7.73
N GLY A 29 -3.20 11.62 6.93
CA GLY A 29 -2.00 12.27 7.44
C GLY A 29 -1.88 13.70 6.98
N ASN A 30 -0.81 14.37 7.40
CA ASN A 30 -0.58 15.76 7.03
C ASN A 30 0.26 15.85 5.75
N GLY A 31 1.55 15.60 5.89
CA GLY A 31 2.45 15.66 4.75
C GLY A 31 2.36 14.42 3.89
N THR A 32 2.92 14.49 2.68
CA THR A 32 2.90 13.37 1.75
C THR A 32 3.61 12.16 2.34
N SER A 33 2.84 11.28 2.99
CA SER A 33 3.40 10.08 3.60
C SER A 33 2.61 8.85 3.18
N MET A 34 1.30 9.01 3.04
CA MET A 34 0.43 7.91 2.65
C MET A 34 0.81 7.38 1.27
N ILE A 35 1.41 6.20 1.24
CA ILE A 35 1.82 5.59 -0.03
C ILE A 35 1.25 4.18 -0.16
N SER A 36 0.50 3.95 -1.23
CA SER A 36 -0.10 2.65 -1.48
C SER A 36 0.13 2.21 -2.92
N LEU A 37 1.14 1.36 -3.11
CA LEU A 37 1.47 0.85 -4.45
C LEU A 37 1.16 -0.64 -4.56
N ILE A 38 0.44 -1.01 -5.60
CA ILE A 38 0.09 -2.41 -5.83
C ILE A 38 0.62 -2.90 -7.16
N ILE A 39 1.30 -4.04 -7.14
CA ILE A 39 1.87 -4.63 -8.35
C ILE A 39 1.09 -5.88 -8.77
N PRO A 40 0.62 -5.88 -10.02
CA PRO A 40 -0.15 -7.01 -10.58
C PRO A 40 0.72 -8.25 -10.79
N PRO A 41 0.07 -9.39 -10.98
CA PRO A 41 0.77 -10.68 -11.20
C PRO A 41 1.45 -10.73 -12.55
N LYS A 42 2.42 -11.63 -12.68
CA LYS A 42 3.17 -11.79 -13.93
C LYS A 42 3.67 -10.43 -14.44
N ASP A 43 4.42 -9.73 -13.60
CA ASP A 43 4.96 -8.43 -13.97
C ASP A 43 6.43 -8.33 -13.57
N GLN A 44 7.01 -7.15 -13.79
CA GLN A 44 8.41 -6.92 -13.46
C GLN A 44 8.54 -5.94 -12.30
N ILE A 45 8.43 -6.44 -11.08
CA ILE A 45 8.54 -5.61 -9.88
C ILE A 45 9.78 -4.71 -9.95
N SER A 46 10.83 -5.21 -10.60
CA SER A 46 12.06 -4.46 -10.73
C SER A 46 11.80 -3.06 -11.26
N ARG A 47 10.94 -2.96 -12.26
CA ARG A 47 10.60 -1.69 -12.87
C ARG A 47 9.93 -0.77 -11.84
N VAL A 48 9.21 -1.36 -10.89
CA VAL A 48 8.52 -0.60 -9.86
C VAL A 48 9.52 0.04 -8.89
N ALA A 49 10.58 -0.70 -8.58
CA ALA A 49 11.61 -0.20 -7.67
C ALA A 49 12.24 1.08 -8.21
N LYS A 50 12.69 1.03 -9.45
CA LYS A 50 13.32 2.18 -10.08
C LYS A 50 12.33 3.35 -10.20
N MET A 51 11.08 3.02 -10.51
CA MET A 51 10.04 4.03 -10.65
C MET A 51 10.02 4.97 -9.44
N LEU A 52 9.77 4.41 -8.26
CA LEU A 52 9.72 5.19 -7.04
C LEU A 52 11.06 5.89 -6.79
N ALA A 53 12.15 5.24 -7.20
CA ALA A 53 13.48 5.80 -7.02
C ALA A 53 13.55 7.22 -7.55
N ASP A 54 13.04 7.44 -8.75
CA ASP A 54 13.05 8.75 -9.37
C ASP A 54 12.08 9.69 -8.65
N GLN A 55 10.93 9.17 -8.27
CA GLN A 55 9.92 9.96 -7.57
C GLN A 55 10.51 10.62 -6.32
N PHE A 56 11.51 9.97 -5.74
CA PHE A 56 12.15 10.50 -4.54
C PHE A 56 12.67 11.90 -4.78
N GLY A 57 13.26 12.13 -5.95
CA GLY A 57 13.79 13.43 -6.27
C GLY A 57 12.70 14.49 -6.37
N THR A 58 11.59 14.14 -7.00
CA THR A 58 10.48 15.07 -7.16
C THR A 58 10.08 15.68 -5.82
N ALA A 59 9.92 14.84 -4.81
CA ALA A 59 9.55 15.29 -3.48
C ALA A 59 10.48 16.39 -2.99
N SER A 60 11.76 16.29 -3.35
CA SER A 60 12.75 17.27 -2.95
C SER A 60 12.35 18.67 -3.40
N ASN A 61 11.50 18.74 -4.43
CA ASN A 61 11.04 20.01 -4.96
C ASN A 61 9.95 20.60 -4.07
N ILE A 62 9.23 19.74 -3.37
CA ILE A 62 8.16 20.17 -2.48
C ILE A 62 8.70 21.06 -1.37
N LYS A 63 8.35 22.34 -1.41
CA LYS A 63 8.80 23.29 -0.40
C LYS A 63 8.41 22.82 1.00
N SER A 64 7.19 22.32 1.14
CA SER A 64 6.71 21.84 2.43
C SER A 64 7.65 20.79 3.00
N ARG A 65 8.48 21.20 3.95
CA ARG A 65 9.43 20.30 4.58
C ARG A 65 8.71 19.08 5.16
N VAL A 66 7.59 19.31 5.81
CA VAL A 66 6.81 18.23 6.42
C VAL A 66 6.44 17.18 5.38
N ASN A 67 6.10 17.63 4.17
CA ASN A 67 5.72 16.73 3.10
C ASN A 67 6.94 15.99 2.55
N ARG A 68 7.98 16.74 2.23
CA ARG A 68 9.22 16.16 1.71
C ARG A 68 9.70 15.01 2.60
N LEU A 69 9.92 15.32 3.87
CA LEU A 69 10.39 14.31 4.82
C LEU A 69 9.48 13.09 4.81
N SER A 70 8.18 13.32 4.90
CA SER A 70 7.21 12.23 4.89
C SER A 70 7.37 11.36 3.65
N VAL A 71 7.68 11.99 2.53
CA VAL A 71 7.87 11.27 1.27
C VAL A 71 9.05 10.32 1.36
N LEU A 72 10.09 10.72 2.10
CA LEU A 72 11.28 9.91 2.26
C LEU A 72 10.96 8.62 3.02
N GLY A 73 10.27 8.76 4.15
CA GLY A 73 9.91 7.61 4.95
C GLY A 73 9.10 6.59 4.16
N ALA A 74 8.21 7.08 3.31
CA ALA A 74 7.36 6.22 2.51
C ALA A 74 8.18 5.45 1.47
N ILE A 75 8.86 6.19 0.60
CA ILE A 75 9.68 5.58 -0.44
C ILE A 75 10.65 4.58 0.16
N THR A 76 11.05 4.82 1.41
CA THR A 76 11.98 3.92 2.09
C THR A 76 11.35 2.57 2.36
N SER A 77 10.16 2.58 2.96
CA SER A 77 9.45 1.35 3.28
C SER A 77 9.27 0.50 2.02
N VAL A 78 8.61 1.06 1.02
CA VAL A 78 8.35 0.34 -0.23
C VAL A 78 9.65 -0.24 -0.79
N GLN A 79 10.73 0.54 -0.73
CA GLN A 79 12.02 0.09 -1.23
C GLN A 79 12.38 -1.27 -0.65
N GLN A 80 12.23 -1.41 0.65
CA GLN A 80 12.55 -2.67 1.33
C GLN A 80 11.61 -3.78 0.87
N ARG A 81 10.39 -3.40 0.50
CA ARG A 81 9.39 -4.36 0.05
C ARG A 81 9.82 -5.02 -1.27
N LEU A 82 10.22 -4.19 -2.23
CA LEU A 82 10.65 -4.69 -3.52
C LEU A 82 11.80 -5.68 -3.37
N LYS A 83 12.81 -5.31 -2.59
CA LYS A 83 13.95 -6.17 -2.36
C LYS A 83 13.61 -7.32 -1.43
N LEU A 84 12.60 -7.10 -0.58
CA LEU A 84 12.16 -8.12 0.37
C LEU A 84 11.90 -9.44 -0.34
N TYR A 85 10.84 -9.47 -1.15
CA TYR A 85 10.47 -10.67 -1.89
C TYR A 85 11.20 -10.73 -3.23
N ASN A 86 11.21 -9.60 -3.93
CA ASN A 86 11.88 -9.52 -5.22
C ASN A 86 11.29 -10.54 -6.20
N LYS A 87 9.99 -10.78 -6.08
CA LYS A 87 9.30 -11.73 -6.96
C LYS A 87 7.93 -11.18 -7.38
N VAL A 88 7.38 -11.77 -8.43
CA VAL A 88 6.07 -11.35 -8.94
C VAL A 88 5.10 -12.51 -9.00
N PRO A 89 4.59 -12.91 -7.81
CA PRO A 89 3.63 -14.02 -7.71
C PRO A 89 2.27 -13.68 -8.30
N PRO A 90 1.44 -14.71 -8.51
CA PRO A 90 0.10 -14.55 -9.07
C PRO A 90 -0.85 -13.85 -8.11
N ASN A 91 -0.67 -14.10 -6.82
CA ASN A 91 -1.52 -13.49 -5.80
C ASN A 91 -1.40 -11.97 -5.83
N GLY A 92 -0.28 -11.48 -6.37
CA GLY A 92 -0.06 -10.05 -6.44
C GLY A 92 0.52 -9.48 -5.16
N LEU A 93 1.45 -8.55 -5.31
CA LEU A 93 2.09 -7.93 -4.15
C LEU A 93 1.54 -6.52 -3.91
N VAL A 94 1.31 -6.20 -2.64
CA VAL A 94 0.78 -4.89 -2.27
C VAL A 94 1.46 -4.36 -1.01
N VAL A 95 1.62 -3.04 -0.94
CA VAL A 95 2.25 -2.40 0.21
C VAL A 95 1.37 -1.29 0.77
N TYR A 96 1.39 -1.13 2.09
CA TYR A 96 0.60 -0.10 2.74
C TYR A 96 1.41 0.61 3.83
N CYS A 97 1.71 1.88 3.60
CA CYS A 97 2.49 2.67 4.56
C CYS A 97 2.04 4.12 4.55
N GLY A 98 1.52 4.58 5.69
CA GLY A 98 1.06 5.94 5.80
C GLY A 98 1.29 6.54 7.17
N THR A 99 1.25 7.86 7.27
CA THR A 99 1.47 8.54 8.53
C THR A 99 0.17 9.13 9.07
N ILE A 100 -0.29 8.61 10.20
CA ILE A 100 -1.52 9.08 10.83
C ILE A 100 -1.25 9.66 12.21
N VAL A 101 -1.71 10.88 12.43
CA VAL A 101 -1.52 11.54 13.72
C VAL A 101 -2.69 11.27 14.66
N THR A 102 -2.40 10.65 15.80
CA THR A 102 -3.44 10.33 16.77
C THR A 102 -4.06 11.60 17.35
N GLU A 103 -4.96 11.42 18.30
CA GLU A 103 -5.64 12.55 18.93
C GLU A 103 -4.62 13.58 19.43
N GLU A 104 -3.63 13.12 20.17
CA GLU A 104 -2.59 13.99 20.70
C GLU A 104 -1.74 14.58 19.58
N GLY A 105 -1.76 13.92 18.42
CA GLY A 105 -0.99 14.38 17.29
C GLY A 105 0.25 13.55 17.05
N LYS A 106 0.22 12.30 17.49
CA LYS A 106 1.34 11.38 17.32
C LYS A 106 1.24 10.63 16.00
N GLU A 107 2.19 10.86 15.12
CA GLU A 107 2.21 10.20 13.81
C GLU A 107 2.48 8.71 13.97
N LYS A 108 1.77 7.90 13.20
CA LYS A 108 1.93 6.45 13.25
C LYS A 108 2.20 5.88 11.86
N LYS A 109 3.41 5.39 11.65
CA LYS A 109 3.80 4.82 10.36
C LYS A 109 3.56 3.31 10.35
N VAL A 110 2.55 2.89 9.59
CA VAL A 110 2.22 1.47 9.48
C VAL A 110 2.97 0.81 8.34
N ASN A 111 4.15 0.27 8.64
CA ASN A 111 4.97 -0.39 7.63
C ASN A 111 4.56 -1.85 7.46
N ILE A 112 3.73 -2.12 6.47
CA ILE A 112 3.26 -3.48 6.21
C ILE A 112 3.40 -3.83 4.73
N ASP A 113 4.02 -4.97 4.46
CA ASP A 113 4.21 -5.42 3.08
C ASP A 113 3.93 -6.92 2.96
N PHE A 114 3.17 -7.28 1.93
CA PHE A 114 2.83 -8.68 1.70
C PHE A 114 2.02 -8.84 0.43
N GLU A 115 2.07 -10.03 -0.15
CA GLU A 115 1.34 -10.32 -1.39
C GLU A 115 0.14 -11.22 -1.13
N PRO A 116 -1.00 -10.60 -0.80
CA PRO A 116 -2.24 -11.33 -0.51
C PRO A 116 -2.83 -11.99 -1.76
N PHE A 117 -3.97 -12.66 -1.59
CA PHE A 117 -4.62 -13.33 -2.70
C PHE A 117 -5.59 -12.38 -3.40
N LYS A 118 -5.31 -11.08 -3.32
CA LYS A 118 -6.15 -10.08 -3.95
C LYS A 118 -5.36 -9.28 -4.99
N PRO A 119 -4.91 -9.97 -6.05
CA PRO A 119 -4.14 -9.34 -7.13
C PRO A 119 -4.99 -8.41 -7.98
N ILE A 120 -4.32 -7.58 -8.77
CA ILE A 120 -5.02 -6.63 -9.63
C ILE A 120 -4.67 -6.87 -11.09
N ASN A 121 -5.37 -6.17 -11.98
CA ASN A 121 -5.13 -6.31 -13.42
C ASN A 121 -4.26 -5.17 -13.94
N THR A 122 -3.61 -4.46 -13.02
CA THR A 122 -2.75 -3.35 -13.39
C THR A 122 -2.07 -2.75 -12.16
N SER A 123 -1.03 -1.95 -12.39
CA SER A 123 -0.29 -1.33 -11.30
C SER A 123 -0.90 0.03 -10.95
N LEU A 124 -0.94 0.34 -9.66
CA LEU A 124 -1.49 1.62 -9.19
C LEU A 124 -0.65 2.19 -8.06
N TYR A 125 -0.22 3.44 -8.23
CA TYR A 125 0.59 4.12 -7.22
C TYR A 125 -0.07 5.41 -6.76
N LEU A 126 -0.55 5.42 -5.52
CA LEU A 126 -1.21 6.60 -4.97
C LEU A 126 -0.37 7.20 -3.84
N CYS A 127 0.04 8.45 -4.01
CA CYS A 127 0.84 9.14 -3.02
C CYS A 127 0.42 10.60 -2.89
N ASP A 128 -0.30 10.92 -1.83
CA ASP A 128 -0.76 12.29 -1.61
C ASP A 128 -1.32 12.45 -0.19
N ASN A 129 -0.53 12.03 0.80
CA ASN A 129 -0.95 12.13 2.19
C ASN A 129 -2.42 11.73 2.35
N LYS A 130 -2.83 10.73 1.59
CA LYS A 130 -4.22 10.27 1.65
C LYS A 130 -4.31 8.81 1.19
N PHE A 131 -4.96 7.98 2.00
CA PHE A 131 -5.12 6.57 1.68
C PHE A 131 -6.26 6.37 0.68
N HIS A 132 -5.95 5.75 -0.45
CA HIS A 132 -6.94 5.49 -1.49
C HIS A 132 -6.56 4.28 -2.32
N THR A 133 -7.18 3.14 -2.02
CA THR A 133 -6.90 1.90 -2.74
C THR A 133 -7.81 1.76 -3.95
N GLU A 134 -7.34 2.26 -5.08
CA GLU A 134 -8.11 2.20 -6.32
C GLU A 134 -8.14 0.77 -6.87
N ALA A 135 -6.96 0.17 -7.02
CA ALA A 135 -6.85 -1.19 -7.52
C ALA A 135 -7.63 -2.16 -6.65
N LEU A 136 -7.39 -2.11 -5.35
CA LEU A 136 -8.08 -2.99 -4.40
C LEU A 136 -9.59 -2.95 -4.62
N THR A 137 -10.15 -1.75 -4.52
CA THR A 137 -11.58 -1.57 -4.71
C THR A 137 -12.02 -2.01 -6.10
N ALA A 138 -11.34 -1.52 -7.12
CA ALA A 138 -11.65 -1.87 -8.49
C ALA A 138 -11.68 -3.38 -8.69
N LEU A 139 -10.82 -4.07 -7.97
CA LEU A 139 -10.74 -5.53 -8.05
C LEU A 139 -11.93 -6.18 -7.33
N LEU A 140 -12.45 -5.49 -6.33
CA LEU A 140 -13.58 -6.00 -5.55
C LEU A 140 -14.85 -5.97 -6.39
N SER A 141 -15.18 -4.80 -6.93
CA SER A 141 -16.38 -4.64 -7.74
C SER A 141 -16.31 -5.52 -8.98
N ASP A 142 -15.19 -5.47 -9.68
CA ASP A 142 -15.00 -6.27 -10.89
C ASP A 142 -13.85 -7.26 -10.71
#